data_5WEK
#
_entry.id   5WEK
#
_cell.length_a   1.0
_cell.length_b   1.0
_cell.length_c   1.0
_cell.angle_alpha   90.00
_cell.angle_beta   90.00
_cell.angle_gamma   90.00
#
_symmetry.space_group_name_H-M   'P 1'
#
loop_
_entity.id
_entity.type
_entity.pdbx_description
1 polymer 'Chimera of Glutamate receptor 2,Germ cell-specific gene 1-like protein'
2 non-polymer '{[7-morpholin-4-yl-2,3-dioxo-6-(trifluoromethyl)-3,4-dihydroquinoxalin-1(2H)-yl]methyl}phosphonic acid'
#
_entity_poly.entity_id   1
_entity_poly.type   'polypeptide(L)'
_entity_poly.pdbx_seq_one_letter_code
;NSIQIGGLFPRGADQEYSAFRVGMVQFSTSEFRLTPHIDNLEVANSFAVTNAFCSQFSRGVYAIFGFYDKKSVNTITSFC
GTLHVSFITPSFPTDGTHPFVIQMRPDLKGALLSLIEYYQWDKFAYLYDSDRGLSTLQAVLDSAAEKKWQVTAINVGNIN
NDKKDETYRSLFQDLELKKERRVILDCERDKVNDIVDQVITIGKHVKGYHYIIANLGFTDGDLLKIQFGGAEVSGFQIVD
YDDSLVSKFIERWSTLEEKEYPGAHTATIKYTSALTYDAVQVMTEAFRNLRKQRIEISRRGNAGDCLANPAVPWGQGVEI
ERALKQVQVEGLSGNIKFDQNGKRINYTINIMELKTNGPRKIGYWSEVDKMVLTEDDTSGLEQKTVVVTTILESPYVMMK
KNHEMLEGNERYEGYCVDLAAEIAKHCGFKYKLTIVGDGKYGARDADTKIWNGMVGELVYGKADIAIAPLTITLVREEVI
DFSKPFMSLGISIMIKKPQKSKPGVFSFLDPLAYEIWMCIVFAYIGVSVVLFLVSRFSPYEWHTEEFEDGRETQSSESTN
EFGIFNSLWFSLGAFMQQGCDISPRSLSGRIVGGVWWFFTLIIISSYTANLAAFLTVERMVSPIESAEDLSKQTEIAYGT
LDSGSTKEFFRRSKIAVFDKMWTYMRSAEPSVFVRTTAEGVARVRKSKGKYAYLLESTMNEYIEQRKPCDTMKVGGNLDS
KGYGIATPKGSSLGTPVNLAVLKLSEQGVLDKLKNKWWYDKGECGAKDSGSKEKTSALSLSNVAGVFYILVGGLGLAMLV
ALIEFCYKSRAEAKRMKGTGKTSRRGRALLAVALNLLALLFATTAFLTTYWCQGTQRVPKPGCGQGGGANCPNSGANATA
NSTAAPVAASPAGAPYSWEAGDERFQLRRFHTGIWYSCEEELGGPGEKCRSFIDLAPASEKGVLWLSVVSEVLYILLLVV
GFSLMCLELLHSSSVIDGLKLNAFAAVFTVLSGLLGMVAHMMYTQVFQVTVSLGPEDWRPHSWDYGWSFCLAWGSFTCCM
AASVTTLNSYTKTVIEF
;
_entity_poly.pdbx_strand_id   A,B,C,D
#
# COMPACT_ATOMS: atom_id res chain seq x y z
N ASN A 1 27.30 -19.17 -86.45
CA ASN A 1 28.28 -18.35 -85.76
C ASN A 1 28.78 -19.03 -84.50
N SER A 2 30.03 -19.49 -84.54
CA SER A 2 30.62 -20.12 -83.37
C SER A 2 30.96 -19.06 -82.33
N ILE A 3 30.23 -19.10 -81.21
CA ILE A 3 30.35 -18.10 -80.16
C ILE A 3 30.88 -18.80 -78.92
N GLN A 4 32.03 -18.35 -78.43
CA GLN A 4 32.66 -18.97 -77.26
C GLN A 4 31.88 -18.65 -75.99
N ILE A 5 31.58 -19.70 -75.22
CA ILE A 5 30.85 -19.57 -73.97
C ILE A 5 31.72 -20.13 -72.84
N GLY A 6 31.30 -19.88 -71.61
CA GLY A 6 32.02 -20.33 -70.43
C GLY A 6 31.57 -21.69 -69.95
N GLY A 7 32.49 -22.38 -69.26
CA GLY A 7 32.25 -23.73 -68.78
C GLY A 7 32.76 -24.00 -67.38
N LEU A 8 32.69 -23.00 -66.50
CA LEU A 8 33.24 -23.13 -65.16
C LEU A 8 32.36 -23.97 -64.24
N PHE A 9 32.29 -25.26 -64.51
CA PHE A 9 31.46 -26.15 -63.71
C PHE A 9 32.26 -26.73 -62.56
N PRO A 10 31.67 -26.92 -61.39
CA PRO A 10 32.36 -27.66 -60.33
C PRO A 10 32.36 -29.14 -60.63
N ARG A 11 33.32 -29.85 -60.03
CA ARG A 11 33.31 -31.29 -60.10
C ARG A 11 32.19 -31.85 -59.21
N GLY A 12 31.36 -32.71 -59.80
CA GLY A 12 30.18 -33.19 -59.13
C GLY A 12 28.91 -32.43 -59.43
N ALA A 13 28.96 -31.45 -60.33
CA ALA A 13 27.79 -30.72 -60.78
C ALA A 13 27.32 -31.25 -62.14
N ASP A 14 27.41 -32.56 -62.33
CA ASP A 14 27.24 -33.13 -63.66
C ASP A 14 25.77 -33.21 -64.06
N GLN A 15 24.86 -33.35 -63.09
CA GLN A 15 23.44 -33.28 -63.40
C GLN A 15 23.06 -31.89 -63.90
N GLU A 16 23.63 -30.85 -63.28
CA GLU A 16 23.55 -29.51 -63.82
C GLU A 16 24.26 -29.41 -65.17
N TYR A 17 25.39 -30.11 -65.31
CA TYR A 17 26.10 -30.09 -66.58
C TYR A 17 25.37 -30.93 -67.64
N SER A 18 24.65 -31.97 -67.22
CA SER A 18 23.80 -32.69 -68.15
C SER A 18 22.64 -31.82 -68.60
N ALA A 19 21.98 -31.15 -67.66
CA ALA A 19 20.89 -30.25 -67.99
C ALA A 19 21.38 -29.01 -68.74
N PHE A 20 22.66 -28.67 -68.55
CA PHE A 20 23.30 -27.72 -69.45
C PHE A 20 23.33 -28.26 -70.88
N ARG A 21 23.75 -29.52 -71.03
CA ARG A 21 23.89 -30.09 -72.37
C ARG A 21 22.55 -30.44 -72.98
N VAL A 22 21.51 -30.57 -72.15
CA VAL A 22 20.15 -30.69 -72.69
C VAL A 22 19.75 -29.40 -73.39
N GLY A 23 20.04 -28.26 -72.77
CA GLY A 23 19.81 -26.98 -73.43
C GLY A 23 20.74 -26.74 -74.59
N MET A 24 21.93 -27.34 -74.56
CA MET A 24 22.84 -27.26 -75.70
C MET A 24 22.27 -27.98 -76.93
N VAL A 25 21.45 -29.00 -76.71
CA VAL A 25 20.76 -29.64 -77.82
C VAL A 25 19.45 -28.93 -78.13
N GLN A 26 18.71 -28.56 -77.08
CA GLN A 26 17.38 -28.00 -77.28
C GLN A 26 17.42 -26.56 -77.79
N PHE A 27 18.29 -25.72 -77.23
CA PHE A 27 18.34 -24.32 -77.60
C PHE A 27 19.40 -24.00 -78.64
N SER A 28 19.92 -25.01 -79.34
CA SER A 28 20.84 -24.74 -80.43
C SER A 28 20.06 -24.28 -81.66
N THR A 29 20.75 -23.53 -82.52
CA THR A 29 20.13 -23.01 -83.73
C THR A 29 21.17 -22.95 -84.84
N SER A 30 20.68 -22.77 -86.07
CA SER A 30 21.57 -22.64 -87.21
C SER A 30 22.06 -21.20 -87.38
N GLU A 31 21.47 -20.27 -86.63
CA GLU A 31 21.94 -18.89 -86.64
C GLU A 31 23.32 -18.77 -86.02
N PHE A 32 23.51 -19.42 -84.87
CA PHE A 32 24.78 -19.35 -84.15
C PHE A 32 24.92 -20.61 -83.32
N ARG A 33 26.15 -20.99 -83.04
CA ARG A 33 26.44 -22.17 -82.26
C ARG A 33 27.29 -21.80 -81.05
N LEU A 34 26.86 -22.26 -79.87
CA LEU A 34 27.60 -22.00 -78.66
C LEU A 34 28.83 -22.91 -78.62
N THR A 35 29.98 -22.33 -78.28
CA THR A 35 31.26 -23.02 -78.30
C THR A 35 31.73 -23.21 -76.86
N PRO A 36 31.55 -24.41 -76.29
CA PRO A 36 31.90 -24.63 -74.89
C PRO A 36 33.41 -24.69 -74.69
N HIS A 37 33.84 -24.18 -73.54
CA HIS A 37 35.17 -24.43 -73.01
C HIS A 37 34.94 -24.89 -71.57
N ILE A 38 34.66 -26.19 -71.42
CA ILE A 38 34.20 -26.70 -70.14
C ILE A 38 35.38 -26.90 -69.20
N ASP A 39 35.29 -26.29 -68.02
CA ASP A 39 36.37 -26.34 -67.03
C ASP A 39 35.78 -26.95 -65.76
N ASN A 40 35.80 -28.29 -65.68
CA ASN A 40 35.32 -29.01 -64.52
C ASN A 40 36.36 -28.95 -63.41
N LEU A 41 36.42 -27.81 -62.72
CA LEU A 41 37.40 -27.57 -61.67
C LEU A 41 36.69 -27.17 -60.39
N GLU A 42 37.42 -27.25 -59.28
CA GLU A 42 36.86 -26.95 -57.97
C GLU A 42 36.54 -25.47 -57.83
N VAL A 43 35.54 -25.18 -57.00
CA VAL A 43 35.09 -23.80 -56.84
C VAL A 43 35.68 -23.14 -55.59
N ALA A 44 36.18 -23.93 -54.64
CA ALA A 44 36.76 -23.36 -53.43
C ALA A 44 38.13 -22.76 -53.70
N ASN A 45 38.96 -23.44 -54.48
CA ASN A 45 40.27 -22.92 -54.87
C ASN A 45 40.03 -21.83 -55.90
N SER A 46 39.88 -20.59 -55.43
CA SER A 46 39.61 -19.47 -56.32
C SER A 46 40.82 -19.13 -57.18
N PHE A 47 42.02 -19.53 -56.74
CA PHE A 47 43.19 -19.46 -57.60
C PHE A 47 43.04 -20.37 -58.81
N ALA A 48 42.55 -21.59 -58.59
CA ALA A 48 42.27 -22.50 -59.69
C ALA A 48 41.09 -22.03 -60.53
N VAL A 49 40.16 -21.30 -59.92
CA VAL A 49 39.10 -20.66 -60.68
C VAL A 49 39.67 -19.55 -61.54
N THR A 50 40.62 -18.79 -61.00
CA THR A 50 41.25 -17.69 -61.72
C THR A 50 42.04 -18.18 -62.93
N ASN A 51 42.75 -19.30 -62.79
CA ASN A 51 43.43 -19.89 -63.93
C ASN A 51 42.44 -20.43 -64.94
N ALA A 52 41.31 -20.96 -64.45
CA ALA A 52 40.23 -21.33 -65.36
C ALA A 52 39.55 -20.11 -65.94
N PHE A 53 39.55 -18.99 -65.19
CA PHE A 53 38.99 -17.75 -65.71
C PHE A 53 39.89 -17.15 -66.78
N CYS A 54 41.18 -17.04 -66.49
CA CYS A 54 42.10 -16.37 -67.41
C CYS A 54 42.38 -17.21 -68.65
N SER A 55 42.16 -18.53 -68.58
CA SER A 55 42.31 -19.36 -69.76
C SER A 55 41.21 -19.07 -70.77
N GLN A 56 39.96 -18.96 -70.31
CA GLN A 56 38.88 -18.55 -71.20
C GLN A 56 38.97 -17.07 -71.53
N PHE A 57 39.57 -16.27 -70.64
CA PHE A 57 39.82 -14.88 -70.97
C PHE A 57 40.91 -14.76 -72.02
N SER A 58 41.81 -15.75 -72.07
CA SER A 58 42.76 -15.83 -73.18
C SER A 58 42.09 -16.31 -74.46
N ARG A 59 41.00 -17.06 -74.35
CA ARG A 59 40.24 -17.46 -75.53
C ARG A 59 39.52 -16.29 -76.17
N GLY A 60 39.16 -15.27 -75.40
CA GLY A 60 38.30 -14.23 -75.91
C GLY A 60 36.84 -14.64 -75.91
N VAL A 61 36.36 -15.25 -74.83
CA VAL A 61 34.97 -15.68 -74.75
C VAL A 61 34.07 -14.46 -74.60
N TYR A 62 32.79 -14.64 -74.92
CA TYR A 62 31.86 -13.52 -74.94
C TYR A 62 30.88 -13.54 -73.77
N ALA A 63 30.65 -14.70 -73.16
CA ALA A 63 29.84 -14.82 -71.96
C ALA A 63 30.32 -16.04 -71.21
N ILE A 64 30.34 -15.94 -69.88
CA ILE A 64 30.90 -16.99 -69.05
C ILE A 64 29.82 -17.55 -68.14
N PHE A 65 29.69 -18.87 -68.16
CA PHE A 65 28.73 -19.55 -67.31
C PHE A 65 29.47 -20.39 -66.27
N GLY A 66 28.91 -20.43 -65.08
CA GLY A 66 29.45 -21.28 -64.03
C GLY A 66 28.89 -20.89 -62.69
N PHE A 67 29.28 -21.67 -61.69
CA PHE A 67 28.90 -21.38 -60.31
C PHE A 67 29.96 -20.50 -59.66
N TYR A 68 29.71 -20.13 -58.40
CA TYR A 68 30.72 -19.49 -57.59
C TYR A 68 30.44 -19.76 -56.12
N ASP A 69 31.50 -19.77 -55.32
CA ASP A 69 31.43 -20.02 -53.90
C ASP A 69 31.43 -18.68 -53.15
N LYS A 70 31.24 -18.75 -51.83
CA LYS A 70 31.54 -17.58 -51.00
C LYS A 70 33.04 -17.32 -50.93
N LYS A 71 33.84 -18.34 -51.23
CA LYS A 71 35.28 -18.13 -51.41
C LYS A 71 35.58 -17.46 -52.75
N SER A 72 34.60 -17.41 -53.66
CA SER A 72 34.80 -16.83 -54.97
C SER A 72 33.74 -15.81 -55.34
N VAL A 73 32.89 -15.40 -54.39
CA VAL A 73 31.91 -14.35 -54.66
C VAL A 73 32.62 -13.01 -54.85
N ASN A 74 33.69 -12.78 -54.10
CA ASN A 74 34.44 -11.55 -54.27
C ASN A 74 35.47 -11.68 -55.37
N THR A 75 35.76 -12.91 -55.79
CA THR A 75 36.70 -13.12 -56.88
C THR A 75 36.08 -12.70 -58.21
N ILE A 76 34.96 -13.34 -58.57
CA ILE A 76 34.42 -13.24 -59.92
C ILE A 76 33.85 -11.84 -60.18
N THR A 77 33.25 -11.25 -59.15
CA THR A 77 32.71 -9.90 -59.31
C THR A 77 33.81 -8.86 -59.45
N SER A 78 34.99 -9.13 -58.87
CA SER A 78 36.11 -8.21 -59.03
C SER A 78 36.69 -8.29 -60.43
N PHE A 79 36.69 -9.49 -61.02
CA PHE A 79 37.15 -9.64 -62.40
C PHE A 79 36.13 -9.11 -63.40
N CYS A 80 34.87 -9.52 -63.26
CA CYS A 80 33.86 -9.20 -64.27
C CYS A 80 33.46 -7.73 -64.23
N GLY A 81 33.57 -7.08 -63.06
CA GLY A 81 33.33 -5.66 -63.02
C GLY A 81 34.44 -4.82 -63.63
N THR A 82 35.65 -5.37 -63.68
CA THR A 82 36.79 -4.64 -64.23
C THR A 82 37.06 -5.04 -65.68
N LEU A 83 37.09 -6.34 -65.96
CA LEU A 83 37.35 -6.81 -67.31
C LEU A 83 36.15 -6.69 -68.23
N HIS A 84 34.98 -6.33 -67.67
CA HIS A 84 33.76 -6.01 -68.44
C HIS A 84 33.29 -7.20 -69.27
N VAL A 85 33.44 -8.39 -68.71
CA VAL A 85 32.96 -9.62 -69.34
C VAL A 85 31.77 -10.12 -68.54
N SER A 86 30.65 -10.36 -69.20
CA SER A 86 29.43 -10.77 -68.53
C SER A 86 29.55 -12.18 -67.99
N PHE A 87 28.88 -12.44 -66.87
CA PHE A 87 28.95 -13.73 -66.20
C PHE A 87 27.55 -14.19 -65.85
N ILE A 88 27.28 -15.48 -66.03
CA ILE A 88 25.96 -16.05 -65.80
C ILE A 88 26.08 -17.15 -64.76
N THR A 89 25.25 -17.08 -63.73
CA THR A 89 25.35 -18.00 -62.61
C THR A 89 23.99 -18.40 -62.05
N PRO A 90 23.84 -19.66 -61.66
CA PRO A 90 22.65 -20.06 -60.88
C PRO A 90 22.87 -20.05 -59.37
N SER A 91 24.01 -19.55 -58.89
CA SER A 91 24.40 -19.71 -57.50
C SER A 91 23.64 -18.75 -56.59
N PHE A 92 24.09 -18.68 -55.33
CA PHE A 92 23.46 -17.84 -54.33
C PHE A 92 23.58 -16.37 -54.70
N PRO A 93 22.57 -15.55 -54.38
CA PRO A 93 22.56 -14.17 -54.89
C PRO A 93 23.60 -13.28 -54.23
N THR A 94 24.04 -12.27 -54.98
CA THR A 94 24.98 -11.29 -54.44
C THR A 94 24.23 -10.20 -53.68
N ASP A 95 24.98 -9.42 -52.92
CA ASP A 95 24.37 -8.34 -52.14
C ASP A 95 24.63 -6.97 -52.73
N GLY A 96 25.77 -6.77 -53.37
CA GLY A 96 26.11 -5.51 -53.98
C GLY A 96 25.72 -5.48 -55.45
N THR A 97 25.44 -4.28 -55.93
CA THR A 97 25.04 -4.09 -57.32
C THR A 97 26.24 -4.24 -58.24
N HIS A 98 26.49 -5.47 -58.67
CA HIS A 98 27.69 -5.75 -59.44
C HIS A 98 27.39 -5.75 -60.93
N PRO A 99 28.16 -5.02 -61.73
CA PRO A 99 28.02 -5.14 -63.18
C PRO A 99 28.54 -6.49 -63.66
N PHE A 100 27.99 -6.92 -64.80
CA PHE A 100 28.42 -8.12 -65.55
C PHE A 100 28.22 -9.40 -64.73
N VAL A 101 27.27 -9.38 -63.80
CA VAL A 101 26.91 -10.53 -63.00
C VAL A 101 25.42 -10.76 -63.21
N ILE A 102 25.08 -11.82 -63.94
CA ILE A 102 23.69 -12.15 -64.20
C ILE A 102 23.37 -13.44 -63.45
N GLN A 103 22.48 -13.35 -62.47
CA GLN A 103 22.28 -14.46 -61.54
C GLN A 103 20.92 -15.10 -61.78
N MET A 104 20.92 -16.42 -61.90
CA MET A 104 19.69 -17.14 -62.28
C MET A 104 18.83 -17.44 -61.08
N ARG A 105 19.39 -17.46 -59.88
CA ARG A 105 18.60 -17.85 -58.73
C ARG A 105 17.92 -16.63 -58.14
N PRO A 106 16.60 -16.65 -57.98
CA PRO A 106 15.90 -15.50 -57.41
C PRO A 106 16.19 -15.37 -55.91
N ASP A 107 15.84 -14.22 -55.36
CA ASP A 107 15.97 -14.00 -53.94
C ASP A 107 14.95 -14.86 -53.19
N LEU A 108 15.29 -15.23 -51.97
CA LEU A 108 14.47 -16.13 -51.18
C LEU A 108 13.97 -15.50 -49.89
N LYS A 109 14.62 -14.43 -49.43
CA LYS A 109 14.29 -13.85 -48.14
C LYS A 109 12.94 -13.14 -48.14
N GLY A 110 12.52 -12.63 -49.29
CA GLY A 110 11.24 -11.94 -49.36
C GLY A 110 10.05 -12.87 -49.17
N ALA A 111 10.16 -14.09 -49.71
CA ALA A 111 9.15 -15.09 -49.44
C ALA A 111 9.24 -15.58 -48.01
N LEU A 112 10.46 -15.65 -47.46
CA LEU A 112 10.64 -16.20 -46.13
C LEU A 112 10.20 -15.22 -45.07
N LEU A 113 10.46 -13.93 -45.26
CA LEU A 113 9.95 -12.92 -44.35
C LEU A 113 8.43 -12.82 -44.43
N SER A 114 7.88 -13.07 -45.61
CA SER A 114 6.43 -13.19 -45.73
C SER A 114 5.92 -14.44 -45.04
N LEU A 115 6.74 -15.49 -44.98
CA LEU A 115 6.27 -16.76 -44.46
C LEU A 115 6.23 -16.77 -42.93
N ILE A 116 7.19 -16.10 -42.30
CA ILE A 116 7.21 -16.03 -40.84
C ILE A 116 6.03 -15.20 -40.34
N GLU A 117 5.70 -14.13 -41.06
CA GLU A 117 4.49 -13.38 -40.78
C GLU A 117 3.24 -14.21 -41.03
N TYR A 118 3.30 -15.13 -41.98
CA TYR A 118 2.16 -16.01 -42.24
C TYR A 118 1.98 -17.02 -41.13
N TYR A 119 3.07 -17.57 -40.60
CA TYR A 119 2.99 -18.45 -39.45
C TYR A 119 2.97 -17.70 -38.12
N GLN A 120 3.17 -16.37 -38.15
CA GLN A 120 3.14 -15.50 -36.98
C GLN A 120 4.17 -15.92 -35.93
N TRP A 121 5.34 -16.33 -36.40
CA TRP A 121 6.38 -16.78 -35.48
C TRP A 121 7.16 -15.61 -34.89
N ASP A 122 7.45 -15.72 -33.61
CA ASP A 122 8.35 -14.78 -32.94
C ASP A 122 9.49 -15.46 -32.20
N LYS A 123 9.23 -16.59 -31.57
CA LYS A 123 10.25 -17.33 -30.85
C LYS A 123 10.56 -18.58 -31.65
N PHE A 124 11.74 -18.62 -32.25
CA PHE A 124 12.07 -19.70 -33.15
C PHE A 124 13.58 -19.81 -33.29
N ALA A 125 14.04 -21.00 -33.64
CA ALA A 125 15.46 -21.21 -33.90
C ALA A 125 15.75 -21.05 -35.39
N TYR A 126 17.02 -20.85 -35.71
CA TYR A 126 17.46 -20.70 -37.09
C TYR A 126 18.81 -21.38 -37.26
N LEU A 127 18.80 -22.64 -37.66
CA LEU A 127 20.04 -23.31 -38.01
C LEU A 127 20.41 -22.94 -39.44
N TYR A 128 21.71 -22.78 -39.67
CA TYR A 128 22.14 -22.26 -40.97
C TYR A 128 23.56 -22.74 -41.28
N ASP A 129 23.90 -22.63 -42.56
CA ASP A 129 25.24 -22.91 -43.06
C ASP A 129 25.80 -21.64 -43.69
N SER A 130 27.13 -21.51 -43.63
CA SER A 130 27.77 -20.27 -44.06
C SER A 130 27.92 -20.18 -45.57
N ASP A 131 27.82 -21.30 -46.29
CA ASP A 131 28.36 -21.41 -47.63
C ASP A 131 27.61 -20.56 -48.65
N ARG A 132 26.30 -20.42 -48.50
CA ARG A 132 25.52 -19.57 -49.39
C ARG A 132 25.48 -18.12 -48.95
N GLY A 133 26.37 -17.70 -48.06
CA GLY A 133 26.35 -16.36 -47.53
C GLY A 133 25.46 -16.24 -46.31
N LEU A 134 25.52 -15.08 -45.67
CA LEU A 134 24.78 -14.82 -44.45
C LEU A 134 23.84 -13.63 -44.57
N SER A 135 23.53 -13.20 -45.79
CA SER A 135 22.59 -12.09 -45.96
C SER A 135 21.18 -12.48 -45.56
N THR A 136 20.83 -13.75 -45.76
CA THR A 136 19.55 -14.25 -45.25
C THR A 136 19.52 -14.26 -43.74
N LEU A 137 20.67 -14.54 -43.10
CA LEU A 137 20.77 -14.36 -41.66
C LEU A 137 20.67 -12.89 -41.30
N GLN A 138 21.28 -12.02 -42.10
CA GLN A 138 21.16 -10.58 -41.87
C GLN A 138 19.74 -10.10 -42.11
N ALA A 139 19.00 -10.78 -42.99
CA ALA A 139 17.63 -10.38 -43.27
C ALA A 139 16.72 -10.69 -42.10
N VAL A 140 16.85 -11.88 -41.52
CA VAL A 140 15.94 -12.27 -40.46
C VAL A 140 16.30 -11.59 -39.15
N LEU A 141 17.55 -11.17 -38.98
CA LEU A 141 17.93 -10.44 -37.77
C LEU A 141 17.43 -9.01 -37.81
N ASP A 142 17.28 -8.45 -39.01
CA ASP A 142 16.71 -7.12 -39.11
C ASP A 142 15.22 -7.14 -38.77
N SER A 143 14.51 -8.16 -39.24
CA SER A 143 13.10 -8.28 -38.88
C SER A 143 12.93 -8.85 -37.48
N ALA A 144 13.99 -9.39 -36.89
CA ALA A 144 13.93 -9.83 -35.50
C ALA A 144 13.73 -8.66 -34.55
N ALA A 145 14.52 -7.59 -34.71
CA ALA A 145 14.33 -6.41 -33.89
C ALA A 145 13.10 -5.63 -34.34
N GLU A 146 12.81 -5.65 -35.64
CA GLU A 146 11.70 -4.87 -36.17
C GLU A 146 10.35 -5.43 -35.75
N LYS A 147 10.19 -6.75 -35.78
CA LYS A 147 8.93 -7.38 -35.42
C LYS A 147 8.96 -7.97 -34.02
N LYS A 148 10.00 -7.67 -33.24
CA LYS A 148 10.17 -8.11 -31.85
C LYS A 148 10.15 -9.63 -31.72
N TRP A 149 11.14 -10.27 -32.33
CA TRP A 149 11.23 -11.71 -32.38
C TRP A 149 12.26 -12.23 -31.37
N GLN A 150 12.32 -13.55 -31.23
CA GLN A 150 13.32 -14.21 -30.39
C GLN A 150 13.99 -15.30 -31.21
N VAL A 151 15.11 -14.93 -31.85
CA VAL A 151 15.74 -15.83 -32.80
C VAL A 151 16.91 -16.54 -32.15
N THR A 152 17.01 -17.85 -32.39
CA THR A 152 18.12 -18.67 -31.92
C THR A 152 18.91 -19.13 -33.16
N ALA A 153 19.95 -18.38 -33.49
CA ALA A 153 20.72 -18.68 -34.67
C ALA A 153 22.01 -19.43 -34.30
N ILE A 154 22.20 -20.58 -34.94
CA ILE A 154 23.38 -21.41 -34.70
C ILE A 154 23.93 -21.88 -36.05
N ASN A 155 25.18 -21.54 -36.32
CA ASN A 155 25.85 -22.03 -37.52
C ASN A 155 26.20 -23.50 -37.32
N VAL A 156 25.70 -24.33 -38.22
CA VAL A 156 25.82 -25.78 -38.06
C VAL A 156 26.83 -26.33 -39.07
N GLY A 157 27.19 -25.55 -40.07
CA GLY A 157 28.07 -26.03 -41.12
C GLY A 157 29.53 -26.16 -40.74
N ASN A 158 29.94 -25.59 -39.61
CA ASN A 158 31.34 -25.62 -39.24
C ASN A 158 31.77 -26.98 -38.67
N ILE A 159 30.81 -27.81 -38.26
CA ILE A 159 31.15 -29.11 -37.69
C ILE A 159 31.52 -30.06 -38.83
N ASN A 160 32.60 -30.81 -38.63
CA ASN A 160 33.11 -31.70 -39.67
C ASN A 160 32.17 -32.89 -39.91
N ASN A 161 32.39 -33.58 -41.03
CA ASN A 161 31.56 -34.72 -41.37
C ASN A 161 31.99 -35.98 -40.62
N ASP A 162 33.08 -35.92 -39.86
CA ASP A 162 33.54 -37.10 -39.14
C ASP A 162 32.65 -37.44 -37.96
N LYS A 163 32.26 -36.44 -37.18
CA LYS A 163 31.42 -36.64 -36.02
C LYS A 163 30.15 -35.80 -36.07
N LYS A 164 29.49 -35.75 -37.24
CA LYS A 164 28.24 -35.01 -37.36
C LYS A 164 27.03 -35.85 -36.96
N ASP A 165 27.15 -36.57 -35.85
CA ASP A 165 26.00 -37.24 -35.27
C ASP A 165 26.03 -37.04 -33.76
N GLU A 166 27.23 -36.87 -33.21
CA GLU A 166 27.38 -36.71 -31.77
C GLU A 166 27.11 -35.28 -31.35
N THR A 167 27.70 -34.31 -32.08
CA THR A 167 27.49 -32.91 -31.77
C THR A 167 26.07 -32.48 -32.09
N TYR A 168 25.43 -33.13 -33.06
CA TYR A 168 24.09 -32.73 -33.44
C TYR A 168 23.06 -33.24 -32.44
N ARG A 169 23.41 -34.27 -31.67
CA ARG A 169 22.63 -34.61 -30.49
C ARG A 169 22.62 -33.47 -29.49
N SER A 170 23.81 -32.94 -29.19
CA SER A 170 23.92 -31.84 -28.23
C SER A 170 23.33 -30.55 -28.78
N LEU A 171 23.20 -30.44 -30.11
CA LEU A 171 22.60 -29.27 -30.73
C LEU A 171 21.13 -29.13 -30.37
N PHE A 172 20.36 -30.20 -30.55
CA PHE A 172 18.94 -30.14 -30.23
C PHE A 172 18.70 -30.20 -28.73
N GLN A 173 19.63 -30.81 -27.98
CA GLN A 173 19.58 -30.72 -26.53
C GLN A 173 19.77 -29.29 -26.06
N ASP A 174 20.59 -28.52 -26.79
CA ASP A 174 20.67 -27.09 -26.52
C ASP A 174 19.40 -26.37 -26.98
N LEU A 175 18.70 -26.92 -27.97
CA LEU A 175 17.42 -26.35 -28.36
C LEU A 175 16.32 -26.72 -27.37
N GLU A 176 16.51 -27.80 -26.61
CA GLU A 176 15.58 -28.12 -25.54
C GLU A 176 15.86 -27.35 -24.27
N LEU A 177 16.92 -26.52 -24.25
CA LEU A 177 17.09 -25.59 -23.14
C LEU A 177 16.03 -24.50 -23.16
N LYS A 178 15.49 -24.20 -24.34
CA LYS A 178 14.33 -23.33 -24.45
C LYS A 178 13.14 -24.05 -25.07
N LYS A 179 13.31 -25.32 -25.46
CA LYS A 179 12.24 -26.20 -25.97
C LYS A 179 11.56 -25.63 -27.21
N GLU A 180 12.36 -25.38 -28.25
CA GLU A 180 11.84 -24.75 -29.45
C GLU A 180 11.14 -25.78 -30.33
N ARG A 181 10.04 -25.35 -30.96
CA ARG A 181 9.28 -26.18 -31.87
C ARG A 181 9.37 -25.69 -33.31
N ARG A 182 10.11 -24.62 -33.54
CA ARG A 182 10.05 -23.84 -34.77
C ARG A 182 11.44 -23.66 -35.34
N VAL A 183 11.85 -24.59 -36.20
CA VAL A 183 13.22 -24.60 -36.71
C VAL A 183 13.22 -24.24 -38.19
N ILE A 184 13.99 -23.22 -38.55
CA ILE A 184 14.15 -22.82 -39.94
C ILE A 184 15.55 -23.20 -40.39
N LEU A 185 15.64 -24.27 -41.17
CA LEU A 185 16.93 -24.73 -41.66
C LEU A 185 17.34 -23.94 -42.89
N ASP A 186 18.64 -23.64 -42.98
CA ASP A 186 19.20 -23.00 -44.17
C ASP A 186 20.53 -23.68 -44.49
N CYS A 187 20.45 -24.78 -45.24
CA CYS A 187 21.63 -25.57 -45.55
C CYS A 187 21.52 -26.11 -46.96
N GLU A 188 22.61 -26.70 -47.43
CA GLU A 188 22.59 -27.48 -48.66
C GLU A 188 21.75 -28.73 -48.43
N ARG A 189 21.17 -29.25 -49.53
CA ARG A 189 20.21 -30.34 -49.44
C ARG A 189 20.85 -31.63 -48.94
N ASP A 190 22.17 -31.78 -49.15
CA ASP A 190 22.89 -32.87 -48.50
C ASP A 190 22.97 -32.63 -46.99
N LYS A 191 23.29 -31.41 -46.59
CA LYS A 191 23.35 -31.07 -45.18
C LYS A 191 21.95 -30.98 -44.57
N VAL A 192 20.94 -30.65 -45.37
CA VAL A 192 19.56 -30.68 -44.90
C VAL A 192 19.15 -32.10 -44.56
N ASN A 193 19.48 -33.05 -45.45
CA ASN A 193 19.12 -34.45 -45.23
C ASN A 193 19.90 -35.05 -44.07
N ASP A 194 21.07 -34.49 -43.76
CA ASP A 194 21.80 -34.88 -42.55
C ASP A 194 21.02 -34.48 -41.30
N ILE A 195 20.52 -33.24 -41.27
CA ILE A 195 19.83 -32.72 -40.10
C ILE A 195 18.48 -33.43 -39.91
N VAL A 196 17.82 -33.77 -41.03
CA VAL A 196 16.58 -34.54 -40.98
C VAL A 196 16.81 -35.90 -40.34
N ASP A 197 17.92 -36.55 -40.70
CA ASP A 197 18.24 -37.85 -40.11
C ASP A 197 18.62 -37.72 -38.64
N GLN A 198 19.10 -36.54 -38.24
CA GLN A 198 19.30 -36.29 -36.81
C GLN A 198 17.98 -36.11 -36.09
N VAL A 199 17.02 -35.43 -36.73
CA VAL A 199 15.68 -35.28 -36.17
C VAL A 199 14.98 -36.63 -36.10
N ILE A 200 15.19 -37.46 -37.13
CA ILE A 200 14.67 -38.83 -37.13
C ILE A 200 15.31 -39.65 -36.02
N THR A 201 16.59 -39.40 -35.74
CA THR A 201 17.30 -40.13 -34.69
C THR A 201 16.74 -39.78 -33.32
N ILE A 202 16.28 -38.54 -33.12
CA ILE A 202 15.78 -38.11 -31.83
C ILE A 202 14.27 -37.95 -31.79
N GLY A 203 13.59 -38.08 -32.94
CA GLY A 203 12.14 -38.09 -32.93
C GLY A 203 11.47 -36.75 -32.77
N LYS A 204 12.09 -35.66 -33.21
CA LYS A 204 11.43 -34.37 -33.21
C LYS A 204 10.62 -34.13 -34.47
N HIS A 205 10.44 -35.16 -35.29
CA HIS A 205 9.57 -35.08 -36.45
C HIS A 205 8.11 -35.39 -36.09
N VAL A 206 7.84 -35.61 -34.81
CA VAL A 206 6.48 -35.87 -34.33
C VAL A 206 5.68 -34.57 -34.31
N LYS A 207 4.38 -34.71 -34.05
CA LYS A 207 3.48 -33.58 -33.93
C LYS A 207 3.92 -32.64 -32.82
N GLY A 208 3.79 -31.34 -33.07
CA GLY A 208 4.25 -30.31 -32.16
C GLY A 208 5.37 -29.45 -32.71
N TYR A 209 6.30 -30.04 -33.43
CA TYR A 209 7.38 -29.31 -34.05
C TYR A 209 6.96 -28.82 -35.43
N HIS A 210 7.71 -27.84 -35.95
CA HIS A 210 7.46 -27.33 -37.28
C HIS A 210 8.78 -26.96 -37.92
N TYR A 211 8.88 -27.18 -39.23
CA TYR A 211 10.13 -27.00 -39.93
C TYR A 211 9.90 -26.21 -41.22
N ILE A 212 10.89 -25.40 -41.58
CA ILE A 212 10.89 -24.63 -42.81
C ILE A 212 12.23 -24.85 -43.50
N ILE A 213 12.20 -25.36 -44.73
CA ILE A 213 13.42 -25.63 -45.47
C ILE A 213 13.66 -24.47 -46.42
N ALA A 214 14.74 -23.73 -46.20
CA ALA A 214 14.98 -22.48 -46.92
C ALA A 214 15.88 -22.74 -48.12
N ASN A 215 15.29 -23.36 -49.14
CA ASN A 215 15.90 -23.47 -50.45
C ASN A 215 14.80 -23.60 -51.49
N LEU A 216 15.21 -23.55 -52.76
CA LEU A 216 14.24 -23.74 -53.84
C LEU A 216 14.02 -25.22 -54.15
N GLY A 217 14.90 -26.08 -53.66
CA GLY A 217 14.75 -27.51 -53.87
C GLY A 217 14.04 -28.23 -52.74
N PHE A 218 12.83 -27.77 -52.41
CA PHE A 218 12.05 -28.44 -51.38
C PHE A 218 11.60 -29.83 -51.83
N THR A 219 11.29 -29.99 -53.12
CA THR A 219 10.96 -31.31 -53.64
C THR A 219 12.20 -32.19 -53.81
N ASP A 220 13.39 -31.60 -53.81
CA ASP A 220 14.60 -32.38 -53.96
C ASP A 220 14.95 -33.14 -52.69
N GLY A 221 14.56 -32.61 -51.53
CA GLY A 221 14.85 -33.27 -50.28
C GLY A 221 13.92 -34.45 -50.04
N ASP A 222 14.38 -35.36 -49.17
CA ASP A 222 13.63 -36.56 -48.83
C ASP A 222 12.48 -36.18 -47.91
N LEU A 223 11.28 -36.14 -48.48
CA LEU A 223 10.07 -35.90 -47.69
C LEU A 223 9.37 -37.19 -47.28
N LEU A 224 9.58 -38.29 -48.02
CA LEU A 224 8.88 -39.53 -47.74
C LEU A 224 9.31 -40.14 -46.40
N LYS A 225 10.53 -39.86 -45.97
CA LYS A 225 11.02 -40.41 -44.72
C LYS A 225 10.45 -39.66 -43.52
N ILE A 226 9.92 -38.47 -43.73
CA ILE A 226 9.34 -37.66 -42.66
C ILE A 226 7.94 -37.17 -43.03
N GLN A 227 7.30 -37.84 -43.99
CA GLN A 227 5.95 -37.44 -44.39
C GLN A 227 4.93 -37.74 -43.30
N PHE A 228 5.08 -38.85 -42.59
CA PHE A 228 4.09 -39.31 -41.63
C PHE A 228 4.61 -39.30 -40.20
N GLY A 229 5.67 -38.55 -39.92
CA GLY A 229 6.16 -38.47 -38.57
C GLY A 229 5.30 -37.66 -37.62
N GLY A 230 4.76 -36.54 -38.10
CA GLY A 230 3.89 -35.71 -37.30
C GLY A 230 4.17 -34.21 -37.40
N ALA A 231 5.42 -33.80 -37.57
CA ALA A 231 5.71 -32.38 -37.69
C ALA A 231 5.33 -31.88 -39.08
N GLU A 232 5.03 -30.59 -39.17
CA GLU A 232 4.67 -29.98 -40.44
C GLU A 232 5.86 -29.24 -41.02
N VAL A 233 6.21 -29.59 -42.26
CA VAL A 233 7.40 -29.07 -42.92
C VAL A 233 6.96 -28.17 -44.06
N SER A 234 7.47 -26.94 -44.08
CA SER A 234 7.18 -25.98 -45.14
C SER A 234 8.43 -25.78 -45.98
N GLY A 235 8.23 -25.24 -47.17
CA GLY A 235 9.35 -25.00 -48.06
C GLY A 235 8.93 -24.28 -49.31
N PHE A 236 9.85 -24.20 -50.26
CA PHE A 236 9.64 -23.46 -51.50
C PHE A 236 10.15 -24.28 -52.68
N GLN A 237 9.32 -24.41 -53.71
CA GLN A 237 9.75 -25.03 -54.96
C GLN A 237 9.54 -24.02 -56.08
N ILE A 238 10.65 -23.57 -56.68
CA ILE A 238 10.57 -22.50 -57.67
C ILE A 238 10.08 -23.04 -59.01
N VAL A 239 10.22 -24.34 -59.26
CA VAL A 239 9.85 -24.94 -60.54
C VAL A 239 8.62 -25.79 -60.30
N ASP A 240 7.46 -25.29 -60.73
CA ASP A 240 6.23 -26.05 -60.60
C ASP A 240 6.21 -27.20 -61.60
N TYR A 241 6.17 -28.43 -61.08
CA TYR A 241 6.18 -29.62 -61.92
C TYR A 241 4.86 -29.84 -62.64
N ASP A 242 3.77 -29.21 -62.21
CA ASP A 242 2.49 -29.38 -62.87
C ASP A 242 2.39 -28.58 -64.17
N ASP A 243 3.33 -27.65 -64.40
CA ASP A 243 3.32 -26.89 -65.64
C ASP A 243 3.72 -27.77 -66.81
N SER A 244 2.96 -27.66 -67.90
CA SER A 244 3.21 -28.47 -69.08
C SER A 244 4.51 -28.10 -69.78
N LEU A 245 4.93 -26.84 -69.64
CA LEU A 245 6.25 -26.45 -70.10
C LEU A 245 7.33 -27.17 -69.32
N VAL A 246 7.09 -27.37 -68.02
CA VAL A 246 8.01 -28.15 -67.20
C VAL A 246 7.81 -29.64 -67.47
N SER A 247 6.55 -30.08 -67.58
CA SER A 247 6.25 -31.52 -67.63
C SER A 247 6.72 -32.17 -68.92
N LYS A 248 6.64 -31.44 -70.04
CA LYS A 248 7.19 -31.96 -71.30
C LYS A 248 8.71 -32.05 -71.23
N PHE A 249 9.34 -31.16 -70.46
CA PHE A 249 10.77 -31.29 -70.22
C PHE A 249 11.07 -32.47 -69.32
N ILE A 250 10.22 -32.72 -68.31
CA ILE A 250 10.40 -33.85 -67.42
C ILE A 250 10.23 -35.17 -68.16
N GLU A 251 9.27 -35.21 -69.10
CA GLU A 251 9.12 -36.38 -69.95
C GLU A 251 10.32 -36.57 -70.86
N ARG A 252 10.99 -35.48 -71.23
CA ARG A 252 12.26 -35.58 -71.94
C ARG A 252 13.42 -35.82 -70.99
N TRP A 253 13.26 -35.47 -69.71
CA TRP A 253 14.34 -35.59 -68.75
C TRP A 253 14.63 -37.05 -68.38
N SER A 254 13.61 -37.78 -67.93
CA SER A 254 13.82 -39.13 -67.40
C SER A 254 14.19 -40.13 -68.49
N THR A 255 13.79 -39.87 -69.74
CA THR A 255 14.06 -40.81 -70.82
C THR A 255 15.51 -40.81 -71.25
N LEU A 256 16.28 -39.80 -70.85
CA LEU A 256 17.69 -39.74 -71.24
C LEU A 256 18.51 -40.77 -70.47
N GLU A 257 19.62 -41.17 -71.08
CA GLU A 257 20.46 -42.22 -70.50
C GLU A 257 21.32 -41.66 -69.37
N GLU A 258 21.43 -42.42 -68.29
CA GLU A 258 22.31 -42.05 -67.19
C GLU A 258 23.78 -42.14 -67.59
N LYS A 259 24.12 -43.11 -68.44
CA LYS A 259 25.50 -43.24 -68.91
C LYS A 259 25.92 -42.05 -69.76
N GLU A 260 24.99 -41.50 -70.53
CA GLU A 260 25.27 -40.28 -71.28
C GLU A 260 25.05 -39.02 -70.47
N TYR A 261 23.89 -38.88 -69.84
CA TYR A 261 23.58 -37.72 -69.00
C TYR A 261 23.35 -38.22 -67.59
N PRO A 262 24.37 -38.16 -66.73
CA PRO A 262 24.18 -38.57 -65.33
C PRO A 262 23.27 -37.61 -64.59
N GLY A 263 22.36 -38.17 -63.80
CA GLY A 263 21.35 -37.39 -63.11
C GLY A 263 20.11 -37.10 -63.92
N ALA A 264 20.06 -37.50 -65.19
CA ALA A 264 18.92 -37.20 -66.04
C ALA A 264 17.79 -38.20 -65.86
N HIS A 265 18.10 -39.49 -65.76
CA HIS A 265 17.06 -40.52 -65.63
C HIS A 265 16.49 -40.50 -64.21
N THR A 266 15.72 -39.46 -63.93
CA THR A 266 15.14 -39.20 -62.62
C THR A 266 13.72 -38.70 -62.80
N ALA A 267 12.91 -38.88 -61.76
CA ALA A 267 11.54 -38.39 -61.80
C ALA A 267 11.49 -36.86 -61.70
N THR A 268 12.34 -36.27 -60.87
CA THR A 268 12.39 -34.83 -60.70
C THR A 268 13.75 -34.30 -61.12
N ILE A 269 13.97 -33.02 -60.86
CA ILE A 269 15.22 -32.36 -61.23
C ILE A 269 15.56 -31.35 -60.14
N LYS A 270 16.85 -31.13 -59.93
CA LYS A 270 17.29 -30.04 -59.07
C LYS A 270 16.98 -28.70 -59.72
N TYR A 271 16.72 -27.69 -58.89
CA TYR A 271 16.47 -26.36 -59.40
C TYR A 271 17.73 -25.75 -59.98
N THR A 272 18.90 -26.13 -59.45
CA THR A 272 20.17 -25.68 -60.00
C THR A 272 20.38 -26.23 -61.41
N SER A 273 19.90 -27.46 -61.65
CA SER A 273 19.92 -27.99 -63.01
C SER A 273 18.87 -27.30 -63.87
N ALA A 274 17.75 -26.90 -63.26
CA ALA A 274 16.67 -26.29 -64.03
C ALA A 274 17.02 -24.87 -64.45
N LEU A 275 17.62 -24.11 -63.54
CA LEU A 275 18.07 -22.76 -63.88
C LEU A 275 19.26 -22.80 -64.84
N THR A 276 20.05 -23.87 -64.79
CA THR A 276 21.09 -24.08 -65.78
C THR A 276 20.49 -24.29 -67.17
N TYR A 277 19.43 -25.08 -67.25
CA TYR A 277 18.69 -25.23 -68.49
C TYR A 277 18.00 -23.92 -68.88
N ASP A 278 17.56 -23.15 -67.88
CA ASP A 278 16.94 -21.86 -68.15
C ASP A 278 17.98 -20.83 -68.56
N ALA A 279 19.24 -21.02 -68.15
CA ALA A 279 20.29 -20.08 -68.53
C ALA A 279 20.65 -20.20 -70.01
N VAL A 280 20.51 -21.40 -70.57
CA VAL A 280 20.79 -21.59 -71.99
C VAL A 280 19.73 -20.91 -72.84
N GLN A 281 18.50 -20.84 -72.32
CA GLN A 281 17.44 -20.08 -72.97
C GLN A 281 17.77 -18.60 -73.05
N VAL A 282 18.36 -18.05 -71.99
CA VAL A 282 18.69 -16.63 -71.96
C VAL A 282 19.85 -16.33 -72.89
N MET A 283 20.87 -17.20 -72.92
CA MET A 283 22.02 -16.97 -73.76
C MET A 283 21.68 -17.15 -75.23
N THR A 284 20.74 -18.06 -75.54
CA THR A 284 20.26 -18.19 -76.91
C THR A 284 19.45 -16.95 -77.30
N GLU A 285 18.57 -16.50 -76.41
CA GLU A 285 17.77 -15.30 -76.68
C GLU A 285 18.64 -14.05 -76.79
N ALA A 286 19.78 -14.03 -76.10
CA ALA A 286 20.69 -12.89 -76.18
C ALA A 286 21.29 -12.76 -77.58
N PHE A 287 21.94 -13.83 -78.06
CA PHE A 287 22.61 -13.74 -79.36
C PHE A 287 21.64 -13.81 -80.52
N ARG A 288 20.41 -14.28 -80.30
CA ARG A 288 19.36 -14.08 -81.29
C ARG A 288 18.98 -12.60 -81.39
N ASN A 289 19.03 -11.90 -80.25
CA ASN A 289 18.75 -10.46 -80.26
C ASN A 289 19.91 -9.68 -80.86
N LEU A 290 21.16 -10.09 -80.57
CA LEU A 290 22.31 -9.49 -81.23
C LEU A 290 22.33 -9.80 -82.72
N ARG A 291 21.74 -10.93 -83.12
CA ARG A 291 21.55 -11.17 -84.54
C ARG A 291 20.45 -10.29 -85.11
N LYS A 292 19.41 -10.02 -84.31
CA LYS A 292 18.34 -9.14 -84.75
C LYS A 292 18.77 -7.68 -84.70
N GLN A 293 19.59 -7.31 -83.71
CA GLN A 293 20.12 -5.94 -83.67
C GLN A 293 21.26 -5.75 -84.64
N ARG A 294 21.87 -6.86 -85.10
CA ARG A 294 23.01 -6.88 -86.03
C ARG A 294 24.19 -6.08 -85.49
N ILE A 295 24.47 -6.24 -84.20
CA ILE A 295 25.59 -5.57 -83.55
C ILE A 295 26.72 -6.59 -83.46
N GLU A 296 27.78 -6.35 -84.23
CA GLU A 296 28.87 -7.32 -84.31
C GLU A 296 29.79 -7.20 -83.09
N ILE A 297 30.06 -8.34 -82.46
CA ILE A 297 30.98 -8.40 -81.33
C ILE A 297 32.10 -9.40 -81.61
N SER A 298 32.16 -9.92 -82.83
CA SER A 298 32.99 -11.08 -83.15
C SER A 298 34.46 -10.71 -83.17
N ARG A 299 35.07 -10.65 -82.00
CA ARG A 299 36.48 -10.34 -81.88
C ARG A 299 37.30 -11.61 -81.73
N ARG A 300 38.60 -11.46 -81.91
CA ARG A 300 39.56 -12.51 -81.59
C ARG A 300 39.89 -12.44 -80.11
N GLY A 301 40.95 -13.15 -79.69
CA GLY A 301 41.43 -13.01 -78.33
C GLY A 301 42.09 -11.67 -78.01
N ASN A 302 41.37 -10.57 -78.17
CA ASN A 302 41.87 -9.24 -77.84
C ASN A 302 41.78 -8.98 -76.34
N ALA A 303 40.98 -9.81 -75.65
CA ALA A 303 41.01 -9.83 -74.19
C ALA A 303 42.37 -10.29 -73.69
N GLY A 304 42.81 -11.48 -74.07
CA GLY A 304 44.18 -11.91 -73.90
C GLY A 304 44.56 -12.14 -72.45
N ASP A 305 45.57 -11.37 -72.01
CA ASP A 305 46.07 -11.49 -70.65
C ASP A 305 45.11 -10.83 -69.67
N CYS A 306 44.80 -11.55 -68.60
CA CYS A 306 44.08 -10.96 -67.48
C CYS A 306 45.00 -10.14 -66.57
N LEU A 307 46.31 -10.26 -66.73
CA LEU A 307 47.29 -9.47 -65.98
C LEU A 307 47.68 -8.19 -66.70
N ALA A 308 46.84 -7.70 -67.60
CA ALA A 308 47.16 -6.46 -68.32
C ALA A 308 47.04 -5.27 -67.40
N ASN A 309 48.07 -4.43 -67.42
CA ASN A 309 48.17 -3.29 -66.50
C ASN A 309 48.38 -2.02 -67.31
N PRO A 310 47.35 -1.18 -67.51
CA PRO A 310 45.95 -1.41 -67.12
C PRO A 310 45.21 -2.27 -68.14
N ALA A 311 44.29 -3.10 -67.64
CA ALA A 311 43.47 -3.93 -68.52
C ALA A 311 42.39 -3.07 -69.16
N VAL A 312 42.37 -3.06 -70.48
CA VAL A 312 41.46 -2.17 -71.22
C VAL A 312 40.10 -2.84 -71.37
N PRO A 313 39.00 -2.13 -71.16
CA PRO A 313 37.67 -2.71 -71.44
C PRO A 313 37.40 -2.69 -72.93
N TRP A 314 36.43 -3.49 -73.34
CA TRP A 314 35.93 -3.47 -74.71
C TRP A 314 34.41 -3.35 -74.69
N GLY A 315 33.92 -2.22 -75.21
CA GLY A 315 32.53 -1.80 -75.04
C GLY A 315 31.50 -2.67 -75.73
N GLN A 316 31.92 -3.52 -76.67
CA GLN A 316 31.02 -4.52 -77.23
C GLN A 316 30.61 -5.53 -76.17
N GLY A 317 31.50 -5.80 -75.21
CA GLY A 317 31.15 -6.67 -74.10
C GLY A 317 30.22 -5.99 -73.11
N VAL A 318 30.28 -4.66 -73.04
CA VAL A 318 29.35 -3.90 -72.21
C VAL A 318 27.95 -3.97 -72.82
N GLU A 319 27.87 -3.96 -74.15
CA GLU A 319 26.58 -4.06 -74.83
C GLU A 319 25.96 -5.45 -74.66
N ILE A 320 26.80 -6.47 -74.43
CA ILE A 320 26.31 -7.81 -74.12
C ILE A 320 25.50 -7.81 -72.83
N GLU A 321 26.02 -7.15 -71.79
CA GLU A 321 25.30 -7.02 -70.53
C GLU A 321 24.01 -6.23 -70.71
N ARG A 322 24.04 -5.22 -71.58
CA ARG A 322 22.85 -4.42 -71.83
C ARG A 322 21.77 -5.23 -72.52
N ALA A 323 22.15 -6.19 -73.36
CA ALA A 323 21.16 -7.04 -74.02
C ALA A 323 20.66 -8.15 -73.11
N LEU A 324 21.46 -8.58 -72.14
CA LEU A 324 21.04 -9.64 -71.22
C LEU A 324 19.93 -9.16 -70.29
N LYS A 325 20.03 -7.93 -69.80
CA LYS A 325 19.03 -7.41 -68.88
C LYS A 325 17.73 -7.06 -69.59
N GLN A 326 17.76 -6.92 -70.91
CA GLN A 326 16.56 -6.69 -71.70
C GLN A 326 15.80 -7.97 -72.04
N VAL A 327 16.36 -9.13 -71.70
CA VAL A 327 15.69 -10.39 -72.01
C VAL A 327 14.51 -10.59 -71.08
N GLN A 328 13.30 -10.64 -71.68
CA GLN A 328 12.08 -10.89 -70.92
C GLN A 328 11.43 -12.14 -71.50
N VAL A 329 11.80 -13.30 -70.97
CA VAL A 329 11.29 -14.58 -71.44
C VAL A 329 10.75 -15.36 -70.26
N GLU A 330 9.97 -16.40 -70.57
CA GLU A 330 9.54 -17.33 -69.55
C GLU A 330 10.61 -18.40 -69.33
N GLY A 331 10.41 -19.21 -68.30
CA GLY A 331 11.34 -20.30 -68.04
C GLY A 331 10.66 -21.42 -67.30
N LEU A 332 11.48 -22.36 -66.81
CA LEU A 332 10.95 -23.41 -65.94
C LEU A 332 10.55 -22.84 -64.59
N SER A 333 11.22 -21.77 -64.16
CA SER A 333 10.89 -21.09 -62.92
C SER A 333 9.94 -19.91 -63.14
N GLY A 334 9.21 -19.91 -64.25
CA GLY A 334 8.27 -18.84 -64.52
C GLY A 334 8.85 -17.72 -65.35
N ASN A 335 8.34 -16.51 -65.13
CA ASN A 335 8.78 -15.36 -65.90
C ASN A 335 10.15 -14.90 -65.43
N ILE A 336 11.03 -14.63 -66.38
CA ILE A 336 12.38 -14.17 -66.11
C ILE A 336 12.48 -12.73 -66.56
N LYS A 337 12.46 -11.80 -65.60
CA LYS A 337 12.60 -10.38 -65.89
C LYS A 337 13.73 -9.84 -65.03
N PHE A 338 14.48 -8.90 -65.58
CA PHE A 338 15.70 -8.43 -64.94
C PHE A 338 15.62 -6.94 -64.62
N ASP A 339 16.33 -6.57 -63.56
CA ASP A 339 16.54 -5.18 -63.19
C ASP A 339 17.75 -4.62 -63.94
N GLN A 340 18.25 -3.48 -63.45
CA GLN A 340 19.48 -2.92 -64.00
C GLN A 340 20.73 -3.60 -63.46
N ASN A 341 20.58 -4.61 -62.60
CA ASN A 341 21.68 -5.42 -62.14
C ASN A 341 21.64 -6.83 -62.68
N GLY A 342 20.66 -7.17 -63.51
CA GLY A 342 20.49 -8.50 -64.01
C GLY A 342 19.89 -9.48 -63.02
N LYS A 343 19.39 -8.99 -61.88
CA LYS A 343 18.77 -9.85 -60.89
C LYS A 343 17.30 -10.05 -61.24
N ARG A 344 16.74 -11.18 -60.81
CA ARG A 344 15.40 -11.53 -61.26
C ARG A 344 14.34 -10.70 -60.54
N ILE A 345 13.38 -10.20 -61.33
CA ILE A 345 12.20 -9.54 -60.82
C ILE A 345 10.97 -10.16 -61.49
N ASN A 346 9.81 -9.91 -60.88
CA ASN A 346 8.49 -10.39 -61.32
C ASN A 346 8.44 -11.90 -61.42
N TYR A 347 9.13 -12.59 -60.52
CA TYR A 347 9.09 -14.04 -60.45
C TYR A 347 8.04 -14.50 -59.45
N THR A 348 7.89 -15.81 -59.34
CA THR A 348 6.86 -16.42 -58.51
C THR A 348 7.45 -17.58 -57.73
N ILE A 349 7.47 -17.45 -56.40
CA ILE A 349 7.95 -18.51 -55.52
C ILE A 349 6.74 -19.27 -54.97
N ASN A 350 6.68 -20.56 -55.25
CA ASN A 350 5.56 -21.39 -54.81
C ASN A 350 5.81 -21.85 -53.38
N ILE A 351 4.95 -21.40 -52.46
CA ILE A 351 5.01 -21.88 -51.08
C ILE A 351 4.52 -23.32 -51.05
N MET A 352 5.40 -24.23 -50.65
CA MET A 352 5.08 -25.64 -50.60
C MET A 352 5.04 -26.11 -49.16
N GLU A 353 4.13 -27.02 -48.87
CA GLU A 353 4.02 -27.60 -47.53
C GLU A 353 3.91 -29.11 -47.62
N LEU A 354 4.67 -29.80 -46.78
CA LEU A 354 4.46 -31.23 -46.58
C LEU A 354 3.13 -31.45 -45.86
N LYS A 355 2.32 -32.33 -46.44
CA LYS A 355 1.05 -32.72 -45.84
C LYS A 355 1.00 -34.24 -45.78
N THR A 356 -0.20 -34.76 -45.49
CA THR A 356 -0.38 -36.21 -45.44
C THR A 356 -0.22 -36.83 -46.82
N ASN A 357 -0.74 -36.16 -47.85
CA ASN A 357 -0.54 -36.61 -49.22
C ASN A 357 0.87 -36.34 -49.74
N GLY A 358 1.66 -35.53 -49.03
CA GLY A 358 3.00 -35.21 -49.44
C GLY A 358 3.19 -33.71 -49.57
N PRO A 359 4.10 -33.31 -50.46
CA PRO A 359 4.27 -31.87 -50.72
C PRO A 359 3.07 -31.33 -51.47
N ARG A 360 2.69 -30.10 -51.11
CA ARG A 360 1.49 -29.50 -51.68
C ARG A 360 1.58 -27.99 -51.58
N LYS A 361 1.24 -27.31 -52.66
CA LYS A 361 1.19 -25.87 -52.68
C LYS A 361 -0.02 -25.37 -51.88
N ILE A 362 0.23 -24.38 -51.03
CA ILE A 362 -0.86 -23.63 -50.40
C ILE A 362 -0.98 -22.23 -50.96
N GLY A 363 -0.02 -21.80 -51.76
CA GLY A 363 -0.01 -20.45 -52.27
C GLY A 363 1.31 -20.16 -52.93
N TYR A 364 1.39 -18.98 -53.54
CA TYR A 364 2.59 -18.55 -54.24
C TYR A 364 3.02 -17.17 -53.75
N TRP A 365 4.29 -16.86 -53.95
CA TRP A 365 4.84 -15.59 -53.51
C TRP A 365 5.05 -14.68 -54.71
N SER A 366 4.86 -13.38 -54.50
CA SER A 366 5.12 -12.38 -55.52
C SER A 366 5.94 -11.25 -54.91
N GLU A 367 6.65 -10.52 -55.77
CA GLU A 367 7.47 -9.43 -55.25
C GLU A 367 6.62 -8.21 -54.89
N VAL A 368 5.40 -8.12 -55.42
CA VAL A 368 4.54 -6.97 -55.20
C VAL A 368 3.31 -7.33 -54.38
N ASP A 369 2.83 -8.56 -54.51
CA ASP A 369 1.56 -8.98 -53.94
C ASP A 369 1.73 -9.98 -52.80
N LYS A 370 2.64 -9.72 -51.87
CA LYS A 370 3.69 -10.61 -51.36
C LYS A 370 3.21 -12.06 -51.29
N MET A 371 2.26 -12.39 -50.42
CA MET A 371 1.80 -13.77 -50.37
C MET A 371 0.36 -13.87 -50.84
N VAL A 372 0.14 -14.71 -51.84
CA VAL A 372 -1.20 -14.98 -52.36
C VAL A 372 -1.46 -16.46 -52.14
N LEU A 373 -2.43 -16.77 -51.28
CA LEU A 373 -2.77 -18.16 -51.02
C LEU A 373 -3.67 -18.72 -52.11
N THR A 374 -3.50 -20.01 -52.40
CA THR A 374 -4.39 -20.71 -53.29
C THR A 374 -5.51 -21.35 -52.48
N GLU A 375 -6.68 -21.40 -53.09
CA GLU A 375 -7.88 -21.88 -52.41
C GLU A 375 -8.10 -23.37 -52.65
N ASP A 376 -7.07 -24.04 -53.18
CA ASP A 376 -7.12 -25.48 -53.42
C ASP A 376 -6.99 -26.24 -52.11
N ASP A 377 -8.07 -26.31 -51.32
CA ASP A 377 -8.02 -26.98 -50.03
C ASP A 377 -8.58 -28.38 -50.10
N THR A 378 -9.41 -28.65 -51.13
CA THR A 378 -10.17 -29.89 -51.31
C THR A 378 -10.91 -30.31 -50.04
N SER A 379 -11.49 -29.33 -49.33
CA SER A 379 -12.22 -29.49 -48.06
C SER A 379 -11.36 -30.07 -46.93
N GLY A 380 -10.03 -30.13 -47.12
CA GLY A 380 -9.09 -30.66 -46.15
C GLY A 380 -9.11 -32.15 -45.90
N LEU A 381 -10.18 -32.85 -46.33
CA LEU A 381 -10.29 -34.32 -46.45
C LEU A 381 -10.35 -35.02 -45.10
N GLU A 382 -10.09 -34.31 -44.01
CA GLU A 382 -9.84 -34.84 -42.67
C GLU A 382 -9.81 -33.69 -41.69
N GLN A 383 -9.86 -34.03 -40.40
CA GLN A 383 -9.63 -33.06 -39.33
C GLN A 383 -8.64 -33.58 -38.29
N LYS A 384 -8.06 -34.76 -38.52
CA LYS A 384 -6.81 -35.23 -37.93
C LYS A 384 -6.89 -35.46 -36.42
N THR A 385 -8.09 -35.63 -35.86
CA THR A 385 -8.33 -36.12 -34.50
C THR A 385 -7.67 -35.22 -33.44
N VAL A 386 -8.27 -34.04 -33.24
CA VAL A 386 -7.75 -32.98 -32.37
C VAL A 386 -7.38 -33.51 -30.99
N VAL A 387 -6.14 -33.22 -30.58
CA VAL A 387 -5.63 -33.73 -29.32
C VAL A 387 -6.21 -32.92 -28.16
N VAL A 388 -6.95 -33.60 -27.29
CA VAL A 388 -7.58 -32.98 -26.14
C VAL A 388 -6.82 -33.44 -24.91
N THR A 389 -5.99 -32.57 -24.35
CA THR A 389 -5.29 -32.93 -23.13
C THR A 389 -6.17 -32.64 -21.92
N THR A 390 -5.91 -33.37 -20.84
CA THR A 390 -6.61 -33.20 -19.57
C THR A 390 -5.84 -33.94 -18.48
N ILE A 391 -6.32 -33.76 -17.25
CA ILE A 391 -5.76 -34.42 -16.09
C ILE A 391 -6.85 -35.29 -15.46
N LEU A 392 -6.44 -36.44 -14.91
CA LEU A 392 -7.38 -37.38 -14.28
C LEU A 392 -7.85 -36.78 -12.96
N GLU A 393 -9.04 -36.18 -12.97
CA GLU A 393 -9.60 -35.55 -11.78
C GLU A 393 -11.07 -35.91 -11.63
N SER A 394 -11.46 -36.24 -10.40
CA SER A 394 -12.86 -36.50 -10.12
C SER A 394 -13.60 -35.20 -9.82
N PRO A 395 -14.82 -35.03 -10.32
CA PRO A 395 -15.53 -35.92 -11.24
C PRO A 395 -15.38 -35.45 -12.68
N TYR A 396 -14.25 -34.82 -12.99
CA TYR A 396 -14.11 -34.17 -14.28
C TYR A 396 -13.60 -35.13 -15.34
N VAL A 397 -12.48 -35.79 -15.09
CA VAL A 397 -11.97 -36.84 -15.95
C VAL A 397 -11.54 -38.01 -15.08
N MET A 398 -12.20 -39.14 -15.27
CA MET A 398 -11.89 -40.35 -14.51
C MET A 398 -11.78 -41.50 -15.49
N MET A 399 -10.99 -42.51 -15.11
CA MET A 399 -10.92 -43.71 -15.92
C MET A 399 -12.15 -44.58 -15.66
N LYS A 400 -12.48 -45.41 -16.64
CA LYS A 400 -13.54 -46.38 -16.43
C LYS A 400 -13.07 -47.48 -15.48
N LYS A 401 -14.04 -48.18 -14.88
CA LYS A 401 -13.70 -49.35 -14.07
C LYS A 401 -13.25 -50.50 -14.95
N ASN A 402 -13.66 -50.51 -16.21
CA ASN A 402 -13.21 -51.45 -17.22
C ASN A 402 -12.38 -50.74 -18.28
N HIS A 403 -11.48 -49.85 -17.84
CA HIS A 403 -10.69 -49.06 -18.77
C HIS A 403 -9.67 -49.92 -19.52
N GLU A 404 -9.24 -51.03 -18.93
CA GLU A 404 -8.43 -51.99 -19.68
C GLU A 404 -9.29 -52.73 -20.70
N MET A 405 -10.54 -53.00 -20.37
CA MET A 405 -11.46 -53.61 -21.32
C MET A 405 -11.83 -52.67 -22.45
N LEU A 406 -11.87 -51.37 -22.18
CA LEU A 406 -12.23 -50.38 -23.20
C LEU A 406 -10.99 -49.83 -23.86
N GLU A 407 -11.19 -49.13 -24.97
CA GLU A 407 -10.10 -48.57 -25.76
C GLU A 407 -10.46 -47.19 -26.25
N GLY A 408 -9.46 -46.49 -26.81
CA GLY A 408 -9.68 -45.18 -27.38
C GLY A 408 -9.95 -44.12 -26.33
N ASN A 409 -10.84 -43.20 -26.68
CA ASN A 409 -11.26 -42.19 -25.72
C ASN A 409 -12.34 -42.71 -24.79
N GLU A 410 -12.82 -43.94 -25.01
CA GLU A 410 -13.89 -44.49 -24.20
C GLU A 410 -13.37 -45.10 -22.90
N ARG A 411 -12.05 -45.07 -22.68
CA ARG A 411 -11.50 -45.49 -21.39
C ARG A 411 -11.76 -44.45 -20.31
N TYR A 412 -12.20 -43.27 -20.70
CA TYR A 412 -12.36 -42.15 -19.79
C TYR A 412 -13.83 -41.98 -19.42
N GLU A 413 -14.06 -41.20 -18.36
CA GLU A 413 -15.39 -40.79 -17.95
C GLU A 413 -15.25 -39.52 -17.12
N GLY A 414 -16.35 -38.82 -16.92
CA GLY A 414 -16.32 -37.67 -16.05
C GLY A 414 -17.05 -36.49 -16.65
N TYR A 415 -16.95 -35.36 -15.94
CA TYR A 415 -17.64 -34.14 -16.33
C TYR A 415 -17.06 -33.56 -17.61
N CYS A 416 -15.73 -33.41 -17.66
CA CYS A 416 -15.10 -32.82 -18.82
C CYS A 416 -15.06 -33.80 -19.99
N VAL A 417 -15.22 -35.10 -19.72
CA VAL A 417 -15.27 -36.09 -20.79
C VAL A 417 -16.57 -35.95 -21.57
N ASP A 418 -17.70 -35.84 -20.87
CA ASP A 418 -18.97 -35.59 -21.54
C ASP A 418 -19.00 -34.18 -22.11
N LEU A 419 -18.28 -33.24 -21.48
CA LEU A 419 -18.16 -31.90 -22.03
C LEU A 419 -17.38 -31.90 -23.33
N ALA A 420 -16.33 -32.73 -23.41
CA ALA A 420 -15.56 -32.86 -24.64
C ALA A 420 -16.39 -33.44 -25.77
N ALA A 421 -17.36 -34.30 -25.43
CA ALA A 421 -18.33 -34.74 -26.43
C ALA A 421 -19.22 -33.58 -26.88
N GLU A 422 -19.62 -32.72 -25.94
CA GLU A 422 -20.52 -31.60 -26.26
C GLU A 422 -19.84 -30.56 -27.14
N ILE A 423 -18.52 -30.42 -27.03
CA ILE A 423 -17.81 -29.53 -27.94
C ILE A 423 -17.75 -30.16 -29.32
N ALA A 424 -17.55 -31.48 -29.38
CA ALA A 424 -17.60 -32.19 -30.65
C ALA A 424 -19.00 -32.22 -31.23
N LYS A 425 -20.02 -32.12 -30.38
CA LYS A 425 -21.38 -31.91 -30.86
C LYS A 425 -21.53 -30.54 -31.50
N HIS A 426 -20.91 -29.52 -30.89
CA HIS A 426 -21.06 -28.16 -31.37
C HIS A 426 -20.10 -27.85 -32.51
N CYS A 427 -18.82 -28.17 -32.34
CA CYS A 427 -17.83 -27.78 -33.34
C CYS A 427 -17.61 -28.84 -34.41
N GLY A 428 -18.05 -30.07 -34.20
CA GLY A 428 -17.97 -31.09 -35.24
C GLY A 428 -16.57 -31.57 -35.56
N PHE A 429 -15.93 -32.28 -34.64
CA PHE A 429 -14.57 -32.70 -34.85
C PHE A 429 -14.32 -34.00 -34.11
N LYS A 430 -13.39 -34.80 -34.63
CA LYS A 430 -12.89 -35.94 -33.89
C LYS A 430 -11.88 -35.47 -32.85
N TYR A 431 -11.92 -36.11 -31.69
CA TYR A 431 -11.10 -35.68 -30.57
C TYR A 431 -10.26 -36.85 -30.07
N LYS A 432 -9.15 -36.52 -29.43
CA LYS A 432 -8.25 -37.51 -28.86
C LYS A 432 -7.95 -37.11 -27.41
N LEU A 433 -8.57 -37.82 -26.47
CA LEU A 433 -8.34 -37.54 -25.06
C LEU A 433 -6.97 -38.07 -24.64
N THR A 434 -6.11 -37.16 -24.20
CA THR A 434 -4.75 -37.51 -23.79
C THR A 434 -4.54 -37.04 -22.36
N ILE A 435 -3.72 -37.77 -21.61
CA ILE A 435 -3.39 -37.42 -20.24
C ILE A 435 -2.00 -36.81 -20.20
N VAL A 436 -1.88 -35.69 -19.49
CA VAL A 436 -0.59 -35.05 -19.31
C VAL A 436 0.30 -35.95 -18.44
N GLY A 437 1.60 -35.95 -18.74
CA GLY A 437 2.51 -36.88 -18.09
C GLY A 437 2.81 -36.52 -16.64
N ASP A 438 3.22 -35.27 -16.40
CA ASP A 438 3.67 -34.89 -15.07
C ASP A 438 2.54 -34.67 -14.08
N GLY A 439 1.29 -34.66 -14.55
CA GLY A 439 0.16 -34.40 -13.69
C GLY A 439 0.06 -32.98 -13.18
N LYS A 440 0.68 -32.03 -13.86
CA LYS A 440 0.63 -30.64 -13.41
C LYS A 440 -0.42 -29.88 -14.18
N TYR A 441 -0.92 -28.80 -13.56
CA TYR A 441 -1.84 -27.93 -14.27
C TYR A 441 -1.09 -26.94 -15.15
N GLY A 442 0.22 -26.81 -14.94
CA GLY A 442 1.05 -25.98 -15.78
C GLY A 442 1.63 -24.77 -15.08
N ALA A 443 2.90 -24.88 -14.67
CA ALA A 443 3.55 -23.78 -13.97
C ALA A 443 4.84 -23.42 -14.68
N ARG A 444 5.17 -22.14 -14.68
CA ARG A 444 6.36 -21.67 -15.35
C ARG A 444 7.54 -21.73 -14.39
N ASP A 445 8.69 -22.16 -14.91
CA ASP A 445 9.89 -22.28 -14.10
C ASP A 445 10.39 -20.89 -13.69
N ALA A 446 11.08 -20.84 -12.56
CA ALA A 446 11.67 -19.59 -12.11
C ALA A 446 12.96 -19.26 -12.83
N ASP A 447 13.74 -20.29 -13.19
CA ASP A 447 15.04 -20.06 -13.83
C ASP A 447 14.94 -20.26 -15.33
N THR A 448 14.48 -21.43 -15.79
CA THR A 448 14.46 -21.70 -17.21
C THR A 448 13.22 -21.13 -17.88
N LYS A 449 12.22 -20.74 -17.09
CA LYS A 449 10.95 -20.16 -17.54
C LYS A 449 10.22 -21.10 -18.50
N ILE A 450 10.14 -22.36 -18.11
CA ILE A 450 9.50 -23.41 -18.92
C ILE A 450 8.17 -23.75 -18.27
N TRP A 451 7.09 -23.56 -19.02
CA TRP A 451 5.80 -24.08 -18.58
C TRP A 451 5.79 -25.59 -18.65
N ASN A 452 5.47 -26.22 -17.53
CA ASN A 452 5.24 -27.66 -17.50
C ASN A 452 3.75 -27.91 -17.72
N GLY A 453 3.33 -29.15 -17.45
CA GLY A 453 1.94 -29.51 -17.32
C GLY A 453 1.14 -29.39 -18.60
N MET A 454 -0.15 -29.11 -18.44
CA MET A 454 -1.03 -28.95 -19.59
C MET A 454 -0.79 -27.63 -20.30
N VAL A 455 -0.30 -26.62 -19.57
CA VAL A 455 0.09 -25.37 -20.20
C VAL A 455 1.30 -25.59 -21.10
N GLY A 456 2.27 -26.39 -20.63
CA GLY A 456 3.42 -26.72 -21.45
C GLY A 456 3.09 -27.58 -22.66
N GLU A 457 1.97 -28.28 -22.64
CA GLU A 457 1.54 -28.99 -23.84
C GLU A 457 0.79 -28.09 -24.82
N LEU A 458 0.29 -26.94 -24.35
CA LEU A 458 -0.38 -26.00 -25.24
C LEU A 458 0.57 -24.93 -25.76
N VAL A 459 1.44 -24.41 -24.88
CA VAL A 459 2.40 -23.39 -25.29
C VAL A 459 3.43 -23.97 -26.23
N TYR A 460 3.93 -25.16 -25.94
CA TYR A 460 4.95 -25.80 -26.76
C TYR A 460 4.34 -26.73 -27.80
N GLY A 461 3.08 -26.51 -28.18
CA GLY A 461 2.48 -27.13 -29.34
C GLY A 461 2.19 -28.61 -29.23
N LYS A 462 2.39 -29.23 -28.06
CA LYS A 462 2.22 -30.66 -27.94
C LYS A 462 0.74 -31.06 -28.02
N ALA A 463 -0.13 -30.32 -27.35
CA ALA A 463 -1.55 -30.61 -27.35
C ALA A 463 -2.29 -29.56 -28.16
N ASP A 464 -3.50 -29.92 -28.61
CA ASP A 464 -4.26 -29.02 -29.47
C ASP A 464 -5.24 -28.18 -28.68
N ILE A 465 -5.86 -28.75 -27.65
CA ILE A 465 -6.83 -28.03 -26.82
C ILE A 465 -6.87 -28.71 -25.46
N ALA A 466 -7.22 -27.95 -24.43
CA ALA A 466 -7.31 -28.45 -23.07
C ALA A 466 -8.73 -28.28 -22.57
N ILE A 467 -9.55 -29.31 -22.73
CA ILE A 467 -10.85 -29.38 -22.08
C ILE A 467 -10.60 -30.00 -20.71
N ALA A 468 -10.26 -29.15 -19.75
CA ALA A 468 -9.75 -29.59 -18.45
C ALA A 468 -9.99 -28.49 -17.44
N PRO A 469 -10.12 -28.83 -16.15
CA PRO A 469 -10.27 -27.79 -15.14
C PRO A 469 -8.98 -27.03 -14.93
N LEU A 470 -8.95 -25.79 -15.41
CA LEU A 470 -7.75 -24.97 -15.36
C LEU A 470 -8.12 -23.55 -14.96
N THR A 471 -7.48 -23.06 -13.90
CA THR A 471 -7.80 -21.73 -13.38
C THR A 471 -7.28 -20.66 -14.33
N ILE A 472 -8.17 -19.77 -14.76
CA ILE A 472 -7.78 -18.69 -15.65
C ILE A 472 -7.02 -17.65 -14.84
N THR A 473 -5.70 -17.65 -14.98
CA THR A 473 -4.87 -16.67 -14.30
C THR A 473 -4.26 -15.74 -15.33
N LEU A 474 -3.72 -14.62 -14.85
CA LEU A 474 -3.14 -13.62 -15.75
C LEU A 474 -1.84 -14.13 -16.35
N VAL A 475 -1.06 -14.90 -15.58
CA VAL A 475 0.20 -15.42 -16.09
C VAL A 475 -0.04 -16.53 -17.10
N ARG A 476 -1.22 -17.15 -17.05
CA ARG A 476 -1.60 -18.13 -18.06
C ARG A 476 -2.44 -17.50 -19.16
N GLU A 477 -2.94 -16.28 -18.95
CA GLU A 477 -3.70 -15.60 -19.98
C GLU A 477 -2.81 -15.16 -21.14
N GLU A 478 -1.59 -14.71 -20.83
CA GLU A 478 -0.72 -14.16 -21.85
C GLU A 478 -0.11 -15.23 -22.74
N VAL A 479 -0.07 -16.48 -22.28
CA VAL A 479 0.57 -17.54 -23.06
C VAL A 479 -0.41 -18.33 -23.91
N ILE A 480 -1.66 -18.49 -23.49
CA ILE A 480 -2.67 -19.27 -24.21
C ILE A 480 -4.00 -18.54 -24.13
N ASP A 481 -4.87 -18.82 -25.10
CA ASP A 481 -6.18 -18.20 -25.18
C ASP A 481 -7.17 -19.05 -24.38
N PHE A 482 -7.60 -18.53 -23.24
CA PHE A 482 -8.70 -19.14 -22.52
C PHE A 482 -10.03 -18.78 -23.17
N SER A 483 -11.01 -19.65 -23.00
CA SER A 483 -12.39 -19.32 -23.33
C SER A 483 -13.04 -18.61 -22.15
N LYS A 484 -14.36 -18.44 -22.24
CA LYS A 484 -15.09 -17.89 -21.12
C LYS A 484 -15.18 -18.93 -20.00
N PRO A 485 -15.26 -18.50 -18.74
CA PRO A 485 -15.37 -19.47 -17.65
C PRO A 485 -16.70 -20.20 -17.67
N PHE A 486 -16.62 -21.52 -17.79
CA PHE A 486 -17.80 -22.37 -17.72
C PHE A 486 -18.22 -22.69 -16.29
N MET A 487 -17.42 -22.30 -15.30
CA MET A 487 -17.64 -22.77 -13.94
C MET A 487 -17.16 -21.69 -12.98
N SER A 488 -18.09 -20.88 -12.49
CA SER A 488 -17.76 -19.93 -11.43
C SER A 488 -17.54 -20.67 -10.12
N LEU A 489 -16.46 -20.34 -9.43
CA LEU A 489 -16.07 -21.09 -8.24
C LEU A 489 -15.20 -20.21 -7.37
N GLY A 490 -14.71 -20.80 -6.28
CA GLY A 490 -13.83 -20.08 -5.38
C GLY A 490 -13.46 -20.91 -4.19
N ILE A 491 -12.77 -20.27 -3.24
CA ILE A 491 -12.37 -20.96 -2.03
C ILE A 491 -13.57 -21.11 -1.11
N SER A 492 -13.79 -22.33 -0.64
CA SER A 492 -14.94 -22.65 0.18
C SER A 492 -14.48 -23.26 1.50
N ILE A 493 -15.40 -23.30 2.46
CA ILE A 493 -15.09 -23.72 3.82
C ILE A 493 -15.65 -25.11 4.04
N MET A 494 -14.80 -26.12 3.92
CA MET A 494 -15.18 -27.49 4.26
C MET A 494 -15.00 -27.71 5.76
N ILE A 495 -16.12 -27.91 6.45
CA ILE A 495 -16.10 -28.33 7.85
C ILE A 495 -16.84 -29.64 7.96
N LYS A 496 -16.69 -30.29 9.11
CA LYS A 496 -17.47 -31.49 9.40
C LYS A 496 -18.92 -31.11 9.62
N LYS A 497 -19.77 -31.95 9.01
CA LYS A 497 -21.18 -31.84 9.31
C LYS A 497 -21.41 -32.01 10.81
N PRO A 498 -22.33 -31.24 11.40
CA PRO A 498 -22.72 -31.50 12.79
C PRO A 498 -23.23 -32.91 12.99
N GLN A 499 -22.58 -33.61 13.91
CA GLN A 499 -22.82 -35.01 14.20
C GLN A 499 -23.49 -35.13 15.55
N LYS A 500 -24.50 -34.29 15.75
CA LYS A 500 -25.29 -34.30 16.97
C LYS A 500 -25.99 -35.64 17.14
N SER A 501 -25.46 -36.44 18.05
CA SER A 501 -26.00 -37.76 18.34
C SER A 501 -26.30 -37.82 19.83
N LYS A 502 -27.58 -37.78 20.17
CA LYS A 502 -28.00 -37.53 21.53
C LYS A 502 -27.82 -38.77 22.42
N PRO A 503 -27.36 -38.58 23.65
CA PRO A 503 -27.35 -39.68 24.62
C PRO A 503 -28.74 -39.99 25.16
N GLY A 504 -28.71 -41.04 26.05
CA GLY A 504 -29.89 -41.55 26.73
C GLY A 504 -29.88 -41.36 28.23
N VAL A 505 -29.91 -42.48 28.97
CA VAL A 505 -29.97 -42.53 30.44
C VAL A 505 -28.93 -41.63 31.10
N PHE A 506 -27.73 -41.55 30.52
CA PHE A 506 -26.68 -40.71 31.08
C PHE A 506 -26.95 -39.21 30.92
N SER A 507 -27.84 -38.82 30.01
CA SER A 507 -28.16 -37.39 29.86
C SER A 507 -29.02 -36.89 31.02
N PHE A 508 -29.85 -37.78 31.59
CA PHE A 508 -30.53 -37.51 32.84
C PHE A 508 -29.55 -37.18 33.97
N LEU A 509 -28.38 -37.81 33.94
CA LEU A 509 -27.38 -37.68 34.99
C LEU A 509 -26.35 -36.58 34.72
N ASP A 510 -26.54 -35.76 33.69
CA ASP A 510 -25.49 -34.82 33.27
C ASP A 510 -25.20 -33.67 34.25
N PRO A 511 -26.17 -32.87 34.73
CA PRO A 511 -25.75 -31.69 35.51
C PRO A 511 -25.22 -32.00 36.89
N LEU A 512 -25.71 -33.07 37.51
CA LEU A 512 -25.29 -33.45 38.86
C LEU A 512 -24.30 -34.59 38.74
N ALA A 513 -23.12 -34.42 39.34
CA ALA A 513 -22.01 -35.34 39.11
C ALA A 513 -22.25 -36.69 39.79
N TYR A 514 -21.53 -37.71 39.31
CA TYR A 514 -21.81 -39.09 39.67
C TYR A 514 -21.58 -39.37 41.15
N GLU A 515 -20.56 -38.75 41.75
CA GLU A 515 -20.35 -38.91 43.18
C GLU A 515 -21.42 -38.16 43.97
N ILE A 516 -22.00 -37.11 43.39
CA ILE A 516 -23.05 -36.39 44.08
C ILE A 516 -24.35 -37.18 44.05
N TRP A 517 -24.57 -37.97 42.99
CA TRP A 517 -25.71 -38.89 42.96
C TRP A 517 -25.59 -39.94 44.06
N MET A 518 -24.37 -40.32 44.41
CA MET A 518 -24.17 -41.23 45.53
C MET A 518 -24.39 -40.50 46.84
N CYS A 519 -23.94 -39.25 46.93
CA CYS A 519 -23.99 -38.54 48.21
C CYS A 519 -25.35 -37.90 48.45
N ILE A 520 -26.17 -37.75 47.42
CA ILE A 520 -27.53 -37.26 47.65
C ILE A 520 -28.39 -38.36 48.24
N VAL A 521 -28.02 -39.62 48.01
CA VAL A 521 -28.78 -40.73 48.58
C VAL A 521 -28.19 -41.17 49.91
N PHE A 522 -26.86 -41.13 50.01
CA PHE A 522 -26.19 -41.58 51.23
C PHE A 522 -26.32 -40.58 52.37
N ALA A 523 -26.69 -39.34 52.04
CA ALA A 523 -27.13 -38.41 53.08
C ALA A 523 -28.62 -38.52 53.33
N TYR A 524 -29.37 -38.95 52.30
CA TYR A 524 -30.81 -39.17 52.46
C TYR A 524 -31.11 -40.33 53.41
N ILE A 525 -30.26 -41.35 53.40
CA ILE A 525 -30.49 -42.49 54.28
C ILE A 525 -30.13 -42.17 55.72
N GLY A 526 -29.37 -41.09 55.94
CA GLY A 526 -29.10 -40.64 57.29
C GLY A 526 -30.32 -40.04 57.99
N VAL A 527 -31.33 -39.64 57.22
CA VAL A 527 -32.53 -39.03 57.78
C VAL A 527 -33.40 -40.09 58.47
N SER A 528 -33.19 -41.37 58.16
CA SER A 528 -34.16 -42.44 58.42
C SER A 528 -34.42 -42.69 59.90
N VAL A 529 -33.39 -43.06 60.66
CA VAL A 529 -33.64 -43.40 62.06
C VAL A 529 -33.74 -42.14 62.90
N VAL A 530 -33.28 -41.00 62.37
CA VAL A 530 -33.47 -39.72 63.04
C VAL A 530 -34.96 -39.38 63.12
N LEU A 531 -35.72 -39.71 62.07
CA LEU A 531 -37.17 -39.63 62.13
C LEU A 531 -37.74 -40.68 63.07
N PHE A 532 -37.01 -41.77 63.30
CA PHE A 532 -37.48 -42.81 64.22
C PHE A 532 -36.91 -42.61 65.63
N LEU A 533 -36.03 -41.61 65.81
CA LEU A 533 -35.59 -41.24 67.17
C LEU A 533 -36.64 -40.44 67.94
N VAL A 534 -37.80 -40.17 67.34
CA VAL A 534 -38.92 -39.60 68.08
C VAL A 534 -39.41 -40.58 69.13
N SER A 535 -39.42 -41.86 68.81
CA SER A 535 -39.78 -42.91 69.76
C SER A 535 -38.69 -43.10 70.80
N ILE A 564 -39.61 -47.26 61.51
CA ILE A 564 -38.39 -46.94 60.78
C ILE A 564 -38.64 -47.10 59.30
N PHE A 565 -39.69 -47.86 58.98
CA PHE A 565 -40.11 -48.09 57.61
C PHE A 565 -41.33 -47.24 57.26
N ASN A 566 -42.09 -46.81 58.27
CA ASN A 566 -43.23 -45.92 58.07
C ASN A 566 -42.79 -44.53 57.62
N SER A 567 -41.83 -43.93 58.34
CA SER A 567 -41.44 -42.55 58.09
C SER A 567 -40.34 -42.44 57.05
N LEU A 568 -39.88 -43.58 56.51
CA LEU A 568 -38.95 -43.55 55.39
C LEU A 568 -39.60 -42.97 54.14
N TRP A 569 -40.89 -43.28 53.95
CA TRP A 569 -41.63 -42.65 52.87
C TRP A 569 -41.86 -41.16 53.14
N PHE A 570 -41.92 -40.77 54.41
CA PHE A 570 -42.13 -39.35 54.72
C PHE A 570 -40.83 -38.57 54.67
N SER A 571 -39.68 -39.26 54.60
CA SER A 571 -38.46 -38.61 54.16
C SER A 571 -38.43 -38.46 52.65
N LEU A 572 -38.96 -39.46 51.93
CA LEU A 572 -39.25 -39.29 50.52
C LEU A 572 -40.44 -38.37 50.32
N GLY A 573 -41.32 -38.27 51.32
CA GLY A 573 -42.34 -37.25 51.31
C GLY A 573 -41.81 -35.89 51.73
N ALA A 574 -40.59 -35.86 52.27
CA ALA A 574 -39.86 -34.62 52.45
C ALA A 574 -38.75 -34.44 51.43
N PHE A 575 -38.73 -35.24 50.37
CA PHE A 575 -37.63 -35.21 49.43
C PHE A 575 -37.65 -33.96 48.56
N MET A 576 -38.76 -33.69 47.88
CA MET A 576 -38.91 -32.38 47.25
C MET A 576 -40.16 -31.67 47.73
N GLN A 577 -41.31 -32.32 47.57
CA GLN A 577 -42.65 -31.76 47.63
C GLN A 577 -43.56 -32.71 48.40
N GLN A 578 -44.88 -32.58 48.21
CA GLN A 578 -45.91 -33.47 48.78
C GLN A 578 -45.89 -33.47 50.29
N GLY A 579 -46.37 -32.37 50.88
CA GLY A 579 -46.36 -32.17 52.32
C GLY A 579 -46.91 -33.32 53.15
N CYS A 580 -46.17 -33.72 54.18
CA CYS A 580 -46.38 -34.99 54.84
C CYS A 580 -47.60 -34.95 55.76
N ASP A 581 -48.27 -36.10 55.87
CA ASP A 581 -49.42 -36.19 56.75
C ASP A 581 -49.00 -36.46 58.19
N ILE A 582 -48.06 -37.37 58.40
CA ILE A 582 -47.52 -37.61 59.73
C ILE A 582 -46.48 -36.55 60.05
N SER A 583 -46.75 -35.75 61.08
CA SER A 583 -45.86 -34.67 61.49
C SER A 583 -45.57 -34.80 62.98
N PRO A 584 -44.35 -35.16 63.38
CA PRO A 584 -43.99 -35.12 64.80
C PRO A 584 -43.83 -33.67 65.25
N ARG A 585 -44.95 -33.07 65.67
CA ARG A 585 -45.33 -31.65 65.53
C ARG A 585 -44.21 -30.63 65.72
N SER A 586 -43.53 -30.60 66.88
CA SER A 586 -42.62 -29.48 67.11
C SER A 586 -41.31 -29.86 67.79
N LEU A 587 -40.99 -31.15 67.96
CA LEU A 587 -39.73 -31.50 68.58
C LEU A 587 -38.60 -31.50 67.55
N SER A 588 -37.46 -32.07 67.92
CA SER A 588 -36.25 -32.00 67.10
C SER A 588 -36.41 -32.74 65.77
N GLY A 589 -37.25 -33.78 65.73
CA GLY A 589 -37.53 -34.43 64.47
C GLY A 589 -38.30 -33.54 63.49
N ARG A 590 -39.09 -32.61 64.03
CA ARG A 590 -39.76 -31.65 63.16
C ARG A 590 -38.77 -30.61 62.62
N ILE A 591 -37.85 -30.15 63.47
CA ILE A 591 -36.94 -29.09 63.06
C ILE A 591 -35.84 -29.63 62.16
N VAL A 592 -35.17 -30.70 62.58
CA VAL A 592 -34.05 -31.24 61.81
C VAL A 592 -34.57 -32.00 60.59
N GLY A 593 -35.80 -32.53 60.68
CA GLY A 593 -36.47 -33.01 59.48
C GLY A 593 -36.74 -31.92 58.48
N GLY A 594 -36.88 -30.67 58.95
CA GLY A 594 -36.90 -29.53 58.04
C GLY A 594 -35.53 -29.11 57.57
N VAL A 595 -34.47 -29.48 58.29
CA VAL A 595 -33.13 -29.05 57.94
C VAL A 595 -32.62 -29.79 56.70
N TRP A 596 -32.74 -31.12 56.69
CA TRP A 596 -32.54 -31.90 55.47
C TRP A 596 -33.48 -31.45 54.36
N TRP A 597 -34.72 -31.12 54.73
CA TRP A 597 -35.66 -30.56 53.78
C TRP A 597 -35.21 -29.21 53.24
N PHE A 598 -34.63 -28.37 54.11
CA PHE A 598 -34.07 -27.10 53.67
C PHE A 598 -32.91 -27.30 52.72
N PHE A 599 -32.09 -28.33 52.98
CA PHE A 599 -30.90 -28.58 52.19
C PHE A 599 -31.23 -29.07 50.79
N THR A 600 -32.20 -29.98 50.68
CA THR A 600 -32.45 -30.64 49.40
C THR A 600 -33.17 -29.73 48.40
N LEU A 601 -33.75 -28.62 48.86
CA LEU A 601 -34.40 -27.70 47.94
C LEU A 601 -33.39 -26.79 47.27
N ILE A 602 -32.20 -26.69 47.84
CA ILE A 602 -31.12 -25.95 47.19
C ILE A 602 -30.61 -26.73 45.98
N ILE A 603 -30.66 -28.07 46.07
CA ILE A 603 -29.99 -28.93 45.09
C ILE A 603 -30.73 -28.90 43.76
N ILE A 604 -32.19 -28.90 43.89
CA ILE A 604 -33.09 -28.87 42.72
C ILE A 604 -33.20 -27.48 42.08
N SER A 605 -33.14 -26.40 42.87
CA SER A 605 -32.99 -25.06 42.31
C SER A 605 -31.67 -24.91 41.60
N SER A 606 -30.60 -25.46 42.19
CA SER A 606 -29.30 -25.48 41.52
C SER A 606 -29.32 -26.39 40.31
N TYR A 607 -30.09 -27.49 40.39
CA TYR A 607 -30.26 -28.36 39.23
C TYR A 607 -30.96 -27.63 38.09
N THR A 608 -31.97 -26.81 38.43
CA THR A 608 -32.67 -26.04 37.42
C THR A 608 -31.78 -24.93 36.88
N ALA A 609 -30.93 -24.36 37.75
CA ALA A 609 -30.05 -23.29 37.31
C ALA A 609 -28.92 -23.82 36.45
N ASN A 610 -28.44 -25.03 36.75
CA ASN A 610 -27.32 -25.58 35.99
C ASN A 610 -27.78 -26.11 34.64
N LEU A 611 -28.96 -26.71 34.59
CA LEU A 611 -29.47 -27.26 33.32
C LEU A 611 -29.82 -26.16 32.36
N ALA A 612 -30.34 -25.04 32.86
CA ALA A 612 -30.53 -23.85 32.03
C ALA A 612 -29.20 -23.27 31.59
N ALA A 613 -28.17 -23.38 32.43
CA ALA A 613 -26.84 -22.90 32.06
C ALA A 613 -26.22 -23.77 30.97
N PHE A 614 -26.62 -25.04 30.91
CA PHE A 614 -26.22 -25.87 29.79
C PHE A 614 -26.86 -25.41 28.50
N LEU A 615 -28.19 -25.26 28.51
CA LEU A 615 -28.95 -25.04 27.30
C LEU A 615 -28.69 -23.65 26.73
N THR A 616 -28.44 -22.67 27.61
CA THR A 616 -28.12 -21.33 27.14
C THR A 616 -26.77 -21.31 26.44
N VAL A 617 -25.78 -22.02 27.00
CA VAL A 617 -24.52 -22.23 26.29
C VAL A 617 -24.74 -23.03 25.01
N GLU A 618 -25.58 -24.06 25.09
CA GLU A 618 -25.82 -24.95 23.95
C GLU A 618 -26.50 -24.23 22.79
N ARG A 619 -27.46 -23.36 23.06
CA ARG A 619 -28.09 -22.63 21.97
C ARG A 619 -27.20 -21.51 21.44
N MET A 620 -26.30 -21.00 22.28
CA MET A 620 -25.42 -19.91 21.83
C MET A 620 -24.24 -20.42 21.03
N VAL A 621 -24.04 -21.73 20.93
CA VAL A 621 -23.03 -22.25 20.02
C VAL A 621 -23.57 -22.12 18.60
N SER A 622 -23.16 -21.07 17.91
CA SER A 622 -23.57 -20.85 16.54
C SER A 622 -22.53 -21.43 15.60
N PRO A 623 -22.95 -22.14 14.56
CA PRO A 623 -21.99 -22.73 13.62
C PRO A 623 -21.32 -21.67 12.77
N ILE A 624 -20.17 -22.03 12.22
CA ILE A 624 -19.41 -21.10 11.40
C ILE A 624 -20.07 -20.96 10.04
N GLU A 625 -20.42 -19.72 9.68
CA GLU A 625 -21.00 -19.47 8.37
C GLU A 625 -20.22 -18.46 7.55
N SER A 626 -19.07 -17.96 7.98
CA SER A 626 -18.15 -17.22 7.10
C SER A 626 -16.72 -17.40 7.56
N ALA A 627 -15.80 -16.92 6.72
CA ALA A 627 -14.39 -16.89 7.09
C ALA A 627 -14.11 -15.84 8.15
N GLU A 628 -14.99 -14.84 8.28
CA GLU A 628 -14.92 -13.91 9.40
C GLU A 628 -15.11 -14.63 10.73
N ASP A 629 -15.94 -15.68 10.73
CA ASP A 629 -16.19 -16.42 11.95
C ASP A 629 -14.97 -17.24 12.36
N LEU A 630 -14.25 -17.78 11.38
CA LEU A 630 -13.02 -18.52 11.69
C LEU A 630 -11.90 -17.59 12.11
N SER A 631 -11.91 -16.35 11.60
CA SER A 631 -10.89 -15.39 11.99
C SER A 631 -11.11 -14.89 13.41
N LYS A 632 -12.37 -14.63 13.78
CA LYS A 632 -12.66 -14.02 15.07
C LYS A 632 -12.56 -15.01 16.23
N GLN A 633 -12.60 -16.31 15.95
CA GLN A 633 -12.41 -17.29 17.00
C GLN A 633 -11.09 -18.00 16.78
N THR A 634 -10.68 -18.82 17.74
CA THR A 634 -9.52 -19.68 17.60
C THR A 634 -9.79 -21.10 18.09
N GLU A 635 -11.06 -21.42 18.40
CA GLU A 635 -11.39 -22.75 18.89
C GLU A 635 -11.19 -23.82 17.83
N ILE A 636 -11.86 -23.68 16.69
CA ILE A 636 -11.76 -24.63 15.60
C ILE A 636 -10.62 -24.18 14.68
N ALA A 637 -9.62 -25.05 14.52
CA ALA A 637 -8.51 -24.76 13.64
C ALA A 637 -8.96 -24.84 12.19
N TYR A 638 -8.18 -24.23 11.31
CA TYR A 638 -8.49 -24.22 9.90
C TYR A 638 -7.19 -24.12 9.10
N GLY A 639 -7.11 -24.89 8.02
CA GLY A 639 -5.92 -24.95 7.20
C GLY A 639 -6.24 -25.01 5.72
N THR A 640 -5.19 -24.83 4.93
CA THR A 640 -5.22 -25.02 3.49
C THR A 640 -4.22 -26.09 3.12
N LEU A 641 -3.97 -26.26 1.82
CA LEU A 641 -2.95 -27.20 1.41
C LEU A 641 -1.57 -26.60 1.68
N ASP A 642 -0.57 -27.46 1.82
CA ASP A 642 0.78 -27.00 2.17
C ASP A 642 1.45 -26.24 1.03
N SER A 643 0.91 -26.33 -0.18
CA SER A 643 1.38 -25.53 -1.30
C SER A 643 0.20 -25.28 -2.22
N GLY A 644 0.26 -24.18 -2.97
CA GLY A 644 -0.76 -23.89 -3.95
C GLY A 644 -1.10 -22.41 -3.97
N SER A 645 -2.02 -22.08 -4.89
CA SER A 645 -2.47 -20.70 -5.01
C SER A 645 -3.33 -20.28 -3.84
N THR A 646 -3.99 -21.24 -3.18
CA THR A 646 -4.84 -20.93 -2.04
C THR A 646 -4.02 -20.43 -0.86
N LYS A 647 -2.93 -21.12 -0.54
CA LYS A 647 -1.98 -20.61 0.44
C LYS A 647 -1.34 -19.31 -0.05
N GLU A 648 -1.08 -19.22 -1.35
CA GLU A 648 -0.56 -18.00 -1.94
C GLU A 648 -1.59 -16.87 -1.88
N PHE A 649 -2.88 -17.20 -1.93
CA PHE A 649 -3.93 -16.18 -1.95
C PHE A 649 -3.98 -15.40 -0.64
N PHE A 650 -4.02 -16.10 0.49
CA PHE A 650 -3.96 -15.45 1.80
C PHE A 650 -2.63 -14.74 2.01
N ARG A 651 -1.57 -15.27 1.41
CA ARG A 651 -0.27 -14.60 1.43
C ARG A 651 -0.30 -13.33 0.58
N ARG A 652 -1.20 -13.26 -0.41
CA ARG A 652 -1.30 -12.11 -1.29
C ARG A 652 -2.44 -11.17 -0.94
N SER A 653 -3.55 -11.69 -0.41
CA SER A 653 -4.73 -10.86 -0.16
C SER A 653 -4.47 -9.83 0.93
N LYS A 654 -4.66 -8.56 0.57
CA LYS A 654 -4.42 -7.47 1.48
C LYS A 654 -5.68 -7.00 2.20
N ILE A 655 -6.82 -7.65 1.95
CA ILE A 655 -7.96 -7.51 2.84
C ILE A 655 -7.59 -8.08 4.20
N ALA A 656 -7.89 -7.33 5.26
CA ALA A 656 -7.37 -7.62 6.59
C ALA A 656 -7.96 -8.90 7.17
N VAL A 657 -9.21 -9.23 6.81
CA VAL A 657 -9.82 -10.46 7.29
C VAL A 657 -9.09 -11.68 6.74
N PHE A 658 -8.76 -11.62 5.44
CA PHE A 658 -7.92 -12.66 4.86
C PHE A 658 -6.50 -12.57 5.38
N ASP A 659 -6.03 -11.37 5.71
CA ASP A 659 -4.69 -11.22 6.27
C ASP A 659 -4.64 -11.70 7.71
N LYS A 660 -5.75 -11.54 8.44
CA LYS A 660 -5.82 -12.05 9.81
C LYS A 660 -5.77 -13.57 9.84
N MET A 661 -6.43 -14.21 8.87
CA MET A 661 -6.33 -15.67 8.74
C MET A 661 -4.91 -16.07 8.36
N TRP A 662 -4.27 -15.30 7.48
CA TRP A 662 -2.90 -15.60 7.10
C TRP A 662 -1.92 -15.23 8.21
N THR A 663 -2.31 -14.27 9.06
CA THR A 663 -1.57 -14.06 10.31
C THR A 663 -1.69 -15.28 11.21
N TYR A 664 -2.87 -15.89 11.24
CA TYR A 664 -3.08 -17.07 12.06
C TYR A 664 -2.36 -18.29 11.48
N MET A 665 -2.44 -18.46 10.15
CA MET A 665 -1.91 -19.68 9.54
C MET A 665 -0.39 -19.69 9.52
N ARG A 666 0.24 -18.52 9.44
CA ARG A 666 1.69 -18.46 9.62
C ARG A 666 2.09 -18.75 11.06
N SER A 667 1.25 -18.32 12.01
CA SER A 667 1.51 -18.61 13.42
C SER A 667 0.84 -19.90 13.88
N ALA A 668 0.27 -20.67 12.95
CA ALA A 668 -0.40 -21.91 13.32
C ALA A 668 0.61 -22.99 13.68
N GLU A 669 0.62 -23.35 14.96
CA GLU A 669 1.52 -24.38 15.47
C GLU A 669 0.71 -25.39 16.28
N PRO A 670 0.66 -26.66 15.85
CA PRO A 670 1.30 -27.32 14.70
C PRO A 670 0.70 -26.93 13.35
N SER A 671 1.41 -27.19 12.28
CA SER A 671 1.04 -26.68 10.96
C SER A 671 -0.26 -27.28 10.48
N VAL A 672 -1.26 -26.41 10.32
CA VAL A 672 -2.56 -26.81 9.77
C VAL A 672 -2.47 -27.12 8.28
N PHE A 673 -1.40 -26.71 7.62
CA PHE A 673 -1.18 -27.03 6.22
C PHE A 673 -0.92 -28.52 6.06
N VAL A 674 -1.76 -29.18 5.27
CA VAL A 674 -1.65 -30.63 5.08
C VAL A 674 -1.06 -30.88 3.69
N ARG A 675 -0.57 -32.11 3.49
CA ARG A 675 0.18 -32.43 2.28
C ARG A 675 -0.75 -32.69 1.09
N THR A 676 -1.77 -33.51 1.27
CA THR A 676 -2.69 -33.83 0.20
C THR A 676 -4.09 -33.40 0.59
N THR A 677 -4.97 -33.31 -0.42
CA THR A 677 -6.36 -32.95 -0.16
C THR A 677 -7.08 -34.06 0.60
N ALA A 678 -6.79 -35.32 0.27
CA ALA A 678 -7.41 -36.45 0.94
C ALA A 678 -6.96 -36.54 2.40
N GLU A 679 -5.75 -36.10 2.70
CA GLU A 679 -5.35 -35.93 4.10
C GLU A 679 -6.16 -34.85 4.77
N GLY A 680 -6.42 -33.74 4.06
CA GLY A 680 -7.19 -32.66 4.64
C GLY A 680 -8.65 -33.00 4.84
N VAL A 681 -9.18 -33.95 4.06
CA VAL A 681 -10.54 -34.42 4.28
C VAL A 681 -10.64 -35.19 5.57
N ALA A 682 -9.74 -36.17 5.76
CA ALA A 682 -9.84 -37.04 6.92
C ALA A 682 -9.40 -36.34 8.20
N ARG A 683 -8.53 -35.33 8.10
CA ARG A 683 -8.08 -34.60 9.28
C ARG A 683 -9.21 -33.78 9.88
N VAL A 684 -10.14 -33.29 9.05
CA VAL A 684 -11.38 -32.72 9.56
C VAL A 684 -12.19 -33.79 10.28
N ARG A 685 -12.28 -34.97 9.67
CA ARG A 685 -13.03 -36.08 10.27
C ARG A 685 -12.34 -36.61 11.52
N LYS A 686 -11.01 -36.57 11.55
CA LYS A 686 -10.26 -37.11 12.67
C LYS A 686 -10.27 -36.18 13.88
N SER A 687 -10.20 -34.86 13.65
CA SER A 687 -10.15 -33.90 14.75
C SER A 687 -11.52 -33.53 15.26
N LYS A 688 -12.58 -34.16 14.73
CA LYS A 688 -13.95 -34.08 15.25
C LYS A 688 -14.50 -32.66 15.22
N GLY A 689 -14.36 -32.00 14.07
CA GLY A 689 -14.91 -30.68 13.88
C GLY A 689 -14.02 -29.53 14.28
N LYS A 690 -13.02 -29.76 15.12
CA LYS A 690 -12.17 -28.68 15.59
C LYS A 690 -11.04 -28.37 14.63
N TYR A 691 -10.96 -29.06 13.49
CA TYR A 691 -10.09 -28.70 12.38
C TYR A 691 -10.97 -28.48 11.16
N ALA A 692 -11.08 -27.22 10.72
CA ALA A 692 -11.70 -26.94 9.45
C ALA A 692 -10.64 -27.01 8.34
N TYR A 693 -11.09 -26.89 7.10
CA TYR A 693 -10.19 -26.94 5.96
C TYR A 693 -10.77 -26.12 4.82
N LEU A 694 -9.89 -25.47 4.07
CA LEU A 694 -10.29 -24.61 2.97
C LEU A 694 -9.85 -25.23 1.64
N LEU A 695 -10.82 -25.46 0.76
CA LEU A 695 -10.51 -26.00 -0.56
C LEU A 695 -11.52 -25.42 -1.55
N GLU A 696 -11.35 -25.78 -2.81
CA GLU A 696 -12.11 -25.16 -3.90
C GLU A 696 -13.57 -25.62 -3.85
N SER A 697 -14.47 -24.73 -4.30
CA SER A 697 -15.90 -24.91 -4.02
C SER A 697 -16.48 -26.12 -4.75
N THR A 698 -16.10 -26.32 -6.01
CA THR A 698 -16.69 -27.40 -6.79
C THR A 698 -16.17 -28.76 -6.36
N MET A 699 -14.91 -28.82 -5.91
CA MET A 699 -14.41 -30.06 -5.32
C MET A 699 -15.04 -30.30 -3.96
N ASN A 700 -15.32 -29.21 -3.23
CA ASN A 700 -16.06 -29.31 -1.98
C ASN A 700 -17.49 -29.76 -2.24
N GLU A 701 -18.05 -29.38 -3.38
CA GLU A 701 -19.36 -29.90 -3.79
C GLU A 701 -19.31 -31.41 -4.03
N TYR A 702 -18.17 -31.94 -4.45
CA TYR A 702 -18.11 -33.35 -4.80
C TYR A 702 -17.86 -34.22 -3.57
N ILE A 703 -16.91 -33.83 -2.72
CA ILE A 703 -16.54 -34.62 -1.55
C ILE A 703 -17.66 -34.64 -0.52
N GLU A 704 -18.49 -33.59 -0.51
CA GLU A 704 -19.65 -33.57 0.37
C GLU A 704 -20.69 -34.60 -0.05
N GLN A 705 -20.74 -34.96 -1.34
CA GLN A 705 -21.69 -35.95 -1.81
C GLN A 705 -21.17 -37.38 -1.68
N ARG A 706 -19.87 -37.57 -1.46
CA ARG A 706 -19.31 -38.90 -1.31
C ARG A 706 -19.40 -39.36 0.14
N LYS A 707 -19.72 -40.64 0.32
CA LYS A 707 -19.85 -41.22 1.65
C LYS A 707 -18.50 -41.22 2.38
N PRO A 708 -18.51 -41.07 3.72
CA PRO A 708 -19.58 -41.00 4.74
C PRO A 708 -20.45 -39.75 4.75
N CYS A 709 -20.13 -38.76 3.89
CA CYS A 709 -20.84 -37.48 3.77
C CYS A 709 -20.86 -36.71 5.08
N ASP A 710 -19.82 -36.86 5.89
CA ASP A 710 -19.76 -36.20 7.19
C ASP A 710 -19.11 -34.83 7.11
N THR A 711 -18.61 -34.44 5.95
CA THR A 711 -18.09 -33.09 5.77
C THR A 711 -19.07 -32.29 4.94
N MET A 712 -18.99 -30.96 5.04
CA MET A 712 -19.95 -30.12 4.36
C MET A 712 -19.36 -28.75 4.07
N LYS A 713 -19.92 -28.09 3.05
CA LYS A 713 -19.55 -26.73 2.71
C LYS A 713 -20.47 -25.74 3.39
N VAL A 714 -19.88 -24.75 4.07
CA VAL A 714 -20.64 -23.71 4.75
C VAL A 714 -20.21 -22.35 4.21
N GLY A 715 -21.16 -21.44 4.14
CA GLY A 715 -20.89 -20.07 3.74
C GLY A 715 -20.67 -19.91 2.25
N GLY A 716 -20.76 -18.66 1.81
CA GLY A 716 -20.46 -18.32 0.44
C GLY A 716 -18.98 -18.41 0.13
N ASN A 717 -18.67 -18.44 -1.16
CA ASN A 717 -17.29 -18.60 -1.58
C ASN A 717 -16.53 -17.28 -1.40
N LEU A 718 -15.23 -17.39 -1.14
CA LEU A 718 -14.44 -16.22 -0.78
C LEU A 718 -14.17 -15.30 -1.97
N ASP A 719 -14.09 -15.86 -3.17
CA ASP A 719 -13.72 -15.07 -4.35
C ASP A 719 -14.27 -15.74 -5.59
N SER A 720 -14.40 -14.95 -6.66
CA SER A 720 -14.85 -15.50 -7.92
C SER A 720 -13.67 -16.02 -8.73
N LYS A 721 -13.67 -17.33 -8.98
CA LYS A 721 -12.69 -17.94 -9.87
C LYS A 721 -13.43 -18.73 -10.94
N GLY A 722 -12.80 -18.85 -12.10
CA GLY A 722 -13.43 -19.52 -13.21
C GLY A 722 -12.52 -20.44 -14.00
N TYR A 723 -12.92 -21.70 -14.10
CA TYR A 723 -12.24 -22.62 -15.00
C TYR A 723 -12.71 -22.37 -16.42
N GLY A 724 -11.77 -22.36 -17.36
CA GLY A 724 -12.10 -22.10 -18.75
C GLY A 724 -11.42 -23.11 -19.66
N ILE A 725 -12.04 -23.33 -20.82
CA ILE A 725 -11.44 -24.18 -21.83
C ILE A 725 -10.28 -23.45 -22.48
N ALA A 726 -9.13 -24.11 -22.56
CA ALA A 726 -7.90 -23.47 -22.98
C ALA A 726 -7.45 -24.00 -24.34
N THR A 727 -7.26 -23.09 -25.28
CA THR A 727 -6.61 -23.34 -26.55
C THR A 727 -5.31 -22.54 -26.56
N PRO A 728 -4.31 -22.95 -27.33
CA PRO A 728 -3.09 -22.13 -27.45
C PRO A 728 -3.37 -20.78 -28.09
N LYS A 729 -2.48 -19.83 -27.82
CA LYS A 729 -2.71 -18.45 -28.21
C LYS A 729 -2.58 -18.28 -29.72
N GLY A 730 -3.60 -17.67 -30.33
CA GLY A 730 -3.65 -17.50 -31.76
C GLY A 730 -4.33 -18.62 -32.51
N SER A 731 -4.75 -19.68 -31.84
CA SER A 731 -5.45 -20.76 -32.51
C SER A 731 -6.87 -20.35 -32.87
N SER A 732 -7.29 -20.70 -34.08
CA SER A 732 -8.63 -20.37 -34.55
C SER A 732 -9.70 -21.27 -33.97
N LEU A 733 -9.31 -22.32 -33.23
CA LEU A 733 -10.29 -23.24 -32.66
C LEU A 733 -11.06 -22.60 -31.51
N GLY A 734 -10.46 -21.64 -30.83
CA GLY A 734 -11.01 -21.15 -29.58
C GLY A 734 -12.30 -20.36 -29.73
N THR A 735 -12.44 -19.64 -30.84
CA THR A 735 -13.64 -18.82 -31.03
C THR A 735 -14.90 -19.65 -31.31
N PRO A 736 -14.89 -20.74 -32.11
CA PRO A 736 -16.06 -21.64 -32.08
C PRO A 736 -16.27 -22.32 -30.73
N VAL A 737 -15.19 -22.59 -30.00
CA VAL A 737 -15.33 -23.09 -28.62
C VAL A 737 -15.94 -22.01 -27.73
N ASN A 738 -15.58 -20.74 -27.99
CA ASN A 738 -16.17 -19.63 -27.26
C ASN A 738 -17.65 -19.50 -27.60
N LEU A 739 -18.04 -19.84 -28.82
CA LEU A 739 -19.45 -19.91 -29.16
C LEU A 739 -20.08 -21.19 -28.62
N ALA A 740 -19.27 -22.23 -28.41
CA ALA A 740 -19.80 -23.49 -27.92
C ALA A 740 -20.17 -23.39 -26.44
N VAL A 741 -19.25 -22.90 -25.62
CA VAL A 741 -19.42 -22.90 -24.17
C VAL A 741 -20.54 -21.93 -23.77
N LEU A 742 -20.61 -20.78 -24.44
CA LEU A 742 -21.64 -19.81 -24.12
C LEU A 742 -23.01 -20.26 -24.63
N LYS A 743 -23.05 -21.25 -25.52
CA LYS A 743 -24.32 -21.85 -25.89
C LYS A 743 -24.73 -22.92 -24.88
N LEU A 744 -23.79 -23.78 -24.50
CA LEU A 744 -24.09 -24.91 -23.62
C LEU A 744 -24.39 -24.45 -22.20
N SER A 745 -23.74 -23.37 -21.75
CA SER A 745 -24.08 -22.78 -20.46
C SER A 745 -25.44 -22.11 -20.50
N GLU A 746 -25.83 -21.58 -21.67
CA GLU A 746 -27.12 -20.94 -21.81
C GLU A 746 -28.25 -21.96 -21.81
N GLN A 747 -27.99 -23.17 -22.31
CA GLN A 747 -29.01 -24.21 -22.36
C GLN A 747 -29.03 -25.06 -21.09
N GLY A 748 -28.12 -24.79 -20.15
CA GLY A 748 -28.03 -25.62 -18.97
C GLY A 748 -27.43 -26.99 -19.20
N VAL A 749 -26.67 -27.16 -20.28
CA VAL A 749 -26.03 -28.44 -20.58
C VAL A 749 -24.96 -28.74 -19.55
N LEU A 750 -24.26 -27.70 -19.09
CA LEU A 750 -23.33 -27.84 -17.98
C LEU A 750 -24.05 -28.23 -16.71
N ASP A 751 -25.22 -27.61 -16.47
CA ASP A 751 -25.94 -27.80 -15.23
C ASP A 751 -26.52 -29.20 -15.12
N LYS A 752 -26.95 -29.76 -16.26
CA LYS A 752 -27.40 -31.15 -16.29
C LYS A 752 -26.26 -32.10 -15.99
N LEU A 753 -25.08 -31.83 -16.54
CA LEU A 753 -23.90 -32.63 -16.21
C LEU A 753 -23.39 -32.33 -14.81
N LYS A 754 -23.57 -31.10 -14.33
CA LYS A 754 -23.24 -30.79 -12.95
C LYS A 754 -24.16 -31.52 -11.99
N ASN A 755 -25.44 -31.67 -12.37
CA ASN A 755 -26.34 -32.54 -11.61
C ASN A 755 -25.90 -33.99 -11.68
N LYS A 756 -25.36 -34.40 -12.82
CA LYS A 756 -24.89 -35.78 -13.01
C LYS A 756 -23.69 -36.09 -12.15
N TRP A 757 -22.59 -35.38 -12.39
CA TRP A 757 -21.31 -35.81 -11.84
C TRP A 757 -21.11 -35.36 -10.40
N TRP A 758 -22.02 -34.56 -9.86
CA TRP A 758 -21.98 -34.24 -8.44
C TRP A 758 -23.09 -34.92 -7.64
N TYR A 759 -24.31 -34.95 -8.17
CA TYR A 759 -25.42 -35.46 -7.38
C TYR A 759 -25.85 -36.85 -7.84
N ASP A 760 -25.94 -37.05 -9.15
CA ASP A 760 -26.38 -38.34 -9.66
C ASP A 760 -25.26 -39.36 -9.58
N LYS A 761 -24.01 -38.92 -9.67
CA LYS A 761 -22.86 -39.76 -9.39
C LYS A 761 -22.41 -39.65 -7.94
N GLY A 762 -23.09 -38.83 -7.15
CA GLY A 762 -22.73 -38.72 -5.75
C GLY A 762 -23.23 -39.89 -4.93
N GLU A 763 -22.47 -40.21 -3.88
CA GLU A 763 -22.83 -41.33 -3.03
C GLU A 763 -23.91 -40.97 -2.02
N CYS A 764 -24.27 -39.69 -1.91
CA CYS A 764 -25.40 -39.26 -1.11
C CYS A 764 -26.33 -38.42 -1.97
N GLY A 765 -27.62 -38.30 -1.59
CA GLY A 765 -28.62 -37.61 -2.37
C GLY A 765 -28.55 -36.11 -2.19
N ALA A 766 -29.23 -35.39 -3.10
CA ALA A 766 -29.28 -33.94 -3.02
C ALA A 766 -30.16 -33.48 -1.86
N LYS A 767 -31.20 -34.23 -1.54
CA LYS A 767 -32.08 -33.88 -0.43
C LYS A 767 -31.72 -34.62 0.85
N ASP A 768 -30.59 -35.34 0.87
CA ASP A 768 -30.04 -35.81 2.13
C ASP A 768 -29.50 -34.66 2.96
N SER A 769 -29.15 -33.55 2.31
CA SER A 769 -28.88 -32.31 3.04
C SER A 769 -30.17 -31.74 3.64
N GLY A 770 -31.33 -32.10 3.09
CA GLY A 770 -32.61 -31.73 3.63
C GLY A 770 -33.08 -32.55 4.81
N SER A 771 -32.24 -33.44 5.33
CA SER A 771 -32.54 -34.21 6.53
C SER A 771 -31.51 -33.98 7.64
N LYS A 772 -31.13 -32.73 7.88
CA LYS A 772 -30.10 -32.39 8.86
C LYS A 772 -30.68 -31.81 10.15
N GLU A 773 -31.78 -32.39 10.65
CA GLU A 773 -32.90 -31.73 11.34
C GLU A 773 -32.60 -30.55 12.25
N LYS A 774 -33.47 -29.54 12.16
CA LYS A 774 -33.22 -28.18 12.62
C LYS A 774 -33.50 -28.01 14.10
N THR A 775 -33.76 -26.75 14.50
CA THR A 775 -33.63 -26.23 15.86
C THR A 775 -34.60 -26.81 16.90
N SER A 776 -35.26 -27.94 16.59
CA SER A 776 -36.34 -28.59 17.35
C SER A 776 -36.13 -28.69 18.86
N ALA A 777 -37.25 -28.67 19.59
CA ALA A 777 -37.24 -28.45 21.04
C ALA A 777 -37.16 -29.78 21.79
N LEU A 778 -36.24 -29.86 22.76
CA LEU A 778 -36.22 -30.85 23.82
C LEU A 778 -36.13 -32.28 23.29
N SER A 779 -34.93 -32.67 22.84
CA SER A 779 -34.60 -34.03 22.43
C SER A 779 -35.20 -35.07 23.36
N LEU A 780 -35.98 -35.99 22.78
CA LEU A 780 -36.75 -36.97 23.54
C LEU A 780 -35.86 -37.88 24.37
N SER A 781 -34.69 -38.24 23.83
CA SER A 781 -33.84 -39.23 24.49
C SER A 781 -33.22 -38.68 25.78
N ASN A 782 -33.27 -37.36 25.97
CA ASN A 782 -33.02 -36.80 27.29
C ASN A 782 -34.05 -37.28 28.31
N VAL A 783 -35.30 -37.44 27.88
CA VAL A 783 -36.35 -37.88 28.79
C VAL A 783 -36.70 -39.34 28.53
N ALA A 784 -36.35 -39.99 27.18
CA ALA A 784 -36.69 -41.38 26.85
C ALA A 784 -35.79 -42.37 27.59
N GLY A 785 -34.60 -41.94 28.00
CA GLY A 785 -33.79 -42.76 28.89
C GLY A 785 -34.35 -42.82 30.30
N VAL A 786 -35.16 -41.84 30.69
CA VAL A 786 -35.71 -41.80 32.03
C VAL A 786 -36.97 -42.66 32.10
N PHE A 787 -37.42 -43.21 30.97
CA PHE A 787 -38.53 -44.15 30.97
C PHE A 787 -38.14 -45.48 31.60
N TYR A 788 -36.83 -45.79 31.61
CA TYR A 788 -36.37 -47.07 32.12
C TYR A 788 -36.52 -47.14 33.64
N ILE A 789 -36.34 -46.03 34.33
CA ILE A 789 -36.55 -46.03 35.78
C ILE A 789 -38.04 -45.98 36.09
N LEU A 790 -38.85 -45.53 35.14
CA LEU A 790 -40.31 -45.62 35.30
C LEU A 790 -40.77 -47.07 35.20
N VAL A 791 -40.43 -47.73 34.09
CA VAL A 791 -40.89 -49.10 33.85
C VAL A 791 -40.19 -50.07 34.79
N GLY A 792 -38.96 -49.78 35.18
CA GLY A 792 -38.30 -50.58 36.20
C GLY A 792 -38.97 -50.46 37.56
N GLY A 793 -39.57 -49.32 37.84
CA GLY A 793 -40.43 -49.21 39.01
C GLY A 793 -41.77 -49.89 38.81
N LEU A 794 -42.21 -49.98 37.55
CA LEU A 794 -43.47 -50.67 37.26
C LEU A 794 -43.33 -52.18 37.41
N GLY A 795 -42.12 -52.70 37.18
CA GLY A 795 -41.86 -54.10 37.48
C GLY A 795 -41.77 -54.36 38.97
N LEU A 796 -41.47 -53.31 39.75
CA LEU A 796 -41.45 -53.44 41.20
C LEU A 796 -42.87 -53.43 41.77
N ALA A 797 -43.84 -52.93 40.98
CA ALA A 797 -45.20 -52.78 41.47
C ALA A 797 -45.89 -54.13 41.68
N MET A 798 -45.53 -55.13 40.86
CA MET A 798 -46.16 -56.43 41.00
C MET A 798 -45.41 -57.33 41.98
N LEU A 799 -44.08 -57.20 42.03
CA LEU A 799 -43.27 -58.14 42.82
C LEU A 799 -43.48 -57.92 44.32
N VAL A 800 -43.69 -56.67 44.73
CA VAL A 800 -44.04 -56.42 46.12
C VAL A 800 -45.51 -56.77 46.36
N ALA A 801 -46.33 -56.70 45.31
CA ALA A 801 -47.74 -57.04 45.45
C ALA A 801 -47.94 -58.55 45.49
N LEU A 802 -47.19 -59.30 44.68
CA LEU A 802 -47.39 -60.75 44.60
C LEU A 802 -46.92 -61.46 45.86
N ILE A 803 -45.92 -60.91 46.55
CA ILE A 803 -45.53 -61.51 47.82
C ILE A 803 -46.53 -61.16 48.90
N GLU A 804 -47.29 -60.08 48.72
CA GLU A 804 -48.39 -59.80 49.64
C GLU A 804 -49.56 -60.76 49.41
N PHE A 805 -49.69 -61.32 48.21
CA PHE A 805 -50.59 -62.45 48.03
C PHE A 805 -50.08 -63.69 48.74
N CYS A 806 -48.76 -63.82 48.88
CA CYS A 806 -48.19 -64.83 49.78
C CYS A 806 -48.33 -64.42 51.23
N TYR A 807 -48.49 -63.12 51.51
CA TYR A 807 -48.92 -62.71 52.85
C TYR A 807 -50.42 -62.88 53.02
N LYS A 808 -51.18 -62.97 51.91
CA LYS A 808 -52.59 -63.34 52.00
C LYS A 808 -52.74 -64.84 52.19
N SER A 809 -51.61 -65.52 52.13
CA SER A 809 -51.52 -66.90 52.62
C SER A 809 -51.04 -66.95 54.07
N ARG A 810 -50.05 -66.13 54.43
CA ARG A 810 -49.48 -66.16 55.78
C ARG A 810 -50.23 -65.27 56.76
N ALA A 811 -51.21 -64.50 56.30
CA ALA A 811 -52.00 -63.65 57.19
C ALA A 811 -53.40 -63.44 56.64
N LYS A 821 -39.27 -63.81 72.85
CA LYS A 821 -37.98 -63.24 73.21
C LYS A 821 -36.90 -63.62 72.21
N THR A 822 -37.20 -64.62 71.38
CA THR A 822 -36.25 -65.05 70.35
C THR A 822 -36.14 -64.00 69.25
N SER A 823 -37.16 -63.18 69.06
CA SER A 823 -37.07 -62.07 68.11
C SER A 823 -36.18 -60.97 68.65
N ARG A 824 -36.49 -60.48 69.86
CA ARG A 824 -35.78 -59.31 70.39
C ARG A 824 -34.36 -59.63 70.82
N ARG A 825 -34.06 -60.92 71.06
CA ARG A 825 -32.66 -61.32 71.22
C ARG A 825 -31.98 -61.36 69.86
N GLY A 826 -32.72 -61.75 68.82
CA GLY A 826 -32.14 -61.79 67.48
C GLY A 826 -31.99 -60.42 66.86
N ARG A 827 -32.89 -59.50 67.18
CA ARG A 827 -32.78 -58.14 66.65
C ARG A 827 -31.65 -57.38 67.32
N ALA A 828 -31.43 -57.62 68.62
CA ALA A 828 -30.37 -56.91 69.35
C ALA A 828 -28.99 -57.39 68.92
N LEU A 829 -28.84 -58.70 68.69
CA LEU A 829 -27.55 -59.21 68.22
C LEU A 829 -27.32 -58.86 66.76
N LEU A 830 -28.39 -58.65 65.99
CA LEU A 830 -28.24 -58.14 64.63
C LEU A 830 -27.85 -56.67 64.65
N ALA A 831 -28.27 -55.94 65.68
CA ALA A 831 -27.81 -54.57 65.87
C ALA A 831 -26.32 -54.52 66.18
N VAL A 832 -25.83 -55.54 66.91
CA VAL A 832 -24.40 -55.65 67.16
C VAL A 832 -23.67 -56.07 65.87
N ALA A 833 -24.28 -56.99 65.12
CA ALA A 833 -23.65 -57.53 63.92
C ALA A 833 -23.57 -56.49 62.81
N LEU A 834 -24.58 -55.63 62.70
CA LEU A 834 -24.50 -54.55 61.73
C LEU A 834 -23.57 -53.44 62.21
N ASN A 835 -23.41 -53.29 63.53
CA ASN A 835 -22.36 -52.41 64.04
C ASN A 835 -20.97 -52.97 63.77
N LEU A 836 -20.86 -54.31 63.64
CA LEU A 836 -19.59 -54.91 63.28
C LEU A 836 -19.20 -54.59 61.84
N LEU A 837 -20.12 -54.85 60.89
CA LEU A 837 -19.81 -54.64 59.48
C LEU A 837 -19.66 -53.17 59.15
N ALA A 838 -20.32 -52.30 59.91
CA ALA A 838 -20.08 -50.87 59.78
C ALA A 838 -18.69 -50.50 60.28
N LEU A 839 -18.20 -51.20 61.30
CA LEU A 839 -16.88 -50.89 61.84
C LEU A 839 -15.77 -51.46 60.97
N LEU A 840 -16.02 -52.58 60.29
CA LEU A 840 -14.98 -53.25 59.52
C LEU A 840 -14.62 -52.45 58.26
N PHE A 841 -15.63 -51.94 57.56
CA PHE A 841 -15.37 -51.17 56.35
C PHE A 841 -15.12 -49.70 56.63
N ALA A 842 -15.33 -49.25 57.87
CA ALA A 842 -14.90 -47.91 58.25
C ALA A 842 -13.38 -47.85 58.39
N THR A 843 -12.79 -48.84 59.04
CA THR A 843 -11.34 -48.89 59.18
C THR A 843 -10.69 -49.38 57.90
N THR A 844 -11.47 -49.94 56.97
CA THR A 844 -10.93 -50.26 55.65
C THR A 844 -10.67 -48.97 54.86
N ALA A 845 -11.46 -47.93 55.14
CA ALA A 845 -11.13 -46.60 54.64
C ALA A 845 -9.87 -46.07 55.29
N PHE A 846 -9.65 -46.40 56.57
CA PHE A 846 -8.41 -46.05 57.24
C PHE A 846 -7.23 -46.85 56.69
N LEU A 847 -7.46 -48.07 56.24
CA LEU A 847 -6.45 -48.89 55.58
C LEU A 847 -6.60 -48.87 54.07
N THR A 848 -7.02 -47.76 53.49
CA THR A 848 -7.08 -47.65 52.04
C THR A 848 -5.66 -47.57 51.46
N THR A 849 -5.31 -48.58 50.66
CA THR A 849 -4.05 -48.59 49.95
C THR A 849 -4.17 -48.10 48.51
N TYR A 850 -5.38 -47.85 48.03
CA TYR A 850 -5.59 -47.22 46.72
C TYR A 850 -6.85 -46.37 46.81
N TRP A 851 -6.67 -45.05 46.95
CA TRP A 851 -7.80 -44.14 46.89
C TRP A 851 -8.28 -43.96 45.48
N CYS A 852 -7.36 -43.80 44.53
CA CYS A 852 -7.71 -43.76 43.12
C CYS A 852 -6.59 -44.44 42.35
N GLN A 853 -6.91 -44.82 41.11
CA GLN A 853 -5.88 -45.09 40.12
C GLN A 853 -5.14 -43.79 39.81
N GLY A 854 -3.91 -43.91 39.33
CA GLY A 854 -3.21 -42.73 38.86
C GLY A 854 -2.62 -43.00 37.49
N THR A 855 -3.07 -42.23 36.50
CA THR A 855 -2.65 -42.44 35.13
C THR A 855 -2.03 -41.17 34.57
N GLN A 856 -0.74 -41.26 34.24
CA GLN A 856 -0.03 -40.23 33.48
C GLN A 856 0.61 -40.89 32.26
N ARG A 857 -0.18 -41.70 31.56
CA ARG A 857 0.24 -42.34 30.33
C ARG A 857 0.25 -41.30 29.20
N VAL A 858 1.28 -40.48 29.20
CA VAL A 858 1.40 -39.41 28.21
C VAL A 858 2.46 -39.79 27.18
N PRO A 859 2.14 -39.78 25.89
CA PRO A 859 3.13 -40.14 24.86
C PRO A 859 4.16 -39.03 24.64
N PHE A 905 6.13 -37.96 27.48
CA PHE A 905 6.88 -38.81 28.40
C PHE A 905 6.66 -40.27 28.04
N GLN A 906 6.12 -41.05 28.99
CA GLN A 906 5.78 -42.43 28.73
C GLN A 906 4.65 -42.85 29.66
N LEU A 907 4.41 -44.16 29.70
CA LEU A 907 3.29 -44.70 30.45
C LEU A 907 3.59 -44.69 31.95
N ARG A 908 2.63 -44.24 32.75
CA ARG A 908 2.81 -44.12 34.17
C ARG A 908 1.59 -44.67 34.90
N ARG A 909 1.84 -45.33 36.04
CA ARG A 909 0.77 -45.89 36.88
C ARG A 909 1.02 -45.46 38.33
N PHE A 910 0.01 -44.83 38.92
CA PHE A 910 0.05 -44.51 40.34
C PHE A 910 -1.10 -45.18 41.06
N HIS A 911 -0.88 -45.52 42.34
CA HIS A 911 -1.95 -46.02 43.19
C HIS A 911 -1.84 -45.30 44.53
N THR A 912 -2.44 -44.13 44.63
CA THR A 912 -2.37 -43.36 45.85
C THR A 912 -3.44 -43.84 46.81
N GLY A 913 -3.07 -44.05 48.08
CA GLY A 913 -4.02 -44.41 49.10
C GLY A 913 -4.70 -43.20 49.67
N ILE A 914 -5.41 -43.41 50.80
CA ILE A 914 -6.05 -42.28 51.47
C ILE A 914 -4.99 -41.39 52.12
N TRP A 915 -3.90 -41.97 52.59
CA TRP A 915 -2.78 -41.23 53.14
C TRP A 915 -1.52 -41.55 52.34
N TYR A 916 -1.28 -42.84 52.11
CA TYR A 916 0.00 -43.29 51.61
C TYR A 916 -0.04 -43.53 50.11
N SER A 917 0.77 -42.79 49.36
CA SER A 917 0.77 -42.83 47.91
C SER A 917 1.73 -43.94 47.43
N CYS A 918 1.17 -45.05 47.01
CA CYS A 918 1.95 -46.03 46.28
C CYS A 918 1.96 -45.68 44.80
N GLU A 919 2.79 -46.38 44.04
CA GLU A 919 2.90 -46.12 42.61
C GLU A 919 3.46 -47.37 41.93
N GLU A 920 3.30 -47.41 40.61
CA GLU A 920 3.80 -48.53 39.83
C GLU A 920 4.04 -48.13 38.37
N GLY A 926 7.58 -48.17 38.08
CA GLY A 926 8.35 -48.98 39.00
C GLY A 926 7.65 -49.17 40.34
N GLU A 927 7.81 -50.35 40.92
CA GLU A 927 7.16 -50.66 42.19
C GLU A 927 7.82 -49.89 43.33
N LYS A 928 7.02 -49.05 43.98
CA LYS A 928 7.51 -48.11 44.99
C LYS A 928 6.29 -47.53 45.69
N CYS A 929 6.45 -47.19 46.96
CA CYS A 929 5.35 -46.59 47.71
C CYS A 929 5.89 -45.54 48.66
N ARG A 930 5.30 -44.35 48.61
CA ARG A 930 5.69 -43.22 49.45
C ARG A 930 4.49 -42.81 50.29
N SER A 931 4.68 -41.74 51.07
CA SER A 931 3.54 -41.20 51.81
C SER A 931 2.71 -40.25 50.97
N PHE A 932 3.28 -39.09 50.63
CA PHE A 932 2.57 -37.96 50.02
C PHE A 932 1.29 -37.61 50.77
N ILE A 933 1.44 -37.18 52.03
CA ILE A 933 0.32 -36.72 52.84
C ILE A 933 0.51 -35.23 53.10
N ASP A 934 -0.62 -34.52 53.26
CA ASP A 934 -0.68 -33.13 53.73
C ASP A 934 0.02 -32.18 52.75
N LEU A 935 -0.52 -32.12 51.54
CA LEU A 935 0.06 -31.30 50.48
C LEU A 935 -0.56 -29.90 50.47
N ALA A 936 -0.28 -29.14 49.42
CA ALA A 936 -0.41 -27.68 49.41
C ALA A 936 -1.83 -27.23 49.05
N PRO A 937 -2.15 -25.92 49.16
CA PRO A 937 -1.61 -24.75 49.90
C PRO A 937 -2.36 -24.22 51.14
N ALA A 938 -1.74 -24.36 52.32
CA ALA A 938 -1.80 -23.40 53.43
C ALA A 938 -3.16 -23.10 54.07
N SER A 939 -4.25 -23.53 53.44
CA SER A 939 -5.57 -23.47 54.07
C SER A 939 -6.35 -24.73 53.77
N GLU A 940 -6.00 -25.39 52.66
CA GLU A 940 -6.36 -26.79 52.46
C GLU A 940 -5.64 -27.67 53.46
N LYS A 941 -4.45 -27.23 53.91
CA LYS A 941 -3.80 -27.88 55.05
C LYS A 941 -4.60 -27.65 56.33
N GLY A 942 -5.20 -26.47 56.49
CA GLY A 942 -6.03 -26.22 57.66
C GLY A 942 -7.32 -27.01 57.62
N VAL A 943 -7.80 -27.33 56.43
CA VAL A 943 -8.83 -28.34 56.26
C VAL A 943 -8.33 -29.69 56.77
N LEU A 944 -7.09 -30.04 56.43
CA LEU A 944 -6.53 -31.34 56.81
C LEU A 944 -6.26 -31.45 58.29
N TRP A 945 -6.14 -30.33 59.01
CA TRP A 945 -6.11 -30.40 60.47
C TRP A 945 -7.45 -30.87 61.01
N LEU A 946 -8.53 -30.26 60.54
CA LEU A 946 -9.86 -30.63 61.01
C LEU A 946 -10.33 -31.95 60.39
N SER A 947 -9.74 -32.32 59.25
CA SER A 947 -10.13 -33.57 58.58
C SER A 947 -9.68 -34.79 59.37
N VAL A 948 -8.44 -34.76 59.88
CA VAL A 948 -7.91 -35.89 60.64
C VAL A 948 -8.62 -36.03 61.98
N VAL A 949 -8.96 -34.89 62.60
CA VAL A 949 -9.74 -34.90 63.84
C VAL A 949 -11.11 -35.50 63.62
N SER A 950 -11.73 -35.18 62.48
CA SER A 950 -13.03 -35.75 62.15
C SER A 950 -12.92 -37.21 61.72
N GLU A 951 -11.72 -37.67 61.33
CA GLU A 951 -11.49 -39.09 61.12
C GLU A 951 -11.41 -39.83 62.45
N VAL A 952 -10.80 -39.19 63.45
CA VAL A 952 -10.63 -39.82 64.77
C VAL A 952 -11.98 -39.91 65.47
N LEU A 953 -12.78 -38.84 65.39
CA LEU A 953 -14.07 -38.81 66.09
C LEU A 953 -15.08 -39.77 65.46
N TYR A 954 -14.84 -40.17 64.21
CA TYR A 954 -15.71 -41.15 63.57
C TYR A 954 -15.44 -42.56 64.09
N ILE A 955 -14.18 -42.85 64.41
CA ILE A 955 -13.83 -44.21 64.83
C ILE A 955 -14.09 -44.40 66.32
N LEU A 956 -13.94 -43.33 67.11
CA LEU A 956 -14.13 -43.43 68.56
C LEU A 956 -15.59 -43.70 68.92
N LEU A 957 -16.53 -43.09 68.21
CA LEU A 957 -17.94 -43.25 68.56
C LEU A 957 -18.47 -44.62 68.13
N LEU A 958 -17.79 -45.28 67.19
CA LEU A 958 -18.17 -46.64 66.83
C LEU A 958 -17.82 -47.63 67.94
N VAL A 959 -16.83 -47.28 68.76
CA VAL A 959 -16.45 -48.13 69.90
C VAL A 959 -17.50 -48.03 71.00
N VAL A 960 -18.17 -46.88 71.08
CA VAL A 960 -19.14 -46.61 72.14
C VAL A 960 -20.37 -47.51 71.99
N GLY A 961 -20.72 -47.87 70.76
CA GLY A 961 -21.86 -48.73 70.49
C GLY A 961 -21.76 -50.13 71.07
N PHE A 962 -20.58 -50.75 70.93
CA PHE A 962 -20.41 -52.11 71.44
C PHE A 962 -20.33 -52.14 72.96
N SER A 963 -19.74 -51.10 73.57
CA SER A 963 -19.45 -51.11 75.00
C SER A 963 -20.71 -51.06 75.83
N LEU A 964 -21.77 -50.42 75.31
CA LEU A 964 -23.04 -50.42 76.01
C LEU A 964 -23.88 -51.63 75.65
N MET A 965 -23.71 -52.15 74.42
CA MET A 965 -24.41 -53.37 74.03
C MET A 965 -23.77 -54.60 74.66
N CYS A 966 -22.50 -54.49 75.10
CA CYS A 966 -21.92 -55.54 75.92
C CYS A 966 -22.31 -55.40 77.38
N LEU A 967 -22.76 -54.21 77.78
CA LEU A 967 -23.42 -54.07 79.08
C LEU A 967 -24.84 -54.60 79.02
N GLU A 968 -25.44 -54.65 77.83
CA GLU A 968 -26.72 -55.33 77.67
C GLU A 968 -26.56 -56.84 77.88
N LEU A 969 -25.49 -57.41 77.34
CA LEU A 969 -25.23 -58.83 77.54
C LEU A 969 -24.74 -59.12 78.96
N LEU A 970 -24.25 -58.08 79.66
CA LEU A 970 -24.03 -58.21 81.10
C LEU A 970 -25.35 -58.36 81.85
N HIS A 971 -26.41 -57.72 81.35
CA HIS A 971 -27.74 -57.87 81.90
C HIS A 971 -28.60 -58.89 81.17
N SER A 972 -28.20 -59.30 79.96
CA SER A 972 -28.86 -60.42 79.31
C SER A 972 -28.43 -61.76 79.88
N SER A 973 -27.28 -61.80 80.53
CA SER A 973 -26.80 -63.01 81.19
C SER A 973 -27.19 -63.00 82.66
N ASP A 977 -30.96 -49.79 83.98
CA ASP A 977 -32.31 -49.96 83.45
C ASP A 977 -32.29 -50.70 82.10
N GLY A 978 -31.13 -50.71 81.45
CA GLY A 978 -30.97 -51.46 80.23
C GLY A 978 -31.35 -50.68 78.98
N LEU A 979 -32.62 -50.25 78.90
CA LEU A 979 -33.07 -49.53 77.71
C LEU A 979 -32.53 -48.12 77.64
N LYS A 980 -32.03 -47.58 78.76
CA LYS A 980 -31.41 -46.27 78.73
C LYS A 980 -30.05 -46.32 78.04
N LEU A 981 -29.28 -47.38 78.27
CA LEU A 981 -27.92 -47.46 77.72
C LEU A 981 -27.93 -47.80 76.24
N ASN A 982 -28.82 -48.71 75.82
CA ASN A 982 -28.86 -49.13 74.43
C ASN A 982 -29.45 -48.04 73.54
N ALA A 983 -30.33 -47.22 74.10
CA ALA A 983 -30.79 -46.04 73.36
C ALA A 983 -29.68 -45.00 73.26
N PHE A 984 -28.87 -44.87 74.31
CA PHE A 984 -27.70 -43.99 74.24
C PHE A 984 -26.64 -44.55 73.30
N ALA A 985 -26.57 -45.88 73.19
CA ALA A 985 -25.56 -46.50 72.35
C ALA A 985 -25.83 -46.26 70.87
N ALA A 986 -27.10 -46.14 70.50
CA ALA A 986 -27.44 -45.87 69.10
C ALA A 986 -27.28 -44.39 68.76
N VAL A 987 -27.22 -43.53 69.78
CA VAL A 987 -27.00 -42.11 69.54
C VAL A 987 -25.60 -41.86 68.99
N PHE A 988 -24.59 -42.44 69.65
CA PHE A 988 -23.21 -42.17 69.27
C PHE A 988 -22.85 -42.84 67.96
N THR A 989 -23.48 -43.97 67.63
CA THR A 989 -23.25 -44.61 66.33
C THR A 989 -23.86 -43.79 65.21
N VAL A 990 -25.02 -43.19 65.44
CA VAL A 990 -25.59 -42.28 64.47
C VAL A 990 -24.76 -41.00 64.40
N LEU A 991 -24.34 -40.46 65.55
CA LEU A 991 -23.52 -39.27 65.54
C LEU A 991 -22.07 -39.57 65.11
N SER A 992 -21.72 -40.85 64.99
CA SER A 992 -20.43 -41.20 64.40
C SER A 992 -20.41 -40.88 62.91
N GLY A 993 -21.34 -41.45 62.14
CA GLY A 993 -21.30 -41.32 60.69
C GLY A 993 -21.67 -39.93 60.20
N LEU A 994 -22.46 -39.19 60.97
CA LEU A 994 -22.76 -37.81 60.63
C LEU A 994 -21.51 -36.94 60.69
N LEU A 995 -20.67 -37.18 61.70
CA LEU A 995 -19.30 -36.65 61.67
C LEU A 995 -18.49 -37.30 60.56
N GLY A 996 -18.68 -38.60 60.36
CA GLY A 996 -17.79 -39.34 59.47
C GLY A 996 -18.05 -39.09 58.00
N MET A 997 -19.33 -38.92 57.63
CA MET A 997 -19.65 -38.58 56.25
C MET A 997 -19.06 -37.23 55.87
N VAL A 998 -19.13 -36.25 56.78
CA VAL A 998 -18.48 -34.96 56.55
C VAL A 998 -16.96 -35.16 56.48
N ALA A 999 -16.41 -36.04 57.32
CA ALA A 999 -15.00 -36.41 57.21
C ALA A 999 -14.72 -37.11 55.89
N HIS A 1000 -15.67 -37.92 55.40
CA HIS A 1000 -15.54 -38.45 54.05
C HIS A 1000 -15.87 -37.41 53.00
N MET A 1001 -16.59 -36.34 53.35
CA MET A 1001 -16.90 -35.31 52.37
C MET A 1001 -15.84 -34.22 52.34
N MET A 1002 -15.13 -34.00 53.45
CA MET A 1002 -14.05 -33.02 53.42
C MET A 1002 -12.86 -33.56 52.65
N TYR A 1003 -12.63 -34.88 52.68
CA TYR A 1003 -11.47 -35.42 52.00
C TYR A 1003 -11.73 -35.58 50.50
N THR A 1004 -12.99 -35.73 50.12
CA THR A 1004 -13.32 -35.56 48.71
C THR A 1004 -13.23 -34.10 48.31
N GLN A 1005 -13.58 -33.20 49.22
CA GLN A 1005 -13.34 -31.77 48.98
C GLN A 1005 -11.85 -31.48 48.96
N VAL A 1006 -11.06 -32.22 49.73
CA VAL A 1006 -9.61 -32.21 49.58
C VAL A 1006 -9.21 -32.72 48.20
N PHE A 1007 -9.80 -33.84 47.77
CA PHE A 1007 -9.33 -34.49 46.55
C PHE A 1007 -9.74 -33.69 45.31
N GLN A 1008 -10.92 -33.08 45.33
CA GLN A 1008 -11.39 -32.37 44.16
C GLN A 1008 -10.65 -31.05 43.97
N VAL A 1009 -10.32 -30.37 45.07
CA VAL A 1009 -9.58 -29.12 44.97
C VAL A 1009 -8.14 -29.38 44.55
N THR A 1010 -7.52 -30.43 45.09
CA THR A 1010 -6.12 -30.70 44.76
C THR A 1010 -5.94 -31.21 43.34
N VAL A 1011 -6.95 -31.88 42.77
CA VAL A 1011 -6.87 -32.22 41.35
C VAL A 1011 -7.06 -30.96 40.51
N SER A 1012 -7.83 -29.99 41.01
CA SER A 1012 -7.90 -28.68 40.35
C SER A 1012 -6.59 -27.92 40.48
N LEU A 1013 -5.79 -28.23 41.50
CA LEU A 1013 -4.38 -27.81 41.46
C LEU A 1013 -3.61 -28.60 40.42
N GLY A 1014 -3.98 -29.85 40.15
CA GLY A 1014 -3.16 -30.70 39.33
C GLY A 1014 -1.90 -31.08 40.08
N PRO A 1015 -2.03 -32.01 41.08
CA PRO A 1015 -1.01 -32.20 42.15
C PRO A 1015 0.39 -32.42 41.64
N GLU A 1016 1.37 -31.81 42.33
CA GLU A 1016 2.59 -31.14 41.83
C GLU A 1016 3.12 -31.83 40.57
N ASP A 1017 3.30 -33.14 40.58
CA ASP A 1017 3.55 -33.87 39.34
C ASP A 1017 2.61 -35.07 39.15
N TRP A 1018 1.78 -35.39 40.14
CA TRP A 1018 0.85 -36.51 40.01
C TRP A 1018 -0.58 -36.01 39.83
N ARG A 1019 -0.93 -35.65 38.59
CA ARG A 1019 -2.32 -35.38 38.21
C ARG A 1019 -2.78 -36.53 37.31
N PRO A 1020 -3.77 -37.29 37.77
CA PRO A 1020 -4.19 -38.47 37.00
C PRO A 1020 -5.29 -38.13 36.01
N HIS A 1021 -5.38 -38.94 34.95
CA HIS A 1021 -6.58 -38.96 34.13
C HIS A 1021 -7.59 -39.95 34.69
N SER A 1022 -7.22 -40.66 35.75
CA SER A 1022 -8.14 -41.16 36.76
C SER A 1022 -8.49 -40.02 37.72
N TRP A 1023 -8.92 -40.35 38.95
CA TRP A 1023 -10.21 -40.01 39.56
C TRP A 1023 -11.20 -41.12 39.22
N ASP A 1024 -10.85 -42.33 39.64
CA ASP A 1024 -11.80 -43.40 39.95
C ASP A 1024 -11.71 -43.66 41.44
N TYR A 1025 -12.74 -43.23 42.17
CA TYR A 1025 -12.71 -43.15 43.63
C TYR A 1025 -12.64 -44.54 44.27
N GLY A 1026 -11.97 -44.61 45.43
CA GLY A 1026 -11.92 -45.80 46.24
C GLY A 1026 -11.17 -46.94 45.59
N TRP A 1027 -11.31 -48.13 46.16
CA TRP A 1027 -12.56 -48.88 46.05
C TRP A 1027 -13.17 -49.13 47.42
N SER A 1028 -12.34 -49.14 48.46
CA SER A 1028 -12.83 -49.34 49.82
C SER A 1028 -13.53 -48.10 50.34
N PHE A 1029 -13.30 -46.95 49.71
CA PHE A 1029 -14.03 -45.75 50.07
C PHE A 1029 -15.49 -45.84 49.61
N CYS A 1030 -15.73 -46.50 48.47
CA CYS A 1030 -17.10 -46.88 48.14
C CYS A 1030 -17.65 -47.89 49.13
N LEU A 1031 -16.80 -48.79 49.61
CA LEU A 1031 -17.18 -49.69 50.69
C LEU A 1031 -17.27 -48.96 52.02
N ALA A 1032 -16.64 -47.79 52.15
CA ALA A 1032 -16.81 -46.98 53.35
C ALA A 1032 -18.15 -46.27 53.34
N TRP A 1033 -18.72 -46.05 52.16
CA TRP A 1033 -20.06 -45.50 52.06
C TRP A 1033 -21.10 -46.49 52.58
N GLY A 1034 -20.85 -47.80 52.41
CA GLY A 1034 -21.74 -48.79 52.95
C GLY A 1034 -21.62 -48.95 54.46
N SER A 1035 -20.56 -48.38 55.05
CA SER A 1035 -20.45 -48.39 56.49
C SER A 1035 -21.44 -47.44 57.13
N PHE A 1036 -21.86 -46.40 56.40
CA PHE A 1036 -22.83 -45.46 56.95
C PHE A 1036 -24.22 -46.08 57.02
N THR A 1037 -24.66 -46.75 55.95
CA THR A 1037 -25.96 -47.39 55.97
C THR A 1037 -25.98 -48.61 56.87
N CYS A 1038 -24.80 -49.13 57.22
CA CYS A 1038 -24.75 -50.25 58.15
C CYS A 1038 -24.66 -49.71 59.58
N CYS A 1039 -24.39 -48.42 59.74
CA CYS A 1039 -24.66 -47.72 60.99
C CYS A 1039 -26.13 -47.33 61.09
N MET A 1040 -26.81 -47.17 59.96
CA MET A 1040 -28.22 -46.79 59.98
C MET A 1040 -29.11 -48.01 60.14
N ALA A 1041 -28.74 -49.12 59.48
CA ALA A 1041 -29.51 -50.35 59.63
C ALA A 1041 -29.31 -50.97 61.00
N ALA A 1042 -28.18 -50.67 61.65
CA ALA A 1042 -27.98 -51.10 63.03
C ALA A 1042 -28.85 -50.29 63.98
N SER A 1043 -29.18 -49.05 63.62
CA SER A 1043 -29.88 -48.18 64.54
C SER A 1043 -31.41 -48.36 64.44
N VAL A 1044 -31.90 -48.78 63.28
CA VAL A 1044 -33.34 -48.90 63.10
C VAL A 1044 -33.89 -50.11 63.85
N THR A 1045 -33.04 -51.10 64.12
CA THR A 1045 -33.51 -52.30 64.81
C THR A 1045 -33.34 -52.19 66.32
N THR A 1046 -32.43 -51.32 66.77
CA THR A 1046 -32.22 -51.17 68.21
C THR A 1046 -33.07 -50.04 68.79
N LEU A 1047 -33.60 -49.16 67.94
CA LEU A 1047 -34.69 -48.30 68.38
C LEU A 1047 -36.02 -49.00 68.25
N ASN A 1048 -36.09 -50.05 67.43
CA ASN A 1048 -37.29 -50.88 67.37
C ASN A 1048 -37.47 -51.68 68.66
N SER A 1049 -36.36 -52.06 69.31
CA SER A 1049 -36.44 -52.67 70.62
C SER A 1049 -36.71 -51.64 71.71
N TYR A 1050 -36.42 -50.37 71.43
CA TYR A 1050 -36.64 -49.30 72.40
C TYR A 1050 -38.12 -48.92 72.53
N THR A 1051 -38.92 -49.15 71.49
CA THR A 1051 -40.34 -48.76 71.53
C THR A 1051 -41.13 -49.62 72.51
N LYS A 1052 -40.77 -50.89 72.65
CA LYS A 1052 -41.49 -51.79 73.54
C LYS A 1052 -40.91 -51.74 74.95
N ASN B 1 72.56 -8.33 -47.39
CA ASN B 1 71.72 -9.16 -48.25
C ASN B 1 70.41 -8.45 -48.59
N SER B 2 70.29 -8.02 -49.84
CA SER B 2 69.07 -7.37 -50.28
C SER B 2 67.96 -8.41 -50.45
N ILE B 3 66.96 -8.33 -49.58
CA ILE B 3 65.88 -9.31 -49.54
C ILE B 3 64.59 -8.59 -49.91
N GLN B 4 63.94 -9.04 -50.98
CA GLN B 4 62.73 -8.41 -51.45
C GLN B 4 61.56 -8.68 -50.50
N ILE B 5 60.86 -7.60 -50.12
CA ILE B 5 59.71 -7.69 -49.23
C ILE B 5 58.50 -7.11 -49.95
N GLY B 6 57.32 -7.33 -49.36
CA GLY B 6 56.07 -6.86 -49.92
C GLY B 6 55.68 -5.47 -49.45
N GLY B 7 54.89 -4.80 -50.28
CA GLY B 7 54.48 -3.44 -50.00
C GLY B 7 53.03 -3.13 -50.32
N LEU B 8 52.15 -4.10 -50.11
CA LEU B 8 50.74 -3.95 -50.50
C LEU B 8 49.97 -3.07 -49.50
N PHE B 9 50.28 -1.79 -49.49
CA PHE B 9 49.62 -0.87 -48.58
C PHE B 9 48.39 -0.27 -49.24
N PRO B 10 47.30 -0.05 -48.50
CA PRO B 10 46.18 0.70 -49.05
C PRO B 10 46.52 2.19 -49.13
N ARG B 11 45.80 2.89 -50.01
CA ARG B 11 45.91 4.34 -50.04
C ARG B 11 45.19 4.93 -48.83
N GLY B 12 45.91 5.79 -48.10
CA GLY B 12 45.41 6.31 -46.85
C GLY B 12 45.87 5.57 -45.62
N ALA B 13 46.73 4.56 -45.77
CA ALA B 13 47.32 3.84 -44.66
C ALA B 13 48.74 4.34 -44.38
N ASP B 14 48.95 5.65 -44.54
CA ASP B 14 50.30 6.19 -44.55
C ASP B 14 50.90 6.29 -43.16
N GLN B 15 50.06 6.46 -42.13
CA GLN B 15 50.56 6.41 -40.75
C GLN B 15 51.06 5.02 -40.42
N GLU B 16 50.35 4.00 -40.88
CA GLU B 16 50.87 2.63 -40.85
C GLU B 16 52.11 2.50 -41.72
N TYR B 17 52.12 3.16 -42.88
CA TYR B 17 53.28 3.10 -43.75
C TYR B 17 54.44 3.92 -43.19
N SER B 18 54.14 4.99 -42.45
CA SER B 18 55.19 5.71 -41.74
C SER B 18 55.79 4.84 -40.63
N ALA B 19 54.92 4.20 -39.83
CA ALA B 19 55.39 3.31 -38.77
C ALA B 19 56.03 2.05 -39.35
N PHE B 20 55.66 1.69 -40.58
CA PHE B 20 56.45 0.71 -41.31
C PHE B 20 57.87 1.21 -41.55
N ARG B 21 57.99 2.46 -42.01
CA ARG B 21 59.31 3.00 -42.35
C ARG B 21 60.11 3.35 -41.10
N VAL B 22 59.43 3.53 -39.96
CA VAL B 22 60.15 3.66 -38.70
C VAL B 22 60.87 2.36 -38.37
N GLY B 23 60.18 1.22 -38.54
CA GLY B 23 60.83 -0.06 -38.38
C GLY B 23 61.87 -0.35 -39.45
N MET B 24 61.68 0.23 -40.63
CA MET B 24 62.69 0.10 -41.70
C MET B 24 63.99 0.79 -41.31
N VAL B 25 63.91 1.84 -40.49
CA VAL B 25 65.12 2.48 -39.97
C VAL B 25 65.58 1.77 -38.70
N GLN B 26 64.64 1.44 -37.81
CA GLN B 26 65.01 0.90 -36.50
C GLN B 26 65.47 -0.56 -36.59
N PHE B 27 64.78 -1.39 -37.36
CA PHE B 27 65.11 -2.81 -37.42
C PHE B 27 65.99 -3.17 -38.61
N SER B 28 66.63 -2.19 -39.24
CA SER B 28 67.59 -2.49 -40.29
C SER B 28 68.90 -2.98 -39.68
N THR B 29 69.65 -3.76 -40.46
CA THR B 29 70.91 -4.30 -40.01
C THR B 29 71.87 -4.41 -41.17
N SER B 30 73.15 -4.61 -40.85
CA SER B 30 74.16 -4.78 -41.89
C SER B 30 74.22 -6.23 -42.36
N GLU B 31 73.55 -7.15 -41.66
CA GLU B 31 73.46 -8.53 -42.10
C GLU B 31 72.65 -8.65 -43.38
N PHE B 32 71.50 -7.99 -43.43
CA PHE B 32 70.62 -8.05 -44.58
C PHE B 32 69.81 -6.78 -44.63
N ARG B 33 69.37 -6.42 -45.83
CA ARG B 33 68.58 -5.21 -46.04
C ARG B 33 67.26 -5.58 -46.70
N LEU B 34 66.17 -5.08 -46.14
CA LEU B 34 64.85 -5.32 -46.70
C LEU B 34 64.68 -4.44 -47.93
N THR B 35 64.16 -5.03 -49.01
CA THR B 35 64.02 -4.35 -50.29
C THR B 35 62.54 -4.14 -50.56
N PRO B 36 62.03 -2.92 -50.34
CA PRO B 36 60.60 -2.68 -50.50
C PRO B 36 60.19 -2.64 -51.97
N HIS B 37 58.98 -3.13 -52.23
CA HIS B 37 58.29 -2.88 -53.48
C HIS B 37 56.91 -2.38 -53.07
N ILE B 38 56.82 -1.07 -52.80
CA ILE B 38 55.62 -0.53 -52.18
C ILE B 38 54.55 -0.33 -53.23
N ASP B 39 53.38 -0.91 -52.97
CA ASP B 39 52.25 -0.84 -53.91
C ASP B 39 51.08 -0.20 -53.17
N ASN B 40 51.03 1.13 -53.20
CA ASN B 40 49.95 1.90 -52.58
C ASN B 40 48.71 1.85 -53.47
N LEU B 41 48.01 0.73 -53.41
CA LEU B 41 46.83 0.50 -54.22
C LEU B 41 45.64 0.13 -53.34
N GLU B 42 44.45 0.24 -53.93
CA GLU B 42 43.22 -0.02 -53.18
C GLU B 42 43.09 -1.48 -52.81
N VAL B 43 42.39 -1.75 -51.70
CA VAL B 43 42.27 -3.10 -51.20
C VAL B 43 40.94 -3.75 -51.61
N ALA B 44 39.95 -2.94 -51.99
CA ALA B 44 38.66 -3.49 -52.39
C ALA B 44 38.71 -4.13 -53.77
N ASN B 45 39.40 -3.48 -54.71
CA ASN B 45 39.60 -4.03 -56.05
C ASN B 45 40.64 -5.15 -55.94
N SER B 46 40.15 -6.37 -55.69
CA SER B 46 41.05 -7.51 -55.52
C SER B 46 41.73 -7.89 -56.83
N PHE B 47 41.14 -7.51 -57.96
CA PHE B 47 41.83 -7.62 -59.24
C PHE B 47 43.07 -6.74 -59.26
N ALA B 48 42.94 -5.50 -58.78
CA ALA B 48 44.09 -4.61 -58.68
C ALA B 48 45.07 -5.08 -57.62
N VAL B 49 44.58 -5.78 -56.59
CA VAL B 49 45.46 -6.41 -55.62
C VAL B 49 46.22 -7.56 -56.28
N THR B 50 45.52 -8.32 -57.14
CA THR B 50 46.13 -9.45 -57.83
C THR B 50 47.23 -9.01 -58.79
N ASN B 51 47.02 -7.90 -59.50
CA ASN B 51 48.07 -7.35 -60.34
C ASN B 51 49.22 -6.81 -59.51
N ALA B 52 48.91 -6.25 -58.34
CA ALA B 52 49.95 -5.88 -57.39
C ALA B 52 50.59 -7.12 -56.77
N PHE B 53 49.84 -8.20 -56.65
CA PHE B 53 50.38 -9.45 -56.14
C PHE B 53 51.31 -10.09 -57.16
N CYS B 54 50.85 -10.22 -58.41
CA CYS B 54 51.62 -10.93 -59.42
C CYS B 54 52.83 -10.13 -59.88
N SER B 55 52.82 -8.80 -59.69
CA SER B 55 53.99 -8.00 -60.01
C SER B 55 55.14 -8.31 -59.05
N GLN B 56 54.84 -8.37 -57.75
CA GLN B 56 55.85 -8.79 -56.79
C GLN B 56 56.14 -10.28 -56.88
N PHE B 57 55.16 -11.07 -57.34
CA PHE B 57 55.42 -12.47 -57.61
C PHE B 57 56.32 -12.63 -58.83
N SER B 58 56.27 -11.66 -59.74
CA SER B 58 57.24 -11.62 -60.84
C SER B 58 58.61 -11.17 -60.36
N ARG B 59 58.66 -10.39 -59.28
CA ARG B 59 59.94 -10.01 -58.69
C ARG B 59 60.65 -11.18 -58.04
N GLY B 60 59.91 -12.18 -57.56
CA GLY B 60 60.51 -13.21 -56.74
C GLY B 60 60.72 -12.78 -55.31
N VAL B 61 59.72 -12.14 -54.71
CA VAL B 61 59.84 -11.68 -53.33
C VAL B 61 59.80 -12.87 -52.39
N TYR B 62 60.29 -12.67 -51.17
CA TYR B 62 60.40 -13.77 -50.22
C TYR B 62 59.38 -13.71 -49.11
N ALA B 63 58.84 -12.54 -48.82
CA ALA B 63 57.76 -12.37 -47.86
C ALA B 63 56.97 -11.13 -48.24
N ILE B 64 55.66 -11.21 -48.10
CA ILE B 64 54.78 -10.14 -48.56
C ILE B 64 54.04 -9.54 -47.38
N PHE B 65 54.09 -8.22 -47.28
CA PHE B 65 53.40 -7.50 -46.23
C PHE B 65 52.30 -6.65 -46.84
N GLY B 66 51.19 -6.56 -46.13
CA GLY B 66 50.11 -5.71 -46.54
C GLY B 66 48.84 -6.04 -45.79
N PHE B 67 47.81 -5.25 -46.06
CA PHE B 67 46.49 -5.49 -45.49
C PHE B 67 45.68 -6.38 -46.43
N TYR B 68 44.46 -6.71 -46.01
CA TYR B 68 43.50 -7.36 -46.88
C TYR B 68 42.09 -7.04 -46.41
N ASP B 69 41.17 -7.04 -47.35
CA ASP B 69 39.76 -6.74 -47.10
C ASP B 69 38.99 -8.06 -46.98
N LYS B 70 37.72 -7.97 -46.61
CA LYS B 70 36.82 -9.11 -46.76
C LYS B 70 36.56 -9.40 -48.23
N LYS B 71 36.76 -8.40 -49.10
CA LYS B 71 36.74 -8.64 -50.53
C LYS B 71 38.01 -9.35 -51.00
N SER B 72 39.04 -9.40 -50.16
CA SER B 72 40.30 -10.01 -50.51
C SER B 72 40.78 -11.03 -49.49
N VAL B 73 39.94 -11.41 -48.51
CA VAL B 73 40.34 -12.45 -47.56
C VAL B 73 40.40 -13.80 -48.24
N ASN B 74 39.50 -14.04 -49.21
CA ASN B 74 39.53 -15.28 -49.95
C ASN B 74 40.50 -15.20 -51.12
N THR B 75 40.90 -13.99 -51.49
CA THR B 75 41.86 -13.81 -52.58
C THR B 75 43.24 -14.26 -52.13
N ILE B 76 43.76 -13.60 -51.09
CA ILE B 76 45.18 -13.73 -50.73
C ILE B 76 45.47 -15.12 -50.17
N THR B 77 44.53 -15.68 -49.43
CA THR B 77 44.72 -17.03 -48.88
C THR B 77 44.69 -18.09 -49.97
N SER B 78 43.96 -17.82 -51.06
CA SER B 78 43.95 -18.76 -52.17
C SER B 78 45.26 -18.73 -52.94
N PHE B 79 45.87 -17.54 -53.05
CA PHE B 79 47.18 -17.43 -53.69
C PHE B 79 48.29 -17.98 -52.80
N CYS B 80 48.33 -17.54 -51.54
CA CYS B 80 49.46 -17.88 -50.68
C CYS B 80 49.45 -19.33 -50.24
N GLY B 81 48.27 -19.95 -50.18
CA GLY B 81 48.21 -21.37 -49.91
C GLY B 81 48.65 -22.24 -51.06
N THR B 82 48.55 -21.71 -52.29
CA THR B 82 48.94 -22.48 -53.47
C THR B 82 50.34 -22.12 -53.94
N LEU B 83 50.64 -20.83 -54.04
CA LEU B 83 51.95 -20.40 -54.49
C LEU B 83 53.03 -20.52 -53.42
N HIS B 84 52.63 -20.84 -52.18
CA HIS B 84 53.53 -21.16 -51.07
C HIS B 84 54.45 -19.98 -50.74
N VAL B 85 53.91 -18.77 -50.83
CA VAL B 85 54.62 -17.55 -50.48
C VAL B 85 53.99 -17.01 -49.21
N SER B 86 54.81 -16.78 -48.18
CA SER B 86 54.31 -16.32 -46.89
C SER B 86 53.80 -14.89 -46.97
N PHE B 87 52.80 -14.60 -46.15
CA PHE B 87 52.15 -13.29 -46.17
C PHE B 87 51.99 -12.80 -44.74
N ILE B 88 52.24 -11.51 -44.54
CA ILE B 88 52.21 -10.92 -43.21
C ILE B 88 51.18 -9.78 -43.21
N THR B 89 50.27 -9.82 -42.24
CA THR B 89 49.17 -8.88 -42.21
C THR B 89 48.82 -8.43 -40.80
N PRO B 90 48.47 -7.16 -40.62
CA PRO B 90 47.87 -6.72 -39.34
C PRO B 90 46.34 -6.69 -39.36
N SER B 91 45.71 -7.21 -40.42
CA SER B 91 44.28 -7.01 -40.62
C SER B 91 43.47 -7.94 -39.72
N PHE B 92 42.15 -7.98 -39.98
CA PHE B 92 41.22 -8.78 -39.22
C PHE B 92 41.54 -10.27 -39.35
N PRO B 93 41.35 -11.06 -38.29
CA PRO B 93 41.82 -12.45 -38.31
C PRO B 93 41.00 -13.34 -39.25
N THR B 94 41.66 -14.39 -39.76
CA THR B 94 40.99 -15.37 -40.59
C THR B 94 40.31 -16.42 -39.73
N ASP B 95 39.43 -17.20 -40.35
CA ASP B 95 38.71 -18.24 -39.62
C ASP B 95 39.24 -19.63 -39.92
N GLY B 96 39.72 -19.87 -41.14
CA GLY B 96 40.25 -21.15 -41.53
C GLY B 96 41.75 -21.21 -41.34
N THR B 97 42.24 -22.42 -41.10
CA THR B 97 43.66 -22.64 -40.88
C THR B 97 44.41 -22.53 -42.21
N HIS B 98 44.84 -21.33 -42.54
CA HIS B 98 45.44 -21.08 -43.84
C HIS B 98 46.96 -21.12 -43.73
N PRO B 99 47.63 -21.88 -44.59
CA PRO B 99 49.09 -21.79 -44.66
C PRO B 99 49.53 -20.46 -45.26
N PHE B 100 50.74 -20.04 -44.88
CA PHE B 100 51.44 -18.88 -45.43
C PHE B 100 50.69 -17.58 -45.16
N VAL B 101 49.91 -17.56 -44.08
CA VAL B 101 49.18 -16.37 -43.64
C VAL B 101 49.59 -16.12 -42.20
N ILE B 102 50.39 -15.09 -41.98
CA ILE B 102 50.84 -14.72 -40.65
C ILE B 102 50.18 -13.41 -40.27
N GLN B 103 49.32 -13.46 -39.25
CA GLN B 103 48.45 -12.32 -38.95
C GLN B 103 48.89 -11.67 -37.65
N MET B 104 49.04 -10.35 -37.69
CA MET B 104 49.60 -9.63 -36.55
C MET B 104 48.53 -9.26 -35.52
N ARG B 105 47.27 -9.24 -35.93
CA ARG B 105 46.24 -8.79 -35.00
C ARG B 105 45.73 -9.99 -34.21
N PRO B 106 45.75 -9.95 -32.88
CA PRO B 106 45.24 -11.07 -32.10
C PRO B 106 43.72 -11.16 -32.18
N ASP B 107 43.20 -12.30 -31.72
CA ASP B 107 41.76 -12.48 -31.67
C ASP B 107 41.18 -11.58 -30.57
N LEU B 108 39.92 -11.18 -30.75
CA LEU B 108 39.29 -10.24 -29.85
C LEU B 108 38.06 -10.84 -29.16
N LYS B 109 37.49 -11.91 -29.72
CA LYS B 109 36.23 -12.45 -29.21
C LYS B 109 36.42 -13.13 -27.86
N GLY B 110 37.61 -13.66 -27.58
CA GLY B 110 37.83 -14.34 -26.31
C GLY B 110 37.83 -13.38 -25.14
N ALA B 111 38.37 -12.18 -25.34
CA ALA B 111 38.26 -11.15 -24.32
C ALA B 111 36.84 -10.61 -24.23
N LEU B 112 36.14 -10.57 -25.37
CA LEU B 112 34.80 -9.98 -25.38
C LEU B 112 33.79 -10.92 -24.77
N LEU B 113 33.92 -12.23 -25.03
CA LEU B 113 33.05 -13.21 -24.38
C LEU B 113 33.34 -13.28 -22.89
N SER B 114 34.60 -13.05 -22.50
CA SER B 114 34.91 -12.91 -21.08
C SER B 114 34.31 -11.62 -20.51
N LEU B 115 34.17 -10.59 -21.35
CA LEU B 115 33.75 -9.30 -20.83
C LEU B 115 32.24 -9.26 -20.59
N ILE B 116 31.47 -9.93 -21.44
CA ILE B 116 30.02 -9.97 -21.25
C ILE B 116 29.66 -10.75 -20.01
N GLU B 117 30.40 -11.83 -19.76
CA GLU B 117 30.27 -12.56 -18.50
C GLU B 117 30.70 -11.71 -17.31
N TYR B 118 31.67 -10.81 -17.52
CA TYR B 118 32.10 -9.92 -16.45
C TYR B 118 31.03 -8.87 -16.13
N TYR B 119 30.38 -8.35 -17.16
CA TYR B 119 29.27 -7.44 -16.94
C TYR B 119 27.94 -8.15 -16.73
N GLN B 120 27.92 -9.48 -16.89
CA GLN B 120 26.74 -10.32 -16.69
C GLN B 120 25.57 -9.88 -17.58
N TRP B 121 25.88 -9.51 -18.82
CA TRP B 121 24.84 -9.06 -19.73
C TRP B 121 24.14 -10.22 -20.40
N ASP B 122 22.82 -10.10 -20.51
CA ASP B 122 22.02 -11.04 -21.29
C ASP B 122 21.15 -10.35 -22.34
N LYS B 123 20.57 -9.21 -22.01
CA LYS B 123 19.74 -8.46 -22.96
C LYS B 123 20.52 -7.24 -23.39
N PHE B 124 20.96 -7.24 -24.65
CA PHE B 124 21.83 -6.18 -25.12
C PHE B 124 21.76 -6.12 -26.63
N ALA B 125 22.07 -4.93 -27.16
CA ALA B 125 22.15 -4.76 -28.60
C ALA B 125 23.58 -4.96 -29.09
N TYR B 126 23.72 -5.19 -30.39
CA TYR B 126 25.03 -5.38 -31.00
C TYR B 126 25.03 -4.75 -32.39
N LEU B 127 25.44 -3.48 -32.45
CA LEU B 127 25.64 -2.84 -33.74
C LEU B 127 27.00 -3.26 -34.30
N TYR B 128 27.05 -3.46 -35.62
CA TYR B 128 28.27 -4.00 -36.21
C TYR B 128 28.40 -3.57 -37.66
N ASP B 129 29.61 -3.71 -38.17
CA ASP B 129 29.94 -3.47 -39.57
C ASP B 129 30.46 -4.76 -40.19
N SER B 130 30.21 -4.93 -41.49
CA SER B 130 30.51 -6.18 -42.15
C SER B 130 31.99 -6.31 -42.51
N ASP B 131 32.74 -5.21 -42.52
CA ASP B 131 34.01 -5.14 -43.25
C ASP B 131 35.09 -6.00 -42.62
N ARG B 132 35.12 -6.11 -41.29
CA ARG B 132 36.09 -6.97 -40.63
C ARG B 132 35.63 -8.41 -40.50
N GLY B 133 34.61 -8.81 -41.26
CA GLY B 133 34.07 -10.16 -41.12
C GLY B 133 32.97 -10.21 -40.08
N LEU B 134 32.31 -11.37 -40.03
CA LEU B 134 31.19 -11.58 -39.12
C LEU B 134 31.40 -12.76 -38.19
N SER B 135 32.65 -13.22 -38.03
CA SER B 135 32.93 -14.31 -37.11
C SER B 135 32.73 -13.88 -35.66
N THR B 136 32.99 -12.61 -35.36
CA THR B 136 32.68 -12.07 -34.05
C THR B 136 31.19 -12.04 -33.81
N LEU B 137 30.41 -11.75 -34.86
CA LEU B 137 28.96 -11.90 -34.77
C LEU B 137 28.58 -13.35 -34.58
N GLN B 138 29.27 -14.26 -35.28
CA GLN B 138 29.03 -15.69 -35.10
C GLN B 138 29.44 -16.15 -33.71
N ALA B 139 30.44 -15.48 -33.12
CA ALA B 139 30.90 -15.85 -31.79
C ALA B 139 29.86 -15.51 -30.73
N VAL B 140 29.29 -14.29 -30.81
CA VAL B 140 28.37 -13.86 -29.77
C VAL B 140 27.01 -14.53 -29.94
N LEU B 141 26.67 -14.96 -31.16
CA LEU B 141 25.41 -15.66 -31.34
C LEU B 141 25.48 -17.09 -30.83
N ASP B 142 26.67 -17.68 -30.82
CA ASP B 142 26.83 -19.00 -30.24
C ASP B 142 26.69 -18.95 -28.72
N SER B 143 27.27 -17.92 -28.10
CA SER B 143 27.11 -17.75 -26.66
C SER B 143 25.75 -17.16 -26.31
N ALA B 144 25.04 -16.62 -27.30
CA ALA B 144 23.68 -16.15 -27.06
C ALA B 144 22.75 -17.29 -26.70
N ALA B 145 22.78 -18.37 -27.49
CA ALA B 145 21.96 -19.54 -27.17
C ALA B 145 22.55 -20.30 -25.99
N GLU B 146 23.88 -20.31 -25.88
CA GLU B 146 24.54 -21.08 -24.84
C GLU B 146 24.32 -20.48 -23.45
N LYS B 147 24.40 -19.17 -23.34
CA LYS B 147 24.23 -18.50 -22.05
C LYS B 147 22.85 -17.87 -21.90
N LYS B 148 21.93 -18.17 -22.81
CA LYS B 148 20.53 -17.70 -22.81
C LYS B 148 20.45 -16.18 -22.80
N TRP B 149 20.94 -15.58 -23.88
CA TRP B 149 21.00 -14.13 -24.00
C TRP B 149 19.88 -13.62 -24.91
N GLN B 150 19.76 -12.29 -24.97
CA GLN B 150 18.80 -11.63 -25.85
C GLN B 150 19.55 -10.57 -26.67
N VAL B 151 20.02 -10.97 -27.85
CA VAL B 151 20.90 -10.11 -28.62
C VAL B 151 20.11 -9.40 -29.71
N THR B 152 20.37 -8.10 -29.86
CA THR B 152 19.77 -7.29 -30.92
C THR B 152 20.89 -6.88 -31.88
N ALA B 153 21.07 -7.67 -32.94
CA ALA B 153 22.15 -7.40 -33.87
C ALA B 153 21.63 -6.67 -35.10
N ILE B 154 22.26 -5.54 -35.42
CA ILE B 154 21.87 -4.73 -36.57
C ILE B 154 23.14 -4.30 -37.29
N ASN B 155 23.23 -4.66 -38.57
CA ASN B 155 24.34 -4.22 -39.41
C ASN B 155 24.13 -2.75 -39.76
N VAL B 156 25.11 -1.93 -39.40
CA VAL B 156 24.97 -0.49 -39.53
C VAL B 156 25.83 0.02 -40.69
N GLY B 157 26.77 -0.80 -41.16
CA GLY B 157 27.70 -0.37 -42.18
C GLY B 157 27.13 -0.23 -43.57
N ASN B 158 25.94 -0.79 -43.81
CA ASN B 158 25.37 -0.77 -45.16
C ASN B 158 24.80 0.59 -45.53
N ILE B 159 24.53 1.44 -44.55
CA ILE B 159 23.96 2.75 -44.83
C ILE B 159 25.05 3.66 -45.38
N ASN B 160 24.73 4.40 -46.43
CA ASN B 160 25.70 5.26 -47.09
C ASN B 160 26.09 6.45 -46.22
N ASN B 161 27.20 7.11 -46.61
CA ASN B 161 27.67 8.27 -45.87
C ASN B 161 26.90 9.54 -46.21
N ASP B 162 25.99 9.48 -47.19
CA ASP B 162 25.25 10.66 -47.57
C ASP B 162 24.21 11.03 -46.54
N LYS B 163 23.47 10.07 -46.02
CA LYS B 163 22.42 10.32 -45.03
C LYS B 163 22.64 9.49 -43.76
N LYS B 164 23.87 9.43 -43.26
CA LYS B 164 24.15 8.71 -42.03
C LYS B 164 23.94 9.58 -40.79
N ASP B 165 22.84 10.33 -40.79
CA ASP B 165 22.43 11.03 -39.58
C ASP B 165 20.94 10.87 -39.40
N GLU B 166 20.22 10.70 -40.52
CA GLU B 166 18.78 10.57 -40.46
C GLU B 166 18.36 9.14 -40.12
N THR B 167 18.98 8.16 -40.77
CA THR B 167 18.68 6.76 -40.50
C THR B 167 19.17 6.35 -39.12
N TYR B 168 20.23 7.00 -38.62
CA TYR B 168 20.78 6.61 -37.33
C TYR B 168 19.94 7.16 -36.20
N ARG B 169 19.15 8.21 -36.46
CA ARG B 169 18.10 8.59 -35.53
C ARG B 169 17.09 7.48 -35.37
N SER B 170 16.62 6.92 -36.49
CA SER B 170 15.62 5.85 -36.45
C SER B 170 16.22 4.56 -35.90
N LEU B 171 17.55 4.42 -35.97
CA LEU B 171 18.21 3.24 -35.43
C LEU B 171 18.05 3.14 -33.92
N PHE B 172 18.37 4.22 -33.21
CA PHE B 172 18.24 4.19 -31.75
C PHE B 172 16.79 4.31 -31.31
N GLN B 173 15.94 4.90 -32.15
CA GLN B 173 14.50 4.86 -31.90
C GLN B 173 13.98 3.44 -32.00
N ASP B 174 14.57 2.63 -32.88
CA ASP B 174 14.27 1.21 -32.90
C ASP B 174 14.87 0.51 -31.69
N LEU B 175 15.97 1.04 -31.15
CA LEU B 175 16.51 0.48 -29.91
C LEU B 175 15.69 0.89 -28.70
N GLU B 176 14.93 1.99 -28.81
CA GLU B 176 14.00 2.36 -27.75
C GLU B 176 12.69 1.61 -27.84
N LEU B 177 12.52 0.76 -28.86
CA LEU B 177 11.37 -0.14 -28.87
C LEU B 177 11.50 -1.21 -27.80
N LYS B 178 12.73 -1.53 -27.41
CA LYS B 178 12.99 -2.38 -26.26
C LYS B 178 13.78 -1.66 -25.17
N LYS B 179 14.18 -0.40 -25.43
CA LYS B 179 14.83 0.49 -24.46
C LYS B 179 16.15 -0.10 -23.94
N GLU B 180 17.05 -0.40 -24.86
CA GLU B 180 18.31 -1.04 -24.50
C GLU B 180 19.30 -0.02 -23.94
N ARG B 181 20.06 -0.45 -22.94
CA ARG B 181 21.09 0.37 -22.32
C ARG B 181 22.49 -0.16 -22.59
N ARG B 182 22.60 -1.25 -23.34
CA ARG B 182 23.80 -2.04 -23.41
C ARG B 182 24.17 -2.26 -24.87
N VAL B 183 24.99 -1.37 -25.41
CA VAL B 183 25.32 -1.40 -26.84
C VAL B 183 26.77 -1.80 -27.02
N ILE B 184 26.99 -2.83 -27.83
CA ILE B 184 28.35 -3.29 -28.16
C ILE B 184 28.61 -2.94 -29.61
N LEU B 185 29.39 -1.88 -29.84
CA LEU B 185 29.72 -1.46 -31.18
C LEU B 185 30.86 -2.29 -31.75
N ASP B 186 30.76 -2.62 -33.04
CA ASP B 186 31.85 -3.29 -33.73
C ASP B 186 32.00 -2.64 -35.11
N CYS B 187 32.78 -1.57 -35.17
CA CYS B 187 32.95 -0.81 -36.39
C CYS B 187 34.38 -0.31 -36.48
N GLU B 188 34.71 0.26 -37.64
CA GLU B 188 35.93 1.01 -37.79
C GLU B 188 35.86 2.28 -36.96
N ARG B 189 37.04 2.78 -36.54
CA ARG B 189 37.10 3.89 -35.60
C ARG B 189 36.55 5.18 -36.20
N ASP B 190 36.58 5.31 -37.53
CA ASP B 190 35.86 6.40 -38.19
C ASP B 190 34.36 6.19 -38.06
N LYS B 191 33.88 4.96 -38.30
CA LYS B 191 32.47 4.67 -38.15
C LYS B 191 32.05 4.62 -36.69
N VAL B 192 32.98 4.29 -35.79
CA VAL B 192 32.70 4.36 -34.37
C VAL B 192 32.45 5.79 -33.94
N ASN B 193 33.31 6.71 -34.40
CA ASN B 193 33.16 8.12 -34.06
C ASN B 193 31.92 8.74 -34.68
N ASP B 194 31.44 8.15 -35.78
CA ASP B 194 30.16 8.57 -36.34
C ASP B 194 29.02 8.22 -35.40
N ILE B 195 29.03 6.99 -34.88
CA ILE B 195 27.96 6.51 -34.02
C ILE B 195 27.97 7.25 -32.68
N VAL B 196 29.17 7.57 -32.17
CA VAL B 196 29.31 8.36 -30.96
C VAL B 196 28.67 9.73 -31.14
N ASP B 197 28.90 10.36 -32.30
CA ASP B 197 28.29 11.66 -32.57
C ASP B 197 26.78 11.56 -32.73
N GLN B 198 26.29 10.39 -33.14
CA GLN B 198 24.85 10.18 -33.14
C GLN B 198 24.31 10.04 -31.72
N VAL B 199 25.05 9.35 -30.84
CA VAL B 199 24.68 9.24 -29.44
C VAL B 199 24.75 10.60 -28.75
N ILE B 200 25.75 11.41 -29.12
CA ILE B 200 25.85 12.78 -28.64
C ILE B 200 24.68 13.62 -29.13
N THR B 201 24.23 13.36 -30.37
CA THR B 201 23.10 14.10 -30.94
C THR B 201 21.81 13.80 -30.20
N ILE B 202 21.65 12.57 -29.69
CA ILE B 202 20.43 12.18 -29.00
C ILE B 202 20.59 12.05 -27.50
N GLY B 203 21.81 12.16 -26.99
CA GLY B 203 22.01 12.19 -25.56
C GLY B 203 21.92 10.87 -24.83
N LYS B 204 22.25 9.77 -25.50
CA LYS B 204 22.30 8.48 -24.81
C LYS B 204 23.66 8.23 -24.17
N HIS B 205 24.51 9.24 -24.12
CA HIS B 205 25.78 9.15 -23.40
C HIS B 205 25.63 9.48 -21.93
N VAL B 206 24.40 9.75 -21.48
CA VAL B 206 24.12 10.05 -20.09
C VAL B 206 24.19 8.77 -19.26
N LYS B 207 24.10 8.94 -17.95
CA LYS B 207 24.09 7.82 -17.01
C LYS B 207 22.89 6.90 -17.28
N GLY B 208 23.13 5.60 -17.16
CA GLY B 208 22.14 4.58 -17.46
C GLY B 208 22.51 3.70 -18.62
N TYR B 209 23.12 4.26 -19.66
CA TYR B 209 23.58 3.48 -20.81
C TYR B 209 24.98 2.96 -20.56
N HIS B 210 25.37 1.97 -21.34
CA HIS B 210 26.72 1.41 -21.26
C HIS B 210 27.17 1.00 -22.66
N TYR B 211 28.45 1.19 -22.94
CA TYR B 211 28.98 0.97 -24.27
C TYR B 211 30.26 0.16 -24.20
N ILE B 212 30.47 -0.68 -25.21
CA ILE B 212 31.68 -1.49 -25.35
C ILE B 212 32.17 -1.30 -26.77
N ILE B 213 33.41 -0.83 -26.93
CA ILE B 213 33.98 -0.59 -28.24
C ILE B 213 34.87 -1.78 -28.58
N ALA B 214 34.48 -2.53 -29.60
CA ALA B 214 35.13 -3.81 -29.91
C ALA B 214 36.22 -3.59 -30.97
N ASN B 215 37.32 -2.99 -30.53
CA ASN B 215 38.53 -2.92 -31.32
C ASN B 215 39.71 -2.80 -30.38
N LEU B 216 40.92 -2.89 -30.95
CA LEU B 216 42.12 -2.71 -30.14
C LEU B 216 42.49 -1.25 -30.01
N GLY B 217 41.90 -0.37 -30.82
CA GLY B 217 42.17 1.05 -30.74
C GLY B 217 41.17 1.80 -29.90
N PHE B 218 40.99 1.39 -28.64
CA PHE B 218 40.09 2.09 -27.74
C PHE B 218 40.63 3.48 -27.39
N THR B 219 41.95 3.61 -27.26
CA THR B 219 42.54 4.92 -27.03
C THR B 219 42.55 5.77 -28.30
N ASP B 220 42.38 5.16 -29.47
CA ASP B 220 42.39 5.92 -30.71
C ASP B 220 41.10 6.70 -30.89
N GLY B 221 39.99 6.20 -30.35
CA GLY B 221 38.73 6.90 -30.47
C GLY B 221 38.64 8.10 -29.55
N ASP B 222 37.74 9.02 -29.91
CA ASP B 222 37.52 10.25 -29.14
C ASP B 222 36.76 9.91 -27.87
N LEU B 223 37.49 9.88 -26.75
CA LEU B 223 36.87 9.68 -25.45
C LEU B 223 36.59 10.98 -24.73
N LEU B 224 37.31 12.05 -25.06
CA LEU B 224 37.16 13.33 -24.35
C LEU B 224 35.79 13.96 -24.61
N LYS B 225 35.19 13.66 -25.76
CA LYS B 225 33.90 14.24 -26.09
C LYS B 225 32.76 13.54 -25.34
N ILE B 226 33.03 12.34 -24.81
CA ILE B 226 32.03 11.58 -24.08
C ILE B 226 32.56 11.10 -22.74
N GLN B 227 33.61 11.76 -22.24
CA GLN B 227 34.18 11.38 -20.96
C GLN B 227 33.25 11.72 -19.80
N PHE B 228 32.56 12.85 -19.89
CA PHE B 228 31.76 13.33 -18.77
C PHE B 228 30.27 13.36 -19.10
N GLY B 229 29.83 12.59 -20.10
CA GLY B 229 28.42 12.55 -20.40
C GLY B 229 27.58 11.78 -19.41
N GLY B 230 28.10 10.66 -18.91
CA GLY B 230 27.40 9.85 -17.92
C GLY B 230 27.43 8.36 -18.17
N ALA B 231 27.43 7.92 -19.43
CA ALA B 231 27.47 6.49 -19.70
C ALA B 231 28.89 5.97 -19.50
N GLU B 232 28.99 4.68 -19.20
CA GLU B 232 30.28 4.05 -19.00
C GLU B 232 30.69 3.26 -20.23
N VAL B 233 31.87 3.58 -20.76
CA VAL B 233 32.34 3.02 -22.01
C VAL B 233 33.52 2.10 -21.71
N SER B 234 33.44 0.86 -22.20
CA SER B 234 34.50 -0.12 -22.03
C SER B 234 35.16 -0.37 -23.37
N GLY B 235 36.37 -0.93 -23.33
CA GLY B 235 37.09 -1.21 -24.55
C GLY B 235 38.36 -1.96 -24.28
N PHE B 236 39.19 -2.07 -25.33
CA PHE B 236 40.42 -2.83 -25.27
C PHE B 236 41.54 -2.06 -25.96
N GLN B 237 42.67 -1.95 -25.27
CA GLN B 237 43.87 -1.37 -25.87
C GLN B 237 44.99 -2.40 -25.80
N ILE B 238 45.42 -2.88 -26.97
CA ILE B 238 46.38 -3.98 -27.01
C ILE B 238 47.79 -3.46 -26.70
N VAL B 239 48.04 -2.18 -26.91
CA VAL B 239 49.37 -1.60 -26.73
C VAL B 239 49.32 -0.72 -25.49
N ASP B 240 49.90 -1.20 -24.40
CA ASP B 240 49.95 -0.42 -23.17
C ASP B 240 50.97 0.71 -23.31
N TYR B 241 50.50 1.94 -23.23
CA TYR B 241 51.35 3.11 -23.37
C TYR B 241 52.26 3.35 -22.17
N ASP B 242 51.96 2.74 -21.02
CA ASP B 242 52.80 2.92 -19.84
C ASP B 242 54.06 2.08 -19.91
N ASP B 243 54.15 1.14 -20.84
CA ASP B 243 55.36 0.34 -20.99
C ASP B 243 56.49 1.19 -21.57
N SER B 244 57.66 1.05 -20.96
CA SER B 244 58.82 1.85 -21.38
C SER B 244 59.33 1.43 -22.75
N LEU B 245 59.11 0.17 -23.12
CA LEU B 245 59.38 -0.27 -24.49
C LEU B 245 58.47 0.46 -25.46
N VAL B 246 57.22 0.70 -25.06
CA VAL B 246 56.30 1.48 -25.87
C VAL B 246 56.62 2.97 -25.74
N SER B 247 56.92 3.43 -24.53
CA SER B 247 57.03 4.86 -24.26
C SER B 247 58.27 5.47 -24.91
N LYS B 248 59.37 4.73 -24.97
CA LYS B 248 60.55 5.20 -25.70
C LYS B 248 60.29 5.27 -27.18
N PHE B 249 59.42 4.38 -27.69
CA PHE B 249 58.99 4.48 -29.09
C PHE B 249 58.08 5.69 -29.29
N ILE B 250 57.20 5.97 -28.31
CA ILE B 250 56.31 7.13 -28.39
C ILE B 250 57.10 8.44 -28.35
N GLU B 251 58.16 8.47 -27.53
CA GLU B 251 59.06 9.62 -27.52
C GLU B 251 59.80 9.76 -28.84
N ARG B 252 60.04 8.65 -29.53
CA ARG B 252 60.59 8.72 -30.88
C ARG B 252 59.49 8.96 -31.91
N TRP B 253 58.24 8.64 -31.57
CA TRP B 253 57.14 8.76 -32.51
C TRP B 253 56.77 10.22 -32.79
N SER B 254 56.48 10.98 -31.73
CA SER B 254 55.96 12.34 -31.89
C SER B 254 57.01 13.30 -32.42
N THR B 255 58.29 13.01 -32.20
CA THR B 255 59.35 13.94 -32.63
C THR B 255 59.58 13.89 -34.14
N LEU B 256 59.05 12.88 -34.82
CA LEU B 256 59.24 12.78 -36.26
C LEU B 256 58.40 13.82 -36.99
N GLU B 257 58.86 14.19 -38.19
CA GLU B 257 58.20 15.23 -38.95
C GLU B 257 56.96 14.68 -39.64
N GLU B 258 55.88 15.47 -39.62
CA GLU B 258 54.67 15.11 -40.33
C GLU B 258 54.85 15.16 -41.85
N LYS B 259 55.68 16.09 -42.32
CA LYS B 259 55.95 16.19 -43.76
C LYS B 259 56.72 14.98 -44.26
N GLU B 260 57.60 14.42 -43.43
CA GLU B 260 58.28 13.18 -43.78
C GLU B 260 57.47 11.95 -43.43
N TYR B 261 56.99 11.84 -42.19
CA TYR B 261 56.19 10.71 -41.75
C TYR B 261 54.82 11.26 -41.35
N PRO B 262 53.83 11.20 -42.23
CA PRO B 262 52.49 11.64 -41.86
C PRO B 262 51.85 10.71 -40.84
N GLY B 263 51.20 11.32 -39.84
CA GLY B 263 50.65 10.57 -38.74
C GLY B 263 51.61 10.28 -37.61
N ALA B 264 52.88 10.65 -37.75
CA ALA B 264 53.87 10.35 -36.72
C ALA B 264 53.88 11.38 -35.60
N HIS B 265 53.75 12.67 -35.91
CA HIS B 265 53.80 13.72 -34.90
C HIS B 265 52.46 13.74 -34.15
N THR B 266 52.27 12.72 -33.31
CA THR B 266 51.04 12.50 -32.56
C THR B 266 51.40 12.02 -31.16
N ALA B 267 50.49 12.25 -30.22
CA ALA B 267 50.70 11.78 -28.85
C ALA B 267 50.58 10.26 -28.76
N THR B 268 49.62 9.68 -29.47
CA THR B 268 49.41 8.23 -29.47
C THR B 268 49.63 7.67 -30.87
N ILE B 269 49.31 6.39 -31.04
CA ILE B 269 49.50 5.71 -32.31
C ILE B 269 48.35 4.72 -32.46
N LYS B 270 47.97 4.47 -33.72
CA LYS B 270 47.03 3.41 -34.00
C LYS B 270 47.68 2.05 -33.75
N TYR B 271 46.87 1.07 -33.37
CA TYR B 271 47.39 -0.28 -33.15
C TYR B 271 47.77 -0.93 -34.48
N THR B 272 47.10 -0.55 -35.57
CA THR B 272 47.46 -1.03 -36.89
C THR B 272 48.83 -0.53 -37.30
N SER B 273 49.17 0.71 -36.90
CA SER B 273 50.53 1.20 -37.10
C SER B 273 51.51 0.51 -36.17
N ALA B 274 51.06 0.15 -34.96
CA ALA B 274 51.94 -0.46 -33.99
C ALA B 274 52.27 -1.90 -34.36
N LEU B 275 51.28 -2.66 -34.81
CA LEU B 275 51.53 -4.01 -35.28
C LEU B 275 52.32 -4.02 -36.58
N THR B 276 52.18 -2.96 -37.38
CA THR B 276 53.03 -2.79 -38.56
C THR B 276 54.49 -2.61 -38.16
N TYR B 277 54.73 -1.80 -37.12
CA TYR B 277 56.07 -1.67 -36.57
C TYR B 277 56.50 -2.97 -35.90
N ASP B 278 55.56 -3.71 -35.31
CA ASP B 278 55.90 -5.00 -34.71
C ASP B 278 56.13 -6.06 -35.78
N ALA B 279 55.56 -5.89 -36.97
CA ALA B 279 55.77 -6.85 -38.04
C ALA B 279 57.18 -6.77 -38.59
N VAL B 280 57.79 -5.58 -38.56
CA VAL B 280 59.16 -5.43 -39.05
C VAL B 280 60.13 -6.12 -38.09
N GLN B 281 59.78 -6.15 -36.79
CA GLN B 281 60.56 -6.91 -35.82
C GLN B 281 60.56 -8.40 -36.13
N VAL B 282 59.41 -8.93 -36.57
CA VAL B 282 59.29 -10.35 -36.85
C VAL B 282 60.07 -10.70 -38.11
N MET B 283 59.97 -9.85 -39.14
CA MET B 283 60.65 -10.11 -40.40
C MET B 283 62.15 -9.96 -40.26
N THR B 284 62.60 -9.06 -39.40
CA THR B 284 64.03 -8.95 -39.10
C THR B 284 64.51 -10.18 -38.33
N GLU B 285 63.73 -10.60 -37.32
CA GLU B 285 64.08 -11.79 -36.55
C GLU B 285 64.04 -13.05 -37.39
N ALA B 286 63.20 -13.07 -38.43
CA ALA B 286 63.14 -14.23 -39.32
C ALA B 286 64.43 -14.40 -40.10
N PHE B 287 64.85 -13.37 -40.83
CA PHE B 287 66.04 -13.51 -41.66
C PHE B 287 67.32 -13.44 -40.86
N ARG B 288 67.28 -12.94 -39.62
CA ARG B 288 68.41 -13.15 -38.72
C ARG B 288 68.51 -14.62 -38.32
N ASN B 289 67.37 -15.30 -38.19
CA ASN B 289 67.39 -16.73 -37.89
C ASN B 289 67.80 -17.54 -39.11
N LEU B 290 67.35 -17.14 -40.31
CA LEU B 290 67.83 -17.79 -41.54
C LEU B 290 69.32 -17.51 -41.76
N ARG B 291 69.82 -16.39 -41.25
CA ARG B 291 71.26 -16.18 -41.25
C ARG B 291 71.94 -17.06 -40.22
N LYS B 292 71.29 -17.28 -39.08
CA LYS B 292 71.86 -18.16 -38.06
C LYS B 292 71.71 -19.63 -38.45
N GLN B 293 70.62 -19.99 -39.13
CA GLN B 293 70.47 -21.35 -39.61
C GLN B 293 71.27 -21.59 -40.87
N ARG B 294 71.67 -20.51 -41.56
CA ARG B 294 72.43 -20.53 -42.82
C ARG B 294 71.73 -21.35 -43.89
N ILE B 295 70.41 -21.16 -44.01
CA ILE B 295 69.60 -21.83 -45.01
C ILE B 295 69.38 -20.83 -46.13
N GLU B 296 70.00 -21.10 -47.28
CA GLU B 296 69.95 -20.16 -48.39
C GLU B 296 68.61 -20.27 -49.13
N ILE B 297 67.99 -19.12 -49.35
CA ILE B 297 66.74 -19.04 -50.11
C ILE B 297 66.89 -18.07 -51.27
N SER B 298 68.11 -17.58 -51.50
CA SER B 298 68.33 -16.45 -52.40
C SER B 298 68.14 -16.84 -53.85
N ARG B 299 66.89 -16.88 -54.30
CA ARG B 299 66.59 -17.23 -55.68
C ARG B 299 66.35 -15.96 -56.49
N ARG B 300 66.36 -16.14 -57.81
CA ARG B 300 65.93 -15.10 -58.74
C ARG B 300 64.41 -15.14 -58.87
N GLY B 301 63.88 -14.45 -59.87
CA GLY B 301 62.45 -14.55 -60.15
C GLY B 301 62.01 -15.88 -60.74
N ASN B 302 62.25 -16.98 -60.02
CA ASN B 302 61.82 -18.31 -60.44
C ASN B 302 60.34 -18.54 -60.14
N ALA B 303 59.79 -17.68 -59.28
CA ALA B 303 58.34 -17.62 -59.12
C ALA B 303 57.66 -17.17 -60.41
N GLY B 304 58.02 -16.00 -60.91
CA GLY B 304 57.66 -15.58 -62.26
C GLY B 304 56.18 -15.33 -62.44
N ASP B 305 55.60 -16.11 -63.36
CA ASP B 305 54.18 -15.96 -63.68
C ASP B 305 53.33 -16.58 -62.58
N CYS B 306 52.32 -15.83 -62.15
CA CYS B 306 51.30 -16.38 -61.28
C CYS B 306 50.26 -17.19 -62.04
N LEU B 307 50.24 -17.10 -63.37
CA LEU B 307 49.35 -17.88 -64.20
C LEU B 307 49.98 -19.19 -64.67
N ALA B 308 50.97 -19.69 -63.95
CA ALA B 308 51.62 -20.94 -64.33
C ALA B 308 50.69 -22.12 -64.08
N ASN B 309 50.54 -22.98 -65.08
CA ASN B 309 49.61 -24.09 -65.02
C ASN B 309 50.34 -25.39 -65.31
N PRO B 310 50.65 -26.22 -64.30
CA PRO B 310 50.49 -25.95 -62.87
C PRO B 310 51.60 -25.09 -62.29
N ALA B 311 51.26 -24.24 -61.34
CA ALA B 311 52.26 -23.41 -60.66
C ALA B 311 53.01 -24.28 -59.65
N VAL B 312 54.33 -24.32 -59.81
CA VAL B 312 55.16 -25.21 -58.99
C VAL B 312 55.51 -24.51 -57.68
N PRO B 313 55.43 -25.20 -56.54
CA PRO B 313 55.90 -24.61 -55.29
C PRO B 313 57.41 -24.65 -55.21
N TRP B 314 57.97 -23.84 -54.31
CA TRP B 314 59.40 -23.89 -54.01
C TRP B 314 59.57 -23.98 -52.51
N GLY B 315 60.13 -25.12 -52.06
CA GLY B 315 60.16 -25.50 -50.66
C GLY B 315 60.98 -24.63 -49.74
N GLN B 316 61.89 -23.82 -50.31
CA GLN B 316 62.58 -22.82 -49.51
C GLN B 316 61.61 -21.77 -48.99
N GLY B 317 60.55 -21.49 -49.74
CA GLY B 317 59.51 -20.59 -49.26
C GLY B 317 58.64 -21.23 -48.20
N VAL B 318 58.53 -22.57 -48.22
CA VAL B 318 57.83 -23.28 -47.16
C VAL B 318 58.61 -23.20 -45.86
N GLU B 319 59.94 -23.25 -45.95
CA GLU B 319 60.80 -23.13 -44.77
C GLU B 319 60.74 -21.73 -44.18
N ILE B 320 60.43 -20.72 -45.00
CA ILE B 320 60.23 -19.36 -44.50
C ILE B 320 59.06 -19.32 -43.52
N GLU B 321 57.94 -19.96 -43.88
CA GLU B 321 56.78 -20.04 -42.99
C GLU B 321 57.11 -20.82 -41.72
N ARG B 322 57.95 -21.84 -41.85
CA ARG B 322 58.35 -22.64 -40.69
C ARG B 322 59.19 -21.82 -39.72
N ALA B 323 60.00 -20.88 -40.23
CA ALA B 323 60.80 -20.04 -39.36
C ALA B 323 59.99 -18.90 -38.77
N LEU B 324 58.93 -18.45 -39.44
CA LEU B 324 58.10 -17.36 -38.93
C LEU B 324 57.33 -17.79 -37.69
N LYS B 325 56.79 -19.02 -37.69
CA LYS B 325 56.01 -19.49 -36.57
C LYS B 325 56.87 -19.84 -35.36
N GLN B 326 58.18 -20.01 -35.57
CA GLN B 326 59.12 -20.25 -34.48
C GLN B 326 59.58 -18.96 -33.81
N VAL B 327 59.19 -17.80 -34.33
CA VAL B 327 59.62 -16.54 -33.75
C VAL B 327 58.87 -16.28 -32.45
N GLN B 328 59.62 -16.23 -31.35
CA GLN B 328 59.05 -15.94 -30.04
C GLN B 328 59.73 -14.70 -29.50
N VAL B 329 59.18 -13.53 -29.82
CA VAL B 329 59.75 -12.25 -29.41
C VAL B 329 58.66 -11.43 -28.72
N GLU B 330 59.10 -10.39 -28.02
CA GLU B 330 58.18 -9.42 -27.47
C GLU B 330 57.84 -8.37 -28.52
N GLY B 331 56.87 -7.53 -28.21
CA GLY B 331 56.50 -6.45 -29.11
C GLY B 331 55.89 -5.30 -28.37
N LEU B 332 55.32 -4.36 -29.14
CA LEU B 332 54.54 -3.28 -28.51
C LEU B 332 53.25 -3.81 -27.93
N SER B 333 52.71 -4.88 -28.50
CA SER B 333 51.51 -5.53 -28.00
C SER B 333 51.82 -6.69 -27.06
N GLY B 334 53.03 -6.71 -26.48
CA GLY B 334 53.40 -7.76 -25.56
C GLY B 334 54.11 -8.92 -26.24
N ASN B 335 53.94 -10.11 -25.67
CA ASN B 335 54.62 -11.29 -26.18
C ASN B 335 53.96 -11.77 -27.46
N ILE B 336 54.78 -12.07 -28.46
CA ILE B 336 54.31 -12.55 -29.75
C ILE B 336 54.71 -14.01 -29.88
N LYS B 337 53.75 -14.91 -29.71
CA LYS B 337 53.97 -16.34 -29.85
C LYS B 337 52.96 -16.88 -30.85
N PHE B 338 53.38 -17.85 -31.65
CA PHE B 338 52.57 -18.32 -32.76
C PHE B 338 52.23 -19.79 -32.61
N ASP B 339 51.07 -20.16 -33.16
CA ASP B 339 50.65 -21.53 -33.29
C ASP B 339 51.22 -22.14 -34.57
N GLN B 340 50.64 -23.27 -34.98
CA GLN B 340 51.01 -23.87 -36.26
C GLN B 340 50.32 -23.20 -37.44
N ASN B 341 49.51 -22.16 -37.18
CA ASN B 341 48.92 -21.37 -38.25
C ASN B 341 49.49 -19.95 -38.31
N GLY B 342 50.45 -19.64 -37.45
CA GLY B 342 51.00 -18.30 -37.38
C GLY B 342 50.13 -17.30 -36.67
N LYS B 343 49.06 -17.76 -36.01
CA LYS B 343 48.18 -16.86 -35.28
C LYS B 343 48.73 -16.63 -33.89
N ARG B 344 48.41 -15.49 -33.30
CA ARG B 344 49.04 -15.13 -32.04
C ARG B 344 48.46 -15.92 -30.87
N ILE B 345 49.35 -16.41 -30.02
CA ILE B 345 49.00 -17.04 -28.75
C ILE B 345 49.83 -16.41 -27.65
N ASN B 346 49.39 -16.63 -26.41
CA ASN B 346 50.00 -16.15 -25.17
C ASN B 346 50.15 -14.61 -25.17
N TYR B 347 49.18 -13.93 -25.75
CA TYR B 347 49.15 -12.48 -25.73
C TYR B 347 48.32 -11.98 -24.56
N THR B 348 48.25 -10.65 -24.42
CA THR B 348 47.58 -10.01 -23.30
C THR B 348 46.75 -8.84 -23.81
N ILE B 349 45.43 -8.93 -23.65
CA ILE B 349 44.52 -7.86 -24.02
C ILE B 349 44.16 -7.07 -22.78
N ASN B 350 44.48 -5.78 -22.78
CA ASN B 350 44.19 -4.92 -21.63
C ASN B 350 42.76 -4.43 -21.69
N ILE B 351 41.95 -4.85 -20.71
CA ILE B 351 40.59 -4.33 -20.59
C ILE B 351 40.67 -2.88 -20.13
N MET B 352 40.17 -1.98 -20.97
CA MET B 352 40.20 -0.55 -20.68
C MET B 352 38.78 -0.06 -20.45
N GLU B 353 38.63 0.88 -19.53
CA GLU B 353 37.34 1.50 -19.25
C GLU B 353 37.49 3.01 -19.18
N LEU B 354 36.56 3.70 -19.83
CA LEU B 354 36.41 5.14 -19.64
C LEU B 354 35.89 5.41 -18.24
N LYS B 355 36.60 6.28 -17.52
CA LYS B 355 36.18 6.70 -16.20
C LYS B 355 36.18 8.23 -16.16
N THR B 356 36.05 8.79 -14.96
CA THR B 356 36.06 10.24 -14.80
C THR B 356 37.42 10.81 -15.15
N ASN B 357 38.50 10.13 -14.77
CA ASN B 357 39.84 10.54 -15.16
C ASN B 357 40.16 10.23 -16.61
N GLY B 358 39.32 9.43 -17.28
CA GLY B 358 39.55 9.08 -18.67
C GLY B 358 39.61 7.58 -18.84
N PRO B 359 40.36 7.13 -19.86
CA PRO B 359 40.57 5.68 -20.02
C PRO B 359 41.46 5.13 -18.93
N ARG B 360 41.12 3.93 -18.47
CA ARG B 360 41.83 3.34 -17.35
C ARG B 360 41.68 1.83 -17.38
N LYS B 361 42.79 1.13 -17.18
CA LYS B 361 42.79 -0.31 -17.11
C LYS B 361 42.15 -0.78 -15.80
N ILE B 362 41.25 -1.75 -15.90
CA ILE B 362 40.75 -2.45 -14.72
C ILE B 362 41.30 -3.86 -14.65
N GLY B 363 41.94 -4.33 -15.70
CA GLY B 363 42.42 -5.70 -15.74
C GLY B 363 42.89 -6.03 -17.14
N TYR B 364 43.46 -7.23 -17.27
CA TYR B 364 43.98 -7.69 -18.54
C TYR B 364 43.41 -9.07 -18.87
N TRP B 365 43.43 -9.41 -20.15
CA TRP B 365 42.89 -10.67 -20.61
C TRP B 365 44.03 -11.61 -20.96
N SER B 366 43.81 -12.91 -20.71
CA SER B 366 44.76 -13.93 -21.10
C SER B 366 44.02 -15.06 -21.80
N GLU B 367 44.75 -15.83 -22.60
CA GLU B 367 44.11 -16.93 -23.31
C GLU B 367 43.85 -18.12 -22.40
N VAL B 368 44.53 -18.19 -21.26
CA VAL B 368 44.41 -19.33 -20.36
C VAL B 368 43.76 -18.93 -19.03
N ASP B 369 43.99 -17.69 -18.60
CA ASP B 369 43.60 -17.24 -17.27
C ASP B 369 42.48 -16.21 -17.31
N LYS B 370 41.42 -16.47 -18.09
CA LYS B 370 40.80 -15.57 -19.07
C LYS B 370 40.82 -14.12 -18.62
N MET B 371 40.10 -13.75 -17.57
CA MET B 371 40.15 -12.37 -17.14
C MET B 371 40.81 -12.25 -15.77
N VAL B 372 41.86 -11.43 -15.71
CA VAL B 372 42.56 -11.14 -14.46
C VAL B 372 42.40 -9.66 -14.20
N LEU B 373 41.70 -9.30 -13.14
CA LEU B 373 41.51 -7.90 -12.80
C LEU B 373 42.72 -7.35 -12.06
N THR B 374 43.01 -6.09 -12.30
CA THR B 374 44.03 -5.37 -11.54
C THR B 374 43.39 -4.70 -10.34
N GLU B 375 44.19 -4.47 -9.32
CA GLU B 375 43.72 -3.80 -8.11
C GLU B 375 43.75 -2.28 -8.21
N ASP B 376 43.72 -1.73 -9.43
CA ASP B 376 43.49 -0.30 -9.59
C ASP B 376 42.13 0.11 -9.06
N ASP B 377 41.12 -0.72 -9.27
CA ASP B 377 39.82 -0.49 -8.67
C ASP B 377 39.89 -0.75 -7.17
N THR B 378 39.78 0.32 -6.39
CA THR B 378 39.94 0.21 -4.94
C THR B 378 38.59 -0.11 -4.31
N SER B 379 37.60 0.76 -4.44
CA SER B 379 36.30 0.59 -3.81
C SER B 379 35.33 1.58 -4.42
N GLY B 380 34.04 1.36 -4.17
CA GLY B 380 33.00 2.26 -4.59
C GLY B 380 32.64 3.26 -3.51
N LEU B 381 31.47 3.88 -3.68
CA LEU B 381 30.95 4.84 -2.70
C LEU B 381 30.22 4.08 -1.60
N GLU B 382 31.01 3.57 -0.66
CA GLU B 382 30.45 2.80 0.45
C GLU B 382 29.74 3.72 1.44
N GLN B 383 28.83 3.13 2.22
CA GLN B 383 28.26 3.80 3.37
C GLN B 383 29.08 3.57 4.63
N LYS B 384 30.25 2.94 4.48
CA LYS B 384 31.19 2.62 5.56
C LYS B 384 30.59 1.71 6.63
N THR B 385 29.55 0.94 6.23
CA THR B 385 28.80 -0.07 6.98
C THR B 385 28.54 0.30 8.44
N VAL B 386 27.77 1.38 8.64
CA VAL B 386 27.52 2.08 9.90
C VAL B 386 27.14 1.15 11.04
N VAL B 387 27.83 1.25 12.18
CA VAL B 387 27.72 0.24 13.22
C VAL B 387 26.52 0.52 14.10
N VAL B 388 25.59 -0.43 14.12
CA VAL B 388 24.36 -0.31 14.90
C VAL B 388 24.50 -1.27 16.07
N THR B 389 24.76 -0.74 17.26
CA THR B 389 24.82 -1.61 18.42
C THR B 389 23.42 -1.80 19.00
N THR B 390 23.24 -2.93 19.69
CA THR B 390 21.99 -3.28 20.35
C THR B 390 22.25 -4.43 21.32
N ILE B 391 21.21 -4.76 22.07
CA ILE B 391 21.22 -5.86 23.01
C ILE B 391 20.15 -6.87 22.61
N LEU B 392 20.44 -8.15 22.80
CA LEU B 392 19.51 -9.23 22.45
C LEU B 392 18.34 -9.22 23.43
N GLU B 393 17.22 -8.62 23.02
CA GLU B 393 16.05 -8.52 23.87
C GLU B 393 14.79 -8.84 23.08
N SER B 394 13.92 -9.64 23.68
CA SER B 394 12.65 -9.94 23.06
C SER B 394 11.63 -8.86 23.40
N PRO B 395 10.79 -8.44 22.43
CA PRO B 395 10.82 -8.84 21.02
C PRO B 395 11.57 -7.84 20.18
N TYR B 396 12.56 -7.17 20.76
CA TYR B 396 13.19 -6.05 20.09
C TYR B 396 14.33 -6.50 19.19
N VAL B 397 15.28 -7.25 19.74
CA VAL B 397 16.35 -7.87 18.95
C VAL B 397 16.49 -9.31 19.41
N MET B 398 16.23 -10.25 18.50
CA MET B 398 16.35 -11.67 18.79
C MET B 398 17.15 -12.31 17.68
N MET B 399 17.82 -13.41 18.01
CA MET B 399 18.51 -14.18 16.99
C MET B 399 17.50 -15.02 16.22
N LYS B 400 17.85 -15.37 14.99
CA LYS B 400 17.04 -16.30 14.22
C LYS B 400 17.17 -17.71 14.79
N LYS B 401 16.19 -18.55 14.49
CA LYS B 401 16.29 -19.95 14.84
C LYS B 401 17.33 -20.67 13.98
N ASN B 402 17.61 -20.12 12.80
CA ASN B 402 18.66 -20.58 11.91
C ASN B 402 19.76 -19.53 11.80
N HIS B 403 20.14 -18.94 12.94
CA HIS B 403 21.13 -17.87 12.94
C HIS B 403 22.51 -18.37 12.58
N GLU B 404 22.80 -19.65 12.85
CA GLU B 404 24.04 -20.23 12.35
C GLU B 404 23.96 -20.47 10.85
N MET B 405 22.77 -20.79 10.33
CA MET B 405 22.57 -20.93 8.90
C MET B 405 22.65 -19.59 8.19
N LEU B 406 22.24 -18.51 8.85
CA LEU B 406 22.24 -17.18 8.25
C LEU B 406 23.53 -16.45 8.60
N GLU B 407 23.77 -15.34 7.90
CA GLU B 407 24.98 -14.56 8.08
C GLU B 407 24.65 -13.08 8.03
N GLY B 408 25.64 -12.26 8.39
CA GLY B 408 25.49 -10.82 8.32
C GLY B 408 24.55 -10.27 9.38
N ASN B 409 23.78 -9.26 8.99
CA ASN B 409 22.77 -8.72 9.87
C ASN B 409 21.49 -9.54 9.82
N GLU B 410 21.43 -10.54 8.94
CA GLU B 410 20.22 -11.34 8.80
C GLU B 410 20.13 -12.45 9.84
N ARG B 411 21.14 -12.58 10.71
CA ARG B 411 21.06 -13.51 11.83
C ARG B 411 20.10 -13.00 12.90
N TYR B 412 19.70 -11.74 12.82
CA TYR B 412 18.91 -11.09 13.83
C TYR B 412 17.44 -11.03 13.42
N GLU B 413 16.57 -10.76 14.40
CA GLU B 413 15.16 -10.50 14.16
C GLU B 413 14.64 -9.71 15.34
N GLY B 414 13.47 -9.10 15.17
CA GLY B 414 12.85 -8.42 16.28
C GLY B 414 12.31 -7.06 15.87
N TYR B 415 11.83 -6.35 16.89
CA TYR B 415 11.21 -5.04 16.67
C TYR B 415 12.22 -4.00 16.23
N CYS B 416 13.34 -3.90 16.94
CA CYS B 416 14.35 -2.91 16.59
C CYS B 416 15.14 -3.32 15.36
N VAL B 417 15.11 -4.60 15.00
CA VAL B 417 15.77 -5.06 13.79
C VAL B 417 15.04 -4.56 12.56
N ASP B 418 13.72 -4.71 12.54
CA ASP B 418 12.92 -4.14 11.45
C ASP B 418 12.91 -2.62 11.53
N LEU B 419 13.04 -2.06 12.73
CA LEU B 419 13.15 -0.62 12.87
C LEU B 419 14.47 -0.11 12.29
N ALA B 420 15.54 -0.88 12.47
CA ALA B 420 16.83 -0.51 11.89
C ALA B 420 16.79 -0.54 10.37
N ALA B 421 15.96 -1.41 9.80
CA ALA B 421 15.71 -1.37 8.36
C ALA B 421 14.96 -0.10 7.98
N GLU B 422 14.00 0.31 8.82
CA GLU B 422 13.18 1.48 8.50
C GLU B 422 13.99 2.77 8.57
N ILE B 423 15.03 2.80 9.41
CA ILE B 423 15.93 3.97 9.41
C ILE B 423 16.78 3.96 8.15
N ALA B 424 17.23 2.78 7.73
CA ALA B 424 17.94 2.67 6.46
C ALA B 424 17.04 2.93 5.27
N LYS B 425 15.73 2.70 5.42
CA LYS B 425 14.79 3.16 4.42
C LYS B 425 14.71 4.67 4.36
N HIS B 426 14.74 5.32 5.53
CA HIS B 426 14.60 6.77 5.59
C HIS B 426 15.92 7.48 5.33
N CYS B 427 16.98 7.06 6.01
CA CYS B 427 18.24 7.78 5.92
C CYS B 427 19.16 7.27 4.82
N GLY B 428 18.91 6.07 4.29
CA GLY B 428 19.68 5.57 3.17
C GLY B 428 21.12 5.22 3.48
N PHE B 429 21.34 4.17 4.26
CA PHE B 429 22.69 3.82 4.66
C PHE B 429 22.78 2.31 4.88
N LYS B 430 23.97 1.78 4.66
CA LYS B 430 24.24 0.40 5.08
C LYS B 430 24.50 0.37 6.59
N TYR B 431 24.01 -0.70 7.21
CA TYR B 431 24.07 -0.81 8.66
C TYR B 431 24.77 -2.09 9.04
N LYS B 432 25.33 -2.11 10.24
CA LYS B 432 25.99 -3.28 10.80
C LYS B 432 25.46 -3.53 12.20
N LEU B 433 24.60 -4.53 12.33
CA LEU B 433 24.05 -4.87 13.64
C LEU B 433 25.10 -5.59 14.49
N THR B 434 25.45 -4.97 15.62
CA THR B 434 26.46 -5.52 16.51
C THR B 434 25.84 -5.69 17.89
N ILE B 435 26.32 -6.70 18.62
CA ILE B 435 25.84 -6.96 19.97
C ILE B 435 26.89 -6.47 20.97
N VAL B 436 26.44 -5.75 21.98
CA VAL B 436 27.32 -5.30 23.05
C VAL B 436 27.82 -6.51 23.84
N GLY B 437 29.07 -6.44 24.30
CA GLY B 437 29.69 -7.59 24.93
C GLY B 437 29.17 -7.87 26.33
N ASP B 438 29.17 -6.85 27.19
CA ASP B 438 28.82 -7.06 28.59
C ASP B 438 27.32 -7.23 28.82
N GLY B 439 26.49 -6.99 27.81
CA GLY B 439 25.06 -7.07 27.97
C GLY B 439 24.46 -5.98 28.84
N LYS B 440 25.14 -4.85 29.00
CA LYS B 440 24.62 -3.78 29.83
C LYS B 440 23.96 -2.72 28.97
N TYR B 441 23.03 -1.99 29.57
CA TYR B 441 22.43 -0.85 28.87
C TYR B 441 23.32 0.37 28.96
N GLY B 442 24.30 0.35 29.87
CA GLY B 442 25.26 1.43 29.97
C GLY B 442 25.19 2.21 31.26
N ALA B 443 26.07 1.90 32.20
CA ALA B 443 26.08 2.58 33.48
C ALA B 443 27.47 3.14 33.75
N ARG B 444 27.49 4.30 34.41
CA ARG B 444 28.75 4.97 34.69
C ARG B 444 29.29 4.47 36.03
N ASP B 445 30.60 4.24 36.07
CA ASP B 445 31.24 3.75 37.28
C ASP B 445 31.21 4.82 38.37
N ALA B 446 31.23 4.38 39.62
CA ALA B 446 31.26 5.31 40.75
C ALA B 446 32.66 5.85 40.99
N ASP B 447 33.69 5.04 40.75
CA ASP B 447 35.06 5.45 41.02
C ASP B 447 35.77 5.90 39.75
N THR B 448 35.82 5.04 38.73
CA THR B 448 36.56 5.38 37.52
C THR B 448 35.72 6.23 36.57
N LYS B 449 34.41 6.30 36.81
CA LYS B 449 33.44 7.06 35.98
C LYS B 449 33.48 6.64 34.53
N ILE B 450 33.45 5.33 34.31
CA ILE B 450 33.50 4.74 32.98
C ILE B 450 32.12 4.21 32.64
N TRP B 451 31.53 4.73 31.56
CA TRP B 451 30.32 4.14 31.03
C TRP B 451 30.64 2.78 30.41
N ASN B 452 29.93 1.76 30.86
CA ASN B 452 29.99 0.45 30.23
C ASN B 452 28.88 0.36 29.19
N GLY B 453 28.62 -0.86 28.72
CA GLY B 453 27.43 -1.19 27.95
C GLY B 453 27.39 -0.50 26.60
N MET B 454 26.14 -0.27 26.15
CA MET B 454 25.94 0.38 24.86
C MET B 454 26.26 1.87 24.93
N VAL B 455 26.12 2.45 26.12
CA VAL B 455 26.52 3.85 26.30
C VAL B 455 28.04 3.97 26.17
N GLY B 456 28.77 3.01 26.74
CA GLY B 456 30.22 3.00 26.60
C GLY B 456 30.70 2.73 25.19
N GLU B 457 29.86 2.14 24.35
CA GLU B 457 30.22 2.00 22.94
C GLU B 457 29.90 3.26 22.14
N LEU B 458 29.04 4.13 22.66
CA LEU B 458 28.73 5.38 21.97
C LEU B 458 29.59 6.53 22.47
N VAL B 459 29.78 6.62 23.79
CA VAL B 459 30.61 7.67 24.37
C VAL B 459 32.07 7.49 23.97
N TYR B 460 32.57 6.26 24.02
CA TYR B 460 33.95 5.99 23.69
C TYR B 460 34.14 5.60 22.23
N GLY B 461 33.21 5.99 21.36
CA GLY B 461 33.39 5.93 19.92
C GLY B 461 33.37 4.55 19.30
N LYS B 462 33.08 3.51 20.08
CA LYS B 462 33.14 2.15 19.54
C LYS B 462 32.00 1.88 18.57
N ALA B 463 30.79 2.32 18.89
CA ALA B 463 29.64 2.10 18.04
C ALA B 463 29.21 3.43 17.41
N ASP B 464 28.48 3.34 16.31
CA ASP B 464 28.10 4.54 15.58
C ASP B 464 26.70 5.02 15.97
N ILE B 465 25.78 4.09 16.23
CA ILE B 465 24.41 4.45 16.60
C ILE B 465 23.84 3.26 17.37
N ALA B 466 22.88 3.55 18.26
CA ALA B 466 22.23 2.52 19.07
C ALA B 466 20.74 2.53 18.77
N ILE B 467 20.33 1.69 17.83
CA ILE B 467 18.92 1.41 17.62
C ILE B 467 18.57 0.26 18.57
N ALA B 468 18.22 0.62 19.81
CA ALA B 468 18.09 -0.32 20.89
C ALA B 468 17.18 0.26 21.96
N PRO B 469 16.50 -0.57 22.74
CA PRO B 469 15.68 -0.04 23.83
C PRO B 469 16.53 0.51 24.95
N LEU B 470 16.56 1.84 25.05
CA LEU B 470 17.39 2.51 26.03
C LEU B 470 16.62 3.65 26.67
N THR B 471 16.54 3.64 27.99
CA THR B 471 15.76 4.65 28.71
C THR B 471 16.48 5.99 28.66
N ILE B 472 15.77 7.01 28.19
CA ILE B 472 16.34 8.35 28.11
C ILE B 472 16.37 8.93 29.52
N THR B 473 17.57 8.94 30.12
CA THR B 473 17.76 9.51 31.44
C THR B 473 18.61 10.76 31.31
N LEU B 474 18.61 11.56 32.38
CA LEU B 474 19.36 12.81 32.36
C LEU B 474 20.86 12.55 32.40
N VAL B 475 21.30 11.51 33.11
CA VAL B 475 22.71 11.20 33.19
C VAL B 475 23.21 10.60 31.89
N ARG B 476 22.31 10.06 31.07
CA ARG B 476 22.66 9.62 29.74
C ARG B 476 22.38 10.68 28.68
N GLU B 477 21.61 11.71 29.03
CA GLU B 477 21.35 12.80 28.09
C GLU B 477 22.60 13.64 27.85
N GLU B 478 23.39 13.87 28.88
CA GLU B 478 24.53 14.76 28.77
C GLU B 478 25.69 14.13 28.01
N VAL B 479 25.74 12.80 27.93
CA VAL B 479 26.86 12.14 27.28
C VAL B 479 26.60 11.81 25.81
N ILE B 480 25.35 11.54 25.42
CA ILE B 480 25.01 11.16 24.05
C ILE B 480 23.70 11.85 23.68
N ASP B 481 23.49 12.02 22.37
CA ASP B 481 22.29 12.68 21.86
C ASP B 481 21.23 11.62 21.63
N PHE B 482 20.20 11.63 22.47
CA PHE B 482 19.02 10.81 22.20
C PHE B 482 18.15 11.47 21.15
N SER B 483 17.40 10.64 20.44
CA SER B 483 16.34 11.14 19.58
C SER B 483 15.06 11.32 20.40
N LYS B 484 13.96 11.56 19.71
CA LYS B 484 12.68 11.63 20.38
C LYS B 484 12.25 10.23 20.80
N PRO B 485 11.48 10.09 21.88
CA PRO B 485 11.02 8.76 22.30
C PRO B 485 10.04 8.16 21.31
N PHE B 486 10.41 7.00 20.77
CA PHE B 486 9.54 6.25 19.88
C PHE B 486 8.54 5.38 20.65
N MET B 487 8.65 5.30 21.96
CA MET B 487 7.88 4.32 22.72
C MET B 487 7.62 4.89 24.12
N SER B 488 6.42 5.44 24.30
CA SER B 488 6.01 5.86 25.62
C SER B 488 5.68 4.63 26.47
N LEU B 489 6.21 4.61 27.68
CA LEU B 489 6.09 3.42 28.52
C LEU B 489 6.23 3.83 29.98
N GLY B 490 6.22 2.82 30.86
CA GLY B 490 6.40 3.08 32.27
C GLY B 490 6.27 1.80 33.08
N ILE B 491 6.26 1.97 34.39
CA ILE B 491 6.14 0.82 35.28
C ILE B 491 4.69 0.35 35.29
N SER B 492 4.50 -0.95 35.08
CA SER B 492 3.18 -1.52 34.98
C SER B 492 3.03 -2.64 36.00
N ILE B 493 1.79 -3.04 36.24
CA ILE B 493 1.46 -3.99 37.29
C ILE B 493 1.14 -5.33 36.65
N MET B 494 2.11 -6.24 36.64
CA MET B 494 1.88 -7.61 36.20
C MET B 494 1.33 -8.43 37.34
N ILE B 495 0.07 -8.86 37.21
CA ILE B 495 -0.52 -9.82 38.14
C ILE B 495 -0.95 -11.03 37.34
N LYS B 496 -1.27 -12.10 38.05
CA LYS B 496 -1.85 -13.28 37.43
C LYS B 496 -3.27 -12.96 36.97
N LYS B 497 -3.69 -13.62 35.83
CA LYS B 497 -5.11 -13.54 35.48
C LYS B 497 -5.91 -14.52 36.36
N PRO B 498 -7.12 -14.16 36.77
CA PRO B 498 -7.84 -14.99 37.72
C PRO B 498 -8.61 -16.12 37.04
N GLN B 499 -8.61 -17.29 37.69
CA GLN B 499 -9.38 -18.44 37.24
C GLN B 499 -9.94 -19.14 38.48
N LYS B 500 -9.86 -18.44 39.61
CA LYS B 500 -10.05 -19.05 40.93
C LYS B 500 -11.51 -19.20 41.31
N SER B 501 -11.80 -20.14 42.22
CA SER B 501 -13.14 -20.38 42.76
C SER B 501 -13.02 -21.07 44.12
N LYS B 502 -13.24 -20.33 45.20
CA LYS B 502 -13.11 -20.91 46.54
C LYS B 502 -14.43 -20.82 47.29
N PRO B 503 -15.17 -21.93 47.42
CA PRO B 503 -16.60 -21.85 47.71
C PRO B 503 -17.06 -21.48 49.13
N GLY B 504 -16.51 -22.24 49.94
CA GLY B 504 -17.33 -23.11 50.78
C GLY B 504 -18.65 -22.50 51.23
N VAL B 505 -18.80 -22.35 52.56
CA VAL B 505 -20.01 -21.84 53.21
C VAL B 505 -20.51 -20.54 52.58
N PHE B 506 -19.59 -19.67 52.18
CA PHE B 506 -19.98 -18.40 51.56
C PHE B 506 -20.57 -18.56 50.16
N SER B 507 -20.35 -19.69 49.49
CA SER B 507 -20.94 -19.90 48.17
C SER B 507 -22.43 -20.19 48.27
N PHE B 508 -22.85 -20.82 49.36
CA PHE B 508 -24.27 -20.94 49.69
C PHE B 508 -24.94 -19.56 49.78
N LEU B 509 -24.21 -18.55 50.25
CA LEU B 509 -24.73 -17.22 50.49
C LEU B 509 -24.55 -16.28 49.30
N ASP B 510 -24.12 -16.77 48.14
CA ASP B 510 -23.75 -15.88 47.03
C ASP B 510 -24.90 -15.12 46.38
N PRO B 511 -26.01 -15.74 45.93
CA PRO B 511 -26.98 -14.94 45.14
C PRO B 511 -27.77 -13.95 45.96
N LEU B 512 -28.04 -14.26 47.22
CA LEU B 512 -28.83 -13.40 48.09
C LEU B 512 -27.87 -12.63 48.99
N ALA B 513 -27.98 -11.31 49.00
CA ALA B 513 -26.97 -10.47 49.66
C ALA B 513 -27.08 -10.57 51.18
N TYR B 514 -25.97 -10.18 51.84
CA TYR B 514 -25.81 -10.43 53.27
C TYR B 514 -26.82 -9.67 54.12
N GLU B 515 -27.16 -8.45 53.71
CA GLU B 515 -28.21 -7.72 54.43
C GLU B 515 -29.57 -8.32 54.18
N ILE B 516 -29.75 -8.97 53.03
CA ILE B 516 -31.04 -9.59 52.75
C ILE B 516 -31.19 -10.87 53.55
N TRP B 517 -30.08 -11.57 53.84
CA TRP B 517 -30.13 -12.71 54.76
C TRP B 517 -30.56 -12.28 56.15
N MET B 518 -30.20 -11.06 56.55
CA MET B 518 -30.68 -10.53 57.82
C MET B 518 -32.15 -10.15 57.72
N CYS B 519 -32.56 -9.58 56.59
CA CYS B 519 -33.91 -9.06 56.47
C CYS B 519 -34.92 -10.15 56.12
N ILE B 520 -34.45 -11.29 55.61
CA ILE B 520 -35.38 -12.39 55.36
C ILE B 520 -35.75 -13.06 56.68
N VAL B 521 -34.90 -12.93 57.70
CA VAL B 521 -35.21 -13.52 59.00
C VAL B 521 -35.89 -12.50 59.90
N PHE B 522 -35.46 -11.24 59.80
CA PHE B 522 -36.02 -10.19 60.67
C PHE B 522 -37.42 -9.78 60.24
N ALA B 523 -37.81 -10.13 59.00
CA ALA B 523 -39.22 -10.02 58.63
C ALA B 523 -39.96 -11.31 58.95
N TYR B 524 -39.24 -12.44 58.97
CA TYR B 524 -39.83 -13.71 59.35
C TYR B 524 -40.26 -13.73 60.82
N ILE B 525 -39.50 -13.06 61.68
CA ILE B 525 -39.84 -13.04 63.10
C ILE B 525 -41.03 -12.12 63.36
N GLY B 526 -41.35 -11.23 62.42
CA GLY B 526 -42.54 -10.42 62.55
C GLY B 526 -43.84 -11.19 62.39
N VAL B 527 -43.76 -12.38 61.80
CA VAL B 527 -44.94 -13.21 61.57
C VAL B 527 -45.44 -13.83 62.89
N SER B 528 -44.56 -13.90 63.90
CA SER B 528 -44.72 -14.79 65.05
C SER B 528 -45.94 -14.46 65.90
N VAL B 529 -46.01 -13.26 66.48
CA VAL B 529 -47.11 -12.98 67.39
C VAL B 529 -48.37 -12.63 66.61
N VAL B 530 -48.21 -12.31 65.31
CA VAL B 530 -49.37 -12.09 64.44
C VAL B 530 -50.15 -13.39 64.29
N LEU B 531 -49.44 -14.52 64.21
CA LEU B 531 -50.10 -15.82 64.27
C LEU B 531 -50.67 -16.09 65.66
N PHE B 532 -50.14 -15.43 66.69
CA PHE B 532 -50.64 -15.60 68.05
C PHE B 532 -51.66 -14.52 68.41
N LEU B 533 -51.88 -13.54 67.52
CA LEU B 533 -52.97 -12.58 67.70
C LEU B 533 -54.34 -13.16 67.38
N VAL B 534 -54.42 -14.42 66.98
CA VAL B 534 -55.70 -15.11 66.85
C VAL B 534 -56.36 -15.24 68.22
N SER B 535 -55.57 -15.51 69.25
CA SER B 535 -56.07 -15.57 70.62
C SER B 535 -56.42 -14.18 71.14
N ILE B 564 -47.42 -19.05 71.14
CA ILE B 564 -46.48 -18.18 70.45
C ILE B 564 -45.29 -19.00 70.00
N PHE B 565 -45.13 -20.16 70.63
CA PHE B 565 -44.07 -21.10 70.30
C PHE B 565 -44.61 -22.27 69.50
N ASN B 566 -45.92 -22.52 69.58
CA ASN B 566 -46.56 -23.56 68.78
C ASN B 566 -46.60 -23.20 67.31
N SER B 567 -47.06 -21.99 66.98
CA SER B 567 -47.26 -21.59 65.60
C SER B 567 -46.02 -20.98 64.98
N LEU B 568 -44.93 -20.87 65.74
CA LEU B 568 -43.65 -20.45 65.18
C LEU B 568 -43.13 -21.48 64.20
N TRP B 569 -43.33 -22.77 64.49
CA TRP B 569 -43.01 -23.81 63.53
C TRP B 569 -43.92 -23.77 62.31
N PHE B 570 -45.16 -23.29 62.49
CA PHE B 570 -46.07 -23.22 61.36
C PHE B 570 -45.83 -21.98 60.52
N SER B 571 -45.05 -21.03 61.03
CA SER B 571 -44.48 -20.01 60.16
C SER B 571 -43.27 -20.55 59.40
N LEU B 572 -42.48 -21.40 60.05
CA LEU B 572 -41.51 -22.21 59.33
C LEU B 572 -42.19 -23.30 58.50
N GLY B 573 -43.40 -23.71 58.90
CA GLY B 573 -44.23 -24.55 58.05
C GLY B 573 -44.91 -23.76 56.94
N ALA B 574 -44.89 -22.43 57.04
CA ALA B 574 -45.26 -21.57 55.94
C ALA B 574 -44.06 -20.92 55.26
N PHE B 575 -42.84 -21.41 55.56
CA PHE B 575 -41.65 -20.75 55.05
C PHE B 575 -41.45 -20.99 53.56
N MET B 576 -41.44 -22.25 53.12
CA MET B 576 -41.52 -22.50 51.68
C MET B 576 -42.71 -23.38 51.33
N GLN B 577 -42.75 -24.56 51.95
CA GLN B 577 -43.56 -25.71 51.56
C GLN B 577 -44.16 -26.34 52.82
N GLN B 578 -44.58 -27.62 52.73
CA GLN B 578 -45.07 -28.42 53.86
C GLN B 578 -46.32 -27.81 54.49
N GLY B 579 -47.45 -27.92 53.77
CA GLY B 579 -48.72 -27.33 54.18
C GLY B 579 -49.14 -27.62 55.61
N CYS B 580 -49.53 -26.58 56.34
CA CYS B 580 -49.64 -26.64 57.79
C CYS B 580 -50.89 -27.39 58.23
N ASP B 581 -50.78 -28.08 59.37
CA ASP B 581 -51.92 -28.81 59.90
C ASP B 581 -52.82 -27.89 60.72
N ILE B 582 -52.25 -27.03 61.55
CA ILE B 582 -53.03 -26.04 62.28
C ILE B 582 -53.31 -24.87 61.35
N SER B 583 -54.60 -24.64 61.09
CA SER B 583 -55.04 -23.55 60.21
C SER B 583 -56.10 -22.72 60.93
N PRO B 584 -55.79 -21.49 61.32
CA PRO B 584 -56.84 -20.60 61.84
C PRO B 584 -57.74 -20.13 60.71
N ARG B 585 -58.77 -20.94 60.42
CA ARG B 585 -59.39 -21.19 59.11
C ARG B 585 -59.52 -19.99 58.17
N SER B 586 -60.21 -18.93 58.56
CA SER B 586 -60.51 -17.89 57.57
C SER B 586 -60.40 -16.45 58.10
N LEU B 587 -59.89 -16.24 59.31
CA LEU B 587 -59.76 -14.87 59.79
C LEU B 587 -58.46 -14.24 59.26
N SER B 588 -58.09 -13.10 59.85
CA SER B 588 -56.96 -12.31 59.35
C SER B 588 -55.64 -13.03 59.48
N GLY B 589 -55.51 -13.93 60.47
CA GLY B 589 -54.30 -14.75 60.57
C GLY B 589 -54.17 -15.73 59.42
N ARG B 590 -55.31 -16.16 58.86
CA ARG B 590 -55.25 -17.00 57.67
C ARG B 590 -54.84 -16.22 56.44
N ILE B 591 -55.36 -15.00 56.31
CA ILE B 591 -55.11 -14.22 55.09
C ILE B 591 -53.72 -13.62 55.12
N VAL B 592 -53.36 -12.94 56.21
CA VAL B 592 -52.06 -12.27 56.29
C VAL B 592 -50.95 -13.30 56.52
N GLY B 593 -51.29 -14.44 57.13
CA GLY B 593 -50.37 -15.57 57.13
C GLY B 593 -50.09 -16.10 55.73
N GLY B 594 -51.05 -15.93 54.82
CA GLY B 594 -50.78 -16.18 53.42
C GLY B 594 -50.03 -15.07 52.72
N VAL B 595 -50.06 -13.85 53.28
CA VAL B 595 -49.40 -12.72 52.63
C VAL B 595 -47.89 -12.81 52.75
N TRP B 596 -47.38 -13.04 53.96
CA TRP B 596 -45.98 -13.41 54.14
C TRP B 596 -45.62 -14.67 53.36
N TRP B 597 -46.55 -15.62 53.30
CA TRP B 597 -46.36 -16.82 52.48
C TRP B 597 -46.29 -16.47 50.99
N PHE B 598 -47.13 -15.52 50.56
CA PHE B 598 -47.08 -15.05 49.16
C PHE B 598 -45.75 -14.37 48.86
N PHE B 599 -45.23 -13.63 49.84
CA PHE B 599 -44.00 -12.86 49.65
C PHE B 599 -42.77 -13.77 49.54
N THR B 600 -42.70 -14.79 50.39
CA THR B 600 -41.47 -15.58 50.48
C THR B 600 -41.30 -16.53 49.30
N LEU B 601 -42.36 -16.77 48.54
CA LEU B 601 -42.24 -17.64 47.37
C LEU B 601 -41.66 -16.89 46.18
N ILE B 602 -41.69 -15.56 46.23
CA ILE B 602 -41.04 -14.76 45.21
C ILE B 602 -39.54 -14.84 45.38
N ILE B 603 -39.08 -14.98 46.62
CA ILE B 603 -37.66 -14.83 46.95
C ILE B 603 -36.86 -16.02 46.43
N ILE B 604 -37.47 -17.04 46.10
CA ILE B 604 -36.78 -18.18 45.51
C ILE B 604 -36.85 -18.11 43.99
N SER B 605 -37.80 -17.36 43.45
CA SER B 605 -37.90 -17.23 42.00
C SER B 605 -36.80 -16.35 41.46
N SER B 606 -36.54 -15.23 42.15
CA SER B 606 -35.41 -14.38 41.79
C SER B 606 -34.08 -15.04 42.12
N TYR B 607 -34.08 -15.99 43.05
CA TYR B 607 -32.88 -16.72 43.41
C TYR B 607 -32.40 -17.57 42.24
N THR B 608 -33.30 -18.34 41.64
CA THR B 608 -32.94 -19.27 40.58
C THR B 608 -32.57 -18.53 39.30
N ALA B 609 -33.22 -17.40 39.05
CA ALA B 609 -32.92 -16.59 37.88
C ALA B 609 -31.52 -15.98 37.98
N ASN B 610 -31.19 -15.44 39.15
CA ASN B 610 -29.86 -14.86 39.33
C ASN B 610 -28.79 -15.94 39.35
N LEU B 611 -29.12 -17.11 39.92
CA LEU B 611 -28.17 -18.21 39.93
C LEU B 611 -27.92 -18.74 38.53
N ALA B 612 -28.93 -18.65 37.66
CA ALA B 612 -28.74 -19.05 36.27
C ALA B 612 -27.83 -18.08 35.52
N ALA B 613 -27.84 -16.80 35.91
CA ALA B 613 -26.99 -15.83 35.24
C ALA B 613 -25.53 -16.01 35.64
N PHE B 614 -25.29 -16.39 36.89
CA PHE B 614 -23.92 -16.53 37.37
C PHE B 614 -23.24 -17.76 36.78
N LEU B 615 -24.00 -18.82 36.56
CA LEU B 615 -23.43 -20.04 35.97
C LEU B 615 -23.14 -19.88 34.48
N THR B 616 -23.69 -18.85 33.85
CA THR B 616 -23.66 -18.77 32.40
C THR B 616 -22.56 -17.84 31.88
N VAL B 617 -22.53 -16.60 32.37
CA VAL B 617 -21.73 -15.57 31.70
C VAL B 617 -20.24 -15.75 32.02
N GLU B 618 -19.91 -16.06 33.28
CA GLU B 618 -18.56 -16.37 33.77
C GLU B 618 -17.54 -15.28 33.39
N ARG B 619 -17.69 -14.11 34.00
CA ARG B 619 -16.62 -13.13 33.91
C ARG B 619 -15.74 -13.19 35.16
N MET B 620 -14.43 -13.27 34.93
CA MET B 620 -13.47 -13.33 36.04
C MET B 620 -13.16 -11.90 36.46
N VAL B 621 -13.68 -11.51 37.62
CA VAL B 621 -13.45 -10.17 38.14
C VAL B 621 -12.01 -10.04 38.59
N SER B 622 -11.29 -9.07 38.02
CA SER B 622 -9.95 -8.77 38.46
C SER B 622 -10.00 -8.16 39.86
N PRO B 623 -9.11 -8.56 40.76
CA PRO B 623 -9.21 -8.09 42.15
C PRO B 623 -8.84 -6.63 42.34
N ILE B 624 -7.76 -6.16 41.72
CA ILE B 624 -7.22 -4.83 41.98
C ILE B 624 -6.98 -4.12 40.65
N GLU B 625 -6.85 -2.80 40.72
CA GLU B 625 -6.53 -2.02 39.52
C GLU B 625 -5.19 -1.32 39.66
N SER B 626 -5.05 -0.33 40.52
CA SER B 626 -3.98 0.67 40.59
C SER B 626 -2.95 0.27 41.63
N ALA B 627 -1.85 1.01 41.66
CA ALA B 627 -0.84 0.83 42.69
C ALA B 627 -1.33 1.34 44.05
N GLU B 628 -2.33 2.22 44.05
CA GLU B 628 -2.99 2.60 45.28
C GLU B 628 -3.68 1.41 45.93
N ASP B 629 -4.18 0.49 45.12
CA ASP B 629 -4.87 -0.69 45.64
C ASP B 629 -3.88 -1.65 46.29
N LEU B 630 -2.67 -1.76 45.72
CA LEU B 630 -1.64 -2.60 46.32
C LEU B 630 -1.08 -1.98 47.59
N SER B 631 -1.07 -0.64 47.65
CA SER B 631 -0.58 0.03 48.85
C SER B 631 -1.56 -0.09 50.00
N LYS B 632 -2.85 0.03 49.71
CA LYS B 632 -3.86 0.07 50.77
C LYS B 632 -4.16 -1.31 51.34
N GLN B 633 -3.81 -2.38 50.63
CA GLN B 633 -3.99 -3.72 51.17
C GLN B 633 -2.60 -4.32 51.43
N THR B 634 -2.60 -5.48 52.08
CA THR B 634 -1.37 -6.25 52.26
C THR B 634 -1.58 -7.73 51.97
N GLU B 635 -2.74 -8.10 51.42
CA GLU B 635 -3.02 -9.50 51.13
C GLU B 635 -2.12 -10.05 50.02
N ILE B 636 -2.16 -9.42 48.86
CA ILE B 636 -1.35 -9.83 47.72
C ILE B 636 -0.03 -9.09 47.79
N ALA B 637 1.06 -9.85 47.87
CA ALA B 637 2.40 -9.27 47.88
C ALA B 637 2.75 -8.72 46.51
N TYR B 638 3.73 -7.83 46.48
CA TYR B 638 4.17 -7.22 45.23
C TYR B 638 5.63 -6.85 45.35
N GLY B 639 6.38 -7.11 44.26
CA GLY B 639 7.80 -6.87 44.26
C GLY B 639 8.28 -6.31 42.94
N THR B 640 9.52 -5.86 42.94
CA THR B 640 10.25 -5.43 41.75
C THR B 640 11.48 -6.28 41.61
N LEU B 641 12.36 -5.92 40.69
CA LEU B 641 13.62 -6.64 40.55
C LEU B 641 14.54 -6.26 41.72
N ASP B 642 15.49 -7.14 42.03
CA ASP B 642 16.36 -6.92 43.17
C ASP B 642 17.35 -5.78 42.93
N SER B 643 17.51 -5.35 41.69
CA SER B 643 18.31 -4.17 41.38
C SER B 643 17.72 -3.51 40.15
N GLY B 644 17.93 -2.21 40.03
CA GLY B 644 17.50 -1.50 38.83
C GLY B 644 16.94 -0.14 39.18
N SER B 645 16.55 0.59 38.13
CA SER B 645 15.96 1.91 38.30
C SER B 645 14.58 1.84 38.90
N THR B 646 13.87 0.72 38.71
CA THR B 646 12.52 0.56 39.24
C THR B 646 12.55 0.50 40.77
N LYS B 647 13.45 -0.31 41.33
CA LYS B 647 13.68 -0.28 42.77
C LYS B 647 14.22 1.07 43.21
N GLU B 648 15.07 1.68 42.39
CA GLU B 648 15.56 3.02 42.66
C GLU B 648 14.45 4.07 42.59
N PHE B 649 13.44 3.84 41.74
CA PHE B 649 12.36 4.80 41.56
C PHE B 649 11.53 4.97 42.83
N PHE B 650 11.07 3.86 43.40
CA PHE B 650 10.35 3.93 44.68
C PHE B 650 11.24 4.43 45.80
N ARG B 651 12.54 4.15 45.71
CA ARG B 651 13.51 4.71 46.65
C ARG B 651 13.66 6.21 46.45
N ARG B 652 13.37 6.71 45.26
CA ARG B 652 13.51 8.13 44.94
C ARG B 652 12.19 8.89 44.97
N SER B 653 11.09 8.25 44.60
CA SER B 653 9.81 8.94 44.47
C SER B 653 9.29 9.42 45.82
N LYS B 654 9.06 10.72 45.92
CA LYS B 654 8.61 11.34 47.15
C LYS B 654 7.11 11.51 47.20
N ILE B 655 6.38 11.06 46.18
CA ILE B 655 4.95 10.87 46.30
C ILE B 655 4.69 9.77 47.34
N ALA B 656 3.77 10.03 48.26
CA ALA B 656 3.62 9.19 49.43
C ALA B 656 3.08 7.82 49.11
N VAL B 657 2.26 7.71 48.05
CA VAL B 657 1.73 6.42 47.64
C VAL B 657 2.84 5.51 47.15
N PHE B 658 3.76 6.08 46.36
CA PHE B 658 4.95 5.35 45.96
C PHE B 658 5.89 5.15 47.15
N ASP B 659 5.90 6.09 48.09
CA ASP B 659 6.74 5.95 49.27
C ASP B 659 6.15 4.91 50.23
N LYS B 660 4.82 4.80 50.27
CA LYS B 660 4.17 3.77 51.09
C LYS B 660 4.50 2.38 50.57
N MET B 661 4.54 2.22 49.24
CA MET B 661 4.96 0.95 48.66
C MET B 661 6.43 0.68 48.96
N TRP B 662 7.26 1.72 48.91
CA TRP B 662 8.66 1.54 49.23
C TRP B 662 8.87 1.39 50.73
N THR B 663 7.96 1.93 51.54
CA THR B 663 7.92 1.58 52.95
C THR B 663 7.61 0.10 53.13
N TYR B 664 6.70 -0.42 52.31
CA TYR B 664 6.34 -1.83 52.38
C TYR B 664 7.47 -2.72 51.87
N MET B 665 8.09 -2.34 50.76
CA MET B 665 9.07 -3.21 50.11
C MET B 665 10.37 -3.27 50.89
N ARG B 666 10.73 -2.19 51.59
CA ARG B 666 11.85 -2.27 52.52
C ARG B 666 11.53 -3.15 53.71
N SER B 667 10.28 -3.12 54.17
CA SER B 667 9.85 -3.98 55.27
C SER B 667 9.31 -5.32 54.79
N ALA B 668 9.43 -5.61 53.49
CA ALA B 668 8.90 -6.85 52.96
C ALA B 668 9.78 -8.03 53.38
N GLU B 669 9.23 -8.89 54.23
CA GLU B 669 9.94 -10.07 54.71
C GLU B 669 9.04 -11.29 54.52
N PRO B 670 9.45 -12.27 53.71
CA PRO B 670 10.68 -12.41 52.92
C PRO B 670 10.76 -11.48 51.72
N SER B 671 11.97 -11.30 51.17
CA SER B 671 12.19 -10.27 50.16
C SER B 671 11.44 -10.57 48.88
N VAL B 672 10.49 -9.67 48.55
CA VAL B 672 9.75 -9.75 47.30
C VAL B 672 10.61 -9.43 46.09
N PHE B 673 11.78 -8.82 46.30
CA PHE B 673 12.71 -8.55 45.23
C PHE B 673 13.29 -9.85 44.69
N VAL B 674 13.10 -10.10 43.40
CA VAL B 674 13.55 -11.33 42.77
C VAL B 674 14.78 -11.01 41.93
N ARG B 675 15.53 -12.07 41.58
CA ARG B 675 16.82 -11.87 40.93
C ARG B 675 16.67 -11.58 39.45
N THR B 676 15.87 -12.37 38.73
CA THR B 676 15.68 -12.18 37.30
C THR B 676 14.21 -11.89 37.03
N THR B 677 13.95 -11.37 35.83
CA THR B 677 12.58 -11.09 35.42
C THR B 677 11.80 -12.38 35.22
N ALA B 678 12.45 -13.40 34.65
CA ALA B 678 11.80 -14.69 34.42
C ALA B 678 11.47 -15.39 35.73
N GLU B 679 12.27 -15.16 36.77
CA GLU B 679 11.90 -15.61 38.11
C GLU B 679 10.67 -14.87 38.60
N GLY B 680 10.59 -13.55 38.33
CA GLY B 680 9.44 -12.79 38.78
C GLY B 680 8.17 -13.12 38.02
N VAL B 681 8.30 -13.64 36.80
CA VAL B 681 7.11 -14.09 36.07
C VAL B 681 6.54 -15.34 36.72
N ALA B 682 7.38 -16.33 36.97
CA ALA B 682 6.90 -17.61 37.49
C ALA B 682 6.50 -17.51 38.96
N ARG B 683 7.11 -16.59 39.72
CA ARG B 683 6.77 -16.42 41.12
C ARG B 683 5.35 -15.89 41.30
N VAL B 684 4.89 -15.06 40.35
CA VAL B 684 3.47 -14.71 40.30
C VAL B 684 2.63 -15.94 40.02
N ARG B 685 3.07 -16.77 39.07
CA ARG B 685 2.35 -18.00 38.73
C ARG B 685 2.42 -19.01 39.85
N LYS B 686 3.53 -19.05 40.59
CA LYS B 686 3.72 -20.03 41.64
C LYS B 686 2.93 -19.68 42.90
N SER B 687 2.87 -18.39 43.25
CA SER B 687 2.19 -17.98 44.48
C SER B 687 0.69 -17.80 44.29
N LYS B 688 0.17 -18.11 43.09
CA LYS B 688 -1.27 -18.20 42.80
C LYS B 688 -1.98 -16.87 43.01
N GLY B 689 -1.42 -15.80 42.45
CA GLY B 689 -2.05 -14.50 42.50
C GLY B 689 -1.71 -13.66 43.70
N LYS B 690 -1.23 -14.25 44.79
CA LYS B 690 -0.94 -13.50 45.99
C LYS B 690 0.44 -12.86 45.97
N TYR B 691 1.20 -13.03 44.88
CA TYR B 691 2.41 -12.27 44.63
C TYR B 691 2.22 -11.52 43.31
N ALA B 692 2.12 -10.20 43.39
CA ALA B 692 2.17 -9.38 42.19
C ALA B 692 3.62 -9.03 41.88
N TYR B 693 3.83 -8.39 40.74
CA TYR B 693 5.17 -8.01 40.32
C TYR B 693 5.10 -6.77 39.44
N LEU B 694 6.09 -5.89 39.57
CA LEU B 694 6.12 -4.64 38.84
C LEU B 694 7.26 -4.67 37.82
N LEU B 695 6.92 -4.49 36.55
CA LEU B 695 7.93 -4.44 35.51
C LEU B 695 7.45 -3.47 34.43
N GLU B 696 8.29 -3.27 33.43
CA GLU B 696 8.07 -2.24 32.42
C GLU B 696 6.90 -2.61 31.52
N SER B 697 6.19 -1.59 31.03
CA SER B 697 4.87 -1.80 30.43
C SER B 697 4.96 -2.59 29.12
N THR B 698 5.95 -2.26 28.29
CA THR B 698 6.04 -2.89 26.97
C THR B 698 6.52 -4.33 27.07
N MET B 699 7.37 -4.62 28.05
CA MET B 699 7.74 -6.01 28.30
C MET B 699 6.58 -6.76 28.93
N ASN B 700 5.78 -6.07 29.74
CA ASN B 700 4.55 -6.65 30.27
C ASN B 700 3.55 -6.90 29.16
N GLU B 701 3.56 -6.06 28.12
CA GLU B 701 2.76 -6.31 26.94
C GLU B 701 3.19 -7.58 26.22
N TYR B 702 4.47 -7.93 26.30
CA TYR B 702 4.97 -9.08 25.54
C TYR B 702 4.73 -10.39 26.29
N ILE B 703 5.05 -10.41 27.59
CA ILE B 703 4.94 -11.64 28.38
C ILE B 703 3.47 -12.04 28.57
N GLU B 704 2.56 -11.05 28.54
CA GLU B 704 1.13 -11.34 28.60
C GLU B 704 0.66 -12.07 27.35
N GLN B 705 1.32 -11.86 26.21
CA GLN B 705 0.94 -12.53 24.97
C GLN B 705 1.58 -13.91 24.82
N ARG B 706 2.61 -14.22 25.60
CA ARG B 706 3.27 -15.51 25.51
C ARG B 706 2.56 -16.53 26.41
N LYS B 707 2.44 -17.76 25.90
CA LYS B 707 1.78 -18.83 26.64
C LYS B 707 2.56 -19.19 27.91
N PRO B 708 1.87 -19.61 28.99
CA PRO B 708 0.45 -19.92 29.22
C PRO B 708 -0.53 -18.75 29.24
N CYS B 709 -0.02 -17.51 29.12
CA CYS B 709 -0.81 -16.28 29.12
C CYS B 709 -1.62 -16.11 30.40
N ASP B 710 -1.10 -16.63 31.52
CA ASP B 710 -1.82 -16.56 32.78
C ASP B 710 -1.48 -15.32 33.59
N THR B 711 -0.56 -14.49 33.10
CA THR B 711 -0.28 -13.22 33.73
C THR B 711 -0.86 -12.09 32.88
N MET B 712 -1.09 -10.94 33.50
CA MET B 712 -1.73 -9.85 32.77
C MET B 712 -1.35 -8.51 33.37
N LYS B 713 -1.44 -7.47 32.54
CA LYS B 713 -1.21 -6.11 32.98
C LYS B 713 -2.52 -5.45 33.39
N VAL B 714 -2.53 -4.86 34.58
CA VAL B 714 -3.71 -4.15 35.08
C VAL B 714 -3.33 -2.72 35.41
N GLY B 715 -4.28 -1.82 35.18
CA GLY B 715 -4.11 -0.42 35.54
C GLY B 715 -3.22 0.34 34.56
N GLY B 716 -3.31 1.66 34.65
CA GLY B 716 -2.44 2.52 33.87
C GLY B 716 -1.02 2.51 34.39
N ASN B 717 -0.11 3.00 33.56
CA ASN B 717 1.30 2.98 33.91
C ASN B 717 1.60 4.08 34.92
N LEU B 718 2.59 3.82 35.78
CA LEU B 718 2.87 4.71 36.90
C LEU B 718 3.52 6.02 36.47
N ASP B 719 4.27 6.01 35.38
CA ASP B 719 5.02 7.19 34.97
C ASP B 719 5.30 7.13 33.49
N SER B 720 5.57 8.28 32.89
CA SER B 720 5.91 8.32 31.48
C SER B 720 7.41 8.14 31.30
N LYS B 721 7.78 7.05 30.61
CA LYS B 721 9.16 6.84 30.23
C LYS B 721 9.21 6.59 28.73
N GLY B 722 10.35 6.93 28.13
CA GLY B 722 10.49 6.81 26.70
C GLY B 722 11.81 6.26 26.24
N TYR B 723 11.77 5.17 25.48
CA TYR B 723 12.96 4.68 24.80
C TYR B 723 13.22 5.51 23.56
N GLY B 724 14.48 5.87 23.35
CA GLY B 724 14.84 6.69 22.21
C GLY B 724 16.05 6.14 21.49
N ILE B 725 16.13 6.43 20.20
CA ILE B 725 17.31 6.05 19.43
C ILE B 725 18.47 6.95 19.81
N ALA B 726 19.61 6.34 20.11
CA ALA B 726 20.74 7.04 20.67
C ALA B 726 21.90 7.09 19.68
N THR B 727 22.36 8.31 19.39
CA THR B 727 23.59 8.59 18.68
C THR B 727 24.54 9.27 19.65
N PRO B 728 25.85 9.17 19.44
CA PRO B 728 26.78 9.92 20.29
C PRO B 728 26.60 11.43 20.15
N LYS B 729 27.05 12.14 21.18
CA LYS B 729 26.79 13.58 21.27
C LYS B 729 27.61 14.34 20.24
N GLY B 730 26.93 15.19 19.48
CA GLY B 730 27.57 15.94 18.42
C GLY B 730 27.58 15.26 17.06
N SER B 731 27.08 14.03 16.96
CA SER B 731 27.03 13.35 15.68
C SER B 731 25.92 13.93 14.81
N SER B 732 26.23 14.12 13.53
CA SER B 732 25.26 14.68 12.60
C SER B 732 24.23 13.66 12.13
N LEU B 733 24.39 12.38 12.52
CA LEU B 733 23.45 11.35 12.10
C LEU B 733 22.11 11.48 12.80
N GLY B 734 22.10 12.05 14.00
CA GLY B 734 20.92 12.00 14.84
C GLY B 734 19.75 12.83 14.35
N THR B 735 20.05 13.96 13.69
CA THR B 735 18.97 14.82 13.21
C THR B 735 18.19 14.24 12.03
N PRO B 736 18.80 13.57 11.02
CA PRO B 736 17.96 12.78 10.10
C PRO B 736 17.25 11.62 10.76
N VAL B 737 17.84 11.02 11.80
CA VAL B 737 17.15 10.01 12.58
C VAL B 737 15.99 10.66 13.34
N ASN B 738 16.19 11.89 13.81
CA ASN B 738 15.12 12.63 14.46
C ASN B 738 14.00 12.94 13.48
N LEU B 739 14.35 13.15 12.21
CA LEU B 739 13.32 13.28 11.19
C LEU B 739 12.75 11.92 10.79
N ALA B 740 13.54 10.86 10.99
CA ALA B 740 13.08 9.52 10.62
C ALA B 740 12.03 9.02 11.59
N VAL B 741 12.31 9.10 12.89
CA VAL B 741 11.44 8.51 13.91
C VAL B 741 10.12 9.26 13.99
N LEU B 742 10.17 10.58 13.86
CA LEU B 742 8.94 11.37 13.91
C LEU B 742 8.12 11.22 12.64
N LYS B 743 8.73 10.70 11.58
CA LYS B 743 7.95 10.35 10.39
C LYS B 743 7.30 8.99 10.56
N LEU B 744 8.07 8.00 11.02
CA LEU B 744 7.59 6.62 11.12
C LEU B 744 6.54 6.47 12.22
N SER B 745 6.67 7.24 13.30
CA SER B 745 5.64 7.25 14.33
C SER B 745 4.38 7.94 13.83
N GLU B 746 4.53 8.91 12.93
CA GLU B 746 3.37 9.60 12.38
C GLU B 746 2.61 8.72 11.41
N GLN B 747 3.31 7.82 10.71
CA GLN B 747 2.66 6.93 9.77
C GLN B 747 2.18 5.64 10.40
N GLY B 748 2.43 5.45 11.70
CA GLY B 748 2.09 4.20 12.34
C GLY B 748 2.96 3.04 11.97
N VAL B 749 4.18 3.30 11.48
CA VAL B 749 5.10 2.24 11.12
C VAL B 749 5.56 1.49 12.36
N LEU B 750 5.74 2.23 13.47
CA LEU B 750 6.01 1.60 14.76
C LEU B 750 4.84 0.75 15.20
N ASP B 751 3.62 1.25 15.00
CA ASP B 751 2.41 0.60 15.50
C ASP B 751 2.14 -0.69 14.75
N LYS B 752 2.44 -0.72 13.45
CA LYS B 752 2.33 -1.95 12.67
C LYS B 752 3.34 -2.99 13.15
N LEU B 753 4.56 -2.56 13.46
CA LEU B 753 5.54 -3.47 14.02
C LEU B 753 5.23 -3.80 15.48
N LYS B 754 4.61 -2.86 16.20
CA LYS B 754 4.15 -3.17 17.55
C LYS B 754 3.03 -4.20 17.53
N ASN B 755 2.17 -4.13 16.52
CA ASN B 755 1.18 -5.19 16.29
C ASN B 755 1.87 -6.50 15.93
N LYS B 756 2.97 -6.42 15.19
CA LYS B 756 3.71 -7.61 14.79
C LYS B 756 4.38 -8.30 15.97
N TRP B 757 5.29 -7.60 16.63
CA TRP B 757 6.19 -8.28 17.56
C TRP B 757 5.56 -8.46 18.94
N TRP B 758 4.37 -7.93 19.15
CA TRP B 758 3.65 -8.23 20.38
C TRP B 758 2.44 -9.13 20.16
N TYR B 759 1.67 -8.89 19.10
CA TYR B 759 0.43 -9.64 18.94
C TYR B 759 0.56 -10.69 17.84
N ASP B 760 1.16 -10.33 16.71
CA ASP B 760 1.28 -11.27 15.61
C ASP B 760 2.38 -12.29 15.89
N LYS B 761 3.40 -11.89 16.64
CA LYS B 761 4.40 -12.81 17.15
C LYS B 761 4.05 -13.34 18.53
N GLY B 762 2.93 -12.90 19.10
CA GLY B 762 2.52 -13.38 20.40
C GLY B 762 1.92 -14.76 20.32
N GLU B 763 2.10 -15.53 21.39
CA GLU B 763 1.59 -16.88 21.45
C GLU B 763 0.09 -16.93 21.78
N CYS B 764 -0.50 -15.79 22.17
CA CYS B 764 -1.94 -15.69 22.34
C CYS B 764 -2.46 -14.54 21.50
N GLY B 765 -3.74 -14.53 21.16
CA GLY B 765 -4.51 -13.31 20.98
C GLY B 765 -5.31 -13.09 22.24
N ALA B 766 -5.16 -11.92 22.87
CA ALA B 766 -5.77 -11.67 24.18
C ALA B 766 -7.28 -11.61 24.09
N LYS B 767 -7.81 -11.25 22.93
CA LYS B 767 -9.24 -11.38 22.66
C LYS B 767 -9.56 -12.65 21.89
N ASP B 768 -8.57 -13.24 21.21
CA ASP B 768 -8.73 -14.60 20.69
C ASP B 768 -8.83 -15.60 21.82
N SER B 769 -8.03 -15.43 22.86
CA SER B 769 -8.23 -16.19 24.09
C SER B 769 -9.44 -15.67 24.85
N GLY B 770 -9.79 -14.40 24.67
CA GLY B 770 -11.04 -13.89 25.21
C GLY B 770 -12.27 -14.44 24.50
N SER B 771 -12.10 -14.90 23.26
CA SER B 771 -13.17 -15.57 22.54
C SER B 771 -13.22 -17.07 22.85
N LYS B 772 -12.37 -17.55 23.77
CA LYS B 772 -12.33 -18.96 24.13
C LYS B 772 -12.55 -19.05 25.64
N GLU B 773 -13.82 -19.04 26.03
CA GLU B 773 -14.20 -19.26 27.43
C GLU B 773 -15.62 -19.83 27.46
N LYS B 774 -15.73 -21.15 27.57
CA LYS B 774 -17.01 -21.86 27.57
C LYS B 774 -16.94 -23.01 28.58
N THR B 775 -17.59 -22.81 29.73
CA THR B 775 -17.50 -23.76 30.82
C THR B 775 -18.81 -24.52 31.01
N SER B 776 -18.84 -25.36 32.06
CA SER B 776 -19.79 -26.46 32.14
C SER B 776 -20.19 -26.77 33.58
N ALA B 777 -20.63 -28.02 33.80
CA ALA B 777 -21.37 -28.52 34.97
C ALA B 777 -20.86 -28.11 36.34
N LEU B 778 -21.81 -28.02 37.29
CA LEU B 778 -21.55 -27.56 38.64
C LEU B 778 -20.71 -28.59 39.39
N SER B 779 -19.75 -28.10 40.15
CA SER B 779 -18.92 -28.96 40.97
C SER B 779 -19.66 -29.38 42.23
N LEU B 780 -19.02 -30.28 42.98
CA LEU B 780 -19.51 -30.70 44.28
C LEU B 780 -19.22 -29.67 45.36
N SER B 781 -18.45 -28.64 45.04
CA SER B 781 -17.86 -27.78 46.06
C SER B 781 -18.88 -26.82 46.66
N ASN B 782 -19.96 -26.52 45.93
CA ASN B 782 -20.97 -25.59 46.45
C ASN B 782 -21.88 -26.27 47.46
N VAL B 783 -21.88 -27.60 47.48
CA VAL B 783 -22.83 -28.35 48.28
C VAL B 783 -22.24 -28.73 49.64
N ALA B 784 -20.88 -28.70 50.06
CA ALA B 784 -20.18 -29.28 51.21
C ALA B 784 -20.02 -28.27 52.35
N GLY B 785 -20.06 -26.97 52.03
CA GLY B 785 -20.15 -25.96 53.08
C GLY B 785 -21.50 -25.92 53.76
N VAL B 786 -22.54 -26.43 53.10
CA VAL B 786 -23.89 -26.41 53.66
C VAL B 786 -24.08 -27.63 54.57
N PHE B 787 -23.10 -28.52 54.63
CA PHE B 787 -23.16 -29.63 55.57
C PHE B 787 -22.96 -29.16 57.01
N TYR B 788 -22.34 -27.99 57.19
CA TYR B 788 -22.05 -27.49 58.53
C TYR B 788 -23.32 -27.05 59.24
N ILE B 789 -24.28 -26.51 58.50
CA ILE B 789 -25.56 -26.13 59.11
C ILE B 789 -26.42 -27.37 59.31
N LEU B 790 -26.14 -28.44 58.58
CA LEU B 790 -26.81 -29.72 58.83
C LEU B 790 -26.32 -30.32 60.15
N VAL B 791 -25.00 -30.51 60.27
CA VAL B 791 -24.41 -31.16 61.44
C VAL B 791 -24.52 -30.26 62.67
N GLY B 792 -24.47 -28.94 62.46
CA GLY B 792 -24.72 -28.02 63.55
C GLY B 792 -26.15 -28.09 64.07
N GLY B 793 -27.09 -28.42 63.18
CA GLY B 793 -28.43 -28.74 63.64
C GLY B 793 -28.51 -30.11 64.28
N LEU B 794 -27.62 -31.02 63.89
CA LEU B 794 -27.58 -32.35 64.49
C LEU B 794 -27.04 -32.30 65.91
N GLY B 795 -26.16 -31.34 66.19
CA GLY B 795 -25.73 -31.13 67.56
C GLY B 795 -26.82 -30.49 68.40
N LEU B 796 -27.77 -29.81 67.75
CA LEU B 796 -28.90 -29.24 68.47
C LEU B 796 -29.93 -30.32 68.81
N ALA B 797 -29.87 -31.46 68.10
CA ALA B 797 -30.87 -32.51 68.29
C ALA B 797 -30.74 -33.18 69.64
N MET B 798 -29.53 -33.27 70.18
CA MET B 798 -29.35 -33.92 71.48
C MET B 798 -29.51 -32.94 72.63
N LEU B 799 -29.08 -31.69 72.44
CA LEU B 799 -29.03 -30.74 73.54
C LEU B 799 -30.43 -30.33 73.98
N VAL B 800 -31.36 -30.23 73.04
CA VAL B 800 -32.75 -29.98 73.42
C VAL B 800 -33.38 -31.27 73.94
N ALA B 801 -32.86 -32.43 73.51
CA ALA B 801 -33.39 -33.70 74.00
C ALA B 801 -32.89 -34.01 75.40
N LEU B 802 -31.62 -33.71 75.68
CA LEU B 802 -31.02 -34.07 76.97
C LEU B 802 -31.59 -33.22 78.10
N ILE B 803 -31.98 -31.98 77.81
CA ILE B 803 -32.63 -31.18 78.84
C ILE B 803 -34.06 -31.65 79.06
N GLU B 804 -34.65 -32.32 78.06
CA GLU B 804 -35.96 -32.94 78.29
C GLU B 804 -35.84 -34.19 79.15
N PHE B 805 -34.67 -34.83 79.17
CA PHE B 805 -34.41 -35.83 80.19
C PHE B 805 -34.29 -35.20 81.57
N CYS B 806 -33.84 -33.95 81.64
CA CYS B 806 -33.94 -33.20 82.88
C CYS B 806 -35.36 -32.72 83.13
N TYR B 807 -36.18 -32.61 82.07
CA TYR B 807 -37.61 -32.44 82.29
C TYR B 807 -38.28 -33.78 82.64
N LYS B 808 -37.63 -34.90 82.32
CA LYS B 808 -38.10 -36.20 82.81
C LYS B 808 -37.70 -36.41 84.26
N ASN C 1 59.03 71.56 -2.47
CA ASN C 1 58.68 71.12 -3.82
C ASN C 1 57.18 71.20 -4.05
N SER C 2 56.76 72.16 -4.86
CA SER C 2 55.34 72.29 -5.19
C SER C 2 54.93 71.19 -6.15
N ILE C 3 54.10 70.28 -5.65
CA ILE C 3 53.69 69.10 -6.40
C ILE C 3 52.20 69.22 -6.64
N GLN C 4 51.79 69.22 -7.92
CA GLN C 4 50.39 69.38 -8.27
C GLN C 4 49.60 68.12 -7.93
N ILE C 5 48.48 68.30 -7.24
CA ILE C 5 47.61 67.20 -6.85
C ILE C 5 46.22 67.44 -7.44
N GLY C 6 45.37 66.43 -7.36
CA GLY C 6 44.02 66.50 -7.89
C GLY C 6 43.01 66.97 -6.87
N GLY C 7 41.93 67.55 -7.39
CA GLY C 7 40.89 68.12 -6.55
C GLY C 7 39.47 67.85 -7.01
N LEU C 8 39.23 66.67 -7.58
CA LEU C 8 37.93 66.36 -8.16
C LEU C 8 36.89 66.01 -7.09
N PHE C 9 36.49 67.02 -6.32
CA PHE C 9 35.51 66.81 -5.27
C PHE C 9 34.11 67.03 -5.79
N PRO C 10 33.13 66.26 -5.35
CA PRO C 10 31.74 66.58 -5.69
C PRO C 10 31.25 67.76 -4.88
N ARG C 11 30.22 68.43 -5.40
CA ARG C 11 29.56 69.47 -4.63
C ARG C 11 28.73 68.84 -3.52
N GLY C 12 28.94 69.33 -2.29
CA GLY C 12 28.34 68.72 -1.13
C GLY C 12 29.20 67.71 -0.41
N ALA C 13 30.44 67.52 -0.84
CA ALA C 13 31.41 66.66 -0.17
C ALA C 13 32.38 67.48 0.66
N ASP C 14 31.86 68.55 1.29
CA ASP C 14 32.74 69.54 1.90
C ASP C 14 33.30 69.07 3.23
N GLN C 15 32.57 68.21 3.95
CA GLN C 15 33.11 67.60 5.17
C GLN C 15 34.30 66.70 4.83
N GLU C 16 34.18 65.95 3.74
CA GLU C 16 35.33 65.26 3.17
C GLU C 16 36.40 66.23 2.71
N TYR C 17 35.98 67.35 2.12
CA TYR C 17 36.94 68.36 1.67
C TYR C 17 37.54 69.11 2.85
N SER C 18 36.80 69.26 3.94
CA SER C 18 37.37 69.82 5.16
C SER C 18 38.40 68.86 5.74
N ALA C 19 38.05 67.58 5.84
CA ALA C 19 38.98 66.58 6.35
C ALA C 19 40.13 66.34 5.38
N PHE C 20 39.93 66.66 4.10
CA PHE C 20 41.05 66.78 3.18
C PHE C 20 41.98 67.90 3.62
N ARG C 21 41.42 69.07 3.93
CA ARG C 21 42.23 70.22 4.27
C ARG C 21 42.82 70.11 5.67
N VAL C 22 42.24 69.25 6.52
CA VAL C 22 42.87 68.93 7.79
C VAL C 22 44.18 68.19 7.56
N GLY C 23 44.17 67.22 6.64
CA GLY C 23 45.40 66.55 6.26
C GLY C 23 46.35 67.46 5.50
N MET C 24 45.81 68.45 4.80
CA MET C 24 46.66 69.44 4.13
C MET C 24 47.44 70.29 5.13
N VAL C 25 46.90 70.47 6.33
CA VAL C 25 47.63 71.15 7.38
C VAL C 25 48.48 70.15 8.16
N GLN C 26 47.91 68.98 8.48
CA GLN C 26 48.60 68.02 9.34
C GLN C 26 49.74 67.31 8.61
N PHE C 27 49.53 66.87 7.38
CA PHE C 27 50.54 66.10 6.66
C PHE C 27 51.39 66.96 5.73
N SER C 28 51.38 68.28 5.89
CA SER C 28 52.28 69.12 5.12
C SER C 28 53.69 69.04 5.69
N THR C 29 54.68 69.30 4.84
CA THR C 29 56.08 69.25 5.24
C THR C 29 56.87 70.30 4.47
N SER C 30 58.08 70.56 4.96
CA SER C 30 58.96 71.50 4.27
C SER C 30 59.73 70.82 3.14
N GLU C 31 59.66 69.50 3.06
CA GLU C 31 60.28 68.78 1.95
C GLU C 31 59.56 69.06 0.65
N PHE C 32 58.23 69.02 0.66
CA PHE C 32 57.44 69.24 -0.52
C PHE C 32 56.07 69.76 -0.10
N ARG C 33 55.43 70.50 -1.00
CA ARG C 33 54.12 71.07 -0.72
C ARG C 33 53.14 70.60 -1.78
N LEU C 34 51.98 70.11 -1.34
CA LEU C 34 50.95 69.67 -2.25
C LEU C 34 50.25 70.91 -2.83
N THR C 35 50.05 70.90 -4.14
CA THR C 35 49.49 72.03 -4.87
C THR C 35 48.09 71.65 -5.35
N PRO C 36 47.05 72.12 -4.65
CA PRO C 36 45.68 71.72 -5.02
C PRO C 36 45.21 72.41 -6.29
N HIS C 37 44.42 71.68 -7.06
CA HIS C 37 43.60 72.26 -8.13
C HIS C 37 42.20 71.72 -7.87
N ILE C 38 41.47 72.40 -6.98
CA ILE C 38 40.21 71.87 -6.49
C ILE C 38 39.11 72.12 -7.51
N ASP C 39 38.43 71.05 -7.90
CA ASP C 39 37.37 71.11 -8.91
C ASP C 39 36.09 70.59 -8.26
N ASN C 40 35.36 71.49 -7.60
CA ASN C 40 34.09 71.15 -6.97
C ASN C 40 32.99 71.06 -8.02
N LEU C 41 32.97 69.94 -8.74
CA LEU C 41 32.03 69.73 -9.83
C LEU C 41 31.26 68.44 -9.60
N GLU C 42 30.16 68.28 -10.32
CA GLU C 42 29.29 67.12 -10.15
C GLU C 42 29.97 65.86 -10.66
N VAL C 43 29.58 64.73 -10.08
CA VAL C 43 30.21 63.46 -10.41
C VAL C 43 29.39 62.66 -11.42
N ALA C 44 28.10 62.97 -11.56
CA ALA C 44 27.26 62.23 -12.50
C ALA C 44 27.54 62.64 -13.94
N ASN C 45 27.71 63.93 -14.19
CA ASN C 45 28.07 64.43 -15.52
C ASN C 45 29.54 64.08 -15.75
N SER C 46 29.77 62.89 -16.31
CA SER C 46 31.14 62.44 -16.56
C SER C 46 31.81 63.25 -17.65
N PHE C 47 31.04 63.90 -18.52
CA PHE C 47 31.60 64.88 -19.43
C PHE C 47 32.20 66.06 -18.68
N ALA C 48 31.48 66.55 -17.66
CA ALA C 48 32.01 67.62 -16.82
C ALA C 48 33.17 67.13 -15.97
N VAL C 49 33.18 65.84 -15.62
CA VAL C 49 34.33 65.26 -14.95
C VAL C 49 35.52 65.21 -15.91
N THR C 50 35.26 64.88 -17.17
CA THR C 50 36.32 64.79 -18.18
C THR C 50 36.95 66.15 -18.44
N ASN C 51 36.16 67.21 -18.49
CA ASN C 51 36.70 68.56 -18.61
C ASN C 51 37.47 68.96 -17.36
N ALA C 52 36.99 68.52 -16.20
CA ALA C 52 37.77 68.69 -14.98
C ALA C 52 39.00 67.79 -14.96
N PHE C 53 38.92 66.64 -15.62
CA PHE C 53 40.06 65.76 -15.73
C PHE C 53 41.12 66.34 -16.66
N CYS C 54 40.69 66.76 -17.86
CA CYS C 54 41.65 67.23 -18.86
C CYS C 54 42.23 68.59 -18.51
N SER C 55 41.55 69.36 -17.65
CA SER C 55 42.12 70.62 -17.20
C SER C 55 43.32 70.39 -16.29
N GLN C 56 43.19 69.45 -15.35
CA GLN C 56 44.34 69.08 -14.53
C GLN C 56 45.35 68.26 -15.32
N PHE C 57 44.89 67.56 -16.36
CA PHE C 57 45.82 66.87 -17.25
C PHE C 57 46.57 67.89 -18.10
N SER C 58 45.97 69.05 -18.35
CA SER C 58 46.70 70.15 -18.96
C SER C 58 47.67 70.80 -18.00
N ARG C 59 47.38 70.72 -16.69
CA ARG C 59 48.32 71.22 -15.70
C ARG C 59 49.58 70.38 -15.61
N GLY C 60 49.50 69.09 -15.93
CA GLY C 60 50.60 68.20 -15.66
C GLY C 60 50.66 67.76 -14.23
N VAL C 61 49.52 67.38 -13.63
CA VAL C 61 49.48 66.95 -12.25
C VAL C 61 50.13 65.58 -12.13
N TYR C 62 50.53 65.22 -10.91
CA TYR C 62 51.27 63.98 -10.70
C TYR C 62 50.45 62.91 -10.01
N ALA C 63 49.39 63.29 -9.29
CA ALA C 63 48.46 62.35 -8.69
C ALA C 63 47.12 63.05 -8.56
N ILE C 64 46.04 62.31 -8.80
CA ILE C 64 44.71 62.91 -8.85
C ILE C 64 43.86 62.28 -7.76
N PHE C 65 43.23 63.15 -6.96
CA PHE C 65 42.34 62.70 -5.90
C PHE C 65 40.92 63.12 -6.23
N GLY C 66 39.98 62.26 -5.88
CA GLY C 66 38.58 62.59 -6.04
C GLY C 66 37.72 61.33 -5.93
N PHE C 67 36.41 61.56 -5.98
CA PHE C 67 35.46 60.47 -5.98
C PHE C 67 35.17 60.04 -7.42
N TYR C 68 34.33 59.02 -7.55
CA TYR C 68 33.78 58.65 -8.85
C TYR C 68 32.44 57.95 -8.65
N ASP C 69 31.58 58.08 -9.65
CA ASP C 69 30.25 57.48 -9.65
C ASP C 69 30.29 56.17 -10.44
N LYS C 70 29.16 55.44 -10.40
CA LYS C 70 28.99 54.35 -11.35
C LYS C 70 28.80 54.89 -12.77
N LYS C 71 28.40 56.15 -12.90
CA LYS C 71 28.41 56.82 -14.20
C LYS C 71 29.82 57.19 -14.63
N SER C 72 30.78 57.13 -13.70
CA SER C 72 32.16 57.50 -13.99
C SER C 72 33.17 56.44 -13.59
N VAL C 73 32.71 55.24 -13.20
CA VAL C 73 33.65 54.17 -12.88
C VAL C 73 34.35 53.68 -14.14
N ASN C 74 33.64 53.67 -15.27
CA ASN C 74 34.26 53.27 -16.52
C ASN C 74 34.95 54.45 -17.18
N THR C 75 34.64 55.67 -16.75
CA THR C 75 35.30 56.85 -17.29
C THR C 75 36.74 56.92 -16.82
N ILE C 76 36.92 57.00 -15.49
CA ILE C 76 38.22 57.35 -14.91
C ILE C 76 39.23 56.23 -15.12
N THR C 77 38.77 54.98 -15.05
CA THR C 77 39.67 53.85 -15.26
C THR C 77 40.11 53.76 -16.71
N SER C 78 39.28 54.23 -17.65
CA SER C 78 39.67 54.24 -19.05
C SER C 78 40.72 55.31 -19.32
N PHE C 79 40.62 56.45 -18.63
CA PHE C 79 41.63 57.48 -18.76
C PHE C 79 42.92 57.11 -18.05
N CYS C 80 42.83 56.69 -16.78
CA CYS C 80 44.02 56.49 -15.97
C CYS C 80 44.79 55.24 -16.39
N GLY C 81 44.11 54.26 -16.97
CA GLY C 81 44.82 53.11 -17.52
C GLY C 81 45.55 53.40 -18.80
N THR C 82 45.12 54.42 -19.54
CA THR C 82 45.75 54.77 -20.81
C THR C 82 46.73 55.92 -20.65
N LEU C 83 46.31 56.98 -19.98
CA LEU C 83 47.18 58.13 -19.78
C LEU C 83 48.23 57.91 -18.70
N HIS C 84 48.15 56.80 -17.97
CA HIS C 84 49.16 56.37 -17.00
C HIS C 84 49.37 57.38 -15.89
N VAL C 85 48.27 58.00 -15.46
CA VAL C 85 48.27 58.94 -14.35
C VAL C 85 47.54 58.29 -13.19
N SER C 86 48.20 58.22 -12.03
CA SER C 86 47.63 57.55 -10.87
C SER C 86 46.45 58.33 -10.31
N PHE C 87 45.49 57.59 -9.74
CA PHE C 87 44.27 58.19 -9.23
C PHE C 87 43.98 57.61 -7.84
N ILE C 88 43.55 58.49 -6.94
CA ILE C 88 43.31 58.10 -5.55
C ILE C 88 41.84 58.39 -5.22
N THR C 89 41.16 57.39 -4.67
CA THR C 89 39.73 57.51 -4.44
C THR C 89 39.30 56.82 -3.14
N PRO C 90 38.36 57.42 -2.42
CA PRO C 90 37.71 56.70 -1.31
C PRO C 90 36.40 56.04 -1.69
N SER C 91 36.05 56.01 -2.97
CA SER C 91 34.71 55.60 -3.39
C SER C 91 34.56 54.08 -3.36
N PHE C 92 33.44 53.62 -3.92
CA PHE C 92 33.11 52.19 -3.96
C PHE C 92 34.14 51.43 -4.77
N PRO C 93 34.46 50.19 -4.37
CA PRO C 93 35.58 49.48 -5.01
C PRO C 93 35.28 49.05 -6.43
N THR C 94 36.34 48.94 -7.24
CA THR C 94 36.22 48.45 -8.61
C THR C 94 36.25 46.93 -8.63
N ASP C 95 35.85 46.37 -9.76
CA ASP C 95 35.83 44.92 -9.90
C ASP C 95 36.98 44.39 -10.75
N GLY C 96 37.41 45.16 -11.74
CA GLY C 96 38.50 44.75 -12.61
C GLY C 96 39.83 45.30 -12.10
N THR C 97 40.89 44.56 -12.43
CA THR C 97 42.23 44.95 -12.00
C THR C 97 42.72 46.12 -12.83
N HIS C 98 42.44 47.33 -12.35
CA HIS C 98 42.74 48.52 -13.13
C HIS C 98 44.05 49.13 -12.68
N PRO C 99 44.96 49.42 -13.61
CA PRO C 99 46.16 50.18 -13.25
C PRO C 99 45.80 51.62 -12.93
N PHE C 100 46.65 52.24 -12.10
CA PHE C 100 46.61 53.67 -11.75
C PHE C 100 45.30 54.05 -11.04
N VAL C 101 44.71 53.08 -10.35
CA VAL C 101 43.50 53.29 -9.55
C VAL C 101 43.83 52.81 -8.14
N ILE C 102 43.99 53.74 -7.22
CA ILE C 102 44.29 53.43 -5.83
C ILE C 102 43.07 53.78 -5.00
N GLN C 103 42.44 52.77 -4.41
CA GLN C 103 41.13 52.97 -3.79
C GLN C 103 41.26 52.85 -2.28
N MET C 104 40.70 53.84 -1.57
CA MET C 104 40.88 53.92 -0.13
C MET C 104 39.86 53.07 0.62
N ARG C 105 38.74 52.75 0.00
CA ARG C 105 37.70 52.04 0.72
C ARG C 105 37.94 50.54 0.60
N PRO C 106 38.03 49.81 1.71
CA PRO C 106 38.23 48.36 1.63
C PRO C 106 36.97 47.66 1.12
N ASP C 107 37.15 46.40 0.77
CA ASP C 107 36.02 45.57 0.36
C ASP C 107 35.15 45.28 1.57
N LEU C 108 33.86 45.08 1.32
CA LEU C 108 32.89 44.89 2.39
C LEU C 108 32.20 43.53 2.32
N LYS C 109 32.23 42.88 1.16
CA LYS C 109 31.47 41.65 0.98
C LYS C 109 32.07 40.49 1.75
N GLY C 110 33.38 40.51 2.00
CA GLY C 110 34.01 39.41 2.73
C GLY C 110 33.60 39.39 4.19
N ALA C 111 33.43 40.56 4.79
CA ALA C 111 32.87 40.60 6.14
C ALA C 111 31.39 40.26 6.13
N LEU C 112 30.68 40.64 5.07
CA LEU C 112 29.25 40.44 5.03
C LEU C 112 28.91 38.98 4.77
N LEU C 113 29.67 38.32 3.90
CA LEU C 113 29.49 36.87 3.70
C LEU C 113 29.88 36.10 4.94
N SER C 114 30.85 36.60 5.69
CA SER C 114 31.16 36.02 6.99
C SER C 114 30.03 36.28 7.99
N LEU C 115 29.31 37.39 7.82
CA LEU C 115 28.32 37.78 8.81
C LEU C 115 27.03 36.97 8.65
N ILE C 116 26.65 36.65 7.41
CA ILE C 116 25.45 35.87 7.18
C ILE C 116 25.65 34.45 7.69
N GLU C 117 26.85 33.92 7.51
CA GLU C 117 27.20 32.63 8.10
C GLU C 117 27.22 32.71 9.63
N TYR C 118 27.56 33.87 10.18
CA TYR C 118 27.55 34.06 11.63
C TYR C 118 26.12 34.09 12.17
N TYR C 119 25.22 34.75 11.45
CA TYR C 119 23.81 34.73 11.82
C TYR C 119 23.06 33.52 11.30
N GLN C 120 23.72 32.71 10.45
CA GLN C 120 23.16 31.48 9.86
C GLN C 120 21.87 31.75 9.09
N TRP C 121 21.86 32.87 8.35
CA TRP C 121 20.67 33.23 7.60
C TRP C 121 20.62 32.50 6.26
N ASP C 122 19.42 32.06 5.89
CA ASP C 122 19.18 31.51 4.57
C ASP C 122 18.01 32.18 3.86
N LYS C 123 16.94 32.51 4.59
CA LYS C 123 15.79 33.17 4.01
C LYS C 123 15.78 34.60 4.49
N PHE C 124 16.07 35.53 3.59
CA PHE C 124 16.24 36.92 3.97
C PHE C 124 16.03 37.81 2.77
N ALA C 125 15.65 39.05 3.04
CA ALA C 125 15.52 40.05 1.98
C ALA C 125 16.81 40.84 1.84
N TYR C 126 16.95 41.51 0.70
CA TYR C 126 18.13 42.33 0.43
C TYR C 126 17.69 43.57 -0.35
N LEU C 127 17.39 44.64 0.36
CA LEU C 127 17.15 45.92 -0.30
C LEU C 127 18.48 46.57 -0.63
N TYR C 128 18.53 47.23 -1.79
CA TYR C 128 19.80 47.76 -2.26
C TYR C 128 19.59 48.95 -3.17
N ASP C 129 20.66 49.71 -3.36
CA ASP C 129 20.71 50.83 -4.28
C ASP C 129 21.78 50.56 -5.33
N SER C 130 21.56 51.09 -6.53
CA SER C 130 22.42 50.77 -7.66
C SER C 130 23.73 51.56 -7.64
N ASP C 131 23.79 52.65 -6.88
CA ASP C 131 24.79 53.69 -7.11
C ASP C 131 26.21 53.25 -6.79
N ARG C 132 26.37 52.42 -5.76
CA ARG C 132 27.70 51.90 -5.43
C ARG C 132 28.05 50.65 -6.21
N GLY C 133 27.35 50.33 -7.29
CA GLY C 133 27.58 49.12 -8.02
C GLY C 133 26.76 47.97 -7.49
N LEU C 134 26.79 46.86 -8.21
CA LEU C 134 26.00 45.68 -7.88
C LEU C 134 26.86 44.44 -7.69
N SER C 135 28.17 44.61 -7.49
CA SER C 135 29.04 43.46 -7.25
C SER C 135 28.75 42.82 -5.90
N THR C 136 28.34 43.63 -4.92
CA THR C 136 27.89 43.09 -3.64
C THR C 136 26.61 42.29 -3.81
N LEU C 137 25.73 42.74 -4.71
CA LEU C 137 24.58 41.92 -5.07
C LEU C 137 25.02 40.66 -5.79
N GLN C 138 26.03 40.77 -6.66
CA GLN C 138 26.57 39.59 -7.33
C GLN C 138 27.26 38.66 -6.33
N ALA C 139 27.81 39.22 -5.26
CA ALA C 139 28.49 38.41 -4.25
C ALA C 139 27.50 37.56 -3.47
N VAL C 140 26.39 38.16 -3.04
CA VAL C 140 25.45 37.43 -2.20
C VAL C 140 24.62 36.46 -3.03
N LEU C 141 24.47 36.71 -4.33
CA LEU C 141 23.73 35.77 -5.18
C LEU C 141 24.56 34.54 -5.49
N ASP C 142 25.90 34.69 -5.49
CA ASP C 142 26.76 33.52 -5.68
C ASP C 142 26.71 32.63 -4.46
N SER C 143 26.73 33.21 -3.26
CA SER C 143 26.61 32.42 -2.05
C SER C 143 25.16 32.00 -1.79
N ALA C 144 24.20 32.61 -2.50
CA ALA C 144 22.82 32.17 -2.39
C ALA C 144 22.64 30.78 -2.94
N ALA C 145 23.17 30.51 -4.14
CA ALA C 145 23.10 29.17 -4.69
C ALA C 145 24.08 28.23 -4.01
N GLU C 146 25.22 28.77 -3.58
CA GLU C 146 26.26 27.94 -2.97
C GLU C 146 25.86 27.45 -1.59
N LYS C 147 25.26 28.30 -0.77
CA LYS C 147 24.86 27.93 0.57
C LYS C 147 23.37 27.63 0.68
N LYS C 148 22.68 27.54 -0.46
CA LYS C 148 21.25 27.21 -0.56
C LYS C 148 20.39 28.20 0.24
N TRP C 149 20.41 29.45 -0.20
CA TRP C 149 19.70 30.53 0.47
C TRP C 149 18.42 30.88 -0.26
N GLN C 150 17.63 31.77 0.35
CA GLN C 150 16.41 32.29 -0.25
C GLN C 150 16.45 33.81 -0.16
N VAL C 151 16.96 34.44 -1.21
CA VAL C 151 17.22 35.87 -1.17
C VAL C 151 16.11 36.63 -1.87
N THR C 152 15.63 37.71 -1.25
CA THR C 152 14.63 38.59 -1.83
C THR C 152 15.31 39.93 -2.11
N ALA C 153 15.80 40.11 -3.34
CA ALA C 153 16.51 41.32 -3.69
C ALA C 153 15.60 42.29 -4.44
N ILE C 154 15.53 43.52 -3.93
CA ILE C 154 14.70 44.56 -4.53
C ILE C 154 15.50 45.85 -4.58
N ASN C 155 15.68 46.38 -5.79
CA ASN C 155 16.34 47.68 -5.94
C ASN C 155 15.38 48.77 -5.51
N VAL C 156 15.82 49.57 -4.54
CA VAL C 156 14.94 50.55 -3.92
C VAL C 156 15.33 51.95 -4.36
N GLY C 157 16.52 52.11 -4.95
CA GLY C 157 17.01 53.42 -5.32
C GLY C 157 16.37 54.06 -6.52
N ASN C 158 15.62 53.28 -7.31
CA ASN C 158 15.03 53.82 -8.54
C ASN C 158 13.80 54.68 -8.26
N ILE C 159 13.21 54.56 -7.08
CA ILE C 159 12.02 55.35 -6.77
C ILE C 159 12.45 56.78 -6.45
N ASN C 160 11.71 57.75 -7.00
CA ASN C 160 12.05 59.15 -6.85
C ASN C 160 11.84 59.63 -5.41
N ASN C 161 12.41 60.80 -5.10
CA ASN C 161 12.27 61.36 -3.76
C ASN C 161 10.93 62.07 -3.56
N ASP C 162 10.12 62.17 -4.62
CA ASP C 162 8.84 62.87 -4.49
C ASP C 162 7.83 62.04 -3.71
N LYS C 163 7.75 60.75 -3.99
CA LYS C 163 6.79 59.86 -3.32
C LYS C 163 7.49 58.67 -2.68
N LYS C 164 8.61 58.91 -2.00
CA LYS C 164 9.31 57.83 -1.30
C LYS C 164 8.76 57.61 0.10
N ASP C 165 7.44 57.60 0.23
CA ASP C 165 6.82 57.19 1.48
C ASP C 165 5.64 56.28 1.17
N GLU C 166 5.03 56.50 0.00
CA GLU C 166 3.88 55.72 -0.41
C GLU C 166 4.28 54.37 -0.97
N THR C 167 5.27 54.36 -1.87
CA THR C 167 5.75 53.12 -2.46
C THR C 167 6.48 52.27 -1.43
N TYR C 168 7.09 52.91 -0.44
CA TYR C 168 7.86 52.16 0.55
C TYR C 168 6.94 51.47 1.55
N ARG C 169 5.71 51.98 1.70
CA ARG C 169 4.67 51.22 2.39
C ARG C 169 4.40 49.90 1.67
N SER C 170 4.20 49.97 0.35
CA SER C 170 3.92 48.77 -0.43
C SER C 170 5.13 47.85 -0.52
N LEU C 171 6.32 48.41 -0.30
CA LEU C 171 7.54 47.60 -0.33
C LEU C 171 7.56 46.59 0.81
N PHE C 172 7.33 47.04 2.04
CA PHE C 172 7.33 46.12 3.17
C PHE C 172 6.07 45.28 3.22
N GLN C 173 4.97 45.78 2.64
CA GLN C 173 3.79 44.94 2.46
C GLN C 173 4.07 43.80 1.50
N ASP C 174 4.93 44.05 0.50
CA ASP C 174 5.40 42.96 -0.34
C ASP C 174 6.38 42.06 0.43
N LEU C 175 7.06 42.60 1.43
CA LEU C 175 7.90 41.76 2.27
C LEU C 175 7.08 40.96 3.26
N GLU C 176 5.86 41.41 3.57
CA GLU C 176 4.95 40.62 4.38
C GLU C 176 4.21 39.58 3.57
N LEU C 177 4.42 39.51 2.26
CA LEU C 177 3.91 38.39 1.49
C LEU C 177 4.66 37.11 1.83
N LYS C 178 5.90 37.22 2.29
CA LYS C 178 6.64 36.10 2.83
C LYS C 178 7.03 36.33 4.29
N LYS C 179 6.69 37.49 4.85
CA LYS C 179 6.87 37.83 6.28
C LYS C 179 8.33 37.74 6.72
N GLU C 180 9.19 38.48 6.04
CA GLU C 180 10.62 38.42 6.32
C GLU C 180 10.97 39.24 7.55
N ARG C 181 11.91 38.71 8.33
CA ARG C 181 12.41 39.37 9.52
C ARG C 181 13.86 39.81 9.38
N ARG C 182 14.46 39.57 8.22
CA ARG C 182 15.90 39.61 8.04
C ARG C 182 16.22 40.49 6.83
N VAL C 183 16.42 41.78 7.07
CA VAL C 183 16.61 42.73 5.98
C VAL C 183 18.04 43.23 5.99
N ILE C 184 18.72 43.11 4.84
CA ILE C 184 20.07 43.61 4.69
C ILE C 184 20.01 44.81 3.75
N LEU C 185 20.13 46.00 4.32
CA LEU C 185 20.09 47.23 3.53
C LEU C 185 21.45 47.52 2.93
N ASP C 186 21.45 47.99 1.68
CA ASP C 186 22.67 48.44 1.04
C ASP C 186 22.37 49.75 0.30
N CYS C 187 22.48 50.86 1.02
CA CYS C 187 22.13 52.16 0.46
C CYS C 187 23.08 53.21 1.02
N GLU C 188 23.00 54.40 0.46
CA GLU C 188 23.65 55.57 1.04
C GLU C 188 22.99 55.91 2.36
N ARG C 189 23.77 56.53 3.26
CA ARG C 189 23.30 56.77 4.63
C ARG C 189 22.13 57.73 4.68
N ASP C 190 21.99 58.60 3.68
CA ASP C 190 20.78 59.39 3.54
C ASP C 190 19.60 58.49 3.16
N LYS C 191 19.82 57.59 2.20
CA LYS C 191 18.77 56.66 1.80
C LYS C 191 18.54 55.59 2.86
N VAL C 192 19.58 55.27 3.65
CA VAL C 192 19.40 54.35 4.77
C VAL C 192 18.47 54.96 5.81
N ASN C 193 18.70 56.24 6.14
CA ASN C 193 17.88 56.93 7.13
C ASN C 193 16.45 57.13 6.64
N ASP C 194 16.26 57.17 5.31
CA ASP C 194 14.92 57.19 4.75
C ASP C 194 14.19 55.87 5.04
N ILE C 195 14.87 54.76 4.82
CA ILE C 195 14.26 53.43 5.00
C ILE C 195 13.99 53.17 6.48
N VAL C 196 14.89 53.64 7.36
CA VAL C 196 14.68 53.53 8.80
C VAL C 196 13.42 54.26 9.22
N ASP C 197 13.19 55.46 8.66
CA ASP C 197 12.00 56.23 8.98
C ASP C 197 10.75 55.56 8.41
N GLN C 198 10.90 54.78 7.34
CA GLN C 198 9.79 53.97 6.86
C GLN C 198 9.50 52.81 7.81
N VAL C 199 10.55 52.18 8.34
CA VAL C 199 10.39 51.12 9.33
C VAL C 199 9.78 51.68 10.62
N ILE C 200 10.20 52.88 11.00
CA ILE C 200 9.61 53.58 12.14
C ILE C 200 8.14 53.90 11.88
N THR C 201 7.81 54.24 10.63
CA THR C 201 6.43 54.54 10.27
C THR C 201 5.53 53.33 10.39
N ILE C 202 6.06 52.14 10.12
CA ILE C 202 5.27 50.91 10.15
C ILE C 202 5.59 50.02 11.35
N GLY C 203 6.61 50.37 12.14
CA GLY C 203 6.86 49.65 13.37
C GLY C 203 7.51 48.30 13.23
N LYS C 204 8.32 48.08 12.19
CA LYS C 204 9.08 46.84 12.09
C LYS C 204 10.42 46.92 12.80
N HIS C 205 10.62 47.97 13.60
CA HIS C 205 11.80 48.07 14.46
C HIS C 205 11.60 47.37 15.79
N VAL C 206 10.46 46.73 15.98
CA VAL C 206 10.16 45.98 17.20
C VAL C 206 10.93 44.68 17.21
N LYS C 207 10.87 43.99 18.35
CA LYS C 207 11.50 42.68 18.51
C LYS C 207 10.94 41.67 17.51
N GLY C 208 11.83 40.83 16.98
CA GLY C 208 11.48 39.88 15.95
C GLY C 208 12.17 40.12 14.63
N TYR C 209 12.33 41.38 14.24
CA TYR C 209 13.04 41.73 13.02
C TYR C 209 14.52 41.88 13.30
N HIS C 210 15.32 41.84 12.22
CA HIS C 210 16.75 42.04 12.34
C HIS C 210 17.25 42.78 11.10
N TYR C 211 18.22 43.65 11.31
CA TYR C 211 18.70 44.52 10.24
C TYR C 211 20.22 44.50 10.19
N ILE C 212 20.75 44.63 8.98
CA ILE C 212 22.19 44.72 8.75
C ILE C 212 22.42 45.89 7.81
N ILE C 213 23.22 46.86 8.24
CA ILE C 213 23.49 48.05 7.45
C ILE C 213 24.83 47.85 6.77
N ALA C 214 24.82 47.76 5.44
CA ALA C 214 26.01 47.38 4.68
C ALA C 214 26.75 48.64 4.21
N ASN C 215 27.40 49.28 5.17
CA ASN C 215 28.36 50.35 4.86
C ASN C 215 29.37 50.42 5.99
N LEU C 216 30.40 51.24 5.78
CA LEU C 216 31.38 51.44 6.83
C LEU C 216 30.96 52.52 7.81
N GLY C 217 29.95 53.31 7.47
CA GLY C 217 29.45 54.35 8.35
C GLY C 217 28.27 53.90 9.18
N PHE C 218 28.42 52.81 9.93
CA PHE C 218 27.35 52.37 10.82
C PHE C 218 27.12 53.34 11.95
N THR C 219 28.18 53.96 12.47
CA THR C 219 28.03 54.97 13.49
C THR C 219 27.51 56.29 12.92
N ASP C 220 27.60 56.48 11.60
CA ASP C 220 27.12 57.71 11.00
C ASP C 220 25.60 57.76 10.94
N GLY C 221 24.95 56.59 10.84
CA GLY C 221 23.51 56.57 10.79
C GLY C 221 22.88 56.80 12.15
N ASP C 222 21.61 57.21 12.12
CA ASP C 222 20.86 57.50 13.33
C ASP C 222 20.47 56.18 13.99
N LEU C 223 21.18 55.85 15.06
CA LEU C 223 20.84 54.68 15.86
C LEU C 223 19.98 55.01 17.07
N LEU C 224 20.02 56.26 17.55
CA LEU C 224 19.28 56.63 18.75
C LEU C 224 17.78 56.58 18.53
N LYS C 225 17.33 56.78 17.29
CA LYS C 225 15.90 56.76 17.00
C LYS C 225 15.36 55.34 16.95
N ILE C 226 16.24 54.35 16.81
CA ILE C 226 15.83 52.95 16.76
C ILE C 226 16.63 52.10 17.73
N GLN C 227 17.22 52.73 18.73
CA GLN C 227 18.00 51.99 19.73
C GLN C 227 17.11 51.12 20.61
N PHE C 228 15.92 51.62 20.97
CA PHE C 228 15.07 50.93 21.92
C PHE C 228 13.76 50.46 21.30
N GLY C 229 13.71 50.32 19.97
CA GLY C 229 12.51 49.82 19.35
C GLY C 229 12.27 48.34 19.53
N GLY C 230 13.33 47.53 19.48
CA GLY C 230 13.21 46.11 19.67
C GLY C 230 13.99 45.25 18.70
N ALA C 231 14.13 45.68 17.44
CA ALA C 231 14.89 44.90 16.48
C ALA C 231 16.38 45.07 16.72
N GLU C 232 17.15 44.07 16.31
CA GLU C 232 18.60 44.13 16.47
C GLU C 232 19.26 44.50 15.16
N VAL C 233 20.07 45.55 15.20
CA VAL C 233 20.67 46.12 14.00
C VAL C 233 22.17 45.86 14.05
N SER C 234 22.71 45.27 12.99
CA SER C 234 24.13 45.00 12.88
C SER C 234 24.73 45.91 11.82
N GLY C 235 26.05 46.06 11.87
CA GLY C 235 26.72 46.91 10.90
C GLY C 235 28.22 46.84 11.04
N PHE C 236 28.90 47.74 10.34
CA PHE C 236 30.35 47.76 10.29
C PHE C 236 30.86 49.18 10.42
N GLN C 237 31.82 49.38 11.32
CA GLN C 237 32.50 50.67 11.46
C GLN C 237 33.99 50.45 11.24
N ILE C 238 34.52 50.99 10.16
CA ILE C 238 35.90 50.72 9.78
C ILE C 238 36.87 51.53 10.66
N VAL C 239 36.40 52.64 11.23
CA VAL C 239 37.26 53.52 12.01
C VAL C 239 36.84 53.38 13.48
N ASP C 240 37.66 52.68 14.26
CA ASP C 240 37.39 52.53 15.68
C ASP C 240 37.67 53.83 16.41
N TYR C 241 36.63 54.39 17.01
CA TYR C 241 36.74 55.67 17.72
C TYR C 241 37.49 55.54 19.05
N ASP C 242 37.62 54.32 19.58
CA ASP C 242 38.33 54.14 20.85
C ASP C 242 39.83 54.21 20.68
N ASP C 243 40.33 54.14 19.44
CA ASP C 243 41.75 54.24 19.21
C ASP C 243 42.25 55.66 19.47
N SER C 244 43.36 55.76 20.19
CA SER C 244 43.91 57.06 20.55
C SER C 244 44.46 57.80 19.34
N LEU C 245 44.90 57.07 18.33
CA LEU C 245 45.25 57.69 17.05
C LEU C 245 44.04 58.33 16.42
N VAL C 246 42.88 57.69 16.56
CA VAL C 246 41.63 58.27 16.09
C VAL C 246 41.14 59.35 17.05
N SER C 247 41.25 59.09 18.36
CA SER C 247 40.62 59.95 19.35
C SER C 247 41.32 61.31 19.46
N LYS C 248 42.64 61.34 19.30
CA LYS C 248 43.35 62.62 19.25
C LYS C 248 42.98 63.40 18.01
N PHE C 249 42.66 62.71 16.92
CA PHE C 249 42.14 63.38 15.73
C PHE C 249 40.73 63.90 15.97
N ILE C 250 39.90 63.13 16.70
CA ILE C 250 38.54 63.55 17.02
C ILE C 250 38.55 64.76 17.94
N GLU C 251 39.48 64.80 18.89
CA GLU C 251 39.65 65.98 19.73
C GLU C 251 40.13 67.18 18.92
N ARG C 252 40.86 66.93 17.84
CA ARG C 252 41.19 68.01 16.92
C ARG C 252 40.06 68.27 15.93
N TRP C 253 39.18 67.29 15.72
CA TRP C 253 38.11 67.42 14.74
C TRP C 253 37.03 68.39 15.20
N SER C 254 36.46 68.16 16.39
CA SER C 254 35.30 68.93 16.84
C SER C 254 35.65 70.37 17.18
N THR C 255 36.91 70.64 17.53
CA THR C 255 37.31 71.98 17.94
C THR C 255 37.43 72.93 16.75
N LEU C 256 37.45 72.41 15.53
CA LEU C 256 37.56 73.26 14.36
C LEU C 256 36.26 74.00 14.10
N GLU C 257 36.37 75.14 13.44
CA GLU C 257 35.21 76.00 13.20
C GLU C 257 34.39 75.45 12.03
N GLU C 258 33.06 75.49 12.20
CA GLU C 258 32.16 75.10 11.13
C GLU C 258 32.19 76.10 9.98
N LYS C 259 32.38 77.39 10.28
CA LYS C 259 32.45 78.41 9.25
C LYS C 259 33.70 78.23 8.39
N GLU C 260 34.79 77.78 8.99
CA GLU C 260 35.99 77.46 8.22
C GLU C 260 35.96 76.05 7.65
N TYR C 261 35.71 75.04 8.48
CA TYR C 261 35.63 73.66 8.04
C TYR C 261 34.21 73.16 8.32
N PRO C 262 33.34 73.19 7.31
CA PRO C 262 31.98 72.66 7.51
C PRO C 262 32.00 71.15 7.68
N GLY C 263 31.20 70.68 8.65
CA GLY C 263 31.18 69.28 9.02
C GLY C 263 32.23 68.88 10.02
N ALA C 264 33.13 69.78 10.42
CA ALA C 264 34.20 69.43 11.35
C ALA C 264 33.76 69.48 12.81
N HIS C 265 32.95 70.47 13.19
CA HIS C 265 32.53 70.61 14.58
C HIS C 265 31.43 69.59 14.88
N THR C 266 31.86 68.32 14.96
CA THR C 266 30.97 67.18 15.15
C THR C 266 31.62 66.21 16.12
N ALA C 267 30.79 65.40 16.77
CA ALA C 267 31.31 64.39 17.68
C ALA C 267 31.99 63.25 16.93
N THR C 268 31.44 62.84 15.80
CA THR C 268 32.00 61.76 14.99
C THR C 268 32.38 62.30 13.62
N ILE C 269 32.76 61.38 12.73
CA ILE C 269 33.18 61.75 11.39
C ILE C 269 32.70 60.65 10.44
N LYS C 270 32.41 61.03 9.21
CA LYS C 270 32.14 60.04 8.17
C LYS C 270 33.42 59.29 7.82
N TYR C 271 33.26 58.03 7.41
CA TYR C 271 34.41 57.25 7.00
C TYR C 271 34.99 57.75 5.68
N THR C 272 34.13 58.32 4.82
CA THR C 272 34.59 58.93 3.59
C THR C 272 35.48 60.14 3.87
N SER C 273 35.16 60.88 4.94
CA SER C 273 36.04 61.96 5.37
C SER C 273 37.30 61.40 6.02
N ALA C 274 37.19 60.25 6.68
CA ALA C 274 38.33 59.68 7.38
C ALA C 274 39.34 59.08 6.40
N LEU C 275 38.84 58.38 5.39
CA LEU C 275 39.72 57.84 4.35
C LEU C 275 40.31 58.96 3.49
N THR C 276 39.59 60.07 3.37
CA THR C 276 40.14 61.25 2.71
C THR C 276 41.32 61.81 3.50
N TYR C 277 41.18 61.87 4.82
CA TYR C 277 42.30 62.24 5.69
C TYR C 277 43.39 61.17 5.65
N ASP C 278 43.00 59.90 5.50
CA ASP C 278 43.99 58.85 5.38
C ASP C 278 44.68 58.86 4.03
N ALA C 279 44.01 59.41 3.00
CA ALA C 279 44.61 59.47 1.68
C ALA C 279 45.74 60.49 1.63
N VAL C 280 45.65 61.55 2.44
CA VAL C 280 46.70 62.56 2.47
C VAL C 280 47.95 61.98 3.13
N GLN C 281 47.77 61.05 4.06
CA GLN C 281 48.89 60.33 4.66
C GLN C 281 49.63 59.51 3.62
N VAL C 282 48.90 58.88 2.70
CA VAL C 282 49.52 58.03 1.69
C VAL C 282 50.26 58.88 0.67
N MET C 283 49.66 60.00 0.26
CA MET C 283 50.29 60.87 -0.73
C MET C 283 51.51 61.58 -0.16
N THR C 284 51.48 61.90 1.14
CA THR C 284 52.66 62.44 1.79
C THR C 284 53.76 61.39 1.88
N GLU C 285 53.39 60.17 2.28
CA GLU C 285 54.36 59.07 2.38
C GLU C 285 54.91 58.69 1.01
N ALA C 286 54.14 58.90 -0.05
CA ALA C 286 54.62 58.60 -1.39
C ALA C 286 55.76 59.53 -1.80
N PHE C 287 55.53 60.84 -1.74
CA PHE C 287 56.55 61.77 -2.20
C PHE C 287 57.67 61.95 -1.17
N ARG C 288 57.47 61.54 0.09
CA ARG C 288 58.60 61.39 0.98
C ARG C 288 59.47 60.22 0.56
N ASN C 289 58.86 59.16 0.01
CA ASN C 289 59.64 58.03 -0.49
C ASN C 289 60.32 58.37 -1.80
N LEU C 290 59.65 59.13 -2.68
CA LEU C 290 60.31 59.63 -3.89
C LEU C 290 61.42 60.62 -3.56
N ARG C 291 61.30 61.32 -2.42
CA ARG C 291 62.42 62.12 -1.95
C ARG C 291 63.53 61.24 -1.41
N LYS C 292 63.17 60.13 -0.76
CA LYS C 292 64.18 59.21 -0.26
C LYS C 292 64.79 58.37 -1.38
N GLN C 293 64.00 58.03 -2.39
CA GLN C 293 64.54 57.32 -3.54
C GLN C 293 65.26 58.26 -4.49
N ARG C 294 64.98 59.57 -4.38
CA ARG C 294 65.56 60.63 -5.22
C ARG C 294 65.29 60.38 -6.71
N ILE C 295 64.07 59.98 -7.02
CA ILE C 295 63.66 59.73 -8.40
C ILE C 295 62.87 60.96 -8.84
N GLU C 296 63.45 61.73 -9.76
CA GLU C 296 62.85 62.97 -10.18
C GLU C 296 61.71 62.73 -11.18
N ILE C 297 60.57 63.34 -10.89
CA ILE C 297 59.40 63.26 -11.78
C ILE C 297 58.95 64.67 -12.18
N SER C 298 59.71 65.69 -11.81
CA SER C 298 59.26 67.06 -11.88
C SER C 298 59.20 67.56 -13.32
N ARG C 299 58.12 67.22 -14.01
CA ARG C 299 57.94 67.65 -15.39
C ARG C 299 57.02 68.86 -15.44
N ARG C 300 57.03 69.52 -16.60
CA ARG C 300 56.06 70.56 -16.91
C ARG C 300 54.78 69.91 -17.42
N GLY C 301 53.89 70.72 -18.01
CA GLY C 301 52.72 70.16 -18.65
C GLY C 301 52.99 69.40 -19.94
N ASN C 302 53.80 68.34 -19.87
CA ASN C 302 54.10 67.50 -21.02
C ASN C 302 52.97 66.51 -21.26
N ALA C 303 52.11 66.33 -20.26
CA ALA C 303 50.86 65.61 -20.45
C ALA C 303 49.96 66.35 -21.43
N GLY C 304 49.62 67.60 -21.14
CA GLY C 304 49.01 68.49 -22.10
C GLY C 304 47.60 68.10 -22.50
N ASP C 305 47.44 67.84 -23.79
CA ASP C 305 46.14 67.48 -24.33
C ASP C 305 45.80 66.03 -23.98
N CYS C 306 44.59 65.82 -23.49
CA CYS C 306 44.06 64.48 -23.33
C CYS C 306 43.54 63.90 -24.63
N LEU C 307 43.38 64.73 -25.67
CA LEU C 307 42.97 64.28 -26.99
C LEU C 307 44.14 63.95 -27.90
N ALA C 308 45.31 63.65 -27.32
CA ALA C 308 46.47 63.33 -28.13
C ALA C 308 46.30 61.96 -28.78
N ASN C 309 46.55 61.90 -30.08
CA ASN C 309 46.33 60.68 -30.86
C ASN C 309 47.61 60.31 -31.59
N PRO C 310 48.38 59.31 -31.13
CA PRO C 310 48.19 58.58 -29.87
C PRO C 310 48.75 59.34 -28.67
N ALA C 311 48.08 59.20 -27.52
CA ALA C 311 48.56 59.82 -26.29
C ALA C 311 49.71 59.00 -25.74
N VAL C 312 50.85 59.66 -25.55
CA VAL C 312 52.08 58.97 -25.16
C VAL C 312 52.11 58.83 -23.64
N PRO C 313 52.48 57.68 -23.10
CA PRO C 313 52.67 57.56 -21.65
C PRO C 313 53.99 58.18 -21.23
N TRP C 314 54.11 58.46 -19.94
CA TRP C 314 55.37 58.90 -19.36
C TRP C 314 55.68 58.05 -18.14
N GLY C 315 56.77 57.28 -18.23
CA GLY C 315 57.09 56.21 -17.30
C GLY C 315 57.42 56.65 -15.89
N GLN C 316 57.72 57.94 -15.69
CA GLN C 316 57.86 58.48 -14.34
C GLN C 316 56.52 58.43 -13.61
N GLY C 317 55.41 58.57 -14.34
CA GLY C 317 54.11 58.42 -13.73
C GLY C 317 53.77 56.97 -13.43
N VAL C 318 54.36 56.04 -14.18
CA VAL C 318 54.20 54.63 -13.87
C VAL C 318 54.92 54.28 -12.58
N GLU C 319 56.07 54.92 -12.34
CA GLU C 319 56.83 54.69 -11.12
C GLU C 319 56.10 55.27 -9.90
N ILE C 320 55.26 56.28 -10.11
CA ILE C 320 54.41 56.81 -9.04
C ILE C 320 53.47 55.74 -8.52
N GLU C 321 52.81 55.01 -9.43
CA GLU C 321 51.93 53.91 -9.04
C GLU C 321 52.70 52.80 -8.35
N ARG C 322 53.94 52.57 -8.77
CA ARG C 322 54.77 51.54 -8.15
C ARG C 322 55.15 51.92 -6.72
N ALA C 323 55.31 53.20 -6.44
CA ALA C 323 55.61 53.64 -5.08
C ALA C 323 54.38 53.70 -4.20
N LEU C 324 53.21 53.90 -4.79
CA LEU C 324 51.97 53.95 -4.00
C LEU C 324 51.62 52.59 -3.42
N LYS C 325 51.79 51.53 -4.21
CA LYS C 325 51.45 50.20 -3.74
C LYS C 325 52.46 49.66 -2.73
N GLN C 326 53.64 50.26 -2.65
CA GLN C 326 54.65 49.90 -1.66
C GLN C 326 54.42 50.58 -0.32
N VAL C 327 53.45 51.51 -0.23
CA VAL C 327 53.20 52.21 1.02
C VAL C 327 52.53 51.29 2.02
N GLN C 328 53.22 51.02 3.13
CA GLN C 328 52.68 50.19 4.20
C GLN C 328 52.66 51.03 5.47
N VAL C 329 51.56 51.76 5.69
CA VAL C 329 51.41 52.63 6.83
C VAL C 329 50.11 52.30 7.56
N GLU C 330 50.00 52.80 8.78
CA GLU C 330 48.75 52.70 9.51
C GLU C 330 47.84 53.87 9.12
N GLY C 331 46.60 53.81 9.57
CA GLY C 331 45.67 54.90 9.31
C GLY C 331 44.60 54.96 10.38
N LEU C 332 43.57 55.77 10.11
CA LEU C 332 42.40 55.79 10.98
C LEU C 332 41.61 54.50 10.86
N SER C 333 41.66 53.86 9.69
CA SER C 333 41.00 52.59 9.46
C SER C 333 41.95 51.41 9.68
N GLY C 334 43.02 51.61 10.44
CA GLY C 334 43.96 50.53 10.72
C GLY C 334 45.11 50.48 9.75
N ASN C 335 45.62 49.26 9.53
CA ASN C 335 46.77 49.07 8.67
C ASN C 335 46.36 49.19 7.21
N ILE C 336 47.15 49.94 6.45
CA ILE C 336 46.90 50.15 5.04
C ILE C 336 47.99 49.42 4.26
N LYS C 337 47.64 48.28 3.68
CA LYS C 337 48.56 47.51 2.87
C LYS C 337 47.91 47.26 1.52
N PHE C 338 48.71 47.26 0.46
CA PHE C 338 48.19 47.21 -0.89
C PHE C 338 48.67 45.98 -1.63
N ASP C 339 47.83 45.53 -2.56
CA ASP C 339 48.17 44.47 -3.50
C ASP C 339 48.87 45.07 -4.72
N GLN C 340 48.94 44.28 -5.79
CA GLN C 340 49.47 44.79 -7.05
C GLN C 340 48.44 45.60 -7.83
N ASN C 341 47.25 45.79 -7.28
CA ASN C 341 46.26 46.67 -7.87
C ASN C 341 46.01 47.92 -7.03
N GLY C 342 46.73 48.07 -5.93
CA GLY C 342 46.51 49.19 -5.03
C GLY C 342 45.29 49.05 -4.14
N LYS C 343 44.66 47.88 -4.11
CA LYS C 343 43.50 47.65 -3.27
C LYS C 343 43.95 47.24 -1.88
N ARG C 344 43.13 47.53 -0.88
CA ARG C 344 43.57 47.33 0.49
C ARG C 344 43.57 45.85 0.88
N ILE C 345 44.65 45.44 1.53
CA ILE C 345 44.76 44.11 2.13
C ILE C 345 45.22 44.29 3.57
N ASN C 346 45.05 43.21 4.35
CA ASN C 346 45.41 43.10 5.77
C ASN C 346 44.75 44.20 6.62
N TYR C 347 43.52 44.55 6.26
CA TYR C 347 42.75 45.51 7.04
C TYR C 347 41.86 44.79 8.03
N THR C 348 41.13 45.57 8.83
CA THR C 348 40.30 45.05 9.91
C THR C 348 38.96 45.75 9.91
N ILE C 349 37.90 44.99 9.65
CA ILE C 349 36.54 45.52 9.69
C ILE C 349 35.91 45.16 11.03
N ASN C 350 35.51 46.17 11.79
CA ASN C 350 34.91 45.96 13.10
C ASN C 350 33.43 45.67 12.95
N ILE C 351 33.03 44.45 13.33
CA ILE C 351 31.61 44.11 13.35
C ILE C 351 30.95 44.86 14.51
N MET C 352 30.00 45.72 14.18
CA MET C 352 29.31 46.53 15.17
C MET C 352 27.86 46.08 15.26
N GLU C 353 27.32 46.12 16.47
CA GLU C 353 25.92 45.78 16.68
C GLU C 353 25.27 46.82 17.57
N LEU C 354 24.07 47.24 17.19
CA LEU C 354 23.22 48.03 18.06
C LEU C 354 22.73 47.17 19.22
N LYS C 355 22.94 47.65 20.43
CA LYS C 355 22.45 46.99 21.63
C LYS C 355 21.66 47.99 22.46
N THR C 356 21.36 47.61 23.69
CA THR C 356 20.63 48.51 24.59
C THR C 356 21.47 49.72 24.95
N ASN C 357 22.77 49.53 25.18
CA ASN C 357 23.67 50.65 25.41
C ASN C 357 23.99 51.42 24.14
N GLY C 358 23.65 50.89 22.98
CA GLY C 358 23.93 51.56 21.72
C GLY C 358 24.74 50.68 20.80
N PRO C 359 25.54 51.31 19.93
CA PRO C 359 26.45 50.52 19.08
C PRO C 359 27.57 49.92 19.91
N ARG C 360 27.94 48.69 19.56
CA ARG C 360 28.94 47.96 20.34
C ARG C 360 29.58 46.90 19.47
N LYS C 361 30.91 46.83 19.55
CA LYS C 361 31.65 45.80 18.85
C LYS C 361 31.44 44.45 19.50
N ILE C 362 31.16 43.44 18.68
CA ILE C 362 31.19 42.05 19.15
C ILE C 362 32.39 41.30 18.60
N GLY C 363 33.12 41.89 17.66
CA GLY C 363 34.22 41.21 17.02
C GLY C 363 34.69 42.01 15.83
N TYR C 364 35.78 41.54 15.24
CA TYR C 364 36.38 42.20 14.10
C TYR C 364 36.58 41.21 12.96
N TRP C 365 36.67 41.72 11.74
CA TRP C 365 36.84 40.89 10.56
C TRP C 365 38.27 40.99 10.06
N SER C 366 38.77 39.87 9.54
CA SER C 366 40.09 39.84 8.92
C SER C 366 39.99 39.14 7.57
N GLU C 367 40.96 39.43 6.70
CA GLU C 367 40.92 38.81 5.38
C GLU C 367 41.37 37.36 5.42
N VAL C 368 42.08 36.95 6.48
CA VAL C 368 42.63 35.61 6.58
C VAL C 368 41.96 34.81 7.71
N ASP C 369 41.55 35.50 8.77
CA ASP C 369 41.08 34.87 9.99
C ASP C 369 39.58 35.06 10.22
N LYS C 370 38.77 34.86 9.19
CA LYS C 370 37.70 35.75 8.70
C LYS C 370 37.00 36.48 9.84
N MET C 371 36.27 35.79 10.71
CA MET C 371 35.62 36.48 11.81
C MET C 371 36.23 36.07 13.14
N VAL C 372 36.70 37.07 13.88
CA VAL C 372 37.24 36.86 15.22
C VAL C 372 36.35 37.64 16.18
N LEU C 373 35.65 36.94 17.05
CA LEU C 373 34.78 37.60 18.02
C LEU C 373 35.59 38.09 19.21
N THR C 374 35.17 39.23 19.76
CA THR C 374 35.72 39.73 21.00
C THR C 374 34.92 39.20 22.17
N GLU C 375 35.56 39.08 23.34
CA GLU C 375 34.95 38.51 24.53
C GLU C 375 34.42 39.59 25.48
N ASP C 376 34.36 40.82 24.98
CA ASP C 376 33.83 41.93 25.75
C ASP C 376 32.32 41.86 25.87
N ASP C 377 31.81 40.98 26.72
CA ASP C 377 30.37 40.81 26.85
C ASP C 377 29.81 41.58 28.04
N THR C 378 30.67 41.92 29.00
CA THR C 378 30.32 42.53 30.29
C THR C 378 29.17 41.81 30.99
N SER C 379 29.17 40.47 30.92
CA SER C 379 28.14 39.57 31.47
C SER C 379 26.74 39.80 30.88
N GLY C 380 26.64 40.57 29.79
CA GLY C 380 25.39 40.89 29.11
C GLY C 380 24.43 41.80 29.84
N LEU C 381 24.63 42.02 31.15
CA LEU C 381 24.00 43.07 31.96
C LEU C 381 22.50 42.84 32.21
N GLU C 382 21.90 41.88 31.50
CA GLU C 382 20.46 41.68 31.38
C GLU C 382 20.22 40.36 30.67
N GLN C 383 18.96 39.90 30.72
CA GLN C 383 18.51 38.78 29.92
C GLN C 383 17.20 39.06 29.20
N LYS C 384 16.70 40.29 29.30
CA LYS C 384 15.74 40.90 28.38
C LYS C 384 14.37 40.25 28.37
N THR C 385 14.01 39.51 29.44
CA THR C 385 12.66 39.02 29.72
C THR C 385 12.11 38.15 28.58
N VAL C 386 12.64 36.92 28.50
CA VAL C 386 12.35 35.97 27.42
C VAL C 386 10.85 35.80 27.20
N VAL C 387 10.39 36.11 25.98
CA VAL C 387 8.97 36.06 25.64
C VAL C 387 8.51 34.61 25.57
N VAL C 388 7.56 34.27 26.43
CA VAL C 388 7.00 32.93 26.51
C VAL C 388 5.60 33.00 25.93
N THR C 389 5.42 32.50 24.71
CA THR C 389 4.09 32.47 24.13
C THR C 389 3.37 31.21 24.57
N THR C 390 2.04 31.30 24.59
CA THR C 390 1.17 30.18 24.93
C THR C 390 -0.26 30.51 24.51
N ILE C 391 -1.12 29.52 24.67
CA ILE C 391 -2.54 29.64 24.38
C ILE C 391 -3.33 29.39 25.66
N LEU C 392 -4.44 30.12 25.83
CA LEU C 392 -5.29 29.98 27.01
C LEU C 392 -6.02 28.65 26.94
N GLU C 393 -5.51 27.65 27.66
CA GLU C 393 -6.11 26.32 27.66
C GLU C 393 -6.16 25.76 29.06
N SER C 394 -7.30 25.17 29.42
CA SER C 394 -7.44 24.52 30.71
C SER C 394 -6.92 23.08 30.63
N PRO C 395 -6.20 22.62 31.66
CA PRO C 395 -5.74 23.37 32.83
C PRO C 395 -4.32 23.87 32.66
N TYR C 396 -3.93 24.14 31.41
CA TYR C 396 -2.53 24.42 31.13
C TYR C 396 -2.20 25.89 31.32
N VAL C 397 -2.95 26.77 30.66
CA VAL C 397 -2.82 28.21 30.87
C VAL C 397 -4.24 28.78 30.99
N MET C 398 -4.54 29.35 32.15
CA MET C 398 -5.83 29.96 32.40
C MET C 398 -5.61 31.33 33.00
N MET C 399 -6.57 32.23 32.79
CA MET C 399 -6.51 33.51 33.44
C MET C 399 -6.96 33.38 34.89
N LYS C 400 -6.49 34.31 35.72
CA LYS C 400 -6.97 34.36 37.10
C LYS C 400 -8.41 34.86 37.12
N LYS C 401 -9.11 34.56 38.22
CA LYS C 401 -10.45 35.13 38.42
C LYS C 401 -10.37 36.62 38.74
N ASN C 402 -9.23 37.06 39.24
CA ASN C 402 -8.92 38.47 39.47
C ASN C 402 -7.81 38.94 38.55
N HIS C 403 -7.89 38.53 37.28
CA HIS C 403 -6.83 38.85 36.31
C HIS C 403 -6.80 40.34 35.98
N GLU C 404 -7.93 41.03 36.10
CA GLU C 404 -7.92 42.48 35.99
C GLU C 404 -7.29 43.11 37.22
N MET C 405 -7.49 42.50 38.39
CA MET C 405 -6.85 42.97 39.61
C MET C 405 -5.35 42.72 39.59
N LEU C 406 -4.91 41.65 38.93
CA LEU C 406 -3.50 41.30 38.88
C LEU C 406 -2.86 41.87 37.62
N GLU C 407 -1.53 41.85 37.59
CA GLU C 407 -0.77 42.41 36.48
C GLU C 407 0.41 41.51 36.16
N GLY C 408 1.06 41.81 35.03
CA GLY C 408 2.25 41.09 34.63
C GLY C 408 1.93 39.67 34.18
N ASN C 409 2.84 38.76 34.52
CA ASN C 409 2.61 37.35 34.24
C ASN C 409 1.75 36.70 35.31
N GLU C 410 1.40 37.44 36.36
CA GLU C 410 0.61 36.88 37.45
C GLU C 410 -0.88 36.89 37.15
N ARG C 411 -1.28 37.41 35.98
CA ARG C 411 -2.67 37.31 35.56
C ARG C 411 -3.02 35.89 35.10
N TYR C 412 -2.02 35.05 34.93
CA TYR C 412 -2.19 33.71 34.39
C TYR C 412 -2.17 32.67 35.50
N GLU C 413 -2.64 31.47 35.17
CA GLU C 413 -2.55 30.31 36.04
C GLU C 413 -2.65 29.07 35.18
N GLY C 414 -2.26 27.94 35.73
CA GLY C 414 -2.43 26.69 35.02
C GLY C 414 -1.20 25.82 35.12
N TYR C 415 -1.25 24.72 34.38
CA TYR C 415 -0.19 23.72 34.40
C TYR C 415 1.09 24.26 33.77
N CYS C 416 0.99 24.83 32.57
CA CYS C 416 2.17 25.34 31.89
C CYS C 416 2.64 26.65 32.50
N VAL C 417 1.79 27.33 33.26
CA VAL C 417 2.20 28.55 33.95
C VAL C 417 3.16 28.21 35.09
N ASP C 418 2.80 27.23 35.90
CA ASP C 418 3.72 26.76 36.94
C ASP C 418 4.92 26.06 36.33
N LEU C 419 4.75 25.44 35.16
CA LEU C 419 5.87 24.83 34.45
C LEU C 419 6.83 25.89 33.95
N ALA C 420 6.29 27.04 33.50
CA ALA C 420 7.15 28.14 33.06
C ALA C 420 7.94 28.72 34.22
N ALA C 421 7.40 28.67 35.43
CA ALA C 421 8.19 29.01 36.61
C ALA C 421 9.30 28.00 36.84
N GLU C 422 9.01 26.71 36.62
CA GLU C 422 9.98 25.65 36.87
C GLU C 422 11.14 25.71 35.88
N ILE C 423 10.90 26.20 34.67
CA ILE C 423 11.99 26.41 33.73
C ILE C 423 12.84 27.59 34.18
N ALA C 424 12.19 28.64 34.67
CA ALA C 424 12.92 29.77 35.24
C ALA C 424 13.63 29.41 36.54
N LYS C 425 13.13 28.38 37.24
CA LYS C 425 13.89 27.82 38.36
C LYS C 425 15.14 27.11 37.87
N HIS C 426 15.03 26.39 36.76
CA HIS C 426 16.15 25.61 36.26
C HIS C 426 17.11 26.45 35.43
N CYS C 427 16.58 27.23 34.49
CA CYS C 427 17.46 27.96 33.58
C CYS C 427 17.79 29.36 34.06
N GLY C 428 17.06 29.90 35.03
CA GLY C 428 17.41 31.19 35.62
C GLY C 428 17.22 32.38 34.70
N PHE C 429 15.96 32.71 34.39
CA PHE C 429 15.70 33.81 33.46
C PHE C 429 14.36 34.45 33.82
N LYS C 430 14.25 35.73 33.50
CA LYS C 430 12.96 36.39 33.54
C LYS C 430 12.15 36.03 32.31
N TYR C 431 10.85 35.84 32.51
CA TYR C 431 9.97 35.38 31.45
C TYR C 431 8.84 36.36 31.26
N LYS C 432 8.26 36.34 30.06
CA LYS C 432 7.13 37.17 29.72
C LYS C 432 6.05 36.30 29.08
N LEU C 433 5.00 36.00 29.84
CA LEU C 433 3.91 35.19 29.32
C LEU C 433 3.06 36.02 28.37
N THR C 434 3.00 35.58 27.11
CA THR C 434 2.25 36.28 26.08
C THR C 434 1.23 35.31 25.47
N ILE C 435 0.09 35.86 25.04
CA ILE C 435 -0.94 35.06 24.41
C ILE C 435 -0.91 35.29 22.91
N VAL C 436 -0.96 34.21 22.14
CA VAL C 436 -1.01 34.30 20.69
C VAL C 436 -2.35 34.93 20.28
N GLY C 437 -2.31 35.72 19.21
CA GLY C 437 -3.50 36.48 18.82
C GLY C 437 -4.58 35.63 18.19
N ASP C 438 -4.23 34.84 17.18
CA ASP C 438 -5.23 34.10 16.42
C ASP C 438 -5.77 32.87 17.16
N GLY C 439 -5.15 32.50 18.28
CA GLY C 439 -5.56 31.32 19.00
C GLY C 439 -5.27 30.01 18.31
N LYS C 440 -4.32 30.00 17.38
CA LYS C 440 -3.98 28.77 16.66
C LYS C 440 -2.77 28.12 17.27
N TYR C 441 -2.66 26.80 17.09
CA TYR C 441 -1.45 26.10 17.51
C TYR C 441 -0.35 26.24 16.49
N GLY C 442 -0.68 26.68 15.28
CA GLY C 442 0.31 26.94 14.26
C GLY C 442 0.22 26.01 13.05
N ALA C 443 -0.39 26.50 11.98
CA ALA C 443 -0.54 25.70 10.78
C ALA C 443 0.03 26.45 9.58
N ARG C 444 0.62 25.71 8.66
CA ARG C 444 1.22 26.32 7.48
C ARG C 444 0.18 26.45 6.38
N ASP C 445 0.21 27.59 5.70
CA ASP C 445 -0.75 27.83 4.62
C ASP C 445 -0.48 26.90 3.45
N ALA C 446 -1.52 26.62 2.68
CA ALA C 446 -1.37 25.80 1.49
C ALA C 446 -0.82 26.59 0.31
N ASP C 447 -1.16 27.87 0.21
CA ASP C 447 -0.73 28.69 -0.92
C ASP C 447 0.47 29.56 -0.55
N THR C 448 0.33 30.39 0.49
CA THR C 448 1.41 31.30 0.85
C THR C 448 2.47 30.64 1.70
N LYS C 449 2.17 29.45 2.25
CA LYS C 449 3.07 28.66 3.11
C LYS C 449 3.53 29.45 4.32
N ILE C 450 2.57 30.10 4.98
CA ILE C 450 2.83 30.92 6.16
C ILE C 450 2.33 30.18 7.38
N TRP C 451 3.24 29.90 8.30
CA TRP C 451 2.84 29.40 9.61
C TRP C 451 2.13 30.49 10.38
N ASN C 452 0.92 30.20 10.84
CA ASN C 452 0.21 31.07 11.75
C ASN C 452 0.51 30.63 13.18
N GLY C 453 -0.28 31.14 14.13
CA GLY C 453 -0.32 30.64 15.49
C GLY C 453 0.96 30.82 16.26
N MET C 454 1.17 29.91 17.21
CA MET C 454 2.38 29.96 18.03
C MET C 454 3.61 29.53 17.25
N VAL C 455 3.41 28.69 16.22
CA VAL C 455 4.52 28.33 15.35
C VAL C 455 4.96 29.54 14.54
N GLY C 456 4.00 30.34 14.06
CA GLY C 456 4.33 31.56 13.36
C GLY C 456 4.97 32.62 14.22
N GLU C 457 4.80 32.54 15.54
CA GLU C 457 5.53 33.45 16.42
C GLU C 457 6.93 32.96 16.71
N LEU C 458 7.20 31.67 16.51
CA LEU C 458 8.54 31.14 16.73
C LEU C 458 9.36 31.13 15.43
N VAL C 459 8.74 30.73 14.32
CA VAL C 459 9.43 30.70 13.03
C VAL C 459 9.77 32.11 12.57
N TYR C 460 8.82 33.03 12.71
CA TYR C 460 9.03 34.41 12.28
C TYR C 460 9.54 35.30 13.40
N GLY C 461 10.19 34.72 14.40
CA GLY C 461 10.96 35.46 15.39
C GLY C 461 10.17 36.28 16.38
N LYS C 462 8.83 36.22 16.36
CA LYS C 462 8.03 37.08 17.22
C LYS C 462 8.15 36.67 18.68
N ALA C 463 8.11 35.38 18.97
CA ALA C 463 8.19 34.87 20.32
C ALA C 463 9.54 34.19 20.53
N ASP C 464 9.94 34.08 21.79
CA ASP C 464 11.26 33.53 22.10
C ASP C 464 11.19 32.04 22.42
N ILE C 465 10.12 31.60 23.10
CA ILE C 465 9.96 30.20 23.47
C ILE C 465 8.46 29.94 23.66
N ALA C 466 8.04 28.71 23.43
CA ALA C 466 6.65 28.31 23.58
C ALA C 466 6.55 27.23 24.65
N ILE C 467 6.30 27.64 25.90
CA ILE C 467 5.94 26.71 26.95
C ILE C 467 4.42 26.55 26.86
N ALA C 468 3.97 25.63 26.02
CA ALA C 468 2.57 25.52 25.64
C ALA C 468 2.31 24.10 25.16
N PRO C 469 1.08 23.62 25.28
CA PRO C 469 0.77 22.29 24.75
C PRO C 469 0.76 22.28 23.23
N LEU C 470 1.79 21.69 22.65
CA LEU C 470 1.95 21.68 21.20
C LEU C 470 2.39 20.29 20.75
N THR C 471 1.63 19.71 19.82
CA THR C 471 1.93 18.36 19.35
C THR C 471 3.18 18.36 18.49
N ILE C 472 4.15 17.53 18.86
CA ILE C 472 5.38 17.41 18.09
C ILE C 472 5.08 16.64 16.82
N THR C 473 4.98 17.36 15.71
CA THR C 473 4.75 16.74 14.41
C THR C 473 6.00 16.91 13.56
N LEU C 474 6.07 16.15 12.47
CA LEU C 474 7.23 16.21 11.59
C LEU C 474 7.27 17.52 10.81
N VAL C 475 6.10 18.05 10.44
CA VAL C 475 6.06 19.29 9.69
C VAL C 475 6.37 20.48 10.59
N ARG C 476 6.22 20.30 11.90
CA ARG C 476 6.64 21.31 12.86
C ARG C 476 8.05 21.04 13.39
N GLU C 477 8.57 19.82 13.18
CA GLU C 477 9.91 19.51 13.62
C GLU C 477 10.96 20.22 12.79
N GLU C 478 10.72 20.35 11.48
CA GLU C 478 11.72 20.93 10.60
C GLU C 478 11.83 22.44 10.73
N VAL C 479 10.80 23.10 11.25
CA VAL C 479 10.82 24.55 11.35
C VAL C 479 11.30 25.07 12.70
N ILE C 480 11.07 24.33 13.80
CA ILE C 480 11.46 24.77 15.14
C ILE C 480 11.99 23.56 15.90
N ASP C 481 12.80 23.83 16.91
CA ASP C 481 13.42 22.78 17.73
C ASP C 481 12.48 22.47 18.90
N PHE C 482 11.85 21.31 18.85
CA PHE C 482 11.12 20.83 20.01
C PHE C 482 12.08 20.25 21.04
N SER C 483 11.65 20.28 22.30
CA SER C 483 12.34 19.55 23.34
C SER C 483 11.80 18.12 23.40
N LYS C 484 12.19 17.41 24.44
CA LYS C 484 11.65 16.07 24.64
C LYS C 484 10.20 16.18 25.09
N PRO C 485 9.36 15.20 24.78
CA PRO C 485 7.96 15.26 25.23
C PRO C 485 7.84 15.11 26.73
N PHE C 486 7.25 16.13 27.35
CA PHE C 486 6.97 16.12 28.78
C PHE C 486 5.67 15.41 29.11
N MET C 487 4.90 15.01 28.10
CA MET C 487 3.54 14.52 28.34
C MET C 487 3.19 13.51 27.25
N SER C 488 3.33 12.23 27.59
CA SER C 488 2.87 11.18 26.69
C SER C 488 1.35 11.12 26.70
N LEU C 489 0.75 11.09 25.52
CA LEU C 489 -0.70 11.18 25.41
C LEU C 489 -1.14 10.54 24.10
N GLY C 490 -2.44 10.63 23.84
CA GLY C 490 -2.98 10.10 22.62
C GLY C 490 -4.49 10.25 22.56
N ILE C 491 -5.08 9.65 21.53
CA ILE C 491 -6.52 9.70 21.37
C ILE C 491 -7.17 8.75 22.36
N SER C 492 -8.15 9.25 23.11
CA SER C 492 -8.81 8.47 24.14
C SER C 492 -10.31 8.45 23.89
N ILE C 493 -10.98 7.53 24.56
CA ILE C 493 -12.40 7.26 24.32
C ILE C 493 -13.20 7.85 25.48
N MET C 494 -13.75 9.05 25.29
CA MET C 494 -14.66 9.63 26.24
C MET C 494 -16.07 9.11 26.02
N ILE C 495 -16.57 8.34 26.98
CA ILE C 495 -17.96 7.92 26.99
C ILE C 495 -18.59 8.42 28.28
N LYS C 496 -19.92 8.35 28.33
CA LYS C 496 -20.64 8.65 29.56
C LYS C 496 -20.38 7.55 30.57
N LYS C 497 -20.21 7.90 31.85
CA LYS C 497 -20.14 6.98 32.96
C LYS C 497 -21.43 6.18 33.05
N PRO C 498 -21.35 4.88 33.38
CA PRO C 498 -22.57 4.12 33.66
C PRO C 498 -23.37 4.73 34.80
N GLN C 499 -24.63 5.02 34.49
CA GLN C 499 -25.54 5.72 35.38
C GLN C 499 -26.60 4.74 35.84
N LYS C 500 -26.14 3.56 36.25
CA LYS C 500 -27.02 2.54 36.77
C LYS C 500 -27.73 3.02 38.02
N SER C 501 -29.00 3.34 37.88
CA SER C 501 -29.83 3.83 38.97
C SER C 501 -31.03 2.91 39.08
N LYS C 502 -31.05 2.08 40.11
CA LYS C 502 -31.99 0.97 40.16
C LYS C 502 -33.39 1.43 40.52
N PRO C 503 -34.41 0.86 39.90
CA PRO C 503 -35.80 1.10 40.33
C PRO C 503 -36.15 0.34 41.60
N GLY C 504 -37.36 0.08 41.76
CA GLY C 504 -38.00 -0.50 42.94
C GLY C 504 -39.15 -1.45 42.65
N VAL C 505 -40.35 -1.08 43.11
CA VAL C 505 -41.58 -1.87 43.00
C VAL C 505 -41.83 -2.36 41.58
N PHE C 506 -41.51 -1.55 40.58
CA PHE C 506 -41.71 -1.94 39.19
C PHE C 506 -40.74 -3.02 38.73
N SER C 507 -39.62 -3.22 39.42
CA SER C 507 -38.69 -4.29 39.04
C SER C 507 -39.23 -5.66 39.39
N PHE C 508 -40.03 -5.74 40.46
CA PHE C 508 -40.81 -6.94 40.76
C PHE C 508 -41.73 -7.31 39.61
N LEU C 509 -42.25 -6.32 38.90
CA LEU C 509 -43.22 -6.51 37.83
C LEU C 509 -42.59 -6.64 36.45
N ASP C 510 -41.26 -6.75 36.35
CA ASP C 510 -40.60 -6.69 35.05
C ASP C 510 -40.85 -7.87 34.12
N PRO C 511 -40.67 -9.15 34.50
CA PRO C 511 -40.75 -10.21 33.47
C PRO C 511 -42.16 -10.48 32.99
N LEU C 512 -43.15 -10.30 33.84
CA LEU C 512 -44.53 -10.58 33.49
C LEU C 512 -45.22 -9.25 33.19
N ALA C 513 -45.83 -9.15 32.01
CA ALA C 513 -46.31 -7.86 31.53
C ALA C 513 -47.55 -7.41 32.29
N TYR C 514 -47.82 -6.10 32.22
CA TYR C 514 -48.81 -5.46 33.08
C TYR C 514 -50.22 -5.95 32.82
N GLU C 515 -50.56 -6.24 31.56
CA GLU C 515 -51.87 -6.81 31.26
C GLU C 515 -51.95 -8.26 31.74
N ILE C 516 -50.81 -8.94 31.81
CA ILE C 516 -50.83 -10.32 32.28
C ILE C 516 -50.98 -10.36 33.80
N TRP C 517 -50.49 -9.33 34.50
CA TRP C 517 -50.76 -9.21 35.94
C TRP C 517 -52.25 -9.02 36.20
N MET C 518 -52.95 -8.36 35.28
CA MET C 518 -54.39 -8.25 35.39
C MET C 518 -55.06 -9.58 35.06
N CYS C 519 -54.55 -10.29 34.05
CA CYS C 519 -55.21 -11.50 33.59
C CYS C 519 -54.86 -12.71 34.44
N ILE C 520 -53.77 -12.64 35.21
CA ILE C 520 -53.47 -13.74 36.11
C ILE C 520 -54.41 -13.69 37.32
N VAL C 521 -54.95 -12.52 37.64
CA VAL C 521 -55.88 -12.41 38.76
C VAL C 521 -57.31 -12.55 38.28
N PHE C 522 -57.61 -12.00 37.09
CA PHE C 522 -58.98 -12.04 36.58
C PHE C 522 -59.36 -13.42 36.06
N ALA C 523 -58.37 -14.29 35.83
CA ALA C 523 -58.67 -15.70 35.62
C ALA C 523 -58.68 -16.45 36.94
N TYR C 524 -57.92 -15.95 37.93
CA TYR C 524 -57.92 -16.55 39.26
C TYR C 524 -59.28 -16.40 39.95
N ILE C 525 -59.96 -15.29 39.71
CA ILE C 525 -61.26 -15.07 40.34
C ILE C 525 -62.34 -15.91 39.69
N GLY C 526 -62.08 -16.44 38.49
CA GLY C 526 -63.01 -17.36 37.86
C GLY C 526 -63.06 -18.72 38.53
N VAL C 527 -62.04 -19.05 39.33
CA VAL C 527 -61.97 -20.34 40.00
C VAL C 527 -62.96 -20.39 41.17
N SER C 528 -63.41 -19.23 41.65
CA SER C 528 -64.03 -19.08 42.96
C SER C 528 -65.35 -19.83 43.11
N VAL C 529 -66.35 -19.50 42.30
CA VAL C 529 -67.65 -20.13 42.50
C VAL C 529 -67.67 -21.53 41.88
N VAL C 530 -66.70 -21.81 41.00
CA VAL C 530 -66.54 -23.17 40.46
C VAL C 530 -66.18 -24.13 41.58
N LEU C 531 -65.35 -23.68 42.53
CA LEU C 531 -65.10 -24.45 43.74
C LEU C 531 -66.34 -24.50 44.62
N PHE C 532 -67.24 -23.54 44.48
CA PHE C 532 -68.47 -23.52 45.26
C PHE C 532 -69.63 -24.17 44.50
N LEU C 533 -69.42 -24.54 43.23
CA LEU C 533 -70.41 -25.33 42.51
C LEU C 533 -70.45 -26.79 42.92
N VAL C 534 -69.60 -27.21 43.87
CA VAL C 534 -69.72 -28.53 44.48
C VAL C 534 -71.04 -28.65 45.23
N SER C 535 -71.45 -27.57 45.91
CA SER C 535 -72.73 -27.54 46.61
C SER C 535 -73.89 -27.45 45.61
N ILE C 564 -68.23 -19.94 49.62
CA ILE C 564 -67.67 -19.20 48.50
C ILE C 564 -66.47 -18.40 48.98
N PHE C 565 -66.43 -18.19 50.29
CA PHE C 565 -65.34 -17.48 50.94
C PHE C 565 -64.39 -18.45 51.64
N ASN C 566 -64.88 -19.66 51.96
CA ASN C 566 -64.04 -20.70 52.55
C ASN C 566 -63.01 -21.22 51.55
N SER C 567 -63.46 -21.58 50.35
CA SER C 567 -62.58 -22.23 49.38
C SER C 567 -61.84 -21.22 48.51
N LEU C 568 -62.07 -19.92 48.72
CA LEU C 568 -61.29 -18.89 48.04
C LEU C 568 -59.84 -18.93 48.50
N TRP C 569 -59.62 -19.21 49.78
CA TRP C 569 -58.26 -19.41 50.26
C TRP C 569 -57.66 -20.70 49.72
N PHE C 570 -58.49 -21.70 49.41
CA PHE C 570 -57.96 -22.95 48.87
C PHE C 570 -57.72 -22.85 47.38
N SER C 571 -58.23 -21.80 46.73
CA SER C 571 -57.73 -21.45 45.41
C SER C 571 -56.41 -20.71 45.51
N LEU C 572 -56.25 -19.87 46.53
CA LEU C 572 -54.94 -19.37 46.89
C LEU C 572 -54.07 -20.46 47.50
N GLY C 573 -54.71 -21.48 48.09
CA GLY C 573 -53.98 -22.68 48.49
C GLY C 573 -53.69 -23.59 47.32
N ALA C 574 -54.32 -23.34 46.18
CA ALA C 574 -53.95 -23.97 44.92
C ALA C 574 -53.20 -23.01 44.00
N PHE C 575 -52.75 -21.87 44.52
CA PHE C 575 -52.14 -20.86 43.66
C PHE C 575 -50.75 -21.27 43.20
N MET C 576 -49.85 -21.61 44.12
CA MET C 576 -48.61 -22.25 43.70
C MET C 576 -48.42 -23.60 44.38
N GLN C 577 -48.44 -23.59 45.70
CA GLN C 577 -47.96 -24.64 46.58
C GLN C 577 -48.94 -24.82 47.73
N GLN C 578 -48.48 -25.43 48.84
CA GLN C 578 -49.26 -25.59 50.08
C GLN C 578 -50.53 -26.40 49.87
N GLY C 579 -50.34 -27.72 49.69
CA GLY C 579 -51.44 -28.64 49.40
C GLY C 579 -52.64 -28.54 50.32
N CYS C 580 -53.83 -28.48 49.73
CA CYS C 580 -55.02 -28.06 50.44
C CYS C 580 -55.55 -29.15 51.36
N ASP C 581 -56.14 -28.73 52.48
CA ASP C 581 -56.73 -29.68 53.41
C ASP C 581 -58.14 -30.07 53.00
N ILE C 582 -58.95 -29.11 52.58
CA ILE C 582 -60.28 -29.41 52.06
C ILE C 582 -60.14 -29.84 50.61
N SER C 583 -60.54 -31.07 50.33
CA SER C 583 -60.46 -31.64 48.98
C SER C 583 -61.81 -32.22 48.61
N PRO C 584 -62.54 -31.61 47.66
CA PRO C 584 -63.75 -32.25 47.14
C PRO C 584 -63.40 -33.42 46.25
N ARG C 585 -63.22 -34.60 46.88
CA ARG C 585 -62.30 -35.68 46.55
C ARG C 585 -62.10 -35.97 45.06
N SER C 586 -63.15 -36.31 44.30
CA SER C 586 -62.91 -36.79 42.94
C SER C 586 -63.91 -36.27 41.90
N LEU C 587 -64.78 -35.33 42.23
CA LEU C 587 -65.71 -34.83 41.22
C LEU C 587 -65.03 -33.73 40.37
N SER C 588 -65.85 -33.01 39.61
CA SER C 588 -65.33 -32.05 38.64
C SER C 588 -64.59 -30.88 39.30
N GLY C 589 -64.97 -30.54 40.53
CA GLY C 589 -64.22 -29.52 41.26
C GLY C 589 -62.81 -29.97 41.62
N ARG C 590 -62.62 -31.28 41.79
CA ARG C 590 -61.28 -31.80 42.01
C ARG C 590 -60.45 -31.76 40.74
N ILE C 591 -61.07 -32.11 39.60
CA ILE C 591 -60.32 -32.21 38.35
C ILE C 591 -60.05 -30.83 37.78
N VAL C 592 -61.08 -29.99 37.65
CA VAL C 592 -60.92 -28.68 37.05
C VAL C 592 -60.22 -27.73 38.03
N GLY C 593 -60.36 -27.98 39.33
CA GLY C 593 -59.52 -27.32 40.30
C GLY C 593 -58.04 -27.65 40.14
N GLY C 594 -57.75 -28.84 39.60
CA GLY C 594 -56.40 -29.16 39.19
C GLY C 594 -56.01 -28.55 37.85
N VAL C 595 -56.99 -28.18 37.02
CA VAL C 595 -56.70 -27.67 35.69
C VAL C 595 -56.14 -26.25 35.78
N TRP C 596 -56.83 -25.37 36.52
CA TRP C 596 -56.26 -24.07 36.87
C TRP C 596 -54.94 -24.21 37.63
N TRP C 597 -54.86 -25.22 38.48
CA TRP C 597 -53.62 -25.55 39.16
C TRP C 597 -52.53 -25.98 38.18
N PHE C 598 -52.91 -26.77 37.17
CA PHE C 598 -51.95 -27.16 36.13
C PHE C 598 -51.48 -25.96 35.33
N PHE C 599 -52.38 -25.01 35.10
CA PHE C 599 -52.06 -23.84 34.29
C PHE C 599 -51.10 -22.89 34.99
N THR C 600 -51.32 -22.65 36.28
CA THR C 600 -50.57 -21.61 36.99
C THR C 600 -49.14 -22.04 37.29
N LEU C 601 -48.84 -23.34 37.20
CA LEU C 601 -47.47 -23.77 37.45
C LEU C 601 -46.60 -23.58 36.22
N ILE C 602 -47.23 -23.39 35.05
CA ILE C 602 -46.47 -23.05 33.85
C ILE C 602 -45.97 -21.62 33.96
N ILE C 603 -46.74 -20.76 34.62
CA ILE C 603 -46.51 -19.32 34.58
C ILE C 603 -45.26 -18.96 35.38
N ILE C 604 -45.35 -19.04 36.60
CA ILE C 604 -44.19 -18.87 37.48
C ILE C 604 -42.91 -19.54 36.95
N SER C 605 -43.02 -20.68 36.25
CA SER C 605 -41.88 -21.22 35.52
C SER C 605 -41.46 -20.29 34.39
N SER C 606 -42.45 -19.71 33.69
CA SER C 606 -42.14 -18.70 32.68
C SER C 606 -41.61 -17.43 33.32
N TYR C 607 -42.09 -17.10 34.51
CA TYR C 607 -41.56 -15.96 35.26
C TYR C 607 -40.09 -16.20 35.62
N THR C 608 -39.77 -17.42 36.01
CA THR C 608 -38.39 -17.76 36.34
C THR C 608 -37.53 -17.79 35.08
N ALA C 609 -38.11 -18.24 33.97
CA ALA C 609 -37.36 -18.31 32.72
C ALA C 609 -37.13 -16.92 32.14
N ASN C 610 -38.10 -16.02 32.30
CA ASN C 610 -37.97 -14.69 31.73
C ASN C 610 -37.02 -13.83 32.55
N LEU C 611 -37.07 -13.96 33.87
CA LEU C 611 -36.21 -13.15 34.73
C LEU C 611 -34.75 -13.56 34.59
N ALA C 612 -34.50 -14.86 34.40
CA ALA C 612 -33.16 -15.30 34.07
C ALA C 612 -32.74 -14.82 32.68
N ALA C 613 -33.70 -14.70 31.77
CA ALA C 613 -33.40 -14.18 30.44
C ALA C 613 -33.05 -12.70 30.49
N PHE C 614 -33.58 -11.98 31.48
CA PHE C 614 -33.15 -10.60 31.70
C PHE C 614 -31.72 -10.55 32.17
N LEU C 615 -31.41 -11.31 33.22
CA LEU C 615 -30.13 -11.17 33.90
C LEU C 615 -28.99 -11.70 33.04
N THR C 616 -29.26 -12.72 32.23
CA THR C 616 -28.23 -13.23 31.32
C THR C 616 -27.90 -12.21 30.25
N VAL C 617 -28.92 -11.54 29.71
CA VAL C 617 -28.68 -10.41 28.82
C VAL C 617 -27.98 -9.27 29.57
N GLU C 618 -28.42 -9.01 30.81
CA GLU C 618 -27.88 -7.91 31.60
C GLU C 618 -26.42 -8.10 31.96
N ARG C 619 -26.00 -9.32 32.29
CA ARG C 619 -24.60 -9.54 32.61
C ARG C 619 -23.76 -9.59 31.34
N MET C 620 -24.36 -9.95 30.19
CA MET C 620 -23.59 -10.02 28.96
C MET C 620 -23.41 -8.67 28.30
N VAL C 621 -24.05 -7.62 28.82
CA VAL C 621 -23.74 -6.29 28.34
C VAL C 621 -22.40 -5.86 28.90
N SER C 622 -21.35 -6.03 28.10
CA SER C 622 -20.01 -5.64 28.51
C SER C 622 -19.73 -4.22 28.03
N PRO C 623 -19.15 -3.38 28.89
CA PRO C 623 -18.86 -2.00 28.48
C PRO C 623 -17.73 -1.94 27.47
N ILE C 624 -17.67 -0.83 26.75
CA ILE C 624 -16.65 -0.66 25.73
C ILE C 624 -15.32 -0.35 26.39
N GLU C 625 -14.30 -1.17 26.09
CA GLU C 625 -12.97 -0.92 26.61
C GLU C 625 -11.91 -0.80 25.54
N SER C 626 -12.32 -0.87 24.27
CA SER C 626 -11.37 -0.49 23.24
C SER C 626 -12.09 0.12 22.05
N ALA C 627 -11.30 0.67 21.11
CA ALA C 627 -11.84 1.15 19.86
C ALA C 627 -12.25 0.00 18.95
N GLU C 628 -11.71 -1.20 19.18
CA GLU C 628 -12.20 -2.39 18.50
C GLU C 628 -13.65 -2.67 18.85
N ASP C 629 -14.03 -2.34 20.09
CA ASP C 629 -15.41 -2.58 20.52
C ASP C 629 -16.37 -1.62 19.84
N LEU C 630 -15.94 -0.38 19.63
CA LEU C 630 -16.78 0.59 18.91
C LEU C 630 -16.85 0.27 17.43
N SER C 631 -15.81 -0.34 16.88
CA SER C 631 -15.81 -0.71 15.47
C SER C 631 -16.73 -1.91 15.23
N LYS C 632 -16.70 -2.89 16.12
CA LYS C 632 -17.43 -4.14 15.89
C LYS C 632 -18.92 -3.99 16.15
N GLN C 633 -19.34 -2.96 16.88
CA GLN C 633 -20.77 -2.71 17.08
C GLN C 633 -21.15 -1.45 16.33
N THR C 634 -22.46 -1.18 16.29
CA THR C 634 -22.97 0.08 15.74
C THR C 634 -24.06 0.67 16.62
N GLU C 635 -24.26 0.13 17.83
CA GLU C 635 -25.29 0.63 18.71
C GLU C 635 -24.97 2.03 19.23
N ILE C 636 -23.82 2.19 19.87
CA ILE C 636 -23.39 3.47 20.41
C ILE C 636 -22.59 4.18 19.33
N ALA C 637 -23.06 5.36 18.94
CA ALA C 637 -22.35 6.17 17.96
C ALA C 637 -21.09 6.76 18.57
N TYR C 638 -20.17 7.18 17.70
CA TYR C 638 -18.91 7.75 18.16
C TYR C 638 -18.41 8.71 17.11
N GLY C 639 -17.90 9.85 17.58
CA GLY C 639 -17.44 10.90 16.69
C GLY C 639 -16.16 11.55 17.19
N THR C 640 -15.58 12.36 16.30
CA THR C 640 -14.44 13.22 16.62
C THR C 640 -14.85 14.65 16.34
N LEU C 641 -13.89 15.56 16.39
CA LEU C 641 -14.18 16.94 16.04
C LEU C 641 -14.34 17.06 14.53
N ASP C 642 -15.06 18.09 14.09
CA ASP C 642 -15.35 18.25 12.66
C ASP C 642 -14.12 18.63 11.86
N SER C 643 -13.04 19.06 12.52
CA SER C 643 -11.77 19.31 11.86
C SER C 643 -10.66 19.03 12.86
N GLY C 644 -9.50 18.67 12.34
CA GLY C 644 -8.34 18.47 13.20
C GLY C 644 -7.52 17.29 12.75
N SER C 645 -6.42 17.07 13.48
CA SER C 645 -5.54 15.95 13.19
C SER C 645 -6.17 14.62 13.57
N THR C 646 -7.11 14.63 14.52
CA THR C 646 -7.76 13.40 14.94
C THR C 646 -8.65 12.84 13.83
N LYS C 647 -9.46 13.70 13.20
CA LYS C 647 -10.19 13.31 12.01
C LYS C 647 -9.23 12.97 10.88
N GLU C 648 -8.13 13.71 10.78
CA GLU C 648 -7.10 13.41 9.80
C GLU C 648 -6.40 12.08 10.09
N PHE C 649 -6.31 11.70 11.37
CA PHE C 649 -5.61 10.48 11.75
C PHE C 649 -6.31 9.23 11.22
N PHE C 650 -7.63 9.12 11.47
CA PHE C 650 -8.40 8.02 10.92
C PHE C 650 -8.44 8.07 9.40
N ARG C 651 -8.39 9.27 8.84
CA ARG C 651 -8.28 9.43 7.39
C ARG C 651 -6.92 8.98 6.89
N ARG C 652 -5.90 8.99 7.75
CA ARG C 652 -4.55 8.60 7.37
C ARG C 652 -4.17 7.19 7.82
N SER C 653 -4.70 6.73 8.95
CA SER C 653 -4.29 5.44 9.52
C SER C 653 -4.73 4.29 8.64
N LYS C 654 -3.76 3.48 8.21
CA LYS C 654 -4.02 2.36 7.32
C LYS C 654 -4.17 1.05 8.08
N ILE C 655 -4.11 1.07 9.41
CA ILE C 655 -4.59 -0.05 10.19
C ILE C 655 -6.10 -0.17 9.98
N ALA C 656 -6.55 -1.40 9.73
CA ALA C 656 -7.91 -1.61 9.25
C ALA C 656 -8.95 -1.32 10.32
N VAL C 657 -8.61 -1.51 11.60
CA VAL C 657 -9.54 -1.20 12.69
C VAL C 657 -9.80 0.30 12.75
N PHE C 658 -8.74 1.09 12.61
CA PHE C 658 -8.91 2.54 12.49
C PHE C 658 -9.55 2.91 11.17
N ASP C 659 -9.30 2.12 10.12
CA ASP C 659 -9.92 2.39 8.83
C ASP C 659 -11.39 2.01 8.84
N LYS C 660 -11.75 0.97 9.61
CA LYS C 660 -13.15 0.58 9.75
C LYS C 660 -13.94 1.65 10.46
N MET C 661 -13.34 2.28 11.48
CA MET C 661 -13.97 3.42 12.14
C MET C 661 -14.10 4.59 11.19
N TRP C 662 -13.07 4.83 10.38
CA TRP C 662 -13.14 5.91 9.40
C TRP C 662 -14.06 5.55 8.24
N THR C 663 -14.23 4.25 7.97
CA THR C 663 -15.30 3.83 7.08
C THR C 663 -16.66 4.16 7.67
N TYR C 664 -16.79 3.98 8.98
CA TYR C 664 -18.05 4.29 9.65
C TYR C 664 -18.29 5.79 9.73
N MET C 665 -17.25 6.56 10.05
CA MET C 665 -17.44 7.99 10.30
C MET C 665 -17.68 8.76 9.01
N ARG C 666 -17.12 8.30 7.89
CA ARG C 666 -17.50 8.87 6.59
C ARG C 666 -18.93 8.52 6.22
N SER C 667 -19.37 7.32 6.60
CA SER C 667 -20.76 6.92 6.33
C SER C 667 -21.68 7.27 7.49
N ALA C 668 -21.19 8.00 8.49
CA ALA C 668 -22.01 8.34 9.64
C ALA C 668 -23.04 9.41 9.28
N GLU C 669 -24.30 9.01 9.28
CA GLU C 669 -25.41 9.91 8.98
C GLU C 669 -26.46 9.79 10.07
N PRO C 670 -26.74 10.89 10.80
CA PRO C 670 -26.20 12.26 10.74
C PRO C 670 -24.76 12.37 11.23
N SER C 671 -24.11 13.48 10.89
CA SER C 671 -22.67 13.60 11.12
C SER C 671 -22.34 13.63 12.60
N VAL C 672 -21.60 12.61 13.04
CA VAL C 672 -21.12 12.54 14.42
C VAL C 672 -20.03 13.57 14.70
N PHE C 673 -19.44 14.15 13.66
CA PHE C 673 -18.46 15.20 13.83
C PHE C 673 -19.12 16.47 14.37
N VAL C 674 -18.65 16.92 15.53
CA VAL C 674 -19.23 18.09 16.19
C VAL C 674 -18.30 19.27 16.00
N ARG C 675 -18.82 20.47 16.23
CA ARG C 675 -18.08 21.69 15.91
C ARG C 675 -17.05 22.03 16.97
N THR C 676 -17.44 22.01 18.24
CA THR C 676 -16.54 22.34 19.33
C THR C 676 -16.43 21.14 20.26
N THR C 677 -15.38 21.17 21.10
CA THR C 677 -15.18 20.09 22.07
C THR C 677 -16.26 20.12 23.14
N ALA C 678 -16.65 21.33 23.57
CA ALA C 678 -17.70 21.46 24.58
C ALA C 678 -19.05 20.99 24.07
N GLU C 679 -19.29 21.12 22.75
CA GLU C 679 -20.45 20.49 22.16
C GLU C 679 -20.34 18.97 22.21
N GLY C 680 -19.14 18.44 21.96
CA GLY C 680 -18.96 17.00 22.00
C GLY C 680 -19.05 16.41 23.39
N VAL C 681 -18.77 17.23 24.42
CA VAL C 681 -18.96 16.77 25.79
C VAL C 681 -20.43 16.60 26.10
N ALA C 682 -21.24 17.62 25.80
CA ALA C 682 -22.65 17.59 26.17
C ALA C 682 -23.45 16.65 25.28
N ARG C 683 -23.00 16.43 24.03
CA ARG C 683 -23.70 15.53 23.13
C ARG C 683 -23.61 14.08 23.60
N VAL C 684 -22.50 13.71 24.26
CA VAL C 684 -22.44 12.43 24.96
C VAL C 684 -23.44 12.41 26.11
N ARG C 685 -23.52 13.51 26.86
CA ARG C 685 -24.45 13.60 27.97
C ARG C 685 -25.89 13.67 27.49
N LYS C 686 -26.13 14.29 26.33
CA LYS C 686 -27.48 14.45 25.81
C LYS C 686 -28.02 13.17 25.20
N SER C 687 -27.17 12.41 24.50
CA SER C 687 -27.63 11.20 23.83
C SER C 687 -27.64 9.98 24.75
N LYS C 688 -27.34 10.18 26.03
CA LYS C 688 -27.51 9.18 27.10
C LYS C 688 -26.66 7.93 26.85
N GLY C 689 -25.38 8.13 26.55
CA GLY C 689 -24.46 7.04 26.39
C GLY C 689 -24.37 6.46 25.00
N LYS C 690 -25.37 6.69 24.15
CA LYS C 690 -25.36 6.10 22.82
C LYS C 690 -24.58 6.94 21.80
N TYR C 691 -23.99 8.05 22.25
CA TYR C 691 -23.01 8.80 21.46
C TYR C 691 -21.72 8.83 22.27
N ALA C 692 -20.70 8.13 21.77
CA ALA C 692 -19.36 8.29 22.32
C ALA C 692 -18.65 9.42 21.60
N TYR C 693 -17.46 9.77 22.10
CA TYR C 693 -16.67 10.83 21.49
C TYR C 693 -15.19 10.57 21.73
N LEU C 694 -14.37 10.93 20.74
CA LEU C 694 -12.94 10.70 20.80
C LEU C 694 -12.21 12.03 20.91
N LEU C 695 -11.41 12.18 21.97
CA LEU C 695 -10.62 13.38 22.16
C LEU C 695 -9.33 12.99 22.85
N GLU C 696 -8.46 13.98 23.05
CA GLU C 696 -7.10 13.73 23.52
C GLU C 696 -7.12 13.32 24.99
N SER C 697 -6.15 12.49 25.37
CA SER C 697 -6.23 11.76 26.65
C SER C 697 -6.13 12.69 27.84
N THR C 698 -5.23 13.67 27.79
CA THR C 698 -5.00 14.53 28.93
C THR C 698 -6.15 15.53 29.12
N MET C 699 -6.78 15.96 28.02
CA MET C 699 -7.98 16.76 28.15
C MET C 699 -9.15 15.92 28.62
N ASN C 700 -9.17 14.64 28.22
CA ASN C 700 -10.16 13.70 28.74
C ASN C 700 -9.92 13.44 30.22
N GLU C 701 -8.66 13.49 30.66
CA GLU C 701 -8.36 13.43 32.09
C GLU C 701 -8.92 14.62 32.84
N TYR C 702 -9.03 15.77 32.18
CA TYR C 702 -9.46 16.97 32.90
C TYR C 702 -10.98 17.07 32.96
N ILE C 703 -11.67 16.83 31.84
CA ILE C 703 -13.12 16.96 31.78
C ILE C 703 -13.81 15.88 32.61
N GLU C 704 -13.15 14.73 32.78
CA GLU C 704 -13.68 13.69 33.65
C GLU C 704 -13.68 14.12 35.11
N GLN C 705 -12.75 15.01 35.49
CA GLN C 705 -12.69 15.48 36.87
C GLN C 705 -13.62 16.67 37.14
N ARG C 706 -14.12 17.33 36.09
CA ARG C 706 -15.00 18.47 36.27
C ARG C 706 -16.45 18.00 36.39
N LYS C 707 -17.20 18.64 37.29
CA LYS C 707 -18.60 18.29 37.51
C LYS C 707 -19.45 18.58 36.27
N PRO C 708 -20.51 17.78 36.01
CA PRO C 708 -21.15 16.67 36.77
C PRO C 708 -20.37 15.36 36.87
N CYS C 709 -19.20 15.28 36.22
CA CYS C 709 -18.33 14.10 36.20
C CYS C 709 -19.05 12.87 35.65
N ASP C 710 -19.98 13.07 34.73
CA ASP C 710 -20.76 11.97 34.17
C ASP C 710 -20.13 11.36 32.93
N THR C 711 -19.02 11.93 32.47
CA THR C 711 -18.28 11.35 31.37
C THR C 711 -17.00 10.72 31.90
N MET C 712 -16.43 9.78 31.16
CA MET C 712 -15.26 9.07 31.63
C MET C 712 -14.43 8.55 30.48
N LYS C 713 -13.14 8.35 30.75
CA LYS C 713 -12.22 7.76 29.80
C LYS C 713 -12.15 6.25 30.00
N VAL C 714 -12.32 5.50 28.91
CA VAL C 714 -12.24 4.05 28.94
C VAL C 714 -11.17 3.58 27.96
N GLY C 715 -10.48 2.51 28.31
CA GLY C 715 -9.51 1.90 27.45
C GLY C 715 -8.20 2.65 27.37
N GLY C 716 -7.18 1.97 26.87
CA GLY C 716 -5.90 2.59 26.64
C GLY C 716 -5.94 3.55 25.45
N ASN C 717 -4.91 4.39 25.36
CA ASN C 717 -4.87 5.39 24.32
C ASN C 717 -4.48 4.75 22.99
N LEU C 718 -4.99 5.33 21.90
CA LEU C 718 -4.82 4.72 20.59
C LEU C 718 -3.41 4.83 20.06
N ASP C 719 -2.68 5.87 20.43
CA ASP C 719 -1.36 6.11 19.86
C ASP C 719 -0.54 6.95 20.83
N SER C 720 0.77 6.89 20.68
CA SER C 720 1.64 7.70 21.50
C SER C 720 1.86 9.07 20.87
N LYS C 721 1.42 10.11 21.57
CA LYS C 721 1.70 11.48 21.15
C LYS C 721 2.33 12.22 22.32
N GLY C 722 3.14 13.21 21.99
CA GLY C 722 3.86 13.95 23.02
C GLY C 722 3.90 15.45 22.81
N TYR C 723 3.42 16.19 23.80
CA TYR C 723 3.60 17.63 23.80
C TYR C 723 5.01 17.96 24.26
N GLY C 724 5.65 18.90 23.57
CA GLY C 724 7.00 19.28 23.91
C GLY C 724 7.15 20.79 23.94
N ILE C 725 8.13 21.23 24.75
CA ILE C 725 8.45 22.65 24.80
C ILE C 725 9.18 23.03 23.52
N ALA C 726 8.72 24.11 22.88
CA ALA C 726 9.19 24.49 21.56
C ALA C 726 9.98 25.78 21.63
N THR C 727 11.21 25.73 21.13
CA THR C 727 12.05 26.88 20.86
C THR C 727 12.24 26.96 19.35
N PRO C 728 12.52 28.15 18.80
CA PRO C 728 12.83 28.23 17.36
C PRO C 728 14.10 27.48 17.02
N LYS C 729 14.20 27.11 15.73
CA LYS C 729 15.28 26.23 15.28
C LYS C 729 16.61 26.96 15.29
N GLY C 730 17.60 26.34 15.93
CA GLY C 730 18.91 26.94 16.07
C GLY C 730 19.10 27.79 17.31
N SER C 731 18.06 27.97 18.12
CA SER C 731 18.20 28.73 19.36
C SER C 731 18.95 27.93 20.40
N SER C 732 19.88 28.59 21.10
CA SER C 732 20.67 27.93 22.13
C SER C 732 19.89 27.74 23.43
N LEU C 733 18.69 28.28 23.52
CA LEU C 733 17.91 28.15 24.75
C LEU C 733 17.38 26.73 24.94
N GLY C 734 17.19 25.99 23.84
CA GLY C 734 16.47 24.73 23.91
C GLY C 734 17.21 23.62 24.63
N THR C 735 18.53 23.62 24.54
CA THR C 735 19.32 22.56 25.17
C THR C 735 19.35 22.66 26.70
N PRO C 736 19.47 23.85 27.34
CA PRO C 736 19.19 23.88 28.79
C PRO C 736 17.75 23.57 29.14
N VAL C 737 16.79 23.90 28.26
CA VAL C 737 15.41 23.47 28.45
C VAL C 737 15.31 21.95 28.31
N ASN C 738 16.10 21.38 27.40
CA ASN C 738 16.15 19.94 27.24
C ASN C 738 16.75 19.28 28.48
N LEU C 739 17.67 19.97 29.15
CA LEU C 739 18.17 19.49 30.43
C LEU C 739 17.17 19.80 31.54
N ALA C 740 16.34 20.82 31.36
CA ALA C 740 15.36 21.18 32.38
C ALA C 740 14.23 20.17 32.44
N VAL C 741 13.63 19.85 31.30
CA VAL C 741 12.44 19.02 31.26
C VAL C 741 12.76 17.59 31.68
N LEU C 742 13.92 17.09 31.24
CA LEU C 742 14.33 15.73 31.60
C LEU C 742 14.76 15.63 33.05
N LYS C 743 15.03 16.77 33.70
CA LYS C 743 15.25 16.77 35.15
C LYS C 743 13.92 16.78 35.90
N LEU C 744 13.00 17.67 35.48
CA LEU C 744 11.74 17.84 36.19
C LEU C 744 10.83 16.64 36.03
N SER C 745 10.89 15.97 34.88
CA SER C 745 10.15 14.73 34.70
C SER C 745 10.76 13.61 35.53
N GLU C 746 12.07 13.65 35.73
CA GLU C 746 12.74 12.64 36.54
C GLU C 746 12.41 12.79 38.02
N GLN C 747 12.17 14.03 38.46
CA GLN C 747 11.86 14.28 39.86
C GLN C 747 10.37 14.20 40.14
N GLY C 748 9.55 13.97 39.12
CA GLY C 748 8.11 13.99 39.31
C GLY C 748 7.53 15.37 39.52
N VAL C 749 8.23 16.42 39.09
CA VAL C 749 7.72 17.78 39.24
C VAL C 749 6.52 17.99 38.33
N LEU C 750 6.53 17.37 37.15
CA LEU C 750 5.36 17.36 36.28
C LEU C 750 4.21 16.60 36.93
N ASP C 751 4.52 15.49 37.58
CA ASP C 751 3.50 14.61 38.13
C ASP C 751 2.80 15.26 39.32
N LYS C 752 3.55 16.02 40.12
CA LYS C 752 2.96 16.79 41.21
C LYS C 752 2.02 17.87 40.67
N LEU C 753 2.42 18.54 39.60
CA LEU C 753 1.55 19.51 38.96
C LEU C 753 0.43 18.83 38.19
N LYS C 754 0.67 17.64 37.66
CA LYS C 754 -0.40 16.87 37.04
C LYS C 754 -1.42 16.43 38.07
N ASN C 755 -0.97 16.10 39.29
CA ASN C 755 -1.88 15.86 40.39
C ASN C 755 -2.64 17.14 40.77
N LYS C 756 -1.98 18.28 40.65
CA LYS C 756 -2.58 19.56 40.98
C LYS C 756 -3.68 19.94 39.99
N TRP C 757 -3.31 20.11 38.73
CA TRP C 757 -4.20 20.76 37.78
C TRP C 757 -5.23 19.80 37.20
N TRP C 758 -5.13 18.51 37.51
CA TRP C 758 -6.17 17.57 37.12
C TRP C 758 -7.00 17.09 38.30
N TYR C 759 -6.37 16.79 39.44
CA TYR C 759 -7.11 16.18 40.54
C TYR C 759 -7.34 17.18 41.65
N ASP C 760 -6.31 17.94 42.01
CA ASP C 760 -6.47 18.90 43.10
C ASP C 760 -7.24 20.12 42.66
N LYS C 761 -7.15 20.48 41.38
CA LYS C 761 -8.00 21.49 40.78
C LYS C 761 -9.26 20.89 40.15
N GLY C 762 -9.41 19.57 40.21
CA GLY C 762 -10.59 18.94 39.66
C GLY C 762 -11.78 19.10 40.58
N GLU C 763 -12.96 19.16 39.97
CA GLU C 763 -14.19 19.32 40.72
C GLU C 763 -14.68 18.01 41.33
N CYS C 764 -14.07 16.88 40.97
CA CYS C 764 -14.33 15.61 41.61
C CYS C 764 -13.03 15.01 42.10
N GLY C 765 -13.19 14.14 43.07
CA GLY C 765 -11.98 13.59 43.68
C GLY C 765 -11.37 12.50 42.83
N ALA C 766 -10.11 12.17 43.15
CA ALA C 766 -9.42 11.10 42.45
C ALA C 766 -9.97 9.73 42.81
N LYS C 767 -10.43 9.57 44.05
CA LYS C 767 -11.01 8.30 44.49
C LYS C 767 -12.52 8.29 44.39
N ASP C 768 -13.12 9.33 43.80
CA ASP C 768 -14.53 9.24 43.41
C ASP C 768 -14.73 8.27 42.26
N SER C 769 -13.68 8.02 41.48
CA SER C 769 -13.69 6.91 40.53
C SER C 769 -13.64 5.56 41.26
N GLY C 770 -13.16 5.55 42.50
CA GLY C 770 -13.18 4.37 43.33
C GLY C 770 -14.50 4.07 44.01
N SER C 771 -15.55 4.82 43.68
CA SER C 771 -16.89 4.54 44.18
C SER C 771 -17.89 4.30 43.06
N LYS C 772 -17.52 3.50 42.06
CA LYS C 772 -18.36 3.24 40.89
C LYS C 772 -19.02 1.86 40.93
N GLU C 773 -19.53 1.44 42.10
CA GLU C 773 -19.56 0.09 42.64
C GLU C 773 -19.75 -1.07 41.66
N LYS C 774 -19.00 -2.14 41.91
CA LYS C 774 -18.71 -3.20 40.95
C LYS C 774 -19.81 -4.25 40.90
N THR C 775 -19.44 -5.45 40.45
CA THR C 775 -20.33 -6.49 39.90
C THR C 775 -21.30 -7.12 40.90
N SER C 776 -21.51 -6.50 42.07
CA SER C 776 -22.27 -6.98 43.23
C SER C 776 -23.62 -7.63 42.91
N ALA C 777 -24.02 -8.58 43.77
CA ALA C 777 -25.10 -9.51 43.47
C ALA C 777 -26.43 -8.96 43.99
N LEU C 778 -27.45 -8.99 43.12
CA LEU C 778 -28.87 -8.86 43.49
C LEU C 778 -29.18 -7.56 44.19
N SER C 779 -29.24 -6.46 43.43
CA SER C 779 -29.66 -5.14 43.90
C SER C 779 -30.87 -5.23 44.82
N LEU C 780 -30.70 -4.66 46.03
CA LEU C 780 -31.69 -4.76 47.09
C LEU C 780 -33.03 -4.16 46.69
N SER C 781 -33.01 -3.05 45.95
CA SER C 781 -34.22 -2.31 45.64
C SER C 781 -35.12 -3.07 44.68
N ASN C 782 -34.59 -4.11 44.03
CA ASN C 782 -35.45 -5.09 43.36
C ASN C 782 -36.35 -5.80 44.36
N VAL C 783 -35.84 -6.07 45.56
CA VAL C 783 -36.63 -6.79 46.56
C VAL C 783 -37.11 -5.81 47.64
N ALA C 784 -36.44 -4.85 47.74
CA ALA C 784 -36.85 -3.86 48.74
C ALA C 784 -38.14 -3.16 48.34
N GLY C 785 -38.46 -3.12 47.04
CA GLY C 785 -39.76 -2.66 46.63
C GLY C 785 -40.88 -3.63 46.95
N VAL C 786 -40.54 -4.91 47.14
CA VAL C 786 -41.53 -5.93 47.43
C VAL C 786 -41.83 -5.95 48.93
N PHE C 787 -41.10 -5.17 49.72
CA PHE C 787 -41.42 -5.03 51.14
C PHE C 787 -42.71 -4.26 51.36
N TYR C 788 -43.11 -3.45 50.37
CA TYR C 788 -44.29 -2.60 50.52
C TYR C 788 -45.57 -3.45 50.50
N ILE C 789 -45.57 -4.53 49.71
CA ILE C 789 -46.75 -5.40 49.70
C ILE C 789 -46.72 -6.31 50.93
N LEU C 790 -45.55 -6.48 51.54
CA LEU C 790 -45.49 -7.18 52.81
C LEU C 790 -46.10 -6.34 53.92
N VAL C 791 -45.59 -5.12 54.10
CA VAL C 791 -46.04 -4.25 55.20
C VAL C 791 -47.46 -3.75 54.94
N GLY C 792 -47.83 -3.59 53.67
CA GLY C 792 -49.22 -3.28 53.35
C GLY C 792 -50.16 -4.41 53.70
N GLY C 793 -49.69 -5.65 53.63
CA GLY C 793 -50.45 -6.75 54.18
C GLY C 793 -50.41 -6.80 55.68
N LEU C 794 -49.35 -6.26 56.29
CA LEU C 794 -49.26 -6.21 57.74
C LEU C 794 -50.21 -5.16 58.32
N GLY C 795 -50.50 -4.12 57.55
CA GLY C 795 -51.54 -3.19 57.97
C GLY C 795 -52.92 -3.77 57.82
N LEU C 796 -53.07 -4.78 56.95
CA LEU C 796 -54.34 -5.47 56.81
C LEU C 796 -54.56 -6.45 57.97
N ALA C 797 -53.49 -6.82 58.66
CA ALA C 797 -53.58 -7.83 59.72
C ALA C 797 -54.35 -7.31 60.92
N MET C 798 -54.26 -6.01 61.21
CA MET C 798 -54.96 -5.47 62.36
C MET C 798 -56.38 -5.04 62.02
N LEU C 799 -56.59 -4.53 60.79
CA LEU C 799 -57.88 -3.93 60.44
C LEU C 799 -58.97 -4.99 60.32
N VAL C 800 -58.60 -6.19 59.85
CA VAL C 800 -59.57 -7.28 59.85
C VAL C 800 -59.70 -7.85 61.25
N ALA C 801 -58.65 -7.71 62.08
CA ALA C 801 -58.72 -8.21 63.45
C ALA C 801 -59.51 -7.28 64.34
N LEU C 802 -59.37 -5.96 64.15
CA LEU C 802 -60.03 -4.99 65.03
C LEU C 802 -61.54 -4.97 64.82
N ILE C 803 -61.99 -5.25 63.59
CA ILE C 803 -63.42 -5.35 63.36
C ILE C 803 -63.96 -6.65 63.93
N GLU C 804 -63.11 -7.65 64.10
CA GLU C 804 -63.54 -8.86 64.80
C GLU C 804 -63.67 -8.62 66.30
N PHE C 805 -62.94 -7.64 66.84
CA PHE C 805 -63.24 -7.17 68.19
C PHE C 805 -64.57 -6.45 68.25
N CYS C 806 -64.99 -5.83 67.14
CA CYS C 806 -66.35 -5.34 67.03
C CYS C 806 -67.32 -6.48 66.76
N TYR C 807 -66.84 -7.62 66.23
CA TYR C 807 -67.66 -8.83 66.24
C TYR C 807 -67.64 -9.50 67.60
N LYS C 808 -66.64 -9.19 68.43
CA LYS C 808 -66.66 -9.64 69.83
C LYS C 808 -67.60 -8.77 70.67
N SER C 809 -67.56 -7.42 70.46
CA SER C 809 -68.39 -6.52 71.24
C SER C 809 -69.85 -6.60 70.83
N ARG C 810 -70.14 -6.67 69.53
CA ARG C 810 -71.52 -6.71 69.06
C ARG C 810 -72.12 -8.11 69.01
N ALA C 811 -71.33 -9.15 69.29
CA ALA C 811 -71.85 -10.51 69.30
C ALA C 811 -71.05 -11.37 70.28
N LYS C 821 -86.29 -12.32 57.25
CA LYS C 821 -86.56 -12.23 55.82
C LYS C 821 -86.08 -10.90 55.24
N THR C 822 -85.78 -9.94 56.13
CA THR C 822 -85.27 -8.65 55.67
C THR C 822 -83.84 -8.77 55.14
N SER C 823 -83.11 -9.78 55.59
CA SER C 823 -81.78 -10.03 55.02
C SER C 823 -81.89 -10.62 53.62
N ARG C 824 -82.65 -11.71 53.47
CA ARG C 824 -82.68 -12.42 52.20
C ARG C 824 -83.48 -11.68 51.14
N ARG C 825 -84.34 -10.75 51.54
CA ARG C 825 -84.92 -9.83 50.57
C ARG C 825 -83.91 -8.76 50.18
N GLY C 826 -83.05 -8.36 51.13
CA GLY C 826 -82.04 -7.37 50.82
C GLY C 826 -80.88 -7.94 50.02
N ARG C 827 -80.55 -9.22 50.26
CA ARG C 827 -79.47 -9.84 49.48
C ARG C 827 -79.90 -10.12 48.05
N ALA C 828 -81.17 -10.47 47.85
CA ALA C 828 -81.66 -10.79 46.50
C ALA C 828 -81.78 -9.53 45.65
N LEU C 829 -82.23 -8.42 46.26
CA LEU C 829 -82.31 -7.17 45.52
C LEU C 829 -80.93 -6.57 45.30
N LEU C 830 -79.96 -6.89 46.17
CA LEU C 830 -78.59 -6.48 45.92
C LEU C 830 -77.98 -7.33 44.80
N ALA C 831 -78.44 -8.57 44.64
CA ALA C 831 -78.03 -9.38 43.50
C ALA C 831 -78.57 -8.79 42.20
N VAL C 832 -79.77 -8.20 42.25
CA VAL C 832 -80.29 -7.50 41.08
C VAL C 832 -79.53 -6.20 40.85
N ALA C 833 -79.20 -5.49 41.94
CA ALA C 833 -78.55 -4.20 41.84
C ALA C 833 -77.11 -4.33 41.34
N LEU C 834 -76.42 -5.39 41.73
CA LEU C 834 -75.09 -5.63 41.19
C LEU C 834 -75.16 -6.15 39.76
N ASN C 835 -76.25 -6.84 39.40
CA ASN C 835 -76.46 -7.16 38.00
C ASN C 835 -76.75 -5.91 37.17
N LEU C 836 -77.30 -4.87 37.81
CA LEU C 836 -77.51 -3.60 37.10
C LEU C 836 -76.20 -2.91 36.78
N LEU C 837 -75.33 -2.74 37.79
CA LEU C 837 -74.07 -2.02 37.59
C LEU C 837 -73.12 -2.81 36.70
N ALA C 838 -73.24 -4.14 36.71
CA ALA C 838 -72.49 -4.94 35.75
C ALA C 838 -73.01 -4.73 34.33
N LEU C 839 -74.31 -4.49 34.18
CA LEU C 839 -74.89 -4.30 32.85
C LEU C 839 -74.60 -2.90 32.33
N LEU C 840 -74.51 -1.91 33.22
CA LEU C 840 -74.35 -0.52 32.79
C LEU C 840 -72.96 -0.27 32.21
N PHE C 841 -71.92 -0.80 32.86
CA PHE C 841 -70.58 -0.59 32.36
C PHE C 841 -70.16 -1.62 31.34
N ALA C 842 -70.97 -2.67 31.13
CA ALA C 842 -70.75 -3.57 30.00
C ALA C 842 -71.11 -2.90 28.69
N THR C 843 -72.27 -2.23 28.66
CA THR C 843 -72.67 -1.51 27.45
C THR C 843 -71.93 -0.19 27.31
N THR C 844 -71.25 0.25 28.37
CA THR C 844 -70.37 1.41 28.24
C THR C 844 -69.13 1.03 27.44
N ALA C 845 -68.72 -0.24 27.49
CA ALA C 845 -67.72 -0.74 26.56
C ALA C 845 -68.27 -0.79 25.14
N PHE C 846 -69.57 -1.08 25.00
CA PHE C 846 -70.21 -1.02 23.69
C PHE C 846 -70.34 0.42 23.20
N LEU C 847 -70.49 1.38 24.11
CA LEU C 847 -70.50 2.79 23.77
C LEU C 847 -69.16 3.47 24.06
N THR C 848 -68.06 2.76 23.88
CA THR C 848 -66.75 3.37 24.03
C THR C 848 -66.48 4.33 22.87
N THR C 849 -66.34 5.61 23.21
CA THR C 849 -65.97 6.63 22.24
C THR C 849 -64.47 6.93 22.24
N TYR C 850 -63.71 6.38 23.19
CA TYR C 850 -62.25 6.48 23.16
C TYR C 850 -61.68 5.19 23.75
N TRP C 851 -61.22 4.30 22.88
CA TRP C 851 -60.53 3.11 23.33
C TRP C 851 -59.13 3.44 23.81
N CYS C 852 -58.41 4.27 23.06
CA CYS C 852 -57.11 4.77 23.49
C CYS C 852 -56.98 6.20 23.01
N GLN C 853 -56.04 6.92 23.62
CA GLN C 853 -55.51 8.13 23.01
C GLN C 853 -54.77 7.76 21.73
N GLY C 854 -54.63 8.71 20.82
CA GLY C 854 -53.79 8.49 19.66
C GLY C 854 -52.86 9.66 19.47
N THR C 855 -51.57 9.38 19.53
CA THR C 855 -50.57 10.43 19.46
C THR C 855 -49.59 10.14 18.32
N GLN C 856 -49.60 11.03 17.33
CA GLN C 856 -48.58 11.06 16.28
C GLN C 856 -47.97 12.45 16.22
N ARG C 857 -47.61 12.96 17.40
CA ARG C 857 -46.93 14.24 17.53
C ARG C 857 -45.47 14.08 17.11
N VAL C 858 -45.27 14.05 15.80
CA VAL C 858 -43.94 13.84 15.23
C VAL C 858 -43.43 15.16 14.67
N PRO C 859 -42.25 15.64 15.08
CA PRO C 859 -41.72 16.90 14.56
C PRO C 859 -41.20 16.78 13.13
N PHE C 905 -43.51 15.64 10.58
CA PHE C 905 -44.84 16.16 10.31
C PHE C 905 -45.19 17.24 11.32
N GLN C 906 -46.26 17.03 12.07
CA GLN C 906 -46.63 17.96 13.14
C GLN C 906 -47.42 17.20 14.20
N LEU C 907 -48.03 17.97 15.10
CA LEU C 907 -48.74 17.40 16.24
C LEU C 907 -50.07 16.81 15.81
N ARG C 908 -50.36 15.60 16.29
CA ARG C 908 -51.57 14.89 15.91
C ARG C 908 -52.22 14.28 17.14
N ARG C 909 -53.56 14.30 17.15
CA ARG C 909 -54.35 13.73 18.25
C ARG C 909 -55.43 12.84 17.65
N PHE C 910 -55.46 11.59 18.09
CA PHE C 910 -56.54 10.68 17.71
C PHE C 910 -57.26 10.18 18.96
N HIS C 911 -58.56 9.90 18.82
CA HIS C 911 -59.33 9.28 19.88
C HIS C 911 -60.17 8.16 19.26
N THR C 912 -59.57 6.99 19.12
CA THR C 912 -60.28 5.89 18.49
C THR C 912 -61.13 5.19 19.55
N GLY C 913 -62.38 4.90 19.19
CA GLY C 913 -63.27 4.14 20.07
C GLY C 913 -63.05 2.66 19.93
N ILE C 914 -63.98 1.90 20.50
CA ILE C 914 -63.91 0.44 20.36
C ILE C 914 -64.24 0.04 18.93
N TRP C 915 -65.13 0.78 18.27
CA TRP C 915 -65.45 0.57 16.86
C TRP C 915 -65.15 1.83 16.08
N TYR C 916 -65.61 2.97 16.60
CA TYR C 916 -65.64 4.19 15.82
C TYR C 916 -64.46 5.09 16.16
N SER C 917 -63.62 5.37 15.17
CA SER C 917 -62.39 6.12 15.35
C SER C 917 -62.67 7.61 15.20
N CYS C 918 -62.74 8.32 16.32
CA CYS C 918 -62.72 9.76 16.27
C CYS C 918 -61.28 10.26 16.25
N GLU C 919 -61.12 11.56 16.02
CA GLU C 919 -59.79 12.15 15.95
C GLU C 919 -59.90 13.64 16.23
N GLU C 920 -58.76 14.25 16.53
CA GLU C 920 -58.70 15.67 16.81
C GLU C 920 -57.31 16.23 16.56
N GLY C 926 -57.74 18.24 13.65
CA GLY C 926 -59.07 18.74 13.33
C GLY C 926 -60.17 17.85 13.87
N GLU C 927 -61.26 18.47 14.31
CA GLU C 927 -62.38 17.73 14.88
C GLU C 927 -63.11 16.95 13.78
N LYS C 928 -63.12 15.63 13.91
CA LYS C 928 -63.64 14.72 12.89
C LYS C 928 -63.74 13.34 13.52
N CYS C 929 -64.71 12.55 13.05
CA CYS C 929 -64.84 11.20 13.56
C CYS C 929 -65.28 10.27 12.44
N ARG C 930 -64.55 9.16 12.31
CA ARG C 930 -64.82 8.16 11.28
C ARG C 930 -65.11 6.84 11.96
N SER C 931 -65.31 5.79 11.15
CA SER C 931 -65.50 4.46 11.72
C SER C 931 -64.16 3.79 12.00
N PHE C 932 -63.42 3.45 10.94
CA PHE C 932 -62.22 2.59 10.99
C PHE C 932 -62.46 1.31 11.79
N ILE C 933 -63.37 0.48 11.30
CA ILE C 933 -63.65 -0.83 11.89
C ILE C 933 -63.20 -1.90 10.90
N ASP C 934 -62.79 -3.06 11.44
CA ASP C 934 -62.51 -4.30 10.70
C ASP C 934 -61.35 -4.11 9.71
N LEU C 935 -60.18 -3.84 10.26
CA LEU C 935 -59.00 -3.58 9.46
C LEU C 935 -58.20 -4.87 9.24
N ALA C 936 -56.99 -4.74 8.70
CA ALA C 936 -56.27 -5.81 8.03
C ALA C 936 -55.48 -6.68 9.03
N PRO C 937 -54.88 -7.82 8.57
CA PRO C 937 -55.08 -8.72 7.41
C PRO C 937 -55.75 -10.09 7.61
N ALA C 938 -56.94 -10.27 7.03
CA ALA C 938 -57.43 -11.51 6.44
C ALA C 938 -57.59 -12.74 7.34
N SER C 939 -57.05 -12.70 8.56
CA SER C 939 -57.32 -13.73 9.55
C SER C 939 -57.51 -13.10 10.92
N GLU C 940 -56.93 -11.90 11.10
CA GLU C 940 -57.35 -11.03 12.18
C GLU C 940 -58.77 -10.53 11.93
N LYS C 941 -59.18 -10.45 10.66
CA LYS C 941 -60.58 -10.23 10.34
C LYS C 941 -61.43 -11.43 10.73
N GLY C 942 -60.89 -12.64 10.58
CA GLY C 942 -61.62 -13.83 11.00
C GLY C 942 -61.72 -13.93 12.51
N VAL C 943 -60.75 -13.35 13.22
CA VAL C 943 -60.91 -13.11 14.65
C VAL C 943 -62.08 -12.16 14.90
N LEU C 944 -62.17 -11.10 14.09
CA LEU C 944 -63.21 -10.09 14.28
C LEU C 944 -64.61 -10.61 13.93
N TRP C 945 -64.71 -11.69 13.15
CA TRP C 945 -66.00 -12.35 13.00
C TRP C 945 -66.44 -12.99 14.31
N LEU C 946 -65.53 -13.74 14.94
CA LEU C 946 -65.88 -14.39 16.21
C LEU C 946 -65.88 -13.41 17.36
N SER C 947 -65.18 -12.27 17.21
CA SER C 947 -65.12 -11.27 18.28
C SER C 947 -66.47 -10.59 18.46
N VAL C 948 -67.13 -10.22 17.36
CA VAL C 948 -68.42 -9.53 17.44
C VAL C 948 -69.50 -10.47 17.95
N VAL C 949 -69.43 -11.75 17.55
CA VAL C 949 -70.37 -12.76 18.06
C VAL C 949 -70.19 -12.94 19.57
N SER C 950 -68.94 -12.92 20.03
CA SER C 950 -68.69 -13.03 21.47
C SER C 950 -69.04 -11.74 22.20
N GLU C 951 -69.14 -10.61 21.49
CA GLU C 951 -69.67 -9.39 22.09
C GLU C 951 -71.18 -9.49 22.27
N VAL C 952 -71.86 -10.12 21.30
CA VAL C 952 -73.31 -10.26 21.35
C VAL C 952 -73.71 -11.23 22.45
N LEU C 953 -72.98 -12.36 22.55
CA LEU C 953 -73.33 -13.39 23.53
C LEU C 953 -73.06 -12.92 24.96
N TYR C 954 -72.21 -11.91 25.12
CA TYR C 954 -71.96 -11.34 26.45
C TYR C 954 -73.13 -10.48 26.92
N ILE C 955 -73.79 -9.79 25.99
CA ILE C 955 -74.86 -8.87 26.37
C ILE C 955 -76.18 -9.62 26.52
N LEU C 956 -76.38 -10.68 25.74
CA LEU C 956 -77.63 -11.44 25.78
C LEU C 956 -77.81 -12.17 27.10
N LEU C 957 -76.72 -12.73 27.64
CA LEU C 957 -76.84 -13.50 28.87
C LEU C 957 -77.01 -12.62 30.09
N LEU C 958 -76.65 -11.33 29.99
CA LEU C 958 -76.92 -10.40 31.08
C LEU C 958 -78.40 -10.10 31.19
N VAL C 959 -79.14 -10.23 30.09
CA VAL C 959 -80.59 -10.01 30.09
C VAL C 959 -81.28 -11.17 30.79
N VAL C 960 -80.69 -12.36 30.73
CA VAL C 960 -81.29 -13.57 31.28
C VAL C 960 -81.35 -13.52 32.80
N GLY C 961 -80.40 -12.82 33.42
CA GLY C 961 -80.35 -12.68 34.86
C GLY C 961 -81.54 -11.93 35.47
N PHE C 962 -81.94 -10.83 34.83
CA PHE C 962 -83.05 -10.05 35.38
C PHE C 962 -84.38 -10.75 35.14
N SER C 963 -84.52 -11.45 34.02
CA SER C 963 -85.82 -12.00 33.61
C SER C 963 -86.28 -13.11 34.56
N LEU C 964 -85.33 -13.84 35.14
CA LEU C 964 -85.69 -14.86 36.13
C LEU C 964 -85.79 -14.26 37.53
N MET C 965 -85.02 -13.20 37.81
CA MET C 965 -85.13 -12.52 39.09
C MET C 965 -86.37 -11.64 39.14
N CYS C 966 -86.93 -11.28 37.98
CA CYS C 966 -88.25 -10.64 37.96
C CYS C 966 -89.37 -11.68 38.04
N LEU C 967 -89.05 -12.94 37.73
CA LEU C 967 -89.98 -14.02 38.07
C LEU C 967 -89.92 -14.36 39.55
N GLU C 968 -88.81 -14.04 40.21
CA GLU C 968 -88.76 -14.15 41.66
C GLU C 968 -89.68 -13.12 42.31
N LEU C 969 -89.69 -11.89 41.78
CA LEU C 969 -90.59 -10.87 42.31
C LEU C 969 -92.03 -11.12 41.89
N LEU C 970 -92.24 -11.94 40.85
CA LEU C 970 -93.57 -12.45 40.57
C LEU C 970 -94.04 -13.40 41.67
N HIS C 971 -93.11 -14.15 42.27
CA HIS C 971 -93.41 -15.01 43.40
C HIS C 971 -93.10 -14.37 44.74
N SER C 972 -92.33 -13.28 44.77
CA SER C 972 -92.17 -12.52 45.99
C SER C 972 -93.39 -11.65 46.29
N SER C 973 -94.18 -11.34 45.27
CA SER C 973 -95.41 -10.58 45.44
C SER C 973 -96.60 -11.51 45.60
N ASP C 977 -90.76 -23.34 41.51
CA ASP C 977 -90.13 -23.65 42.79
C ASP C 977 -89.33 -22.46 43.32
N GLY C 978 -88.99 -21.53 42.43
CA GLY C 978 -88.32 -20.31 42.84
C GLY C 978 -86.81 -20.42 42.88
N LEU C 979 -86.29 -21.34 43.70
CA LEU C 979 -84.85 -21.48 43.86
C LEU C 979 -84.22 -22.16 42.64
N LYS C 980 -85.02 -22.84 41.82
CA LYS C 980 -84.49 -23.41 40.58
C LYS C 980 -84.18 -22.33 39.55
N LEU C 981 -85.03 -21.31 39.45
CA LEU C 981 -84.85 -20.29 38.43
C LEU C 981 -83.73 -19.31 38.79
N ASN C 982 -83.63 -18.93 40.07
CA ASN C 982 -82.63 -17.96 40.49
C ASN C 982 -81.24 -18.58 40.49
N ALA C 983 -81.15 -19.90 40.72
CA ALA C 983 -79.88 -20.58 40.56
C ALA C 983 -79.50 -20.69 39.08
N PHE C 984 -80.50 -20.88 38.21
CA PHE C 984 -80.24 -20.86 36.78
C PHE C 984 -79.90 -19.46 36.30
N ALA C 985 -80.44 -18.43 36.97
CA ALA C 985 -80.21 -17.06 36.55
C ALA C 985 -78.77 -16.63 36.82
N ALA C 986 -78.15 -17.19 37.85
CA ALA C 986 -76.77 -16.86 38.15
C ALA C 986 -75.81 -17.63 37.26
N VAL C 987 -76.28 -18.71 36.64
CA VAL C 987 -75.44 -19.48 35.72
C VAL C 987 -75.11 -18.65 34.48
N PHE C 988 -76.14 -18.06 33.86
CA PHE C 988 -75.94 -17.34 32.61
C PHE C 988 -75.20 -16.03 32.82
N THR C 989 -75.34 -15.41 33.99
CA THR C 989 -74.57 -14.20 34.28
C THR C 989 -73.10 -14.52 34.49
N VAL C 990 -72.80 -15.67 35.11
CA VAL C 990 -71.42 -16.11 35.20
C VAL C 990 -70.91 -16.54 33.84
N LEU C 991 -71.72 -17.27 33.07
CA LEU C 991 -71.30 -17.67 31.73
C LEU C 991 -71.35 -16.51 30.73
N SER C 992 -71.92 -15.37 31.14
CA SER C 992 -71.81 -14.16 30.32
C SER C 992 -70.39 -13.63 30.30
N GLY C 993 -69.82 -13.33 31.47
CA GLY C 993 -68.53 -12.69 31.53
C GLY C 993 -67.38 -13.59 31.15
N LEU C 994 -67.54 -14.90 31.32
CA LEU C 994 -66.53 -15.86 30.88
C LEU C 994 -66.41 -15.85 29.35
N LEU C 995 -67.54 -15.74 28.67
CA LEU C 995 -67.52 -15.40 27.25
C LEU C 995 -67.03 -13.98 27.04
N GLY C 996 -67.43 -13.06 27.91
CA GLY C 996 -67.18 -11.65 27.67
C GLY C 996 -65.76 -11.23 27.93
N MET C 997 -65.12 -11.82 28.95
CA MET C 997 -63.71 -11.53 29.19
C MET C 997 -62.85 -11.99 28.02
N VAL C 998 -63.15 -13.16 27.45
CA VAL C 998 -62.48 -13.60 26.23
C VAL C 998 -62.79 -12.65 25.09
N ALA C 999 -64.04 -12.17 25.00
CA ALA C 999 -64.39 -11.13 24.03
C ALA C 999 -63.63 -9.83 24.32
N HIS C 1000 -63.42 -9.53 25.60
CA HIS C 1000 -62.53 -8.42 25.93
C HIS C 1000 -61.07 -8.78 25.78
N MET C 1001 -60.73 -10.09 25.76
CA MET C 1001 -59.33 -10.47 25.58
C MET C 1001 -58.99 -10.67 24.11
N MET C 1002 -59.97 -11.01 23.28
CA MET C 1002 -59.69 -11.12 21.86
C MET C 1002 -59.50 -9.74 21.22
N TYR C 1003 -60.21 -8.73 21.74
CA TYR C 1003 -60.10 -7.41 21.13
C TYR C 1003 -58.84 -6.69 21.61
N THR C 1004 -58.34 -7.04 22.80
CA THR C 1004 -56.98 -6.63 23.14
C THR C 1004 -55.96 -7.39 22.32
N GLN C 1005 -56.25 -8.66 22.02
CA GLN C 1005 -55.42 -9.41 21.09
C GLN C 1005 -55.53 -8.84 19.68
N VAL C 1006 -56.70 -8.31 19.34
CA VAL C 1006 -56.83 -7.48 18.14
C VAL C 1006 -55.97 -6.24 18.23
N PHE C 1007 -56.02 -5.55 19.37
CA PHE C 1007 -55.36 -4.25 19.48
C PHE C 1007 -53.84 -4.39 19.52
N GLN C 1008 -53.35 -5.44 20.18
CA GLN C 1008 -51.90 -5.60 20.33
C GLN C 1008 -51.26 -6.04 19.02
N VAL C 1009 -51.95 -6.89 18.26
CA VAL C 1009 -51.41 -7.34 16.97
C VAL C 1009 -51.44 -6.19 15.97
N THR C 1010 -52.52 -5.41 15.95
CA THR C 1010 -52.63 -4.34 14.96
C THR C 1010 -51.69 -3.18 15.25
N VAL C 1011 -51.32 -2.95 16.51
CA VAL C 1011 -50.28 -1.98 16.79
C VAL C 1011 -48.91 -2.53 16.37
N SER C 1012 -48.74 -3.86 16.43
CA SER C 1012 -47.55 -4.47 15.87
C SER C 1012 -47.54 -4.39 14.35
N LEU C 1013 -48.71 -4.28 13.72
CA LEU C 1013 -48.75 -3.81 12.34
C LEU C 1013 -48.37 -2.35 12.22
N GLY C 1014 -48.67 -1.54 13.24
CA GLY C 1014 -48.52 -0.11 13.10
C GLY C 1014 -49.57 0.43 12.17
N PRO C 1015 -50.85 0.52 12.66
CA PRO C 1015 -52.05 0.64 11.79
C PRO C 1015 -51.99 1.77 10.79
N GLU C 1016 -52.48 1.50 9.57
CA GLU C 1016 -51.95 1.92 8.24
C GLU C 1016 -51.30 3.30 8.32
N ASP C 1017 -51.95 4.31 8.87
CA ASP C 1017 -51.29 5.55 9.20
C ASP C 1017 -51.52 6.00 10.64
N TRP C 1018 -52.35 5.30 11.41
CA TRP C 1018 -52.61 5.67 12.80
C TRP C 1018 -51.93 4.66 13.74
N ARG C 1019 -50.65 4.85 13.98
CA ARG C 1019 -49.92 4.14 15.03
C ARG C 1019 -49.61 5.14 16.15
N PRO C 1020 -50.18 4.95 17.33
CA PRO C 1020 -50.00 5.93 18.39
C PRO C 1020 -48.78 5.62 19.26
N HIS C 1021 -48.23 6.66 19.88
CA HIS C 1021 -47.32 6.48 20.99
C HIS C 1021 -48.08 6.36 22.31
N SER C 1022 -49.40 6.51 22.25
CA SER C 1022 -50.33 5.89 23.18
C SER C 1022 -50.54 4.44 22.75
N TRP C 1023 -51.68 3.83 23.14
CA TRP C 1023 -51.81 2.63 23.98
C TRP C 1023 -51.85 3.06 25.44
N ASP C 1024 -52.86 3.88 25.74
CA ASP C 1024 -53.44 3.98 27.07
C ASP C 1024 -54.87 3.46 26.97
N TYR C 1025 -55.10 2.27 27.51
CA TYR C 1025 -56.33 1.51 27.28
C TYR C 1025 -57.55 2.19 27.90
N GLY C 1026 -58.69 2.01 27.24
CA GLY C 1026 -59.98 2.46 27.75
C GLY C 1026 -60.09 3.98 27.81
N TRP C 1027 -61.13 4.43 28.50
CA TRP C 1027 -61.16 4.37 29.95
C TRP C 1027 -62.33 3.55 30.45
N SER C 1028 -63.38 3.48 29.64
CA SER C 1028 -64.56 2.69 30.00
C SER C 1028 -64.29 1.20 29.87
N PHE C 1029 -63.25 0.83 29.11
CA PHE C 1029 -62.84 -0.57 29.06
C PHE C 1029 -62.22 -1.03 30.37
N CYS C 1030 -61.52 -0.12 31.05
CA CYS C 1030 -61.14 -0.40 32.44
C CYS C 1030 -62.38 -0.47 33.33
N LEU C 1031 -63.38 0.37 33.05
CA LEU C 1031 -64.67 0.26 33.72
C LEU C 1031 -65.44 -0.97 33.27
N ALA C 1032 -65.11 -1.51 32.09
CA ALA C 1032 -65.73 -2.77 31.66
C ALA C 1032 -65.14 -3.96 32.40
N TRP C 1033 -63.91 -3.81 32.89
CA TRP C 1033 -63.32 -4.84 33.73
C TRP C 1033 -64.03 -4.94 35.07
N GLY C 1034 -64.55 -3.82 35.57
CA GLY C 1034 -65.33 -3.84 36.80
C GLY C 1034 -66.72 -4.43 36.61
N SER C 1035 -67.15 -4.57 35.35
CA SER C 1035 -68.43 -5.23 35.10
C SER C 1035 -68.34 -6.72 35.35
N PHE C 1036 -67.14 -7.29 35.22
CA PHE C 1036 -66.98 -8.73 35.47
C PHE C 1036 -67.07 -9.05 36.95
N THR C 1037 -66.39 -8.27 37.79
CA THR C 1037 -66.46 -8.50 39.23
C THR C 1037 -67.82 -8.11 39.80
N CYS C 1038 -68.59 -7.31 39.05
CA CYS C 1038 -69.92 -6.98 39.50
C CYS C 1038 -70.92 -8.02 38.98
N CYS C 1039 -70.49 -8.85 38.03
CA CYS C 1039 -71.18 -10.10 37.75
C CYS C 1039 -70.81 -11.18 38.75
N MET C 1040 -69.63 -11.09 39.36
CA MET C 1040 -69.21 -12.09 40.33
C MET C 1040 -69.76 -11.77 41.72
N ALA C 1041 -69.79 -10.48 42.09
CA ALA C 1041 -70.35 -10.09 43.37
C ALA C 1041 -71.87 -10.24 43.37
N ALA C 1042 -72.48 -10.19 42.20
CA ALA C 1042 -73.91 -10.47 42.10
C ALA C 1042 -74.20 -11.96 42.29
N SER C 1043 -73.23 -12.81 41.94
CA SER C 1043 -73.47 -14.25 41.95
C SER C 1043 -73.19 -14.85 43.32
N VAL C 1044 -72.29 -14.24 44.11
CA VAL C 1044 -71.93 -14.81 45.40
C VAL C 1044 -73.05 -14.62 46.43
N THR C 1045 -73.91 -13.63 46.21
CA THR C 1045 -74.98 -13.37 47.18
C THR C 1045 -76.26 -14.11 46.79
N THR C 1046 -76.41 -14.47 45.52
CA THR C 1046 -77.61 -15.19 45.10
C THR C 1046 -77.42 -16.70 45.14
N LEU C 1047 -76.17 -17.17 45.20
CA LEU C 1047 -75.93 -18.55 45.59
C LEU C 1047 -75.90 -18.68 47.11
N ASN C 1048 -75.69 -17.57 47.82
CA ASN C 1048 -75.80 -17.58 49.27
C ASN C 1048 -77.25 -17.76 49.70
N SER C 1049 -78.20 -17.25 48.92
CA SER C 1049 -79.62 -17.52 49.16
C SER C 1049 -80.00 -18.92 48.71
N TYR C 1050 -79.21 -19.51 47.82
CA TYR C 1050 -79.49 -20.86 47.31
C TYR C 1050 -79.15 -21.94 48.32
N THR C 1051 -78.21 -21.68 49.24
CA THR C 1051 -77.80 -22.70 50.20
C THR C 1051 -78.90 -23.00 51.22
N LYS C 1052 -79.69 -22.00 51.58
CA LYS C 1052 -80.75 -22.19 52.57
C LYS C 1052 -82.04 -22.63 51.90
N ASN D 1 23.27 66.37 -51.40
CA ASN D 1 23.73 66.98 -50.16
C ASN D 1 24.61 66.00 -49.37
N SER D 2 25.91 66.29 -49.33
CA SER D 2 26.82 65.45 -48.57
C SER D 2 26.63 65.72 -47.08
N ILE D 3 26.11 64.72 -46.37
CA ILE D 3 25.77 64.83 -44.96
C ILE D 3 26.68 63.88 -44.20
N GLN D 4 27.46 64.43 -43.27
CA GLN D 4 28.40 63.61 -42.50
C GLN D 4 27.66 62.73 -41.50
N ILE D 5 28.00 61.45 -41.51
CA ILE D 5 27.40 60.47 -40.59
C ILE D 5 28.51 59.83 -39.77
N GLY D 6 28.11 59.09 -38.73
CA GLY D 6 29.04 58.43 -37.84
C GLY D 6 29.41 57.03 -38.28
N GLY D 7 30.59 56.59 -37.84
CA GLY D 7 31.11 55.29 -38.24
C GLY D 7 31.78 54.53 -37.12
N LEU D 8 31.28 54.65 -35.90
CA LEU D 8 31.92 54.05 -34.74
C LEU D 8 31.66 52.54 -34.65
N PHE D 9 32.24 51.80 -35.58
CA PHE D 9 32.05 50.36 -35.60
C PHE D 9 33.12 49.66 -34.78
N PRO D 10 32.79 48.58 -34.08
CA PRO D 10 33.83 47.79 -33.43
C PRO D 10 34.59 46.96 -34.46
N ARG D 11 35.81 46.57 -34.11
CA ARG D 11 36.54 45.63 -34.93
C ARG D 11 35.94 44.23 -34.80
N GLY D 12 35.63 43.63 -35.93
CA GLY D 12 34.92 42.36 -35.94
C GLY D 12 33.42 42.47 -36.10
N ALA D 13 32.90 43.67 -36.29
CA ALA D 13 31.49 43.90 -36.58
C ALA D 13 31.26 44.12 -38.06
N ASP D 14 32.01 43.39 -38.89
CA ASP D 14 32.05 43.69 -40.32
C ASP D 14 30.82 43.21 -41.05
N GLN D 15 30.18 42.13 -40.57
CA GLN D 15 28.90 41.71 -41.14
C GLN D 15 27.83 42.77 -40.90
N GLU D 16 27.83 43.36 -39.71
CA GLU D 16 27.03 44.55 -39.46
C GLU D 16 27.48 45.72 -40.33
N TYR D 17 28.79 45.85 -40.52
CA TYR D 17 29.30 46.93 -41.37
C TYR D 17 29.04 46.64 -42.84
N SER D 18 29.00 45.36 -43.24
CA SER D 18 28.57 45.02 -44.59
C SER D 18 27.10 45.35 -44.78
N ALA D 19 26.26 44.96 -43.82
CA ALA D 19 24.83 45.26 -43.90
C ALA D 19 24.57 46.75 -43.72
N PHE D 20 25.49 47.46 -43.08
CA PHE D 20 25.49 48.91 -43.15
C PHE D 20 25.69 49.39 -44.58
N ARG D 21 26.68 48.82 -45.27
CA ARG D 21 27.00 49.28 -46.61
C ARG D 21 26.00 48.78 -47.63
N VAL D 22 25.24 47.73 -47.30
CA VAL D 22 24.10 47.34 -48.13
C VAL D 22 23.04 48.45 -48.11
N GLY D 23 22.75 48.98 -46.93
CA GLY D 23 21.85 50.12 -46.85
C GLY D 23 22.42 51.38 -47.44
N MET D 24 23.76 51.51 -47.43
CA MET D 24 24.41 52.63 -48.09
C MET D 24 24.21 52.61 -49.60
N VAL D 25 24.05 51.42 -50.17
CA VAL D 25 23.71 51.31 -51.58
C VAL D 25 22.20 51.38 -51.78
N GLN D 26 21.45 50.68 -50.92
CA GLN D 26 20.01 50.57 -51.12
C GLN D 26 19.27 51.85 -50.76
N PHE D 27 19.62 52.49 -49.65
CA PHE D 27 18.91 53.67 -49.20
C PHE D 27 19.58 54.97 -49.61
N SER D 28 20.50 54.94 -50.57
CA SER D 28 21.06 56.17 -51.10
C SER D 28 20.07 56.84 -52.04
N THR D 29 20.21 58.17 -52.17
CA THR D 29 19.33 58.93 -53.03
C THR D 29 20.10 60.09 -53.64
N SER D 30 19.50 60.70 -54.67
CA SER D 30 20.11 61.86 -55.29
C SER D 30 19.78 63.15 -54.54
N GLU D 31 18.84 63.08 -53.59
CA GLU D 31 18.54 64.23 -52.76
C GLU D 31 19.69 64.58 -51.83
N PHE D 32 20.28 63.56 -51.20
CA PHE D 32 21.38 63.77 -50.27
C PHE D 32 22.21 62.50 -50.22
N ARG D 33 23.48 62.65 -49.87
CA ARG D 33 24.39 61.52 -49.80
C ARG D 33 25.00 61.46 -48.41
N LEU D 34 24.97 60.27 -47.82
CA LEU D 34 25.56 60.07 -46.50
C LEU D 34 27.06 60.01 -46.65
N THR D 35 27.76 60.72 -45.76
CA THR D 35 29.22 60.85 -45.83
C THR D 35 29.82 60.09 -44.64
N PRO D 36 30.33 58.88 -44.87
CA PRO D 36 30.84 58.08 -43.75
C PRO D 36 32.18 58.60 -43.24
N HIS D 37 32.37 58.49 -41.93
CA HIS D 37 33.67 58.60 -41.31
C HIS D 37 33.81 57.35 -40.44
N ILE D 38 34.25 56.27 -41.07
CA ILE D 38 34.21 54.97 -40.42
C ILE D 38 35.39 54.83 -39.47
N ASP D 39 35.09 54.52 -38.21
CA ASP D 39 36.10 54.38 -37.17
C ASP D 39 36.01 52.98 -36.60
N ASN D 40 36.71 52.05 -37.24
CA ASN D 40 36.77 50.66 -36.79
C ASN D 40 37.71 50.54 -35.61
N LEU D 41 37.21 50.93 -34.44
CA LEU D 41 38.00 50.93 -33.22
C LEU D 41 37.28 50.13 -32.13
N GLU D 42 38.03 49.76 -31.10
CA GLU D 42 37.48 48.94 -30.02
C GLU D 42 36.46 49.71 -29.20
N VAL D 43 35.52 48.97 -28.62
CA VAL D 43 34.42 49.59 -27.88
C VAL D 43 34.68 49.59 -26.38
N ALA D 44 35.59 48.74 -25.89
CA ALA D 44 35.87 48.68 -24.46
C ALA D 44 36.72 49.87 -24.01
N ASN D 45 37.71 50.25 -24.81
CA ASN D 45 38.54 51.42 -24.51
C ASN D 45 37.71 52.65 -24.84
N SER D 46 36.97 53.13 -23.84
CA SER D 46 36.09 54.28 -24.04
C SER D 46 36.89 55.57 -24.25
N PHE D 47 38.15 55.59 -23.80
CA PHE D 47 39.05 56.67 -24.16
C PHE D 47 39.30 56.68 -25.67
N ALA D 48 39.52 55.50 -26.25
CA ALA D 48 39.69 55.41 -27.70
C ALA D 48 38.38 55.69 -28.43
N VAL D 49 37.25 55.39 -27.78
CA VAL D 49 35.95 55.77 -28.33
C VAL D 49 35.81 57.29 -28.30
N THR D 50 36.27 57.92 -27.21
CA THR D 50 36.18 59.36 -27.05
C THR D 50 37.02 60.09 -28.09
N ASN D 51 38.22 59.59 -28.39
CA ASN D 51 39.02 60.17 -29.47
C ASN D 51 38.38 59.93 -30.81
N ALA D 52 37.73 58.78 -31.00
CA ALA D 52 36.93 58.56 -32.18
C ALA D 52 35.68 59.42 -32.18
N PHE D 53 35.15 59.73 -30.99
CA PHE D 53 34.00 60.61 -30.90
C PHE D 53 34.38 62.05 -31.21
N CYS D 54 35.46 62.55 -30.60
CA CYS D 54 35.83 63.95 -30.76
C CYS D 54 36.41 64.23 -32.13
N SER D 55 36.91 63.20 -32.83
CA SER D 55 37.37 63.40 -34.20
C SER D 55 36.21 63.68 -35.13
N GLN D 56 35.12 62.92 -35.02
CA GLN D 56 33.93 63.21 -35.79
C GLN D 56 33.21 64.44 -35.25
N PHE D 57 33.38 64.74 -33.96
CA PHE D 57 32.85 65.98 -33.42
C PHE D 57 33.65 67.17 -33.96
N SER D 58 34.92 66.95 -34.29
CA SER D 58 35.69 67.97 -34.99
C SER D 58 35.28 68.09 -36.44
N ARG D 59 34.75 67.01 -37.02
CA ARG D 59 34.21 67.07 -38.39
C ARG D 59 32.95 67.92 -38.48
N GLY D 60 32.18 67.99 -37.40
CA GLY D 60 30.86 68.59 -37.48
C GLY D 60 29.83 67.66 -38.06
N VAL D 61 29.82 66.40 -37.62
CA VAL D 61 28.85 65.43 -38.14
C VAL D 61 27.46 65.75 -37.60
N TYR D 62 26.44 65.23 -38.28
CA TYR D 62 25.07 65.57 -37.94
C TYR D 62 24.34 64.43 -37.24
N ALA D 63 24.77 63.20 -37.42
CA ALA D 63 24.23 62.05 -36.72
C ALA D 63 25.33 61.00 -36.63
N ILE D 64 25.38 60.30 -35.49
CA ILE D 64 26.47 59.38 -35.24
C ILE D 64 25.90 57.98 -35.07
N PHE D 65 26.47 57.04 -35.80
CA PHE D 65 26.05 55.65 -35.72
C PHE D 65 27.19 54.82 -35.15
N GLY D 66 26.83 53.84 -34.34
CA GLY D 66 27.80 52.91 -33.79
C GLY D 66 27.22 52.13 -32.64
N PHE D 67 28.02 51.20 -32.15
CA PHE D 67 27.65 50.43 -30.98
C PHE D 67 28.14 51.13 -29.71
N TYR D 68 27.84 50.53 -28.56
CA TYR D 68 28.42 50.95 -27.31
C TYR D 68 28.42 49.78 -26.33
N ASP D 69 29.39 49.80 -25.43
CA ASP D 69 29.57 48.77 -24.41
C ASP D 69 28.94 49.24 -23.10
N LYS D 70 28.89 48.34 -22.11
CA LYS D 70 28.60 48.78 -20.75
C LYS D 70 29.75 49.60 -20.19
N LYS D 71 30.95 49.46 -20.76
CA LYS D 71 32.05 50.36 -20.44
C LYS D 71 31.87 51.72 -21.09
N SER D 72 30.95 51.83 -22.05
CA SER D 72 30.72 53.08 -22.76
C SER D 72 29.26 53.50 -22.77
N VAL D 73 28.39 52.83 -22.00
CA VAL D 73 26.99 53.26 -21.92
C VAL D 73 26.89 54.59 -21.18
N ASN D 74 27.74 54.81 -20.19
CA ASN D 74 27.74 56.07 -19.47
C ASN D 74 28.60 57.10 -20.19
N THR D 75 29.46 56.65 -21.10
CA THR D 75 30.28 57.57 -21.87
C THR D 75 29.44 58.33 -22.87
N ILE D 76 28.80 57.60 -23.79
CA ILE D 76 28.19 58.20 -24.97
C ILE D 76 26.97 59.03 -24.58
N THR D 77 26.21 58.58 -23.58
CA THR D 77 25.04 59.33 -23.13
C THR D 77 25.44 60.61 -22.42
N SER D 78 26.63 60.63 -21.80
CA SER D 78 27.10 61.85 -21.16
C SER D 78 27.54 62.87 -22.19
N PHE D 79 28.11 62.41 -23.30
CA PHE D 79 28.48 63.31 -24.38
C PHE D 79 27.26 63.78 -25.16
N CYS D 80 26.40 62.86 -25.59
CA CYS D 80 25.31 63.20 -26.49
C CYS D 80 24.22 63.99 -25.78
N GLY D 81 24.06 63.80 -24.48
CA GLY D 81 23.12 64.62 -23.74
C GLY D 81 23.60 66.04 -23.52
N THR D 82 24.91 66.26 -23.54
CA THR D 82 25.46 67.59 -23.32
C THR D 82 25.79 68.29 -24.64
N LEU D 83 26.47 67.59 -25.54
CA LEU D 83 26.84 68.17 -26.82
C LEU D 83 25.68 68.23 -27.80
N HIS D 84 24.54 67.62 -27.46
CA HIS D 84 23.28 67.72 -28.21
C HIS D 84 23.43 67.19 -29.63
N VAL D 85 24.21 66.13 -29.78
CA VAL D 85 24.40 65.45 -31.06
C VAL D 85 23.71 64.09 -30.97
N SER D 86 22.81 63.82 -31.91
CA SER D 86 22.04 62.59 -31.89
C SER D 86 22.91 61.38 -32.17
N PHE D 87 22.54 60.25 -31.57
CA PHE D 87 23.32 59.02 -31.70
C PHE D 87 22.39 57.86 -32.00
N ILE D 88 22.82 56.99 -32.90
CA ILE D 88 22.01 55.87 -33.34
C ILE D 88 22.74 54.58 -33.06
N THR D 89 22.07 53.64 -32.39
CA THR D 89 22.71 52.42 -31.94
C THR D 89 21.79 51.21 -32.05
N PRO D 90 22.34 50.06 -32.43
CA PRO D 90 21.59 48.79 -32.30
C PRO D 90 21.89 48.03 -31.03
N SER D 91 22.63 48.61 -30.09
CA SER D 91 23.15 47.87 -28.95
C SER D 91 22.06 47.64 -27.89
N PHE D 92 22.50 47.15 -26.73
CA PHE D 92 21.61 46.85 -25.61
C PHE D 92 20.92 48.12 -25.12
N PRO D 93 19.66 48.03 -24.69
CA PRO D 93 18.90 49.24 -24.36
C PRO D 93 19.39 49.93 -23.09
N THR D 94 19.18 51.25 -23.05
CA THR D 94 19.51 52.04 -21.87
C THR D 94 18.37 51.98 -20.87
N ASP D 95 18.66 52.41 -19.64
CA ASP D 95 17.63 52.39 -18.60
C ASP D 95 17.11 53.79 -18.28
N GLY D 96 17.94 54.82 -18.42
CA GLY D 96 17.53 56.17 -18.15
C GLY D 96 17.08 56.87 -19.42
N THR D 97 16.18 57.83 -19.25
CA THR D 97 15.65 58.58 -20.38
C THR D 97 16.68 59.56 -20.90
N HIS D 98 17.50 59.10 -21.84
CA HIS D 98 18.61 59.90 -22.30
C HIS D 98 18.25 60.63 -23.59
N PRO D 99 18.47 61.94 -23.66
CA PRO D 99 18.32 62.64 -24.94
C PRO D 99 19.42 62.24 -25.91
N PHE D 100 19.08 62.36 -27.21
CA PHE D 100 20.02 62.18 -28.32
C PHE D 100 20.57 60.76 -28.39
N VAL D 101 19.81 59.80 -27.87
CA VAL D 101 20.16 58.39 -27.92
C VAL D 101 18.99 57.67 -28.59
N ILE D 102 19.18 57.25 -29.82
CA ILE D 102 18.16 56.52 -30.57
C ILE D 102 18.61 55.08 -30.71
N GLN D 103 17.87 54.16 -30.09
CA GLN D 103 18.35 52.79 -29.98
C GLN D 103 17.49 51.88 -30.85
N MET D 104 18.16 51.05 -31.66
CA MET D 104 17.46 50.24 -32.64
C MET D 104 16.96 48.93 -32.05
N ARG D 105 17.55 48.48 -30.95
CA ARG D 105 17.15 47.19 -30.41
C ARG D 105 15.98 47.36 -29.47
N PRO D 106 14.87 46.65 -29.68
CA PRO D 106 13.73 46.77 -28.77
C PRO D 106 14.02 46.13 -27.42
N ASP D 107 13.15 46.41 -26.46
CA ASP D 107 13.26 45.79 -25.15
C ASP D 107 12.89 44.32 -25.26
N LEU D 108 13.46 43.52 -24.38
CA LEU D 108 13.28 42.07 -24.43
C LEU D 108 12.62 41.52 -23.17
N LYS D 109 12.65 42.27 -22.07
CA LYS D 109 12.17 41.76 -20.80
C LYS D 109 10.65 41.63 -20.77
N GLY D 110 9.93 42.45 -21.54
CA GLY D 110 8.48 42.37 -21.55
C GLY D 110 7.97 41.09 -22.18
N ALA D 111 8.65 40.64 -23.23
CA ALA D 111 8.32 39.33 -23.80
C ALA D 111 8.76 38.21 -22.87
N LEU D 112 9.87 38.41 -22.16
CA LEU D 112 10.41 37.35 -21.34
C LEU D 112 9.61 37.18 -20.06
N LEU D 113 9.14 38.30 -19.47
CA LEU D 113 8.25 38.20 -18.32
C LEU D 113 6.90 37.63 -18.71
N SER D 114 6.47 37.89 -19.95
CA SER D 114 5.29 37.22 -20.47
C SER D 114 5.55 35.74 -20.70
N LEU D 115 6.80 35.38 -21.00
CA LEU D 115 7.08 34.00 -21.37
C LEU D 115 7.16 33.10 -20.15
N ILE D 116 7.69 33.62 -19.03
CA ILE D 116 7.77 32.82 -17.81
C ILE D 116 6.38 32.55 -17.27
N GLU D 117 5.49 33.54 -17.37
CA GLU D 117 4.08 33.34 -17.05
C GLU D 117 3.42 32.35 -18.00
N TYR D 118 3.89 32.31 -19.25
CA TYR D 118 3.35 31.35 -20.21
C TYR D 118 3.79 29.93 -19.89
N TYR D 119 5.04 29.76 -19.47
CA TYR D 119 5.51 28.46 -19.02
C TYR D 119 5.20 28.18 -17.56
N GLN D 120 4.68 29.18 -16.84
CA GLN D 120 4.30 29.08 -15.42
C GLN D 120 5.47 28.64 -14.54
N TRP D 121 6.65 29.18 -14.84
CA TRP D 121 7.83 28.82 -14.07
C TRP D 121 7.93 29.63 -12.79
N ASP D 122 8.34 28.95 -11.72
CA ASP D 122 8.66 29.60 -10.47
C ASP D 122 10.04 29.24 -9.95
N LYS D 123 10.45 27.98 -10.08
CA LYS D 123 11.75 27.53 -9.64
C LYS D 123 12.61 27.30 -10.87
N PHE D 124 13.59 28.15 -11.07
CA PHE D 124 14.36 28.10 -12.30
C PHE D 124 15.69 28.80 -12.08
N ALA D 125 16.68 28.41 -12.88
CA ALA D 125 17.98 29.07 -12.85
C ALA D 125 18.04 30.17 -13.90
N TYR D 126 19.01 31.07 -13.73
CA TYR D 126 19.20 32.17 -14.67
C TYR D 126 20.69 32.44 -14.82
N LEU D 127 21.31 31.80 -15.81
CA LEU D 127 22.68 32.13 -16.14
C LEU D 127 22.71 33.39 -17.01
N TYR D 128 23.71 34.22 -16.79
CA TYR D 128 23.73 35.51 -17.46
C TYR D 128 25.15 36.02 -17.61
N ASP D 129 25.30 37.00 -18.51
CA ASP D 129 26.56 37.71 -18.72
C ASP D 129 26.33 39.19 -18.41
N SER D 130 27.40 39.84 -17.96
CA SER D 130 27.27 41.21 -17.49
C SER D 130 27.25 42.23 -18.62
N ASP D 131 27.69 41.84 -19.83
CA ASP D 131 28.12 42.80 -20.85
C ASP D 131 26.95 43.62 -21.40
N ARG D 132 25.78 43.01 -21.54
CA ARG D 132 24.62 43.76 -22.01
C ARG D 132 23.86 44.47 -20.89
N GLY D 133 24.48 44.63 -19.73
CA GLY D 133 23.79 45.22 -18.60
C GLY D 133 23.06 44.18 -17.77
N LEU D 134 22.56 44.63 -16.63
CA LEU D 134 21.89 43.75 -15.68
C LEU D 134 20.46 44.20 -15.38
N SER D 135 19.88 45.04 -16.22
CA SER D 135 18.50 45.48 -16.02
C SER D 135 17.53 44.34 -16.25
N THR D 136 17.87 43.43 -17.17
CA THR D 136 17.08 42.22 -17.35
C THR D 136 17.15 41.32 -16.13
N LEU D 137 18.33 41.28 -15.48
CA LEU D 137 18.43 40.61 -14.19
C LEU D 137 17.60 41.34 -13.14
N GLN D 138 17.62 42.67 -13.16
CA GLN D 138 16.79 43.46 -12.26
C GLN D 138 15.32 43.27 -12.56
N ALA D 139 14.97 43.00 -13.81
CA ALA D 139 13.57 42.80 -14.18
C ALA D 139 13.04 41.49 -13.62
N VAL D 140 13.81 40.41 -13.74
CA VAL D 140 13.31 39.12 -13.32
C VAL D 140 13.36 38.98 -11.81
N LEU D 141 14.22 39.74 -11.14
CA LEU D 141 14.27 39.69 -9.68
C LEU D 141 13.09 40.46 -9.08
N ASP D 142 12.58 41.46 -9.79
CA ASP D 142 11.40 42.16 -9.32
C ASP D 142 10.16 41.27 -9.42
N SER D 143 10.05 40.53 -10.52
CA SER D 143 8.94 39.59 -10.65
C SER D 143 9.18 38.32 -9.85
N ALA D 144 10.41 38.10 -9.39
CA ALA D 144 10.69 36.97 -8.52
C ALA D 144 9.98 37.12 -7.18
N ALA D 145 10.09 38.29 -6.55
CA ALA D 145 9.38 38.53 -5.30
C ALA D 145 7.90 38.75 -5.56
N GLU D 146 7.56 39.35 -6.70
CA GLU D 146 6.18 39.68 -7.00
C GLU D 146 5.34 38.45 -7.30
N LYS D 147 5.89 37.50 -8.05
CA LYS D 147 5.17 36.30 -8.41
C LYS D 147 5.59 35.09 -7.58
N LYS D 148 6.38 35.32 -6.53
CA LYS D 148 6.85 34.29 -5.59
C LYS D 148 7.63 33.18 -6.31
N TRP D 149 8.75 33.56 -6.88
CA TRP D 149 9.58 32.65 -7.65
C TRP D 149 10.80 32.19 -6.85
N GLN D 150 11.54 31.25 -7.43
CA GLN D 150 12.79 30.77 -6.84
C GLN D 150 13.87 30.82 -7.91
N VAL D 151 14.60 31.94 -7.96
CA VAL D 151 15.52 32.18 -9.05
C VAL D 151 16.94 31.86 -8.60
N THR D 152 17.69 31.16 -9.46
CA THR D 152 19.09 30.84 -9.23
C THR D 152 19.90 31.60 -10.27
N ALA D 153 20.38 32.78 -9.89
CA ALA D 153 21.12 33.62 -10.82
C ALA D 153 22.62 33.49 -10.59
N ILE D 154 23.35 33.17 -11.66
CA ILE D 154 24.79 33.01 -11.61
C ILE D 154 25.40 33.71 -12.81
N ASN D 155 26.28 34.68 -12.54
CA ASN D 155 27.02 35.35 -13.61
C ASN D 155 28.09 34.41 -14.14
N VAL D 156 28.02 34.14 -15.44
CA VAL D 156 28.88 33.13 -16.04
C VAL D 156 29.97 33.80 -16.88
N GLY D 157 29.79 35.08 -17.19
CA GLY D 157 30.71 35.78 -18.08
C GLY D 157 32.06 36.12 -17.48
N ASN D 158 32.19 36.03 -16.16
CA ASN D 158 33.43 36.43 -15.51
C ASN D 158 34.53 35.40 -15.67
N ILE D 159 34.18 34.15 -16.00
CA ILE D 159 35.18 33.11 -16.16
C ILE D 159 35.90 33.30 -17.48
N ASN D 160 37.23 33.16 -17.45
CA ASN D 160 38.06 33.39 -18.63
C ASN D 160 37.85 32.31 -19.69
N ASN D 161 38.30 32.60 -20.90
CA ASN D 161 38.17 31.65 -22.00
C ASN D 161 39.23 30.56 -21.96
N ASP D 162 40.19 30.65 -21.02
CA ASP D 162 41.25 29.65 -20.95
C ASP D 162 40.74 28.33 -20.40
N LYS D 163 39.94 28.38 -19.33
CA LYS D 163 39.42 27.17 -18.70
C LYS D 163 37.89 27.20 -18.62
N LYS D 164 37.22 27.60 -19.71
CA LYS D 164 35.77 27.61 -19.73
C LYS D 164 35.19 26.26 -20.16
N ASP D 165 35.75 25.18 -19.61
CA ASP D 165 35.16 23.87 -19.78
C ASP D 165 35.18 23.14 -18.44
N GLU D 166 36.16 23.47 -17.61
CA GLU D 166 36.31 22.82 -16.31
C GLU D 166 35.38 23.43 -15.28
N THR D 167 35.33 24.77 -15.23
CA THR D 167 34.44 25.43 -14.28
C THR D 167 32.98 25.26 -14.67
N TYR D 168 32.71 25.10 -15.96
CA TYR D 168 31.33 24.97 -16.40
C TYR D 168 30.79 23.58 -16.11
N ARG D 169 31.67 22.60 -15.95
CA ARG D 169 31.27 21.32 -15.37
C ARG D 169 30.73 21.52 -13.96
N SER D 170 31.49 22.23 -13.13
CA SER D 170 31.10 22.47 -11.74
C SER D 170 29.88 23.39 -11.66
N LEU D 171 29.63 24.18 -12.71
CA LEU D 171 28.47 25.05 -12.74
C LEU D 171 27.17 24.27 -12.74
N PHE D 172 27.04 23.30 -13.65
CA PHE D 172 25.82 22.50 -13.71
C PHE D 172 25.76 21.47 -12.60
N GLN D 173 26.92 21.07 -12.06
CA GLN D 173 26.94 20.25 -10.86
C GLN D 173 26.39 21.03 -9.68
N ASP D 174 26.65 22.35 -9.66
CA ASP D 174 26.00 23.20 -8.67
C ASP D 174 24.50 23.36 -8.98
N LEU D 175 24.12 23.26 -10.24
CA LEU D 175 22.71 23.27 -10.57
C LEU D 175 22.02 21.95 -10.25
N GLU D 176 22.80 20.87 -10.16
CA GLU D 176 22.26 19.61 -9.69
C GLU D 176 22.19 19.52 -8.18
N LEU D 177 22.66 20.54 -7.47
CA LEU D 177 22.42 20.61 -6.03
C LEU D 177 20.94 20.86 -5.74
N LYS D 178 20.24 21.50 -6.67
CA LYS D 178 18.78 21.63 -6.59
C LYS D 178 18.10 20.97 -7.78
N LYS D 179 18.87 20.41 -8.72
CA LYS D 179 18.38 19.63 -9.85
C LYS D 179 17.42 20.43 -10.74
N GLU D 180 17.89 21.55 -11.24
CA GLU D 180 17.04 22.44 -12.03
C GLU D 180 16.91 21.94 -13.46
N ARG D 181 15.71 22.09 -14.02
CA ARG D 181 15.42 21.72 -15.39
C ARG D 181 15.14 22.93 -16.27
N ARG D 182 15.21 24.13 -15.71
CA ARG D 182 14.65 25.32 -16.30
C ARG D 182 15.72 26.41 -16.33
N VAL D 183 16.49 26.48 -17.41
CA VAL D 183 17.62 27.40 -17.49
C VAL D 183 17.32 28.49 -18.49
N ILE D 184 17.44 29.74 -18.05
CA ILE D 184 17.25 30.90 -18.92
C ILE D 184 18.62 31.54 -19.14
N LEU D 185 19.20 31.31 -20.31
CA LEU D 185 20.50 31.87 -20.63
C LEU D 185 20.36 33.31 -21.11
N ASP D 186 21.30 34.15 -20.69
CA ASP D 186 21.36 35.52 -21.18
C ASP D 186 22.82 35.86 -21.46
N CYS D 187 23.28 35.53 -22.67
CA CYS D 187 24.66 35.72 -23.04
C CYS D 187 24.75 36.12 -24.51
N GLU D 188 25.95 36.49 -24.92
CA GLU D 188 26.25 36.66 -26.33
C GLU D 188 26.19 35.31 -27.03
N ARG D 189 25.88 35.33 -28.33
CA ARG D 189 25.64 34.10 -29.08
C ARG D 189 26.89 33.24 -29.19
N ASP D 190 28.07 33.85 -29.11
CA ASP D 190 29.30 33.07 -28.98
C ASP D 190 29.35 32.40 -27.62
N LYS D 191 29.03 33.14 -26.55
CA LYS D 191 28.99 32.56 -25.22
C LYS D 191 27.81 31.64 -25.02
N VAL D 192 26.72 31.87 -25.77
CA VAL D 192 25.58 30.94 -25.73
C VAL D 192 25.99 29.60 -26.32
N ASN D 193 26.69 29.63 -27.46
CA ASN D 193 27.13 28.39 -28.11
C ASN D 193 28.18 27.67 -27.28
N ASP D 194 28.92 28.40 -26.44
CA ASP D 194 29.83 27.77 -25.49
C ASP D 194 29.06 26.96 -24.46
N ILE D 195 27.99 27.55 -23.91
CA ILE D 195 27.21 26.89 -22.86
C ILE D 195 26.44 25.70 -23.43
N VAL D 196 25.96 25.82 -24.67
CA VAL D 196 25.31 24.71 -25.35
C VAL D 196 26.26 23.53 -25.49
N ASP D 197 27.52 23.80 -25.85
CA ASP D 197 28.50 22.73 -25.98
C ASP D 197 28.85 22.14 -24.62
N GLN D 198 28.70 22.92 -23.55
CA GLN D 198 28.84 22.34 -22.22
C GLN D 198 27.66 21.45 -21.87
N VAL D 199 26.45 21.84 -22.26
CA VAL D 199 25.27 21.00 -22.07
C VAL D 199 25.37 19.74 -22.91
N ILE D 200 25.90 19.85 -24.12
CA ILE D 200 26.17 18.71 -24.98
C ILE D 200 27.22 17.80 -24.35
N THR D 201 28.21 18.39 -23.68
CA THR D 201 29.26 17.61 -23.02
C THR D 201 28.70 16.80 -21.87
N ILE D 202 27.69 17.31 -21.17
CA ILE D 202 27.13 16.61 -20.02
C ILE D 202 25.76 16.02 -20.29
N GLY D 203 25.16 16.28 -21.44
CA GLY D 203 23.94 15.61 -21.81
C GLY D 203 22.68 16.12 -21.15
N LYS D 204 22.62 17.39 -20.77
CA LYS D 204 21.39 17.95 -20.25
C LYS D 204 20.48 18.48 -21.36
N HIS D 205 20.80 18.18 -22.61
CA HIS D 205 19.93 18.51 -23.73
C HIS D 205 18.87 17.43 -23.96
N VAL D 206 18.84 16.40 -23.11
CA VAL D 206 17.85 15.34 -23.20
C VAL D 206 16.51 15.83 -22.71
N LYS D 207 15.48 15.00 -22.89
CA LYS D 207 14.13 15.29 -22.42
C LYS D 207 14.10 15.46 -20.91
N GLY D 208 13.31 16.44 -20.46
CA GLY D 208 13.24 16.80 -19.06
C GLY D 208 13.70 18.21 -18.78
N TYR D 209 14.76 18.66 -19.44
CA TYR D 209 15.26 20.01 -19.29
C TYR D 209 14.55 20.95 -20.25
N HIS D 210 14.64 22.25 -19.97
CA HIS D 210 14.06 23.25 -20.84
C HIS D 210 14.96 24.48 -20.82
N TYR D 211 15.06 25.13 -21.98
CA TYR D 211 15.99 26.24 -22.14
C TYR D 211 15.30 27.40 -22.82
N ILE D 212 15.70 28.61 -22.44
CA ILE D 212 15.21 29.85 -23.04
C ILE D 212 16.41 30.72 -23.37
N ILE D 213 16.56 31.07 -24.64
CA ILE D 213 17.69 31.87 -25.08
C ILE D 213 17.23 33.32 -25.17
N ALA D 214 17.78 34.18 -24.33
CA ALA D 214 17.29 35.55 -24.19
C ALA D 214 18.11 36.48 -25.09
N ASN D 215 17.85 36.38 -26.39
CA ASN D 215 18.34 37.35 -27.35
C ASN D 215 17.40 37.38 -28.54
N LEU D 216 17.62 38.33 -29.44
CA LEU D 216 16.82 38.39 -30.65
C LEU D 216 17.37 37.48 -31.74
N GLY D 217 18.60 37.00 -31.58
CA GLY D 217 19.20 36.10 -32.55
C GLY D 217 19.04 34.63 -32.19
N PHE D 218 17.79 34.20 -31.99
CA PHE D 218 17.55 32.79 -31.71
C PHE D 218 17.85 31.91 -32.92
N THR D 219 17.58 32.42 -34.12
CA THR D 219 17.94 31.67 -35.32
C THR D 219 19.43 31.74 -35.61
N ASP D 220 20.14 32.69 -35.00
CA ASP D 220 21.58 32.80 -35.24
C ASP D 220 22.36 31.71 -34.52
N GLY D 221 21.83 31.22 -33.39
CA GLY D 221 22.50 30.17 -32.66
C GLY D 221 22.35 28.81 -33.32
N ASP D 222 23.27 27.91 -32.98
CA ASP D 222 23.27 26.56 -33.53
C ASP D 222 22.16 25.75 -32.87
N LEU D 223 21.07 25.56 -33.62
CA LEU D 223 19.98 24.72 -33.14
C LEU D 223 20.08 23.30 -33.68
N LEU D 224 20.77 23.08 -34.80
CA LEU D 224 20.83 21.75 -35.41
C LEU D 224 21.60 20.76 -34.54
N LYS D 225 22.53 21.27 -33.73
CA LYS D 225 23.33 20.39 -32.89
C LYS D 225 22.54 19.93 -31.66
N ILE D 226 21.45 20.61 -31.34
CA ILE D 226 20.62 20.28 -30.19
C ILE D 226 19.16 20.18 -30.58
N GLN D 227 18.88 19.99 -31.86
CA GLN D 227 17.50 19.88 -32.32
C GLN D 227 16.85 18.58 -31.86
N PHE D 228 17.62 17.49 -31.83
CA PHE D 228 17.06 16.18 -31.54
C PHE D 228 17.61 15.58 -30.25
N GLY D 229 18.15 16.41 -29.36
CA GLY D 229 18.63 15.90 -28.10
C GLY D 229 17.53 15.51 -27.12
N GLY D 230 16.46 16.29 -27.04
CA GLY D 230 15.35 15.99 -26.17
C GLY D 230 14.80 17.17 -25.40
N ALA D 231 15.64 18.12 -25.01
CA ALA D 231 15.15 19.29 -24.28
C ALA D 231 14.47 20.26 -25.24
N GLU D 232 13.55 21.04 -24.70
CA GLU D 232 12.84 22.03 -25.50
C GLU D 232 13.42 23.42 -25.29
N VAL D 233 13.81 24.05 -26.38
CA VAL D 233 14.51 25.33 -26.34
C VAL D 233 13.59 26.40 -26.91
N SER D 234 13.40 27.47 -26.15
CA SER D 234 12.57 28.59 -26.57
C SER D 234 13.47 29.80 -26.82
N GLY D 235 12.94 30.76 -27.56
CA GLY D 235 13.71 31.95 -27.87
C GLY D 235 12.89 32.98 -28.61
N PHE D 236 13.57 33.99 -29.11
CA PHE D 236 12.92 35.12 -29.78
C PHE D 236 13.70 35.48 -31.03
N GLN D 237 12.98 35.62 -32.14
CA GLN D 237 13.57 36.12 -33.38
C GLN D 237 12.79 37.36 -33.80
N ILE D 238 13.46 38.51 -33.78
CA ILE D 238 12.78 39.78 -34.04
C ILE D 238 12.53 39.96 -35.53
N VAL D 239 13.31 39.30 -36.38
CA VAL D 239 13.21 39.47 -37.82
C VAL D 239 12.62 38.19 -38.39
N ASP D 240 11.34 38.25 -38.77
CA ASP D 240 10.69 37.10 -39.38
C ASP D 240 11.19 36.90 -40.81
N TYR D 241 11.83 35.75 -41.04
CA TYR D 241 12.39 35.44 -42.35
C TYR D 241 11.33 35.11 -43.39
N ASP D 242 10.10 34.80 -42.97
CA ASP D 242 9.06 34.47 -43.93
C ASP D 242 8.47 35.72 -44.57
N ASP D 243 8.77 36.89 -44.04
CA ASP D 243 8.28 38.14 -44.64
C ASP D 243 8.99 38.41 -45.95
N SER D 244 8.20 38.77 -46.97
CA SER D 244 8.75 39.01 -48.30
C SER D 244 9.62 40.27 -48.34
N LEU D 245 9.33 41.23 -47.46
CA LEU D 245 10.23 42.37 -47.28
C LEU D 245 11.59 41.91 -46.76
N VAL D 246 11.58 40.92 -45.88
CA VAL D 246 12.82 40.33 -45.40
C VAL D 246 13.40 39.39 -46.44
N SER D 247 12.55 38.59 -47.09
CA SER D 247 13.03 37.51 -47.96
C SER D 247 13.67 38.04 -49.23
N LYS D 248 13.14 39.14 -49.79
CA LYS D 248 13.79 39.78 -50.93
C LYS D 248 15.14 40.37 -50.55
N PHE D 249 15.27 40.81 -49.30
CA PHE D 249 16.58 41.24 -48.81
C PHE D 249 17.52 40.05 -48.63
N ILE D 250 16.98 38.91 -48.15
CA ILE D 250 17.78 37.71 -47.98
C ILE D 250 18.26 37.18 -49.32
N GLU D 251 17.41 37.25 -50.34
CA GLU D 251 17.82 36.88 -51.69
C GLU D 251 18.88 37.84 -52.23
N ARG D 252 18.86 39.10 -51.78
CA ARG D 252 19.94 40.02 -52.11
C ARG D 252 21.13 39.83 -51.16
N TRP D 253 20.89 39.25 -49.98
CA TRP D 253 21.95 39.11 -48.98
C TRP D 253 22.98 38.05 -49.39
N SER D 254 22.51 36.83 -49.67
CA SER D 254 23.42 35.71 -49.90
C SER D 254 24.17 35.83 -51.21
N THR D 255 23.62 36.55 -52.19
CA THR D 255 24.26 36.66 -53.50
C THR D 255 25.47 37.59 -53.48
N LEU D 256 25.63 38.37 -52.43
CA LEU D 256 26.77 39.28 -52.35
C LEU D 256 28.06 38.52 -52.07
N GLU D 257 29.17 39.11 -52.50
CA GLU D 257 30.46 38.45 -52.37
C GLU D 257 30.99 38.57 -50.95
N GLU D 258 31.56 37.47 -50.45
CA GLU D 258 32.20 37.48 -49.13
C GLU D 258 33.46 38.32 -49.13
N LYS D 259 34.19 38.33 -50.25
CA LYS D 259 35.41 39.14 -50.35
C LYS D 259 35.09 40.62 -50.31
N GLU D 260 33.96 41.02 -50.88
CA GLU D 260 33.52 42.40 -50.78
C GLU D 260 32.74 42.68 -49.50
N TYR D 261 31.73 41.89 -49.20
CA TYR D 261 30.92 42.03 -47.99
C TYR D 261 31.09 40.77 -47.17
N PRO D 262 31.99 40.78 -46.18
CA PRO D 262 32.13 39.60 -45.31
C PRO D 262 30.91 39.40 -44.43
N GLY D 263 30.48 38.16 -44.32
CA GLY D 263 29.27 37.82 -43.60
C GLY D 263 28.00 37.91 -44.42
N ALA D 264 28.08 38.37 -45.67
CA ALA D 264 26.88 38.53 -46.48
C ALA D 264 26.45 37.25 -47.16
N HIS D 265 27.38 36.45 -47.68
CA HIS D 265 27.04 35.22 -48.38
C HIS D 265 26.65 34.15 -47.36
N THR D 266 25.46 34.33 -46.78
CA THR D 266 24.93 33.48 -45.72
C THR D 266 23.45 33.27 -45.96
N ALA D 267 22.93 32.17 -45.42
CA ALA D 267 21.50 31.91 -45.53
C ALA D 267 20.68 32.85 -44.66
N THR D 268 21.15 33.16 -43.45
CA THR D 268 20.46 34.05 -42.54
C THR D 268 21.33 35.27 -42.27
N ILE D 269 20.88 36.08 -41.32
CA ILE D 269 21.57 37.32 -40.96
C ILE D 269 21.42 37.51 -39.46
N LYS D 270 22.42 38.14 -38.85
CA LYS D 270 22.30 38.56 -37.47
C LYS D 270 21.29 39.71 -37.36
N TYR D 271 20.62 39.79 -36.22
CA TYR D 271 19.67 40.88 -36.00
C TYR D 271 20.40 42.20 -35.82
N THR D 272 21.62 42.16 -35.30
CA THR D 272 22.44 43.36 -35.19
C THR D 272 22.80 43.90 -36.57
N SER D 273 23.01 43.01 -37.53
CA SER D 273 23.20 43.44 -38.91
C SER D 273 21.88 43.92 -39.51
N ALA D 274 20.77 43.33 -39.10
CA ALA D 274 19.48 43.70 -39.66
C ALA D 274 19.02 45.05 -39.16
N LEU D 275 19.19 45.32 -37.86
CA LEU D 275 18.86 46.63 -37.32
C LEU D 275 19.82 47.70 -37.82
N THR D 276 21.06 47.31 -38.15
CA THR D 276 21.99 48.22 -38.80
C THR D 276 21.48 48.61 -40.18
N TYR D 277 20.98 47.64 -40.94
CA TYR D 277 20.33 47.93 -42.21
C TYR D 277 19.04 48.71 -42.00
N ASP D 278 18.34 48.45 -40.89
CA ASP D 278 17.13 49.20 -40.59
C ASP D 278 17.45 50.61 -40.12
N ALA D 279 18.65 50.82 -39.57
CA ALA D 279 19.04 52.15 -39.11
C ALA D 279 19.29 53.09 -40.29
N VAL D 280 19.76 52.55 -41.41
CA VAL D 280 20.01 53.37 -42.59
C VAL D 280 18.68 53.84 -43.19
N GLN D 281 17.63 53.03 -43.04
CA GLN D 281 16.28 53.43 -43.43
C GLN D 281 15.80 54.63 -42.63
N VAL D 282 16.10 54.65 -41.33
CA VAL D 282 15.65 55.73 -40.46
C VAL D 282 16.42 57.01 -40.79
N MET D 283 17.72 56.91 -41.00
CA MET D 283 18.54 58.07 -41.28
C MET D 283 18.24 58.65 -42.65
N THR D 284 17.88 57.79 -43.61
CA THR D 284 17.43 58.28 -44.91
C THR D 284 16.08 58.97 -44.79
N GLU D 285 15.15 58.36 -44.05
CA GLU D 285 13.84 58.95 -43.83
C GLU D 285 13.93 60.26 -43.03
N ALA D 286 14.94 60.39 -42.18
CA ALA D 286 15.12 61.62 -41.42
C ALA D 286 15.48 62.79 -42.33
N PHE D 287 16.54 62.66 -43.12
CA PHE D 287 16.97 63.77 -43.95
C PHE D 287 16.10 63.96 -45.19
N ARG D 288 15.31 62.94 -45.56
CA ARG D 288 14.24 63.19 -46.52
C ARG D 288 13.15 64.06 -45.91
N ASN D 289 12.90 63.90 -44.61
CA ASN D 289 11.93 64.74 -43.94
C ASN D 289 12.48 66.15 -43.71
N LEU D 290 13.76 66.27 -43.38
CA LEU D 290 14.39 67.59 -43.30
C LEU D 290 14.46 68.25 -44.67
N ARG D 291 14.51 67.46 -45.74
CA ARG D 291 14.37 68.03 -47.07
C ARG D 291 12.93 68.44 -47.33
N LYS D 292 11.96 67.69 -46.81
CA LYS D 292 10.56 68.06 -46.97
C LYS D 292 10.17 69.21 -46.05
N GLN D 293 10.76 69.26 -44.86
CA GLN D 293 10.52 70.39 -43.96
C GLN D 293 11.33 71.61 -44.36
N ARG D 294 12.38 71.41 -45.17
CA ARG D 294 13.30 72.45 -45.64
C ARG D 294 13.92 73.22 -44.48
N ILE D 295 14.34 72.49 -43.46
CA ILE D 295 15.00 73.08 -42.29
C ILE D 295 16.50 72.85 -42.47
N GLU D 296 17.22 73.94 -42.71
CA GLU D 296 18.65 73.84 -43.00
C GLU D 296 19.45 73.63 -41.73
N ILE D 297 20.32 72.62 -41.74
CA ILE D 297 21.22 72.33 -40.63
C ILE D 297 22.67 72.33 -41.10
N SER D 298 22.90 72.72 -42.36
CA SER D 298 24.19 72.50 -43.01
C SER D 298 25.25 73.44 -42.47
N ARG D 299 25.83 73.06 -41.33
CA ARG D 299 26.88 73.87 -40.72
C ARG D 299 28.24 73.29 -41.06
N ARG D 300 29.27 74.10 -40.80
CA ARG D 300 30.65 73.64 -40.86
C ARG D 300 31.01 72.97 -39.53
N GLY D 301 32.30 72.74 -39.30
CA GLY D 301 32.73 72.26 -38.01
C GLY D 301 32.64 73.27 -36.87
N ASN D 302 31.43 73.77 -36.60
CA ASN D 302 31.20 74.71 -35.50
C ASN D 302 31.10 73.97 -34.17
N ALA D 303 30.89 72.65 -34.26
CA ALA D 303 31.04 71.80 -33.07
C ALA D 303 32.46 71.82 -32.57
N GLY D 304 33.42 71.44 -33.40
CA GLY D 304 34.84 71.67 -33.14
C GLY D 304 35.38 70.86 -31.99
N ASP D 305 35.87 71.57 -30.97
CA ASP D 305 36.45 70.93 -29.81
C ASP D 305 35.37 70.38 -28.91
N CYS D 306 35.55 69.12 -28.49
CA CYS D 306 34.72 68.54 -27.46
C CYS D 306 35.14 68.99 -26.06
N LEU D 307 36.31 69.60 -25.92
CA LEU D 307 36.78 70.14 -24.65
C LEU D 307 36.41 71.60 -24.44
N ALA D 308 35.37 72.08 -25.14
CA ALA D 308 34.96 73.46 -24.99
C ALA D 308 34.31 73.68 -23.64
N ASN D 309 34.76 74.72 -22.95
CA ASN D 309 34.32 75.01 -21.58
C ASN D 309 33.78 76.43 -21.51
N PRO D 310 32.46 76.64 -21.48
CA PRO D 310 31.41 75.62 -21.65
C PRO D 310 31.15 75.29 -23.12
N ALA D 311 30.83 74.03 -23.39
CA ALA D 311 30.49 73.60 -24.74
C ALA D 311 29.08 74.07 -25.07
N VAL D 312 28.96 74.83 -26.14
CA VAL D 312 27.67 75.44 -26.50
C VAL D 312 26.85 74.45 -27.32
N PRO D 313 25.56 74.31 -27.04
CA PRO D 313 24.71 73.48 -27.91
C PRO D 313 24.36 74.23 -29.19
N TRP D 314 23.90 73.48 -30.19
CA TRP D 314 23.38 74.07 -31.40
C TRP D 314 22.02 73.45 -31.72
N GLY D 315 20.98 74.28 -31.66
CA GLY D 315 19.59 73.84 -31.66
C GLY D 315 19.11 73.18 -32.93
N GLN D 316 19.84 73.35 -34.04
CA GLN D 316 19.55 72.59 -35.24
C GLN D 316 19.80 71.10 -35.02
N GLY D 317 20.76 70.77 -34.16
CA GLY D 317 20.98 69.38 -33.80
C GLY D 317 19.91 68.84 -32.87
N VAL D 318 19.28 69.73 -32.10
CA VAL D 318 18.15 69.33 -31.26
C VAL D 318 16.95 68.99 -32.14
N GLU D 319 16.79 69.73 -33.24
CA GLU D 319 15.69 69.47 -34.17
C GLU D 319 15.89 68.16 -34.92
N ILE D 320 17.15 67.73 -35.07
CA ILE D 320 17.45 66.42 -35.66
C ILE D 320 16.84 65.30 -34.80
N GLU D 321 17.02 65.37 -33.48
CA GLU D 321 16.43 64.39 -32.57
C GLU D 321 14.91 64.45 -32.61
N ARG D 322 14.35 65.65 -32.79
CA ARG D 322 12.91 65.80 -32.88
C ARG D 322 12.35 65.16 -34.13
N ALA D 323 13.11 65.16 -35.22
CA ALA D 323 12.66 64.53 -36.45
C ALA D 323 12.87 63.02 -36.43
N LEU D 324 13.85 62.53 -35.67
CA LEU D 324 14.11 61.09 -35.59
C LEU D 324 12.97 60.37 -34.86
N LYS D 325 12.46 60.95 -33.79
CA LYS D 325 11.41 60.32 -33.02
C LYS D 325 10.06 60.37 -33.74
N GLN D 326 9.91 61.25 -34.73
CA GLN D 326 8.71 61.32 -35.55
C GLN D 326 8.71 60.30 -36.68
N VAL D 327 9.80 59.57 -36.88
CA VAL D 327 9.87 58.60 -37.97
C VAL D 327 9.03 57.39 -37.63
N GLN D 328 7.99 57.15 -38.43
CA GLN D 328 7.12 55.99 -38.26
C GLN D 328 7.17 55.19 -39.56
N VAL D 329 8.12 54.26 -39.64
CA VAL D 329 8.32 53.44 -40.82
C VAL D 329 8.34 51.98 -40.42
N GLU D 330 8.19 51.11 -41.42
CA GLU D 330 8.37 49.68 -41.19
C GLU D 330 9.85 49.34 -41.31
N GLY D 331 10.19 48.10 -40.96
CA GLY D 331 11.55 47.63 -41.09
C GLY D 331 11.60 46.14 -41.25
N LEU D 332 12.82 45.59 -41.15
CA LEU D 332 12.98 44.14 -41.13
C LEU D 332 12.43 43.56 -39.83
N SER D 333 12.48 44.33 -38.74
CA SER D 333 11.94 43.92 -37.47
C SER D 333 10.51 44.40 -37.26
N GLY D 334 9.80 44.72 -38.34
CA GLY D 334 8.43 45.17 -38.23
C GLY D 334 8.29 46.68 -38.16
N ASN D 335 7.24 47.12 -37.48
CA ASN D 335 6.97 48.56 -37.38
C ASN D 335 7.93 49.21 -36.41
N ILE D 336 8.47 50.35 -36.83
CA ILE D 336 9.41 51.11 -36.02
C ILE D 336 8.72 52.40 -35.60
N LYS D 337 8.30 52.45 -34.33
CA LYS D 337 7.66 53.64 -33.78
C LYS D 337 8.41 54.02 -32.51
N PHE D 338 8.52 55.32 -32.27
CA PHE D 338 9.37 55.82 -31.20
C PHE D 338 8.55 56.60 -30.18
N ASP D 339 9.05 56.56 -28.93
CA ASP D 339 8.54 57.38 -27.85
C ASP D 339 9.22 58.74 -27.86
N GLN D 340 9.10 59.46 -26.74
CA GLN D 340 9.81 60.72 -26.58
C GLN D 340 11.28 60.50 -26.18
N ASN D 341 11.72 59.26 -26.06
CA ASN D 341 13.13 58.96 -25.84
C ASN D 341 13.78 58.29 -27.03
N GLY D 342 13.05 58.10 -28.12
CA GLY D 342 13.57 57.41 -29.28
C GLY D 342 13.61 55.90 -29.14
N LYS D 343 13.02 55.35 -28.09
CA LYS D 343 13.00 53.91 -27.90
C LYS D 343 11.84 53.31 -28.65
N ARG D 344 11.97 52.05 -29.04
CA ARG D 344 10.97 51.46 -29.92
C ARG D 344 9.69 51.12 -29.18
N ILE D 345 8.56 51.47 -29.80
CA ILE D 345 7.24 51.08 -29.33
C ILE D 345 6.48 50.49 -30.50
N ASN D 346 5.40 49.78 -30.17
CA ASN D 346 4.48 49.11 -31.11
C ASN D 346 5.22 48.13 -32.01
N TYR D 347 6.23 47.45 -31.46
CA TYR D 347 6.94 46.42 -32.19
C TYR D 347 6.35 45.05 -31.88
N THR D 348 6.92 44.03 -32.52
CA THR D 348 6.40 42.66 -32.43
C THR D 348 7.56 41.70 -32.27
N ILE D 349 7.62 41.03 -31.11
CA ILE D 349 8.63 40.01 -30.85
C ILE D 349 8.03 38.64 -31.11
N ASN D 350 8.62 37.90 -32.02
CA ASN D 350 8.12 36.57 -32.38
C ASN D 350 8.68 35.55 -31.40
N ILE D 351 7.78 34.92 -30.64
CA ILE D 351 8.18 33.83 -29.76
C ILE D 351 8.50 32.61 -30.62
N MET D 352 9.75 32.17 -30.55
CA MET D 352 10.21 31.04 -31.34
C MET D 352 10.52 29.87 -30.43
N GLU D 353 10.25 28.67 -30.90
CA GLU D 353 10.54 27.46 -30.15
C GLU D 353 11.22 26.44 -31.06
N LEU D 354 12.28 25.83 -30.55
CA LEU D 354 12.86 24.66 -31.19
C LEU D 354 11.90 23.49 -31.06
N LYS D 355 11.60 22.86 -32.20
CA LYS D 355 10.77 21.67 -32.23
C LYS D 355 11.51 20.59 -33.01
N THR D 356 10.78 19.52 -33.35
CA THR D 356 11.38 18.43 -34.12
C THR D 356 11.73 18.89 -35.53
N ASN D 357 10.87 19.70 -36.13
CA ASN D 357 11.18 20.28 -37.44
C ASN D 357 12.19 21.42 -37.36
N GLY D 358 12.51 21.90 -36.15
CA GLY D 358 13.46 22.98 -35.99
C GLY D 358 12.85 24.14 -35.25
N PRO D 359 13.35 25.36 -35.53
CA PRO D 359 12.73 26.54 -34.94
C PRO D 359 11.37 26.80 -35.56
N ARG D 360 10.43 27.24 -34.71
CA ARG D 360 9.07 27.43 -35.15
C ARG D 360 8.37 28.42 -34.25
N LYS D 361 7.65 29.36 -34.87
CA LYS D 361 6.86 30.32 -34.12
C LYS D 361 5.63 29.65 -33.52
N ILE D 362 5.39 29.93 -32.24
CA ILE D 362 4.12 29.57 -31.61
C ILE D 362 3.26 30.79 -31.36
N GLY D 363 3.80 31.97 -31.53
CA GLY D 363 3.07 33.19 -31.23
C GLY D 363 4.00 34.38 -31.28
N TYR D 364 3.42 35.56 -31.13
CA TYR D 364 4.16 36.80 -31.17
C TYR D 364 3.86 37.64 -29.95
N TRP D 365 4.76 38.55 -29.61
CA TRP D 365 4.61 39.40 -28.45
C TRP D 365 4.24 40.81 -28.89
N SER D 366 3.42 41.47 -28.08
CA SER D 366 3.06 42.86 -28.32
C SER D 366 3.21 43.63 -27.02
N GLU D 367 3.38 44.95 -27.14
CA GLU D 367 3.54 45.77 -25.94
C GLU D 367 2.23 45.99 -25.22
N VAL D 368 1.10 45.79 -25.91
CA VAL D 368 -0.21 46.05 -25.33
C VAL D 368 -1.01 44.77 -25.17
N ASP D 369 -0.81 43.80 -26.05
CA ASP D 369 -1.64 42.61 -26.12
C ASP D 369 -0.89 41.35 -25.69
N LYS D 370 -0.18 41.41 -24.57
CA LYS D 370 1.21 40.98 -24.36
C LYS D 370 1.56 39.74 -25.19
N MET D 371 0.98 38.59 -24.90
CA MET D 371 1.30 37.41 -25.70
C MET D 371 0.09 36.97 -26.50
N VAL D 372 0.26 36.88 -27.82
CA VAL D 372 -0.77 36.39 -28.72
C VAL D 372 -0.22 35.14 -29.38
N LEU D 373 -0.82 34.00 -29.10
CA LEU D 373 -0.37 32.75 -29.70
C LEU D 373 -0.93 32.59 -31.11
N THR D 374 -0.14 31.97 -31.97
CA THR D 374 -0.61 31.61 -33.30
C THR D 374 -1.18 30.19 -33.26
N GLU D 375 -2.05 29.88 -34.23
CA GLU D 375 -2.67 28.57 -34.28
C GLU D 375 -1.85 27.54 -35.06
N ASP D 376 -0.53 27.75 -35.17
CA ASP D 376 0.35 26.71 -35.67
C ASP D 376 0.34 25.48 -34.75
N ASP D 377 0.27 25.71 -33.44
CA ASP D 377 0.09 24.61 -32.51
C ASP D 377 -1.32 24.07 -32.61
N THR D 378 -1.46 22.85 -33.14
CA THR D 378 -2.76 22.27 -33.38
C THR D 378 -3.23 21.54 -32.13
N SER D 379 -2.52 20.50 -31.70
CA SER D 379 -2.92 19.69 -30.55
C SER D 379 -1.74 18.81 -30.15
N GLY D 380 -1.85 18.23 -28.96
CA GLY D 380 -0.87 17.30 -28.46
C GLY D 380 -1.23 15.86 -28.78
N LEU D 381 -0.60 14.94 -28.05
CA LEU D 381 -0.87 13.51 -28.20
C LEU D 381 -2.05 13.15 -27.31
N GLU D 382 -3.25 13.41 -27.84
CA GLU D 382 -4.47 13.13 -27.10
C GLU D 382 -4.73 11.64 -27.05
N GLN D 383 -5.54 11.24 -26.07
CA GLN D 383 -6.10 9.89 -26.04
C GLN D 383 -7.43 9.81 -26.77
N LYS D 384 -7.81 10.90 -27.45
CA LYS D 384 -9.05 11.03 -28.23
C LYS D 384 -10.31 10.85 -27.37
N THR D 385 -10.16 11.10 -26.06
CA THR D 385 -11.17 11.08 -24.98
C THR D 385 -12.20 9.95 -25.12
N VAL D 386 -11.70 8.71 -25.01
CA VAL D 386 -12.39 7.45 -25.29
C VAL D 386 -13.77 7.35 -24.62
N VAL D 387 -14.79 7.20 -25.47
CA VAL D 387 -16.17 7.28 -25.01
C VAL D 387 -16.54 6.03 -24.25
N VAL D 388 -16.88 6.19 -22.97
CA VAL D 388 -17.26 5.10 -22.11
C VAL D 388 -18.76 5.21 -21.88
N THR D 389 -19.54 4.36 -22.53
CA THR D 389 -20.97 4.37 -22.30
C THR D 389 -21.31 3.50 -21.09
N THR D 390 -22.43 3.83 -20.45
CA THR D 390 -22.95 3.10 -19.30
C THR D 390 -24.38 3.50 -19.05
N ILE D 391 -25.00 2.82 -18.10
CA ILE D 391 -26.37 3.09 -17.68
C ILE D 391 -26.34 3.46 -16.19
N LEU D 392 -27.21 4.38 -15.80
CA LEU D 392 -27.30 4.84 -14.41
C LEU D 392 -27.92 3.74 -13.57
N GLU D 393 -27.07 2.97 -12.87
CA GLU D 393 -27.53 1.86 -12.04
C GLU D 393 -26.80 1.86 -10.72
N SER D 394 -27.56 1.65 -9.64
CA SER D 394 -26.97 1.53 -8.32
C SER D 394 -26.51 0.10 -8.07
N PRO D 395 -25.35 -0.10 -7.45
CA PRO D 395 -24.36 0.92 -7.08
C PRO D 395 -23.27 1.05 -8.12
N TYR D 396 -23.61 0.79 -9.38
CA TYR D 396 -22.58 0.68 -10.40
C TYR D 396 -22.25 2.04 -11.00
N VAL D 397 -23.26 2.75 -11.49
CA VAL D 397 -23.11 4.12 -11.96
C VAL D 397 -24.25 4.95 -11.40
N MET D 398 -23.91 5.94 -10.58
CA MET D 398 -24.90 6.82 -9.99
C MET D 398 -24.43 8.26 -10.17
N MET D 399 -25.38 9.17 -10.21
CA MET D 399 -25.04 10.58 -10.25
C MET D 399 -24.64 11.05 -8.86
N LYS D 400 -23.84 12.11 -8.81
CA LYS D 400 -23.51 12.73 -7.55
C LYS D 400 -24.74 13.47 -7.00
N LYS D 401 -24.74 13.71 -5.69
CA LYS D 401 -25.78 14.55 -5.10
C LYS D 401 -25.59 16.01 -5.48
N ASN D 402 -24.37 16.39 -5.84
CA ASN D 402 -24.04 17.70 -6.37
C ASN D 402 -23.60 17.60 -7.84
N HIS D 403 -24.33 16.79 -8.61
CA HIS D 403 -23.96 16.54 -10.00
C HIS D 403 -24.16 17.78 -10.87
N GLU D 404 -25.08 18.67 -10.49
CA GLU D 404 -25.18 19.95 -11.16
C GLU D 404 -24.02 20.86 -10.77
N MET D 405 -23.54 20.75 -9.52
CA MET D 405 -22.37 21.49 -9.10
C MET D 405 -21.10 20.97 -9.76
N LEU D 406 -21.04 19.68 -10.05
CA LEU D 406 -19.86 19.09 -10.67
C LEU D 406 -20.01 19.05 -12.18
N GLU D 407 -18.89 18.76 -12.87
CA GLU D 407 -18.86 18.74 -14.32
C GLU D 407 -18.00 17.58 -14.80
N GLY D 408 -18.07 17.35 -16.11
CA GLY D 408 -17.25 16.32 -16.72
C GLY D 408 -17.71 14.92 -16.35
N ASN D 409 -16.73 14.04 -16.18
CA ASN D 409 -17.01 12.68 -15.72
C ASN D 409 -17.16 12.63 -14.21
N GLU D 410 -16.92 13.74 -13.51
CA GLU D 410 -16.99 13.77 -12.06
C GLU D 410 -18.42 13.94 -11.55
N ARG D 411 -19.39 14.07 -12.45
CA ARG D 411 -20.79 14.10 -12.06
C ARG D 411 -21.28 12.70 -11.65
N TYR D 412 -20.49 11.68 -11.96
CA TYR D 412 -20.88 10.29 -11.76
C TYR D 412 -20.24 9.73 -10.49
N GLU D 413 -20.77 8.60 -10.04
CA GLU D 413 -20.19 7.83 -8.95
C GLU D 413 -20.69 6.40 -9.07
N GLY D 414 -20.03 5.49 -8.40
CA GLY D 414 -20.51 4.13 -8.36
C GLY D 414 -19.38 3.13 -8.55
N TYR D 415 -19.79 1.86 -8.66
CA TYR D 415 -18.84 0.77 -8.78
C TYR D 415 -18.11 0.80 -10.12
N CYS D 416 -18.86 0.92 -11.22
CA CYS D 416 -18.24 0.93 -12.53
C CYS D 416 -17.55 2.25 -12.83
N VAL D 417 -17.89 3.31 -12.08
CA VAL D 417 -17.22 4.60 -12.25
C VAL D 417 -15.80 4.51 -11.72
N ASP D 418 -15.63 3.95 -10.50
CA ASP D 418 -14.28 3.73 -9.98
C ASP D 418 -13.57 2.65 -10.77
N LEU D 419 -14.32 1.70 -11.33
CA LEU D 419 -13.73 0.68 -12.20
C LEU D 419 -13.21 1.31 -13.50
N ALA D 420 -13.95 2.29 -14.03
CA ALA D 420 -13.49 2.99 -15.23
C ALA D 420 -12.22 3.78 -14.97
N ALA D 421 -12.04 4.26 -13.74
CA ALA D 421 -10.76 4.85 -13.36
C ALA D 421 -9.67 3.80 -13.33
N GLU D 422 -9.98 2.59 -12.85
CA GLU D 422 -8.99 1.54 -12.73
C GLU D 422 -8.53 1.02 -14.09
N ILE D 423 -9.40 1.08 -15.09
CA ILE D 423 -8.97 0.73 -16.44
C ILE D 423 -8.06 1.82 -17.00
N ALA D 424 -8.38 3.09 -16.70
CA ALA D 424 -7.51 4.18 -17.08
C ALA D 424 -6.20 4.18 -16.29
N LYS D 425 -6.21 3.59 -15.09
CA LYS D 425 -4.97 3.32 -14.39
C LYS D 425 -4.14 2.26 -15.11
N HIS D 426 -4.80 1.23 -15.62
CA HIS D 426 -4.08 0.13 -16.26
C HIS D 426 -3.75 0.44 -17.70
N CYS D 427 -4.72 0.91 -18.48
CA CYS D 427 -4.50 1.10 -19.91
C CYS D 427 -3.99 2.49 -20.26
N GLY D 428 -4.12 3.46 -19.38
CA GLY D 428 -3.55 4.78 -19.60
C GLY D 428 -4.25 5.58 -20.68
N PHE D 429 -5.48 6.02 -20.42
CA PHE D 429 -6.24 6.74 -21.44
C PHE D 429 -7.20 7.70 -20.76
N LYS D 430 -7.51 8.79 -21.46
CA LYS D 430 -8.60 9.65 -21.04
C LYS D 430 -9.93 9.03 -21.44
N TYR D 431 -10.92 9.18 -20.56
CA TYR D 431 -12.20 8.53 -20.76
C TYR D 431 -13.30 9.57 -20.72
N LYS D 432 -14.42 9.23 -21.35
CA LYS D 432 -15.60 10.10 -21.38
C LYS D 432 -16.81 9.27 -20.99
N LEU D 433 -17.29 9.46 -19.77
CA LEU D 433 -18.46 8.73 -19.30
C LEU D 433 -19.72 9.31 -19.93
N THR D 434 -20.42 8.47 -20.70
CA THR D 434 -21.64 8.89 -21.40
C THR D 434 -22.78 7.98 -20.97
N ILE D 435 -23.99 8.53 -20.95
CA ILE D 435 -25.17 7.77 -20.60
C ILE D 435 -25.95 7.45 -21.86
N VAL D 436 -26.36 6.19 -22.00
CA VAL D 436 -27.19 5.78 -23.12
C VAL D 436 -28.55 6.44 -23.03
N GLY D 437 -29.12 6.79 -24.18
CA GLY D 437 -30.36 7.56 -24.19
C GLY D 437 -31.59 6.77 -23.80
N ASP D 438 -31.80 5.62 -24.44
CA ASP D 438 -33.02 4.86 -24.22
C ASP D 438 -33.04 4.10 -22.90
N GLY D 439 -31.92 4.04 -22.20
CA GLY D 439 -31.84 3.28 -20.96
C GLY D 439 -31.91 1.79 -21.13
N LYS D 440 -31.59 1.26 -22.32
CA LYS D 440 -31.66 -0.16 -22.55
C LYS D 440 -30.27 -0.78 -22.42
N TYR D 441 -30.24 -2.07 -22.10
CA TYR D 441 -28.98 -2.79 -22.09
C TYR D 441 -28.59 -3.22 -23.49
N GLY D 442 -29.53 -3.19 -24.43
CA GLY D 442 -29.23 -3.50 -25.81
C GLY D 442 -29.92 -4.75 -26.32
N ALA D 443 -31.02 -4.57 -27.04
CA ALA D 443 -31.76 -5.71 -27.57
C ALA D 443 -31.94 -5.54 -29.07
N ARG D 444 -31.91 -6.66 -29.78
CA ARG D 444 -32.04 -6.63 -31.23
C ARG D 444 -33.51 -6.70 -31.61
N ASP D 445 -33.90 -5.91 -32.61
CA ASP D 445 -35.28 -5.89 -33.05
C ASP D 445 -35.64 -7.21 -33.73
N ALA D 446 -36.93 -7.54 -33.68
CA ALA D 446 -37.41 -8.74 -34.34
C ALA D 446 -37.59 -8.54 -35.84
N ASP D 447 -37.97 -7.33 -36.26
CA ASP D 447 -38.24 -7.06 -37.67
C ASP D 447 -37.07 -6.35 -38.33
N THR D 448 -36.64 -5.21 -37.79
CA THR D 448 -35.58 -4.44 -38.42
C THR D 448 -34.20 -4.94 -38.03
N LYS D 449 -34.13 -5.79 -36.99
CA LYS D 449 -32.89 -6.37 -36.46
C LYS D 449 -31.88 -5.30 -36.06
N ILE D 450 -32.36 -4.29 -35.33
CA ILE D 450 -31.54 -3.17 -34.89
C ILE D 450 -31.29 -3.33 -33.40
N TRP D 451 -30.01 -3.43 -33.03
CA TRP D 451 -29.64 -3.35 -31.63
C TRP D 451 -29.87 -1.95 -31.11
N ASN D 452 -30.65 -1.83 -30.05
CA ASN D 452 -30.79 -0.57 -29.33
C ASN D 452 -29.76 -0.53 -28.20
N GLY D 453 -29.94 0.42 -27.29
CA GLY D 453 -29.25 0.45 -26.02
C GLY D 453 -27.75 0.66 -26.14
N MET D 454 -27.03 0.11 -25.16
CA MET D 454 -25.58 0.23 -25.14
C MET D 454 -24.94 -0.68 -26.19
N VAL D 455 -25.62 -1.77 -26.54
CA VAL D 455 -25.14 -2.61 -27.63
C VAL D 455 -25.24 -1.87 -28.95
N GLY D 456 -26.33 -1.13 -29.15
CA GLY D 456 -26.47 -0.32 -30.35
C GLY D 456 -25.51 0.84 -30.43
N GLU D 457 -24.94 1.27 -29.30
CA GLU D 457 -23.90 2.28 -29.34
C GLU D 457 -22.53 1.66 -29.61
N LEU D 458 -22.37 0.36 -29.40
CA LEU D 458 -21.10 -0.30 -29.70
C LEU D 458 -21.09 -0.91 -31.09
N VAL D 459 -22.20 -1.56 -31.48
CA VAL D 459 -22.29 -2.17 -32.80
C VAL D 459 -22.30 -1.09 -33.88
N TYR D 460 -23.05 -0.03 -33.67
CA TYR D 460 -23.16 1.03 -34.66
C TYR D 460 -22.16 2.15 -34.41
N GLY D 461 -21.06 1.86 -33.72
CA GLY D 461 -19.91 2.75 -33.64
C GLY D 461 -20.08 4.00 -32.82
N LYS D 462 -21.22 4.17 -32.15
CA LYS D 462 -21.48 5.42 -31.42
C LYS D 462 -20.58 5.55 -30.19
N ALA D 463 -20.42 4.45 -29.44
CA ALA D 463 -19.61 4.46 -28.24
C ALA D 463 -18.34 3.67 -28.47
N ASP D 464 -17.32 3.93 -27.66
CA ASP D 464 -16.02 3.29 -27.85
C ASP D 464 -15.86 2.05 -26.99
N ILE D 465 -16.39 2.08 -25.76
CA ILE D 465 -16.29 0.96 -24.84
C ILE D 465 -17.43 1.07 -23.84
N ALA D 466 -17.87 -0.06 -23.31
CA ALA D 466 -18.96 -0.11 -22.34
C ALA D 466 -18.44 -0.72 -21.04
N ILE D 467 -18.00 0.15 -20.12
CA ILE D 467 -17.72 -0.26 -18.76
C ILE D 467 -19.04 -0.15 -18.01
N ALA D 468 -19.83 -1.22 -18.06
CA ALA D 468 -21.21 -1.20 -17.62
C ALA D 468 -21.64 -2.61 -17.29
N PRO D 469 -22.61 -2.79 -16.39
CA PRO D 469 -23.12 -4.14 -16.12
C PRO D 469 -23.93 -4.67 -17.28
N LEU D 470 -23.35 -5.62 -18.00
CA LEU D 470 -23.97 -6.18 -19.19
C LEU D 470 -23.80 -7.68 -19.21
N THR D 471 -24.91 -8.40 -19.32
CA THR D 471 -24.86 -9.86 -19.28
C THR D 471 -24.26 -10.40 -20.58
N ILE D 472 -23.22 -11.21 -20.44
CA ILE D 472 -22.58 -11.81 -21.60
C ILE D 472 -23.48 -12.92 -22.13
N THR D 473 -24.19 -12.63 -23.22
CA THR D 473 -25.04 -13.61 -23.86
C THR D 473 -24.44 -13.99 -25.21
N LEU D 474 -24.95 -15.08 -25.78
CA LEU D 474 -24.43 -15.55 -27.06
C LEU D 474 -24.85 -14.64 -28.20
N VAL D 475 -26.06 -14.07 -28.11
CA VAL D 475 -26.54 -13.18 -29.16
C VAL D 475 -25.83 -11.85 -29.09
N ARG D 476 -25.25 -11.51 -27.94
CA ARG D 476 -24.42 -10.33 -27.83
C ARG D 476 -22.95 -10.65 -27.99
N GLU D 477 -22.58 -11.93 -27.93
CA GLU D 477 -21.19 -12.31 -28.14
C GLU D 477 -20.77 -12.15 -29.59
N GLU D 478 -21.67 -12.44 -30.53
CA GLU D 478 -21.32 -12.41 -31.95
C GLU D 478 -21.20 -11.00 -32.49
N VAL D 479 -21.82 -10.01 -31.83
CA VAL D 479 -21.81 -8.66 -32.34
C VAL D 479 -20.69 -7.80 -31.75
N ILE D 480 -20.28 -8.04 -30.51
CA ILE D 480 -19.26 -7.24 -29.83
C ILE D 480 -18.36 -8.18 -29.03
N ASP D 481 -17.14 -7.72 -28.78
CA ASP D 481 -16.16 -8.51 -28.03
C ASP D 481 -16.31 -8.20 -26.54
N PHE D 482 -16.84 -9.17 -25.80
CA PHE D 482 -16.82 -9.07 -24.34
C PHE D 482 -15.44 -9.40 -23.81
N SER D 483 -15.14 -8.85 -22.64
CA SER D 483 -13.97 -9.29 -21.89
C SER D 483 -14.35 -10.48 -21.02
N LYS D 484 -13.44 -10.84 -20.12
CA LYS D 484 -13.75 -11.89 -19.17
C LYS D 484 -14.73 -11.36 -18.13
N PRO D 485 -15.58 -12.21 -17.56
CA PRO D 485 -16.53 -11.75 -16.55
C PRO D 485 -15.83 -11.32 -15.27
N PHE D 486 -16.03 -10.05 -14.91
CA PHE D 486 -15.51 -9.51 -13.66
C PHE D 486 -16.42 -9.82 -12.48
N MET D 487 -17.59 -10.39 -12.71
CA MET D 487 -18.59 -10.51 -11.65
C MET D 487 -19.43 -11.75 -11.91
N SER D 488 -19.09 -12.84 -11.22
CA SER D 488 -19.92 -14.02 -11.26
C SER D 488 -21.20 -13.79 -10.47
N LEU D 489 -22.34 -14.14 -11.06
CA LEU D 489 -23.62 -13.82 -10.46
C LEU D 489 -24.67 -14.78 -10.99
N GLY D 490 -25.91 -14.55 -10.57
CA GLY D 490 -27.01 -15.37 -11.04
C GLY D 490 -28.31 -14.97 -10.39
N ILE D 491 -29.34 -15.79 -10.65
CA ILE D 491 -30.65 -15.52 -10.07
C ILE D 491 -30.64 -15.93 -8.60
N SER D 492 -31.09 -15.02 -7.75
CA SER D 492 -31.07 -15.25 -6.31
C SER D 492 -32.47 -15.09 -5.75
N ILE D 493 -32.66 -15.56 -4.53
CA ILE D 493 -33.97 -15.62 -3.90
C ILE D 493 -34.04 -14.53 -2.84
N MET D 494 -34.67 -13.40 -3.19
CA MET D 494 -34.94 -12.36 -2.22
C MET D 494 -36.24 -12.65 -1.50
N ILE D 495 -36.13 -12.94 -0.19
CA ILE D 495 -37.29 -13.06 0.68
C ILE D 495 -37.16 -12.02 1.78
N LYS D 496 -38.25 -11.82 2.51
CA LYS D 496 -38.22 -10.98 3.70
C LYS D 496 -37.42 -11.67 4.79
N LYS D 497 -36.62 -10.96 5.52
CA LYS D 497 -36.05 -11.55 6.72
C LYS D 497 -37.15 -11.76 7.76
N PRO D 498 -37.09 -12.84 8.53
CA PRO D 498 -38.20 -13.16 9.44
C PRO D 498 -38.10 -12.42 10.76
N GLN D 499 -39.25 -11.98 11.27
CA GLN D 499 -39.35 -11.36 12.59
C GLN D 499 -40.65 -11.84 13.22
N LYS D 500 -41.23 -12.87 12.62
CA LYS D 500 -42.62 -13.26 12.89
C LYS D 500 -42.76 -14.11 14.15
N SER D 501 -43.96 -14.11 14.74
CA SER D 501 -44.30 -14.91 15.92
C SER D 501 -45.82 -15.11 15.97
N LYS D 502 -46.29 -16.31 15.61
CA LYS D 502 -47.73 -16.57 15.59
C LYS D 502 -48.08 -17.70 16.55
N PRO D 503 -48.64 -17.39 17.72
CA PRO D 503 -48.59 -18.33 18.85
C PRO D 503 -49.50 -19.58 18.82
N GLY D 504 -51.01 -19.54 18.69
CA GLY D 504 -51.93 -19.71 19.81
C GLY D 504 -51.76 -20.98 20.60
N VAL D 505 -52.81 -21.82 20.60
CA VAL D 505 -52.88 -23.08 21.34
C VAL D 505 -51.65 -23.97 21.13
N PHE D 506 -51.12 -23.98 19.91
CA PHE D 506 -49.95 -24.79 19.60
C PHE D 506 -48.66 -24.27 20.23
N SER D 507 -48.63 -22.99 20.64
CA SER D 507 -47.43 -22.46 21.31
C SER D 507 -47.30 -22.99 22.73
N PHE D 508 -48.43 -23.27 23.38
CA PHE D 508 -48.44 -24.00 24.64
C PHE D 508 -47.77 -25.37 24.50
N LEU D 509 -47.90 -26.00 23.34
CA LEU D 509 -47.40 -27.34 23.08
C LEU D 509 -46.00 -27.36 22.47
N ASP D 510 -45.31 -26.23 22.40
CA ASP D 510 -44.05 -26.17 21.67
C ASP D 510 -42.87 -26.94 22.28
N PRO D 511 -42.50 -26.78 23.56
CA PRO D 511 -41.25 -27.43 24.00
C PRO D 511 -41.35 -28.94 24.14
N LEU D 512 -42.51 -29.45 24.48
CA LEU D 512 -42.71 -30.89 24.68
C LEU D 512 -43.39 -31.44 23.44
N ALA D 513 -42.79 -32.48 22.84
CA ALA D 513 -43.22 -32.94 21.53
C ALA D 513 -44.56 -33.66 21.60
N TYR D 514 -45.23 -33.76 20.45
CA TYR D 514 -46.62 -34.21 20.39
C TYR D 514 -46.79 -35.65 20.82
N GLU D 515 -45.83 -36.52 20.51
CA GLU D 515 -45.90 -37.88 20.98
C GLU D 515 -45.62 -37.96 22.48
N ILE D 516 -44.87 -36.99 23.00
CA ILE D 516 -44.59 -37.00 24.43
C ILE D 516 -45.81 -36.52 25.21
N TRP D 517 -46.63 -35.64 24.60
CA TRP D 517 -47.91 -35.27 25.21
C TRP D 517 -48.84 -36.48 25.31
N MET D 518 -48.73 -37.40 24.35
CA MET D 518 -49.49 -38.64 24.45
C MET D 518 -48.91 -39.56 25.50
N CYS D 519 -47.57 -39.61 25.60
CA CYS D 519 -46.94 -40.57 26.50
C CYS D 519 -46.87 -40.05 27.93
N ILE D 520 -47.03 -38.74 28.13
CA ILE D 520 -47.09 -38.25 29.50
C ILE D 520 -48.44 -38.58 30.12
N VAL D 521 -49.47 -38.78 29.29
CA VAL D 521 -50.79 -39.13 29.82
C VAL D 521 -50.96 -40.64 29.84
N PHE D 522 -50.43 -41.32 28.82
CA PHE D 522 -50.60 -42.78 28.73
C PHE D 522 -49.72 -43.52 29.73
N ALA D 523 -48.71 -42.85 30.28
CA ALA D 523 -48.02 -43.39 31.44
C ALA D 523 -48.68 -42.95 32.73
N TYR D 524 -49.36 -41.80 32.71
CA TYR D 524 -50.11 -41.32 33.86
C TYR D 524 -51.30 -42.22 34.18
N ILE D 525 -51.93 -42.79 33.16
CA ILE D 525 -53.07 -43.67 33.39
C ILE D 525 -52.63 -45.02 33.91
N GLY D 526 -51.35 -45.37 33.76
CA GLY D 526 -50.83 -46.57 34.36
C GLY D 526 -50.74 -46.53 35.88
N VAL D 527 -50.75 -45.33 36.45
CA VAL D 527 -50.65 -45.17 37.90
C VAL D 527 -51.95 -45.57 38.59
N SER D 528 -53.06 -45.62 37.83
CA SER D 528 -54.41 -45.61 38.40
C SER D 528 -54.74 -46.83 39.25
N VAL D 529 -54.70 -48.03 38.66
CA VAL D 529 -55.11 -49.20 39.42
C VAL D 529 -53.99 -49.66 40.34
N VAL D 530 -52.76 -49.20 40.09
CA VAL D 530 -51.64 -49.46 41.00
C VAL D 530 -51.90 -48.80 42.34
N LEU D 531 -52.49 -47.60 42.32
CA LEU D 531 -52.95 -46.98 43.56
C LEU D 531 -54.15 -47.74 44.14
N PHE D 532 -54.88 -48.47 43.31
CA PHE D 532 -56.02 -49.24 43.78
C PHE D 532 -55.62 -50.70 44.07
N LEU D 533 -54.37 -51.08 43.79
CA LEU D 533 -53.87 -52.38 44.20
C LEU D 533 -53.52 -52.44 45.69
N VAL D 534 -53.70 -51.34 46.43
CA VAL D 534 -53.60 -51.38 47.88
C VAL D 534 -54.69 -52.25 48.47
N SER D 535 -55.89 -52.20 47.90
CA SER D 535 -56.99 -53.06 48.31
C SER D 535 -56.76 -54.50 47.87
N ILE D 564 -60.95 -46.73 42.70
CA ILE D 564 -60.18 -46.59 41.48
C ILE D 564 -60.43 -45.21 40.90
N PHE D 565 -61.52 -44.59 41.35
CA PHE D 565 -61.89 -43.25 40.94
C PHE D 565 -61.57 -42.25 42.03
N ASN D 566 -61.46 -42.71 43.28
CA ASN D 566 -61.07 -41.85 44.39
C ASN D 566 -59.61 -41.40 44.29
N SER D 567 -58.70 -42.36 44.05
CA SER D 567 -57.28 -42.06 44.08
C SER D 567 -56.76 -41.62 42.72
N LEU D 568 -57.62 -41.57 41.71
CA LEU D 568 -57.24 -41.01 40.42
C LEU D 568 -56.95 -39.52 40.54
N TRP D 569 -57.73 -38.82 41.37
CA TRP D 569 -57.43 -37.42 41.66
C TRP D 569 -56.14 -37.29 42.46
N PHE D 570 -55.80 -38.30 43.27
CA PHE D 570 -54.57 -38.22 44.05
C PHE D 570 -53.35 -38.62 43.23
N SER D 571 -53.56 -39.20 42.05
CA SER D 571 -52.49 -39.26 41.06
C SER D 571 -52.35 -37.92 40.35
N LEU D 572 -53.46 -37.24 40.10
CA LEU D 572 -53.42 -35.84 39.70
C LEU D 572 -53.00 -34.96 40.87
N GLY D 573 -53.26 -35.41 42.11
CA GLY D 573 -52.69 -34.76 43.27
C GLY D 573 -51.24 -35.11 43.49
N ALA D 574 -50.75 -36.13 42.78
CA ALA D 574 -49.31 -36.39 42.68
C ALA D 574 -48.73 -35.98 41.34
N PHE D 575 -49.47 -35.20 40.55
CA PHE D 575 -49.01 -34.87 39.21
C PHE D 575 -47.88 -33.87 39.22
N MET D 576 -48.04 -32.73 39.88
CA MET D 576 -46.88 -31.87 40.12
C MET D 576 -46.69 -31.61 41.61
N GLN D 577 -47.73 -31.06 42.23
CA GLN D 577 -47.72 -30.40 43.53
C GLN D 577 -48.95 -30.84 44.33
N GLN D 578 -49.33 -30.04 45.35
CA GLN D 578 -50.54 -30.24 46.15
C GLN D 578 -50.54 -31.58 46.88
N GLY D 579 -49.70 -31.68 47.92
CA GLY D 579 -49.51 -32.90 48.69
C GLY D 579 -50.79 -33.58 49.15
N CYS D 580 -50.87 -34.89 48.92
CA CYS D 580 -52.14 -35.61 48.99
C CYS D 580 -52.56 -35.85 50.44
N ASP D 581 -53.87 -35.86 50.66
CA ASP D 581 -54.40 -36.13 51.98
C ASP D 581 -54.50 -37.62 52.26
N ILE D 582 -54.98 -38.40 51.29
CA ILE D 582 -55.01 -39.84 51.43
C ILE D 582 -53.62 -40.39 51.09
N SER D 583 -52.99 -41.03 52.08
CA SER D 583 -51.66 -41.60 51.92
C SER D 583 -51.67 -43.04 52.37
N PRO D 584 -51.54 -44.01 51.46
CA PRO D 584 -51.37 -45.40 51.87
C PRO D 584 -49.97 -45.62 52.44
N ARG D 585 -49.83 -45.36 53.75
CA ARG D 585 -48.67 -44.81 54.46
C ARG D 585 -47.30 -45.29 53.97
N SER D 586 -47.01 -46.59 54.00
CA SER D 586 -45.63 -47.01 53.75
C SER D 586 -45.49 -48.27 52.90
N LEU D 587 -46.56 -48.79 52.31
CA LEU D 587 -46.41 -49.97 51.47
C LEU D 587 -45.98 -49.57 50.05
N SER D 588 -46.08 -50.52 49.12
CA SER D 588 -45.56 -50.34 47.76
C SER D 588 -46.29 -49.25 47.00
N GLY D 589 -47.57 -49.02 47.33
CA GLY D 589 -48.29 -47.91 46.72
C GLY D 589 -47.75 -46.55 47.15
N ARG D 590 -47.19 -46.48 48.36
CA ARG D 590 -46.55 -45.25 48.80
C ARG D 590 -45.22 -45.04 48.08
N ILE D 591 -44.44 -46.11 47.90
CA ILE D 591 -43.11 -45.97 47.32
C ILE D 591 -43.19 -45.77 45.82
N VAL D 592 -43.93 -46.64 45.12
CA VAL D 592 -44.01 -46.56 43.66
C VAL D 592 -44.91 -45.41 43.24
N GLY D 593 -45.87 -45.03 44.10
CA GLY D 593 -46.56 -43.78 43.90
C GLY D 593 -45.65 -42.57 43.99
N GLY D 594 -44.55 -42.69 44.74
CA GLY D 594 -43.51 -41.69 44.70
C GLY D 594 -42.59 -41.81 43.50
N VAL D 595 -42.54 -42.99 42.87
CA VAL D 595 -41.63 -43.21 41.75
C VAL D 595 -42.12 -42.48 40.50
N TRP D 596 -43.40 -42.68 40.15
CA TRP D 596 -44.04 -41.84 39.13
C TRP D 596 -43.99 -40.37 39.51
N TRP D 597 -44.15 -40.07 40.79
CA TRP D 597 -43.99 -38.70 41.29
C TRP D 597 -42.56 -38.19 41.10
N PHE D 598 -41.57 -39.06 41.34
CA PHE D 598 -40.16 -38.70 41.09
C PHE D 598 -39.92 -38.43 39.61
N PHE D 599 -40.56 -39.21 38.76
CA PHE D 599 -40.34 -39.11 37.32
C PHE D 599 -40.92 -37.83 36.74
N THR D 600 -42.13 -37.45 37.17
CA THR D 600 -42.83 -36.34 36.53
C THR D 600 -42.26 -34.99 36.92
N LEU D 601 -41.46 -34.92 37.98
CA LEU D 601 -40.86 -33.65 38.36
C LEU D 601 -39.62 -33.36 37.52
N ILE D 602 -39.08 -34.38 36.87
CA ILE D 602 -37.99 -34.15 35.93
C ILE D 602 -38.51 -33.48 34.67
N ILE D 603 -39.76 -33.77 34.31
CA ILE D 603 -40.31 -33.38 33.00
C ILE D 603 -40.56 -31.87 32.96
N ILE D 604 -41.09 -31.33 34.20
CA ILE D 604 -41.30 -29.89 34.30
C ILE D 604 -40.01 -29.15 34.55
N SER D 605 -38.98 -29.86 35.05
CA SER D 605 -37.70 -29.22 35.30
C SER D 605 -36.97 -28.97 33.99
N SER D 606 -36.99 -29.96 33.08
CA SER D 606 -36.44 -29.77 31.75
C SER D 606 -37.30 -28.82 30.92
N TYR D 607 -38.59 -28.69 31.27
CA TYR D 607 -39.48 -27.76 30.58
C TYR D 607 -39.03 -26.33 30.79
N THR D 608 -38.79 -25.94 32.05
CA THR D 608 -38.47 -24.56 32.36
C THR D 608 -37.08 -24.19 31.88
N ALA D 609 -36.15 -25.15 31.87
CA ALA D 609 -34.80 -24.91 31.38
C ALA D 609 -34.81 -24.67 29.88
N ASN D 610 -35.55 -25.49 29.13
CA ASN D 610 -35.63 -25.31 27.69
C ASN D 610 -36.40 -24.05 27.34
N LEU D 611 -37.42 -23.73 28.14
CA LEU D 611 -38.19 -22.51 27.90
C LEU D 611 -37.34 -21.27 28.18
N ALA D 612 -36.40 -21.38 29.10
CA ALA D 612 -35.48 -20.28 29.37
C ALA D 612 -34.52 -20.06 28.21
N ALA D 613 -34.16 -21.13 27.51
CA ALA D 613 -33.23 -20.99 26.39
C ALA D 613 -33.92 -20.35 25.19
N PHE D 614 -35.20 -20.64 24.99
CA PHE D 614 -35.91 -20.11 23.84
C PHE D 614 -36.19 -18.62 23.99
N LEU D 615 -36.44 -18.16 25.21
CA LEU D 615 -36.69 -16.75 25.44
C LEU D 615 -35.42 -15.91 25.35
N THR D 616 -34.25 -16.54 25.37
CA THR D 616 -33.00 -15.81 25.52
C THR D 616 -32.28 -15.60 24.19
N VAL D 617 -32.04 -16.67 23.45
CA VAL D 617 -31.08 -16.60 22.35
C VAL D 617 -31.70 -15.89 21.14
N GLU D 618 -32.97 -16.20 20.83
CA GLU D 618 -33.77 -15.57 19.77
C GLU D 618 -33.06 -15.57 18.41
N ARG D 619 -32.93 -16.77 17.84
CA ARG D 619 -32.52 -16.84 16.44
C ARG D 619 -33.73 -17.02 15.55
N MET D 620 -33.82 -16.18 14.52
CA MET D 620 -34.94 -16.25 13.58
C MET D 620 -34.58 -17.28 12.50
N VAL D 621 -35.26 -18.43 12.57
CA VAL D 621 -35.02 -19.48 11.60
C VAL D 621 -35.58 -19.07 10.25
N SER D 622 -34.72 -19.06 9.25
CA SER D 622 -35.17 -18.82 7.88
C SER D 622 -35.99 -20.01 7.40
N PRO D 623 -37.11 -19.77 6.72
CA PRO D 623 -38.00 -20.88 6.36
C PRO D 623 -37.44 -21.78 5.26
N ILE D 624 -36.87 -21.22 4.20
CA ILE D 624 -36.47 -21.97 3.02
C ILE D 624 -35.04 -21.62 2.65
N GLU D 625 -34.42 -22.49 1.85
CA GLU D 625 -33.06 -22.21 1.37
C GLU D 625 -33.04 -22.07 -0.15
N SER D 626 -33.67 -23.11 -0.73
CA SER D 626 -33.42 -23.30 -2.16
C SER D 626 -34.68 -23.04 -2.96
N ALA D 627 -34.52 -23.02 -4.28
CA ALA D 627 -35.66 -22.91 -5.18
C ALA D 627 -36.45 -24.21 -5.21
N GLU D 628 -35.83 -25.33 -4.83
CA GLU D 628 -36.56 -26.57 -4.64
C GLU D 628 -37.59 -26.44 -3.53
N ASP D 629 -37.29 -25.63 -2.51
CA ASP D 629 -38.21 -25.44 -1.41
C ASP D 629 -39.42 -24.62 -1.83
N LEU D 630 -39.21 -23.63 -2.71
CA LEU D 630 -40.32 -22.85 -3.21
C LEU D 630 -41.17 -23.65 -4.19
N SER D 631 -40.55 -24.59 -4.90
CA SER D 631 -41.30 -25.43 -5.82
C SER D 631 -42.16 -26.44 -5.09
N LYS D 632 -41.63 -27.05 -4.02
CA LYS D 632 -42.32 -28.12 -3.34
C LYS D 632 -43.45 -27.62 -2.45
N GLN D 633 -43.46 -26.34 -2.09
CA GLN D 633 -44.56 -25.79 -1.32
C GLN D 633 -45.33 -24.81 -2.20
N THR D 634 -46.47 -24.35 -1.71
CA THR D 634 -47.23 -23.29 -2.36
C THR D 634 -47.70 -22.23 -1.38
N GLU D 635 -47.22 -22.27 -0.13
CA GLU D 635 -47.64 -21.31 0.87
C GLU D 635 -47.14 -19.91 0.55
N ILE D 636 -45.83 -19.74 0.40
CA ILE D 636 -45.23 -18.46 0.09
C ILE D 636 -45.15 -18.34 -1.42
N ALA D 637 -45.79 -17.30 -1.96
CA ALA D 637 -45.74 -17.03 -3.39
C ALA D 637 -44.36 -16.52 -3.78
N TYR D 638 -44.06 -16.61 -5.07
CA TYR D 638 -42.77 -16.16 -5.58
C TYR D 638 -42.93 -15.74 -7.03
N GLY D 639 -42.30 -14.62 -7.38
CA GLY D 639 -42.42 -14.06 -8.70
C GLY D 639 -41.10 -13.52 -9.21
N THR D 640 -41.10 -13.21 -10.51
CA THR D 640 -40.00 -12.52 -11.17
C THR D 640 -40.54 -11.22 -11.76
N LEU D 641 -39.73 -10.55 -12.56
CA LEU D 641 -40.21 -9.35 -13.23
C LEU D 641 -41.15 -9.75 -14.36
N ASP D 642 -42.03 -8.82 -14.75
CA ASP D 642 -43.04 -9.13 -15.76
C ASP D 642 -42.43 -9.29 -17.15
N SER D 643 -41.20 -8.86 -17.35
CA SER D 643 -40.48 -9.11 -18.59
C SER D 643 -39.00 -9.22 -18.26
N GLY D 644 -38.26 -9.94 -19.10
CA GLY D 644 -36.83 -10.03 -18.94
C GLY D 644 -36.33 -11.43 -19.22
N SER D 645 -35.01 -11.57 -19.12
CA SER D 645 -34.37 -12.87 -19.35
C SER D 645 -34.68 -13.83 -18.21
N THR D 646 -34.95 -13.32 -17.01
CA THR D 646 -35.25 -14.17 -15.87
C THR D 646 -36.56 -14.92 -16.06
N LYS D 647 -37.61 -14.20 -16.48
CA LYS D 647 -38.85 -14.85 -16.88
C LYS D 647 -38.64 -15.74 -18.09
N GLU D 648 -37.77 -15.30 -19.02
CA GLU D 648 -37.41 -16.11 -20.16
C GLU D 648 -36.63 -17.35 -19.76
N PHE D 649 -35.85 -17.26 -18.67
CA PHE D 649 -35.01 -18.39 -18.24
C PHE D 649 -35.85 -19.57 -17.79
N PHE D 650 -36.82 -19.34 -16.91
CA PHE D 650 -37.74 -20.41 -16.50
C PHE D 650 -38.58 -20.89 -17.68
N ARG D 651 -38.87 -20.00 -18.62
CA ARG D 651 -39.55 -20.38 -19.85
C ARG D 651 -38.65 -21.23 -20.73
N ARG D 652 -37.33 -21.10 -20.58
CA ARG D 652 -36.39 -21.85 -21.39
C ARG D 652 -35.78 -23.05 -20.68
N SER D 653 -35.60 -22.98 -19.36
CA SER D 653 -34.91 -24.03 -18.62
C SER D 653 -35.72 -25.32 -18.61
N LYS D 654 -35.09 -26.38 -19.11
CA LYS D 654 -35.74 -27.68 -19.22
C LYS D 654 -35.44 -28.59 -18.04
N ILE D 655 -34.67 -28.11 -17.06
CA ILE D 655 -34.63 -28.77 -15.76
C ILE D 655 -36.01 -28.68 -15.13
N ALA D 656 -36.48 -29.81 -14.60
CA ALA D 656 -37.89 -29.93 -14.21
C ALA D 656 -38.20 -29.08 -12.98
N VAL D 657 -37.23 -28.87 -12.10
CA VAL D 657 -37.44 -28.04 -10.91
C VAL D 657 -37.68 -26.59 -11.33
N PHE D 658 -36.89 -26.10 -12.29
CA PHE D 658 -37.14 -24.79 -12.86
C PHE D 658 -38.40 -24.80 -13.72
N ASP D 659 -38.72 -25.94 -14.33
CA ASP D 659 -39.94 -26.03 -15.13
C ASP D 659 -41.17 -26.11 -14.22
N LYS D 660 -41.03 -26.72 -13.05
CA LYS D 660 -42.12 -26.76 -12.08
C LYS D 660 -42.45 -25.39 -11.56
N MET D 661 -41.43 -24.56 -11.33
CA MET D 661 -41.65 -23.17 -10.96
C MET D 661 -42.30 -22.40 -12.09
N TRP D 662 -41.87 -22.67 -13.33
CA TRP D 662 -42.48 -22.00 -14.47
C TRP D 662 -43.86 -22.58 -14.77
N THR D 663 -44.11 -23.83 -14.37
CA THR D 663 -45.47 -24.34 -14.36
C THR D 663 -46.32 -23.57 -13.35
N TYR D 664 -45.73 -23.24 -12.21
CA TYR D 664 -46.45 -22.50 -11.18
C TYR D 664 -46.67 -21.05 -11.60
N MET D 665 -45.64 -20.41 -12.18
CA MET D 665 -45.72 -18.99 -12.46
C MET D 665 -46.63 -18.70 -13.64
N ARG D 666 -46.74 -19.61 -14.59
CA ARG D 666 -47.76 -19.48 -15.63
C ARG D 666 -49.16 -19.66 -15.06
N SER D 667 -49.30 -20.55 -14.09
CA SER D 667 -50.59 -20.75 -13.43
C SER D 667 -50.77 -19.85 -12.22
N ALA D 668 -49.85 -18.92 -11.98
CA ALA D 668 -49.95 -18.05 -10.82
C ALA D 668 -51.05 -17.01 -11.02
N GLU D 669 -52.09 -17.14 -10.22
CA GLU D 669 -53.23 -16.22 -10.27
C GLU D 669 -53.53 -15.75 -8.85
N PRO D 670 -53.41 -14.43 -8.58
CA PRO D 670 -53.04 -13.29 -9.44
C PRO D 670 -51.57 -13.29 -9.82
N SER D 671 -51.23 -12.51 -10.86
CA SER D 671 -49.90 -12.58 -11.44
C SER D 671 -48.83 -12.08 -10.48
N VAL D 672 -47.94 -13.00 -10.11
CA VAL D 672 -46.79 -12.67 -9.26
C VAL D 672 -45.76 -11.83 -9.99
N PHE D 673 -45.84 -11.78 -11.33
CA PHE D 673 -44.95 -10.93 -12.11
C PHE D 673 -45.26 -9.46 -11.86
N VAL D 674 -44.27 -8.72 -11.38
CA VAL D 674 -44.45 -7.31 -11.05
C VAL D 674 -43.79 -6.47 -12.13
N ARG D 675 -44.16 -5.18 -12.18
CA ARG D 675 -43.74 -4.33 -13.27
C ARG D 675 -42.32 -3.82 -13.09
N THR D 676 -41.98 -3.33 -11.91
CA THR D 676 -40.65 -2.80 -11.66
C THR D 676 -40.01 -3.59 -10.53
N THR D 677 -38.69 -3.47 -10.42
CA THR D 677 -37.96 -4.15 -9.35
C THR D 677 -38.31 -3.54 -7.99
N ALA D 678 -38.46 -2.22 -7.94
CA ALA D 678 -38.80 -1.54 -6.69
C ALA D 678 -40.20 -1.90 -6.23
N GLU D 679 -41.10 -2.20 -7.17
CA GLU D 679 -42.39 -2.78 -6.81
C GLU D 679 -42.21 -4.17 -6.21
N GLY D 680 -41.31 -4.97 -6.79
CA GLY D 680 -41.09 -6.30 -6.28
C GLY D 680 -40.41 -6.34 -4.93
N VAL D 681 -39.66 -5.28 -4.60
CA VAL D 681 -39.06 -5.18 -3.27
C VAL D 681 -40.15 -4.96 -2.22
N ALA D 682 -41.02 -3.97 -2.46
CA ALA D 682 -42.02 -3.60 -1.46
C ALA D 682 -43.13 -4.65 -1.37
N ARG D 683 -43.41 -5.36 -2.47
CA ARG D 683 -44.45 -6.38 -2.45
C ARG D 683 -44.08 -7.56 -1.57
N VAL D 684 -42.78 -7.87 -1.46
CA VAL D 684 -42.30 -8.80 -0.45
C VAL D 684 -42.54 -8.23 0.94
N ARG D 685 -42.25 -6.94 1.12
CA ARG D 685 -42.45 -6.29 2.41
C ARG D 685 -43.93 -6.13 2.73
N LYS D 686 -44.76 -5.93 1.71
CA LYS D 686 -46.18 -5.72 1.92
C LYS D 686 -46.93 -7.01 2.23
N SER D 687 -46.56 -8.11 1.57
CA SER D 687 -47.26 -9.38 1.77
C SER D 687 -46.74 -10.16 2.96
N LYS D 688 -45.81 -9.58 3.72
CA LYS D 688 -45.34 -10.10 5.02
C LYS D 688 -44.72 -11.48 4.91
N GLY D 689 -43.81 -11.64 3.95
CA GLY D 689 -43.07 -12.88 3.80
C GLY D 689 -43.72 -13.92 2.92
N LYS D 690 -45.03 -13.83 2.68
CA LYS D 690 -45.71 -14.83 1.87
C LYS D 690 -45.60 -14.55 0.38
N TYR D 691 -44.91 -13.49 -0.02
CA TYR D 691 -44.52 -13.27 -1.40
C TYR D 691 -43.01 -13.19 -1.45
N ALA D 692 -42.38 -14.19 -2.06
CA ALA D 692 -40.96 -14.10 -2.37
C ALA D 692 -40.78 -13.45 -3.73
N TYR D 693 -39.52 -13.19 -4.08
CA TYR D 693 -39.21 -12.56 -5.36
C TYR D 693 -37.83 -12.99 -5.81
N LEU D 694 -37.67 -13.16 -7.12
CA LEU D 694 -36.42 -13.61 -7.70
C LEU D 694 -35.78 -12.50 -8.52
N LEU D 695 -34.56 -12.14 -8.15
CA LEU D 695 -33.83 -11.11 -8.89
C LEU D 695 -32.35 -11.46 -8.85
N GLU D 696 -31.54 -10.64 -9.51
CA GLU D 696 -30.14 -10.96 -9.73
C GLU D 696 -29.36 -10.82 -8.42
N SER D 697 -28.29 -11.62 -8.29
CA SER D 697 -27.66 -11.83 -6.98
C SER D 697 -26.97 -10.57 -6.47
N THR D 698 -26.28 -9.85 -7.36
CA THR D 698 -25.51 -8.70 -6.93
C THR D 698 -26.42 -7.51 -6.61
N MET D 699 -27.54 -7.40 -7.30
CA MET D 699 -28.52 -6.38 -6.93
C MET D 699 -29.23 -6.78 -5.65
N ASN D 700 -29.42 -8.08 -5.44
CA ASN D 700 -29.94 -8.58 -4.18
C ASN D 700 -28.96 -8.34 -3.05
N GLU D 701 -27.66 -8.36 -3.36
CA GLU D 701 -26.64 -7.98 -2.39
C GLU D 701 -26.75 -6.51 -2.00
N TYR D 702 -27.24 -5.66 -2.91
CA TYR D 702 -27.27 -4.23 -2.62
C TYR D 702 -28.51 -3.84 -1.85
N ILE D 703 -29.68 -4.34 -2.28
CA ILE D 703 -30.95 -3.96 -1.65
C ILE D 703 -31.06 -4.53 -0.24
N GLU D 704 -30.37 -5.64 0.02
CA GLU D 704 -30.31 -6.20 1.37
C GLU D 704 -29.55 -5.29 2.32
N GLN D 705 -28.60 -4.51 1.80
CA GLN D 705 -27.84 -3.60 2.64
C GLN D 705 -28.52 -2.24 2.84
N ARG D 706 -29.51 -1.92 2.02
CA ARG D 706 -30.21 -0.65 2.15
C ARG D 706 -31.36 -0.78 3.15
N LYS D 707 -31.54 0.28 3.96
CA LYS D 707 -32.58 0.30 4.97
C LYS D 707 -33.97 0.27 4.32
N PRO D 708 -34.97 -0.35 4.98
CA PRO D 708 -35.09 -0.97 6.30
C PRO D 708 -34.33 -2.29 6.52
N CYS D 709 -33.69 -2.81 5.47
CA CYS D 709 -32.92 -4.06 5.49
C CYS D 709 -33.77 -5.26 5.92
N ASP D 710 -35.07 -5.22 5.60
CA ASP D 710 -35.98 -6.28 6.00
C ASP D 710 -36.07 -7.39 4.96
N THR D 711 -35.41 -7.24 3.83
CA THR D 711 -35.33 -8.30 2.84
C THR D 711 -33.95 -8.92 2.86
N MET D 712 -33.84 -10.16 2.38
CA MET D 712 -32.57 -10.85 2.45
C MET D 712 -32.46 -11.90 1.35
N LYS D 713 -31.22 -12.22 1.00
CA LYS D 713 -30.93 -13.28 0.04
C LYS D 713 -30.71 -14.60 0.76
N VAL D 714 -31.41 -15.64 0.29
CA VAL D 714 -31.28 -16.97 0.86
C VAL D 714 -30.88 -17.94 -0.25
N GLY D 715 -30.06 -18.92 0.11
CA GLY D 715 -29.68 -19.97 -0.80
C GLY D 715 -28.64 -19.54 -1.82
N GLY D 716 -28.02 -20.55 -2.43
CA GLY D 716 -27.08 -20.30 -3.51
C GLY D 716 -27.78 -19.84 -4.77
N ASN D 717 -26.98 -19.28 -5.68
CA ASN D 717 -27.54 -18.74 -6.92
C ASN D 717 -27.89 -19.87 -7.88
N LEU D 718 -28.92 -19.64 -8.69
CA LEU D 718 -29.46 -20.68 -9.54
C LEU D 718 -28.54 -21.03 -10.71
N ASP D 719 -27.77 -20.08 -11.20
CA ASP D 719 -26.96 -20.30 -12.39
C ASP D 719 -25.79 -19.35 -12.38
N SER D 720 -24.74 -19.70 -13.13
CA SER D 720 -23.59 -18.82 -13.25
C SER D 720 -23.79 -17.83 -14.39
N LYS D 721 -23.83 -16.55 -14.05
CA LYS D 721 -23.86 -15.49 -15.05
C LYS D 721 -22.74 -14.52 -14.76
N GLY D 722 -22.26 -13.87 -15.81
CA GLY D 722 -21.14 -12.97 -15.67
C GLY D 722 -21.26 -11.67 -16.45
N TYR D 723 -21.16 -10.55 -15.74
CA TYR D 723 -21.06 -9.27 -16.40
C TYR D 723 -19.63 -9.06 -16.89
N GLY D 724 -19.49 -8.56 -18.11
CA GLY D 724 -18.18 -8.35 -18.68
C GLY D 724 -18.08 -6.98 -19.32
N ILE D 725 -16.85 -6.46 -19.37
CA ILE D 725 -16.60 -5.21 -20.06
C ILE D 725 -16.67 -5.43 -21.56
N ALA D 726 -17.43 -4.60 -22.25
CA ALA D 726 -17.75 -4.80 -23.64
C ALA D 726 -17.09 -3.74 -24.51
N THR D 727 -16.31 -4.19 -25.48
CA THR D 727 -15.78 -3.39 -26.57
C THR D 727 -16.43 -3.89 -27.86
N PRO D 728 -16.53 -3.04 -28.89
CA PRO D 728 -17.03 -3.52 -30.19
C PRO D 728 -16.12 -4.58 -30.79
N LYS D 729 -16.70 -5.38 -31.69
CA LYS D 729 -16.00 -6.55 -32.21
C LYS D 729 -14.89 -6.13 -33.17
N GLY D 730 -13.69 -6.65 -32.92
CA GLY D 730 -12.53 -6.30 -33.70
C GLY D 730 -11.74 -5.12 -33.18
N SER D 731 -12.19 -4.47 -32.10
CA SER D 731 -11.44 -3.36 -31.54
C SER D 731 -10.22 -3.87 -30.78
N SER D 732 -9.10 -3.18 -30.98
CA SER D 732 -7.85 -3.57 -30.31
C SER D 732 -7.81 -3.14 -28.85
N LEU D 733 -8.81 -2.39 -28.38
CA LEU D 733 -8.81 -1.93 -27.00
C LEU D 733 -9.11 -3.06 -26.03
N GLY D 734 -9.82 -4.10 -26.48
CA GLY D 734 -10.35 -5.09 -25.57
C GLY D 734 -9.31 -5.99 -24.95
N THR D 735 -8.23 -6.28 -25.68
CA THR D 735 -7.19 -7.17 -25.17
C THR D 735 -6.36 -6.54 -24.05
N PRO D 736 -5.96 -5.24 -24.08
CA PRO D 736 -5.43 -4.66 -22.83
C PRO D 736 -6.45 -4.56 -21.72
N VAL D 737 -7.74 -4.38 -22.06
CA VAL D 737 -8.79 -4.45 -21.05
C VAL D 737 -8.91 -5.87 -20.50
N ASN D 738 -8.69 -6.86 -21.38
CA ASN D 738 -8.69 -8.26 -20.95
C ASN D 738 -7.49 -8.53 -20.03
N LEU D 739 -6.38 -7.84 -20.25
CA LEU D 739 -5.27 -7.92 -19.31
C LEU D 739 -5.53 -7.05 -18.09
N ALA D 740 -6.37 -6.02 -18.23
CA ALA D 740 -6.67 -5.15 -17.09
C ALA D 740 -7.55 -5.85 -16.07
N VAL D 741 -8.66 -6.43 -16.53
CA VAL D 741 -9.67 -6.99 -15.63
C VAL D 741 -9.11 -8.22 -14.91
N LEU D 742 -8.34 -9.04 -15.62
CA LEU D 742 -7.77 -10.23 -15.01
C LEU D 742 -6.63 -9.89 -14.06
N LYS D 743 -6.10 -8.67 -14.15
CA LYS D 743 -5.15 -8.20 -13.15
C LYS D 743 -5.87 -7.67 -11.91
N LEU D 744 -6.90 -6.85 -12.13
CA LEU D 744 -7.60 -6.20 -11.02
C LEU D 744 -8.41 -7.19 -10.21
N SER D 745 -8.95 -8.22 -10.86
CA SER D 745 -9.63 -9.29 -10.13
C SER D 745 -8.64 -10.13 -9.35
N GLU D 746 -7.42 -10.26 -9.87
CA GLU D 746 -6.39 -11.03 -9.18
C GLU D 746 -5.89 -10.31 -7.93
N GLN D 747 -5.88 -8.98 -7.97
CA GLN D 747 -5.42 -8.19 -6.82
C GLN D 747 -6.53 -7.88 -5.85
N GLY D 748 -7.76 -8.30 -6.13
CA GLY D 748 -8.88 -7.96 -5.28
C GLY D 748 -9.31 -6.51 -5.37
N VAL D 749 -8.98 -5.83 -6.47
CA VAL D 749 -9.37 -4.43 -6.65
C VAL D 749 -10.88 -4.34 -6.82
N LEU D 750 -11.48 -5.33 -7.49
CA LEU D 750 -12.92 -5.43 -7.58
C LEU D 750 -13.54 -5.67 -6.20
N ASP D 751 -12.89 -6.53 -5.41
CA ASP D 751 -13.43 -6.95 -4.12
C ASP D 751 -13.40 -5.81 -3.11
N LYS D 752 -12.38 -4.96 -3.18
CA LYS D 752 -12.32 -3.77 -2.35
C LYS D 752 -13.44 -2.79 -2.72
N LEU D 753 -13.69 -2.63 -4.02
CA LEU D 753 -14.81 -1.80 -4.46
C LEU D 753 -16.14 -2.49 -4.22
N LYS D 754 -16.17 -3.82 -4.28
CA LYS D 754 -17.39 -4.54 -3.92
C LYS D 754 -17.69 -4.39 -2.42
N ASN D 755 -16.64 -4.35 -1.60
CA ASN D 755 -16.83 -4.00 -0.19
C ASN D 755 -17.30 -2.56 -0.04
N LYS D 756 -16.84 -1.68 -0.91
CA LYS D 756 -17.23 -0.28 -0.87
C LYS D 756 -18.69 -0.08 -1.23
N TRP D 757 -19.06 -0.44 -2.46
CA TRP D 757 -20.34 -0.01 -2.99
C TRP D 757 -21.49 -0.91 -2.55
N TRP D 758 -21.20 -2.00 -1.85
CA TRP D 758 -22.25 -2.80 -1.25
C TRP D 758 -22.30 -2.68 0.26
N TYR D 759 -21.16 -2.67 0.94
CA TYR D 759 -21.18 -2.70 2.40
C TYR D 759 -20.82 -1.34 2.98
N ASP D 760 -19.78 -0.70 2.43
CA ASP D 760 -19.37 0.59 2.98
C ASP D 760 -20.30 1.70 2.52
N LYS D 761 -20.91 1.55 1.36
CA LYS D 761 -22.00 2.42 0.93
C LYS D 761 -23.36 1.88 1.31
N GLY D 762 -23.42 0.72 1.95
CA GLY D 762 -24.68 0.17 2.36
C GLY D 762 -25.22 0.85 3.61
N GLU D 763 -26.54 0.92 3.69
CA GLU D 763 -27.19 1.56 4.83
C GLU D 763 -27.23 0.66 6.06
N CYS D 764 -26.86 -0.62 5.93
CA CYS D 764 -26.71 -1.50 7.07
C CYS D 764 -25.32 -2.12 7.02
N GLY D 765 -24.89 -2.52 8.23
CA GLY D 765 -23.98 -3.63 8.29
C GLY D 765 -24.77 -4.87 8.66
N ALA D 766 -24.70 -5.91 7.83
CA ALA D 766 -25.55 -7.09 8.02
C ALA D 766 -25.19 -7.86 9.28
N LYS D 767 -23.93 -7.75 9.72
CA LYS D 767 -23.54 -8.24 11.02
C LYS D 767 -23.51 -7.13 12.06
N ASP D 768 -23.42 -5.86 11.64
CA ASP D 768 -23.67 -4.75 12.55
C ASP D 768 -25.14 -4.74 12.98
N SER D 769 -26.05 -5.01 12.05
CA SER D 769 -27.43 -5.25 12.45
C SER D 769 -27.59 -6.62 13.08
N GLY D 770 -26.70 -7.57 12.75
CA GLY D 770 -26.66 -8.84 13.46
C GLY D 770 -26.15 -8.70 14.87
N SER D 771 -25.39 -7.65 15.16
CA SER D 771 -24.96 -7.35 16.52
C SER D 771 -25.99 -6.53 17.28
N LYS D 772 -27.16 -6.27 16.68
CA LYS D 772 -28.23 -5.49 17.31
C LYS D 772 -29.49 -6.34 17.32
N GLU D 773 -29.59 -7.22 18.34
CA GLU D 773 -30.79 -8.01 18.55
C GLU D 773 -30.87 -8.36 20.04
N LYS D 774 -31.63 -7.57 20.80
CA LYS D 774 -31.79 -7.75 22.25
C LYS D 774 -33.25 -7.48 22.62
N THR D 775 -33.98 -8.56 22.90
CA THR D 775 -35.42 -8.46 23.14
C THR D 775 -35.74 -8.71 24.61
N SER D 776 -37.05 -8.73 24.91
CA SER D 776 -37.54 -8.51 26.27
C SER D 776 -38.83 -9.27 26.55
N ALA D 777 -39.59 -8.78 27.53
CA ALA D 777 -40.70 -9.44 28.24
C ALA D 777 -41.71 -10.20 27.38
N LEU D 778 -42.29 -11.24 27.99
CA LEU D 778 -43.21 -12.15 27.34
C LEU D 778 -44.52 -11.42 27.04
N SER D 779 -45.07 -11.68 25.86
CA SER D 779 -46.36 -11.12 25.49
C SER D 779 -47.49 -11.87 26.15
N LEU D 780 -48.69 -11.34 25.94
CA LEU D 780 -49.91 -12.01 26.38
C LEU D 780 -50.32 -13.14 25.44
N SER D 781 -49.64 -13.27 24.30
CA SER D 781 -50.14 -14.09 23.21
C SER D 781 -49.95 -15.59 23.49
N ASN D 782 -48.99 -15.94 24.36
CA ASN D 782 -48.75 -17.35 24.65
C ASN D 782 -49.80 -17.91 25.62
N VAL D 783 -50.52 -17.02 26.30
CA VAL D 783 -51.42 -17.43 27.37
C VAL D 783 -52.85 -17.59 26.85
N ALA D 784 -52.93 -16.89 25.76
CA ALA D 784 -54.34 -16.71 25.41
C ALA D 784 -54.92 -17.94 24.72
N GLY D 785 -54.07 -18.76 24.09
CA GLY D 785 -54.52 -20.05 23.60
C GLY D 785 -54.80 -21.04 24.72
N VAL D 786 -54.20 -20.83 25.90
CA VAL D 786 -54.37 -21.75 27.02
C VAL D 786 -55.65 -21.40 27.78
N PHE D 787 -56.31 -20.31 27.40
CA PHE D 787 -57.61 -19.98 28.00
C PHE D 787 -58.69 -20.95 27.54
N TYR D 788 -58.48 -21.61 26.39
CA TYR D 788 -59.49 -22.50 25.84
C TYR D 788 -59.63 -23.76 26.67
N ILE D 789 -58.52 -24.25 27.24
CA ILE D 789 -58.61 -25.42 28.11
C ILE D 789 -59.12 -25.01 29.49
N LEU D 790 -59.01 -23.72 29.83
CA LEU D 790 -59.64 -23.23 31.05
C LEU D 790 -61.15 -23.20 30.89
N VAL D 791 -61.65 -22.51 29.87
CA VAL D 791 -63.09 -22.34 29.66
C VAL D 791 -63.73 -23.65 29.24
N GLY D 792 -62.99 -24.49 28.52
CA GLY D 792 -63.49 -25.83 28.22
C GLY D 792 -63.64 -26.69 29.46
N GLY D 793 -62.79 -26.45 30.47
CA GLY D 793 -63.03 -27.07 31.77
C GLY D 793 -64.16 -26.41 32.52
N LEU D 794 -64.42 -25.13 32.24
CA LEU D 794 -65.52 -24.44 32.89
C LEU D 794 -66.87 -24.91 32.35
N GLY D 795 -66.90 -25.35 31.08
CA GLY D 795 -68.10 -25.98 30.56
C GLY D 795 -68.30 -27.37 31.13
N LEU D 796 -67.21 -28.00 31.60
CA LEU D 796 -67.33 -29.29 32.26
C LEU D 796 -67.86 -29.14 33.69
N ALA D 797 -67.77 -27.93 34.25
CA ALA D 797 -68.15 -27.72 35.64
C ALA D 797 -69.65 -27.84 35.84
N MET D 798 -70.44 -27.46 34.82
CA MET D 798 -71.89 -27.54 34.97
C MET D 798 -72.42 -28.90 34.55
N LEU D 799 -71.81 -29.52 33.55
CA LEU D 799 -72.37 -30.75 32.97
C LEU D 799 -72.25 -31.92 33.94
N VAL D 800 -71.17 -31.96 34.72
CA VAL D 800 -71.07 -32.97 35.76
C VAL D 800 -71.95 -32.57 36.96
N ALA D 801 -72.19 -31.27 37.13
CA ALA D 801 -73.05 -30.83 38.21
C ALA D 801 -74.53 -31.04 37.90
N LEU D 802 -74.93 -30.82 36.65
CA LEU D 802 -76.34 -30.91 36.29
C LEU D 802 -76.83 -32.36 36.30
N ILE D 803 -75.94 -33.31 36.00
CA ILE D 803 -76.35 -34.71 36.10
C ILE D 803 -76.41 -35.14 37.56
N GLU D 804 -75.69 -34.43 38.45
CA GLU D 804 -75.86 -34.69 39.87
C GLU D 804 -77.19 -34.14 40.39
N PHE D 805 -77.75 -33.14 39.73
CA PHE D 805 -79.14 -32.78 39.99
C PHE D 805 -80.10 -33.86 39.51
N CYS D 806 -79.71 -34.61 38.47
CA CYS D 806 -80.43 -35.82 38.12
C CYS D 806 -80.11 -36.96 39.08
N TYR D 807 -78.96 -36.89 39.76
CA TYR D 807 -78.76 -37.79 40.90
C TYR D 807 -79.48 -37.29 42.14
N LYS D 808 -79.84 -36.01 42.18
CA LYS D 808 -80.72 -35.51 43.24
C LYS D 808 -82.17 -35.89 42.97
#